data_7K9J
#
_entry.id   7K9J
#
_cell.length_a   1.00
_cell.length_b   1.00
_cell.length_c   1.00
_cell.angle_alpha   90.00
_cell.angle_beta   90.00
_cell.angle_gamma   90.00
#
_symmetry.space_group_name_H-M   'P 1'
#
loop_
_entity.id
_entity.type
_entity.pdbx_description
1 polymer 'Spike glycoprotein'
2 polymer '2H04 heavy chain'
3 polymer '2H04 light chain'
4 branched beta-D-mannopyranose-(1-4)-2-acetamido-2-deoxy-beta-D-glucopyranose-(1-4)-2-acetamido-2-deoxy-beta-D-glucopyranose
5 branched 2-acetamido-2-deoxy-beta-D-glucopyranose-(1-4)-2-acetamido-2-deoxy-beta-D-glucopyranose
6 branched beta-D-mannopyranose-(1-4)-2-acetamido-2-deoxy-beta-D-glucopyranose-(1-4)-[alpha-L-fucopyranose-(1-6)]2-acetamido-2-deoxy-beta-D-glucopyranose
7 branched alpha-L-fucopyranose-(1-6)-2-acetamido-2-deoxy-beta-D-glucopyranose
8 branched alpha-D-mannopyranose-(1-6)-beta-D-mannopyranose-(1-4)-2-acetamido-2-deoxy-beta-D-glucopyranose-(1-4)-2-acetamido-2-deoxy-beta-D-glucopyranose
9 non-polymer 2-acetamido-2-deoxy-beta-D-glucopyranose
#
loop_
_entity_poly.entity_id
_entity_poly.type
_entity_poly.pdbx_seq_one_letter_code
_entity_poly.pdbx_strand_id
1 'polypeptide(L)'
;MFVFLVLLPLVSSQCVNLTTRTQLPPAYTNSFTRGVYYPDKVFRSSVLHSTQDLFLPFFSNVTWFHAIHVSGTNGTKRFD
NPVLPFNDGVYFASTEKSNIIRGWIFGTTLDSKTQSLLIVNNATNVVIKVCEFQFCNDPFLGVYYHKNNKSWMESEFRVY
SSANNCTFEYVSQPFLMDLEGKQGNFKNLREFVFKNIDGYFKIYSKHTPINLVRDLPQGFSALEPLVDLPIGINITRFQT
LLALHRSYLTPGDSSSGWTAGAAAYYVGYLQPRTFLLKYNENGTITDAVDCALDPLSETKCTLKSFTVEKGIYQTSNFRV
QPTESIVRFPNITNLCPFGEVFNATRFASVYAWNRKRISNCVADYSVLYNSASFSTFKCYGVSPTKLNDLCFTNVYADSF
VIRGDEVRQIAPGQTGKIADYNYKLPDDFTGCVIAWNSNNLDSKVGGNYNYLYRLFRKSNLKPFERDISTEIYQAGSTPC
NGVEGFNCYFPLQSYGFQPTNGVGYQPYRVVVLSFELLHAPATVCGPKKSTNLVKNKCVNFNFNGLTGTGVLTESNKKFL
PFQQFGRDIADTTDAVRDPQTLEILDITPCSFGGVSVITPGTNTSNQVAVLYQDVNCTEVPVAIHADQLTPTWRVYSTGS
NVFQTRAGCLIGAEHVNNSYECDIPIGAGICASYQTQTNSPASVASQSIIAYTMSLGAENSVAYSNNSIAIPTNFTISVT
TEILPVSMTKTSVDCTMYICGDSTECSNLLLQYGSFCTQLNRALTGIAVEQDKNTQEVFAQVKQIYKTPPIKDFGGFNFS
QILPDPSKPSKRSFIEDLLFNKVTLADAGFIKQYGDCLGDIAARDLICAQKFNGLTVLPPLLTDEMIAQYTSALLAGTIT
SGWTFGAGAALQIPFAMQMAYRFNGIGVTQNVLYENQKLIANQFNSAIGKIQDSLSSTASALGKLQDVVNQNAQALNTLV
KQLSSNFGAISSVLNDILSRLDPPEAEVQIDRLITGRLQSLQTYVTQQLIRAAEIRASANLAATKMSECVLGQSKRVDFC
GKGYHLMSFPQSAPHGVVFLHVTYVPAQEKNFTTAPAICHDGKAHFPREGVFVSNGTHWFVTQRNFYEPQIITTDNTFVS
GNCDVVIGIVNNTVYDPLQPELDSFKEELDKYFKNHTSPDVDLGDISGINASVVNIQKEIDRLNEVAKNLNESLIDLQEL
GKYEQYIKWPSGRLVPRGSPGSGYIPEAPRDGQAYVRKDGEWVLLSTFLGHHHHHH
;
A,B,C
2 'polypeptide(L)'
;EVQLQQSGAELVKPGASVKMSCKASGYTFTSYWITWVKQRPGQGLEWIGDIYPGSGSTKYNEKFRSEATLTVDTSSTTAY
MQLSSLTSEDSAVYYCARWDFYGSRTFDYWGQGTTLTVSSA
;
H,I,J
3 'polypeptide(L)'
;DIVLTQSPAILSVSPGERVSFSCRASQNIGTIIHWYQQRTNGSPRLLIKYASESVSGIPSRFSGSGSGTDFTLSINSVES
EDIADYYCQQSSSWPLTFGAGTKLEL
;
L,M,N
#
# COMPACT_ATOMS: atom_id res chain seq x y z
N ALA A 27 52.20 -19.15 -18.78
CA ALA A 27 51.54 -20.16 -17.95
C ALA A 27 50.30 -19.59 -17.29
N TYR A 28 49.36 -20.47 -16.94
CA TYR A 28 48.15 -20.10 -16.22
C TYR A 28 48.08 -20.89 -14.92
N THR A 29 47.40 -20.32 -13.93
CA THR A 29 47.12 -21.04 -12.69
C THR A 29 45.68 -20.82 -12.27
N ASN A 30 45.27 -21.58 -11.26
CA ASN A 30 43.92 -21.56 -10.74
C ASN A 30 43.82 -20.62 -9.53
N SER A 31 42.83 -19.73 -9.57
CA SER A 31 42.52 -18.86 -8.43
C SER A 31 41.72 -19.64 -7.40
N PHE A 32 42.44 -20.33 -6.51
CA PHE A 32 41.84 -21.29 -5.60
C PHE A 32 40.84 -20.67 -4.64
N THR A 33 41.32 -19.84 -3.71
CA THR A 33 40.49 -19.29 -2.63
C THR A 33 40.86 -17.84 -2.37
N ARG A 34 41.12 -17.08 -3.43
CA ARG A 34 41.49 -15.68 -3.32
C ARG A 34 40.44 -14.80 -3.99
N GLY A 35 40.28 -13.59 -3.48
CA GLY A 35 39.46 -12.59 -4.15
C GLY A 35 38.21 -12.19 -3.41
N VAL A 36 38.22 -12.26 -2.09
CA VAL A 36 37.10 -11.84 -1.26
C VAL A 36 37.57 -10.74 -0.33
N TYR A 37 36.93 -9.59 -0.41
CA TYR A 37 37.28 -8.41 0.37
C TYR A 37 36.11 -8.02 1.27
N TYR A 38 36.41 -7.26 2.31
CA TYR A 38 35.33 -6.74 3.16
C TYR A 38 34.49 -5.78 2.34
N PRO A 39 33.20 -6.05 2.15
CA PRO A 39 32.42 -5.24 1.20
C PRO A 39 32.01 -3.88 1.71
N ASP A 40 32.08 -3.64 3.01
CA ASP A 40 31.68 -2.36 3.58
C ASP A 40 32.55 -2.06 4.79
N LYS A 41 32.13 -1.08 5.58
CA LYS A 41 32.91 -0.58 6.70
C LYS A 41 32.25 -0.91 8.05
N VAL A 42 31.39 -1.92 8.08
CA VAL A 42 30.56 -2.24 9.24
C VAL A 42 31.07 -3.52 9.88
N PHE A 43 31.25 -3.49 11.21
CA PHE A 43 31.61 -4.70 11.93
C PHE A 43 30.45 -5.68 11.98
N ARG A 44 30.76 -6.96 11.89
CA ARG A 44 29.79 -8.02 12.08
C ARG A 44 30.48 -9.18 12.80
N SER A 45 29.68 -10.05 13.42
CA SER A 45 30.27 -11.17 14.14
C SER A 45 29.26 -12.30 14.23
N SER A 46 29.74 -13.52 14.00
CA SER A 46 28.94 -14.73 14.15
C SER A 46 27.63 -14.65 13.37
N VAL A 47 27.71 -14.17 12.14
CA VAL A 47 26.54 -14.06 11.27
C VAL A 47 26.97 -14.32 9.84
N LEU A 48 26.10 -15.00 9.08
CA LEU A 48 26.33 -15.31 7.68
C LEU A 48 25.70 -14.19 6.86
N HIS A 49 26.53 -13.42 6.15
CA HIS A 49 26.06 -12.25 5.42
C HIS A 49 26.19 -12.46 3.92
N SER A 50 25.09 -12.24 3.20
CA SER A 50 25.03 -12.36 1.76
C SER A 50 25.18 -10.97 1.14
N THR A 51 26.11 -10.83 0.19
CA THR A 51 26.37 -9.53 -0.42
C THR A 51 26.50 -9.68 -1.92
N GLN A 52 26.09 -8.62 -2.63
CA GLN A 52 26.22 -8.52 -4.08
C GLN A 52 27.23 -7.43 -4.40
N ASP A 53 28.33 -7.82 -5.05
CA ASP A 53 29.40 -6.88 -5.38
C ASP A 53 30.32 -7.59 -6.37
N LEU A 54 31.36 -6.87 -6.81
CA LEU A 54 32.32 -7.39 -7.77
C LEU A 54 33.44 -8.11 -7.03
N PHE A 55 33.45 -9.43 -7.10
CA PHE A 55 34.51 -10.23 -6.50
C PHE A 55 35.19 -11.06 -7.59
N LEU A 56 36.29 -11.70 -7.20
CA LEU A 56 36.98 -12.65 -8.07
C LEU A 56 36.35 -14.03 -7.92
N PRO A 57 35.77 -14.60 -8.97
CA PRO A 57 35.14 -15.93 -8.84
C PRO A 57 36.14 -16.97 -8.35
N PHE A 58 35.67 -17.89 -7.51
CA PHE A 58 36.52 -18.99 -7.08
C PHE A 58 36.90 -19.88 -8.26
N PHE A 59 38.05 -20.52 -8.11
CA PHE A 59 38.51 -21.59 -9.00
C PHE A 59 38.60 -21.13 -10.46
N SER A 60 38.65 -19.82 -10.68
CA SER A 60 38.89 -19.29 -12.01
C SER A 60 40.36 -19.38 -12.35
N ASN A 61 40.68 -19.19 -13.63
CA ASN A 61 42.06 -19.19 -14.08
C ASN A 61 42.58 -17.76 -14.13
N VAL A 62 43.74 -17.53 -13.50
CA VAL A 62 44.39 -16.23 -13.48
C VAL A 62 45.77 -16.36 -14.14
N THR A 63 46.10 -15.38 -14.99
CA THR A 63 47.34 -15.46 -15.77
C THR A 63 48.54 -15.22 -14.88
N TRP A 64 49.54 -16.09 -14.99
CA TRP A 64 50.74 -16.06 -14.16
C TRP A 64 51.92 -15.56 -14.98
N PHE A 65 52.51 -14.44 -14.55
CA PHE A 65 53.69 -13.86 -15.19
C PHE A 65 54.91 -14.04 -14.29
N HIS A 66 56.09 -14.05 -14.92
CA HIS A 66 57.35 -14.33 -14.25
C HIS A 66 58.27 -13.11 -14.32
N ALA A 67 59.36 -13.15 -13.55
CA ALA A 67 60.33 -12.05 -13.58
C ALA A 67 61.76 -12.58 -13.47
N ILE A 68 62.09 -13.64 -14.20
CA ILE A 68 63.46 -14.14 -14.24
C ILE A 68 63.87 -14.38 -15.68
N HIS A 69 65.18 -14.26 -15.93
CA HIS A 69 65.77 -14.42 -17.27
C HIS A 69 65.03 -13.63 -18.34
N ASP A 80 59.10 -8.29 -18.45
CA ASP A 80 58.03 -9.28 -18.43
C ASP A 80 56.76 -8.70 -17.82
N ASN A 81 56.14 -7.78 -18.54
CA ASN A 81 54.91 -7.13 -18.10
C ASN A 81 54.12 -6.50 -19.24
N PRO A 82 53.43 -7.32 -20.07
CA PRO A 82 52.68 -6.77 -21.20
C PRO A 82 51.50 -5.91 -20.80
N VAL A 83 50.72 -5.50 -21.81
CA VAL A 83 49.45 -4.82 -21.56
C VAL A 83 48.50 -5.75 -20.83
N LEU A 84 47.85 -5.24 -19.79
CA LEU A 84 46.80 -5.97 -19.08
C LEU A 84 45.53 -5.14 -19.11
N PRO A 85 44.45 -5.59 -19.75
CA PRO A 85 43.23 -4.78 -19.81
C PRO A 85 42.54 -4.67 -18.46
N PHE A 86 41.50 -3.83 -18.43
CA PHE A 86 40.84 -3.41 -17.20
C PHE A 86 39.33 -3.43 -17.40
N ASN A 87 38.80 -4.57 -17.88
CA ASN A 87 37.41 -4.69 -18.31
C ASN A 87 36.40 -4.05 -17.36
N ASP A 88 36.27 -4.59 -16.15
CA ASP A 88 35.37 -3.99 -15.17
C ASP A 88 35.93 -4.06 -13.75
N GLY A 89 37.21 -4.34 -13.61
CA GLY A 89 37.84 -4.56 -12.32
C GLY A 89 38.92 -5.60 -12.46
N VAL A 90 39.88 -5.54 -11.55
CA VAL A 90 41.05 -6.41 -11.64
C VAL A 90 41.45 -6.86 -10.26
N TYR A 91 41.68 -8.16 -10.11
CA TYR A 91 42.37 -8.69 -8.94
C TYR A 91 43.84 -8.77 -9.29
N PHE A 92 44.68 -8.25 -8.41
CA PHE A 92 46.11 -8.30 -8.64
C PHE A 92 46.75 -8.80 -7.35
N ALA A 93 47.74 -9.68 -7.49
CA ALA A 93 48.48 -10.18 -6.36
C ALA A 93 49.90 -10.45 -6.80
N SER A 94 50.84 -10.37 -5.87
CA SER A 94 52.21 -10.72 -6.17
C SER A 94 52.85 -11.37 -4.95
N THR A 95 53.81 -12.24 -5.21
CA THR A 95 54.57 -12.92 -4.17
C THR A 95 56.04 -12.53 -4.33
N GLU A 96 56.68 -12.16 -3.22
CA GLU A 96 58.03 -11.67 -3.27
C GLU A 96 58.90 -12.34 -2.22
N LYS A 97 60.21 -12.27 -2.46
CA LYS A 97 61.21 -12.51 -1.45
C LYS A 97 62.26 -11.39 -1.40
N SER A 98 62.24 -10.46 -2.36
CA SER A 98 63.15 -9.32 -2.34
C SER A 98 62.48 -8.02 -2.78
N ASN A 99 61.15 -7.99 -2.94
CA ASN A 99 60.40 -6.78 -3.28
C ASN A 99 60.87 -6.20 -4.62
N ILE A 100 60.68 -6.98 -5.67
CA ILE A 100 61.06 -6.54 -7.01
C ILE A 100 59.91 -5.83 -7.71
N ILE A 101 58.69 -6.36 -7.64
CA ILE A 101 57.54 -5.64 -8.16
C ILE A 101 57.30 -4.44 -7.26
N ARG A 102 57.39 -3.24 -7.83
CA ARG A 102 57.30 -2.02 -7.04
C ARG A 102 56.23 -1.03 -7.47
N GLY A 103 55.46 -1.30 -8.52
CA GLY A 103 54.53 -0.25 -8.90
C GLY A 103 53.50 -0.68 -9.92
N TRP A 104 52.65 0.29 -10.28
CA TRP A 104 51.52 0.11 -11.18
C TRP A 104 51.42 1.29 -12.12
N ILE A 105 50.93 1.05 -13.33
CA ILE A 105 50.58 2.10 -14.27
C ILE A 105 49.18 1.81 -14.77
N PHE A 106 48.35 2.83 -14.81
CA PHE A 106 46.96 2.71 -15.23
C PHE A 106 46.72 3.68 -16.39
N GLY A 107 45.47 3.83 -16.79
CA GLY A 107 45.13 4.82 -17.78
C GLY A 107 44.94 4.23 -19.17
N THR A 108 44.32 5.04 -20.04
CA THR A 108 43.95 4.57 -21.38
C THR A 108 45.16 4.43 -22.31
N THR A 109 46.06 5.42 -22.33
CA THR A 109 47.05 5.51 -23.39
C THR A 109 48.49 5.67 -22.91
N LEU A 110 48.73 6.16 -21.70
CA LEU A 110 50.05 6.10 -21.06
C LEU A 110 51.12 6.90 -21.80
N ASP A 111 50.81 8.15 -22.15
CA ASP A 111 51.83 9.05 -22.67
C ASP A 111 52.01 10.26 -21.76
N SER A 112 51.85 10.04 -20.45
CA SER A 112 51.84 11.08 -19.41
C SER A 112 50.65 12.01 -19.56
N LYS A 113 49.78 11.78 -20.53
CA LYS A 113 48.61 12.62 -20.74
C LYS A 113 47.49 12.33 -19.75
N THR A 114 47.39 11.08 -19.29
CA THR A 114 46.42 10.69 -18.29
C THR A 114 47.15 10.27 -17.02
N GLN A 115 46.47 10.43 -15.89
CA GLN A 115 47.09 10.13 -14.61
C GLN A 115 47.39 8.64 -14.51
N SER A 116 48.44 8.32 -13.76
CA SER A 116 48.90 6.94 -13.62
C SER A 116 49.50 6.82 -12.22
N LEU A 117 48.74 6.20 -11.31
CA LEU A 117 49.25 5.87 -9.98
C LEU A 117 50.66 5.34 -10.09
N LEU A 118 51.51 5.72 -9.16
CA LEU A 118 52.91 5.28 -9.16
C LEU A 118 53.36 5.07 -7.73
N ILE A 119 53.85 3.88 -7.44
CA ILE A 119 54.34 3.50 -6.13
C ILE A 119 55.81 3.16 -6.24
N VAL A 120 56.61 3.70 -5.32
CA VAL A 120 58.03 3.41 -5.22
C VAL A 120 58.31 3.02 -3.79
N ASN A 121 59.03 1.92 -3.59
CA ASN A 121 59.40 1.47 -2.26
C ASN A 121 60.93 1.50 -2.18
N ASN A 122 61.48 2.59 -1.68
CA ASN A 122 62.93 2.76 -1.61
C ASN A 122 63.50 2.25 -0.29
N ALA A 123 63.05 1.06 0.12
CA ALA A 123 63.65 0.27 1.20
C ALA A 123 63.53 0.95 2.56
N THR A 124 63.07 2.20 2.59
CA THR A 124 62.93 2.93 3.85
C THR A 124 61.62 3.70 4.00
N ASN A 125 60.98 4.10 2.90
CA ASN A 125 59.81 4.97 2.95
C ASN A 125 58.85 4.59 1.83
N VAL A 126 57.65 4.16 2.19
CA VAL A 126 56.62 3.93 1.17
C VAL A 126 56.35 5.24 0.46
N VAL A 127 56.46 5.22 -0.87
CA VAL A 127 56.26 6.40 -1.70
C VAL A 127 55.14 6.10 -2.69
N ILE A 128 54.10 6.93 -2.68
CA ILE A 128 52.96 6.80 -3.58
C ILE A 128 52.74 8.15 -4.26
N LYS A 129 52.64 8.15 -5.58
CA LYS A 129 52.35 9.38 -6.30
C LYS A 129 51.36 9.09 -7.42
N VAL A 130 50.78 10.17 -7.96
CA VAL A 130 49.85 10.08 -9.08
C VAL A 130 50.34 11.06 -10.13
N CYS A 131 51.64 11.38 -10.08
CA CYS A 131 52.22 12.30 -11.04
C CYS A 131 52.20 11.69 -12.44
N GLU A 132 52.00 12.56 -13.43
CA GLU A 132 51.89 12.14 -14.83
C GLU A 132 53.28 12.07 -15.45
N PHE A 133 54.01 11.02 -15.09
CA PHE A 133 55.36 10.81 -15.61
C PHE A 133 55.32 10.32 -17.05
N GLN A 134 56.39 10.63 -17.78
CA GLN A 134 56.68 10.01 -19.06
C GLN A 134 57.73 8.93 -18.84
N PHE A 135 57.37 7.68 -19.11
CA PHE A 135 58.22 6.55 -18.79
C PHE A 135 59.11 6.18 -19.98
N CYS A 136 60.10 5.35 -19.70
CA CYS A 136 61.04 4.88 -20.71
C CYS A 136 60.32 4.00 -21.74
N ASN A 137 61.08 3.52 -22.73
CA ASN A 137 60.51 2.60 -23.72
C ASN A 137 59.87 1.40 -23.04
N ASP A 138 60.61 0.76 -22.14
CA ASP A 138 60.06 -0.20 -21.21
C ASP A 138 59.85 0.53 -19.89
N PRO A 139 58.62 0.70 -19.43
CA PRO A 139 58.44 1.27 -18.09
C PRO A 139 59.00 0.32 -17.02
N PHE A 140 59.95 0.82 -16.24
CA PHE A 140 60.55 0.01 -15.19
C PHE A 140 61.40 0.92 -14.32
N LEU A 141 61.96 0.33 -13.27
CA LEU A 141 62.92 0.97 -12.38
C LEU A 141 64.20 0.14 -12.37
N GLY A 142 65.27 0.72 -11.85
CA GLY A 142 66.53 0.03 -11.77
C GLY A 142 67.15 0.12 -10.39
N VAL A 143 67.84 -0.94 -10.00
CA VAL A 143 68.52 -0.99 -8.72
C VAL A 143 69.88 -0.30 -8.82
N ASN A 165 51.01 17.27 -13.79
CA ASN A 165 49.84 17.86 -13.15
C ASN A 165 49.49 17.02 -11.93
N CYS A 166 50.52 16.79 -11.10
CA CYS A 166 50.44 15.89 -9.96
C CYS A 166 49.22 16.19 -9.09
N THR A 167 48.55 15.13 -8.65
CA THR A 167 47.31 15.27 -7.90
C THR A 167 47.36 14.52 -6.57
N PHE A 168 48.53 14.03 -6.16
CA PHE A 168 48.70 13.37 -4.87
C PHE A 168 50.17 13.03 -4.71
N GLU A 169 50.57 12.74 -3.47
CA GLU A 169 51.82 12.08 -3.13
C GLU A 169 51.73 11.73 -1.65
N TYR A 170 52.21 10.54 -1.27
CA TYR A 170 52.22 10.16 0.14
C TYR A 170 53.48 9.39 0.54
N VAL A 171 53.99 9.70 1.73
CA VAL A 171 55.13 9.00 2.33
C VAL A 171 54.76 8.63 3.75
N SER A 172 54.97 7.36 4.11
CA SER A 172 54.72 6.90 5.47
C SER A 172 55.93 7.14 6.37
N PHE A 186 60.17 -17.03 -2.26
CA PHE A 186 58.97 -16.25 -2.03
C PHE A 186 58.54 -16.37 -0.57
N LYS A 187 58.23 -15.23 0.06
CA LYS A 187 57.85 -15.24 1.47
C LYS A 187 56.60 -14.42 1.74
N ASN A 188 56.35 -13.39 0.93
CA ASN A 188 55.29 -12.43 1.18
C ASN A 188 54.38 -12.31 -0.03
N LEU A 189 53.09 -12.58 0.16
CA LEU A 189 52.08 -12.42 -0.88
C LEU A 189 51.25 -11.17 -0.57
N ARG A 190 51.14 -10.28 -1.55
CA ARG A 190 50.47 -8.99 -1.38
C ARG A 190 49.31 -8.92 -2.38
N GLU A 191 48.08 -8.99 -1.87
CA GLU A 191 46.87 -9.08 -2.68
C GLU A 191 46.20 -7.73 -2.81
N PHE A 192 45.63 -7.46 -4.00
CA PHE A 192 44.99 -6.18 -4.30
C PHE A 192 43.68 -6.39 -5.05
N VAL A 193 42.76 -5.44 -4.91
CA VAL A 193 41.57 -5.34 -5.75
C VAL A 193 41.46 -3.93 -6.30
N PHE A 194 41.29 -3.79 -7.61
CA PHE A 194 41.20 -2.50 -8.28
C PHE A 194 39.87 -2.39 -9.03
N LYS A 195 39.03 -1.44 -8.62
CA LYS A 195 37.78 -1.18 -9.33
C LYS A 195 37.53 0.33 -9.35
N ASN A 196 36.82 0.77 -10.40
CA ASN A 196 36.46 2.17 -10.59
C ASN A 196 34.95 2.31 -10.60
N ILE A 197 34.39 2.98 -9.58
CA ILE A 197 32.96 3.21 -9.48
C ILE A 197 32.73 4.72 -9.45
N ASP A 198 32.15 5.26 -10.52
CA ASP A 198 31.74 6.66 -10.60
C ASP A 198 32.89 7.61 -10.22
N GLY A 199 34.06 7.34 -10.76
CA GLY A 199 35.21 8.19 -10.57
C GLY A 199 36.03 7.93 -9.32
N TYR A 200 35.71 6.88 -8.56
CA TYR A 200 36.48 6.52 -7.37
C TYR A 200 37.33 5.29 -7.68
N PHE A 201 38.64 5.43 -7.52
CA PHE A 201 39.57 4.32 -7.71
C PHE A 201 39.75 3.66 -6.35
N LYS A 202 39.18 2.47 -6.19
CA LYS A 202 39.07 1.82 -4.88
C LYS A 202 40.17 0.78 -4.73
N ILE A 203 40.93 0.88 -3.65
CA ILE A 203 42.06 0.00 -3.38
C ILE A 203 41.83 -0.77 -2.09
N TYR A 204 41.94 -2.10 -2.17
CA TYR A 204 41.90 -2.98 -1.02
C TYR A 204 43.25 -3.68 -0.95
N SER A 205 43.68 -4.06 0.25
CA SER A 205 44.96 -4.73 0.34
C SER A 205 45.06 -5.54 1.62
N LYS A 206 45.94 -6.55 1.59
CA LYS A 206 46.28 -7.28 2.80
C LYS A 206 47.64 -7.94 2.58
N HIS A 207 48.50 -7.87 3.59
CA HIS A 207 49.81 -8.51 3.55
C HIS A 207 49.77 -9.78 4.38
N THR A 208 50.34 -10.86 3.83
CA THR A 208 50.35 -12.11 4.56
C THR A 208 51.63 -12.90 4.36
N PRO A 209 52.12 -13.57 5.41
CA PRO A 209 53.26 -14.49 5.24
C PRO A 209 52.86 -15.74 4.49
N ILE A 210 53.74 -16.18 3.59
CA ILE A 210 53.59 -17.46 2.91
C ILE A 210 54.96 -18.12 2.82
N ASN A 211 54.95 -19.43 2.58
CA ASN A 211 56.17 -20.19 2.30
C ASN A 211 55.84 -21.16 1.17
N LEU A 212 56.00 -20.69 -0.07
CA LEU A 212 55.74 -21.53 -1.23
C LEU A 212 56.36 -20.88 -2.46
N VAL A 213 57.09 -21.68 -3.23
CA VAL A 213 57.69 -21.20 -4.47
C VAL A 213 56.91 -21.64 -5.70
N ARG A 214 55.99 -22.60 -5.56
CA ARG A 214 55.33 -23.18 -6.72
C ARG A 214 54.27 -22.25 -7.29
N ASP A 215 53.31 -21.83 -6.47
CA ASP A 215 52.11 -21.18 -6.97
C ASP A 215 51.43 -20.45 -5.82
N LEU A 216 50.19 -20.03 -6.04
CA LEU A 216 49.37 -19.49 -4.96
C LEU A 216 49.15 -20.54 -3.88
N PRO A 217 49.50 -20.27 -2.63
CA PRO A 217 49.15 -21.23 -1.57
C PRO A 217 47.64 -21.33 -1.42
N GLN A 218 47.18 -22.50 -1.02
CA GLN A 218 45.76 -22.75 -0.86
C GLN A 218 45.33 -22.30 0.54
N GLY A 219 44.36 -21.39 0.57
CA GLY A 219 43.89 -20.83 1.82
C GLY A 219 43.08 -19.59 1.56
N PHE A 220 42.40 -19.14 2.62
CA PHE A 220 41.47 -18.02 2.52
C PHE A 220 41.99 -16.81 3.30
N SER A 221 41.75 -15.63 2.73
CA SER A 221 42.08 -14.38 3.37
C SER A 221 41.18 -13.29 2.81
N ALA A 222 40.78 -12.36 3.66
CA ALA A 222 39.92 -11.25 3.27
C ALA A 222 40.75 -9.98 3.12
N LEU A 223 40.35 -9.14 2.17
CA LEU A 223 41.11 -7.96 1.79
C LEU A 223 40.41 -6.73 2.37
N GLU A 224 41.01 -6.12 3.38
CA GLU A 224 40.30 -4.93 3.79
C GLU A 224 40.74 -3.73 2.94
N PRO A 225 39.86 -2.75 2.76
CA PRO A 225 40.27 -1.51 2.11
C PRO A 225 41.20 -0.70 2.99
N LEU A 226 42.14 -0.01 2.35
CA LEU A 226 43.01 0.92 3.07
C LEU A 226 42.99 2.32 2.52
N VAL A 227 42.99 2.48 1.20
CA VAL A 227 43.13 3.79 0.56
C VAL A 227 42.09 3.91 -0.54
N ASP A 228 41.59 5.12 -0.75
CA ASP A 228 40.65 5.40 -1.84
C ASP A 228 41.02 6.72 -2.49
N LEU A 229 41.59 6.66 -3.70
CA LEU A 229 42.03 7.85 -4.39
C LEU A 229 41.03 8.21 -5.48
N PRO A 230 40.32 9.33 -5.38
CA PRO A 230 39.31 9.73 -6.37
C PRO A 230 39.91 10.41 -7.61
N ILE A 231 40.90 9.75 -8.21
CA ILE A 231 41.64 10.35 -9.30
C ILE A 231 40.76 10.64 -10.51
N GLY A 232 39.63 9.94 -10.63
CA GLY A 232 38.68 10.21 -11.69
C GLY A 232 39.19 9.92 -13.09
N ILE A 233 40.05 8.92 -13.22
CA ILE A 233 40.53 8.52 -14.54
C ILE A 233 39.45 7.71 -15.24
N ASN A 234 39.56 7.58 -16.56
CA ASN A 234 38.88 6.54 -17.31
C ASN A 234 39.93 5.48 -17.62
N ILE A 235 39.88 4.37 -16.91
CA ILE A 235 40.89 3.32 -16.99
C ILE A 235 40.34 2.15 -17.79
N THR A 236 41.07 1.74 -18.83
CA THR A 236 40.77 0.53 -19.59
C THR A 236 42.00 -0.34 -19.80
N ARG A 237 43.11 -0.03 -19.13
CA ARG A 237 44.35 -0.75 -19.36
C ARG A 237 45.26 -0.48 -18.16
N PHE A 238 46.19 -1.40 -17.89
CA PHE A 238 47.18 -1.12 -16.85
C PHE A 238 48.47 -1.88 -17.15
N GLN A 239 49.40 -1.85 -16.19
CA GLN A 239 50.72 -2.45 -16.33
C GLN A 239 51.41 -2.45 -14.98
N THR A 240 52.35 -3.37 -14.81
CA THR A 240 53.18 -3.45 -13.62
C THR A 240 54.56 -2.80 -13.88
N LEU A 241 55.30 -2.58 -12.81
CA LEU A 241 56.62 -1.94 -12.83
C LEU A 241 57.62 -2.86 -12.14
N LEU A 242 58.67 -3.23 -12.86
CA LEU A 242 59.70 -4.13 -12.34
C LEU A 242 61.00 -3.38 -12.11
N ALA A 243 61.71 -3.75 -11.05
CA ALA A 243 63.01 -3.20 -10.74
C ALA A 243 64.09 -4.15 -11.24
N LEU A 244 65.01 -3.63 -12.04
CA LEU A 244 66.05 -4.43 -12.68
C LEU A 244 67.40 -4.16 -12.03
N HIS A 245 68.19 -5.21 -11.85
CA HIS A 245 69.53 -5.09 -11.29
C HIS A 245 70.49 -4.52 -12.32
N ALA A 263 59.63 -13.71 -9.24
CA ALA A 263 58.75 -12.64 -8.79
C ALA A 263 57.43 -12.67 -9.56
N ALA A 264 56.51 -13.49 -9.09
CA ALA A 264 55.24 -13.71 -9.77
C ALA A 264 54.26 -12.59 -9.50
N TYR A 265 53.39 -12.33 -10.47
CA TYR A 265 52.16 -11.61 -10.22
C TYR A 265 51.05 -12.24 -11.06
N TYR A 266 49.81 -12.04 -10.61
CA TYR A 266 48.67 -12.72 -11.18
C TYR A 266 47.60 -11.70 -11.53
N VAL A 267 46.91 -11.91 -12.63
CA VAL A 267 45.86 -11.00 -13.08
C VAL A 267 44.55 -11.76 -13.24
N GLY A 268 43.54 -11.32 -12.49
CA GLY A 268 42.19 -11.85 -12.62
C GLY A 268 41.25 -10.71 -12.99
N TYR A 269 40.01 -11.06 -13.26
CA TYR A 269 39.01 -10.05 -13.56
C TYR A 269 37.76 -10.29 -12.72
N LEU A 270 37.12 -9.20 -12.32
CA LEU A 270 36.00 -9.27 -11.39
C LEU A 270 34.67 -9.30 -12.13
N GLN A 271 33.69 -9.91 -11.49
CA GLN A 271 32.33 -10.01 -12.00
C GLN A 271 31.37 -9.91 -10.83
N PRO A 272 30.10 -9.57 -11.09
CA PRO A 272 29.13 -9.44 -10.00
C PRO A 272 28.71 -10.77 -9.37
N ARG A 273 29.61 -11.39 -8.61
CA ARG A 273 29.26 -12.62 -7.90
C ARG A 273 28.75 -12.31 -6.50
N THR A 274 27.65 -12.97 -6.14
CA THR A 274 27.10 -12.92 -4.80
C THR A 274 27.86 -13.92 -3.92
N PHE A 275 28.30 -13.47 -2.76
CA PHE A 275 29.05 -14.31 -1.85
C PHE A 275 28.31 -14.42 -0.52
N LEU A 276 28.39 -15.60 0.07
CA LEU A 276 27.93 -15.83 1.43
C LEU A 276 29.18 -15.79 2.31
N LEU A 277 29.27 -14.79 3.17
CA LEU A 277 30.46 -14.55 3.96
C LEU A 277 30.23 -15.02 5.39
N LYS A 278 31.14 -15.87 5.88
CA LYS A 278 31.04 -16.42 7.22
C LYS A 278 31.97 -15.62 8.14
N TYR A 279 31.38 -14.91 9.09
CA TYR A 279 32.15 -14.14 10.06
C TYR A 279 32.30 -14.97 11.33
N ASN A 280 33.53 -15.12 11.80
CA ASN A 280 33.76 -15.82 13.06
C ASN A 280 33.37 -14.90 14.22
N GLU A 281 33.56 -15.39 15.44
CA GLU A 281 33.19 -14.60 16.60
C GLU A 281 34.08 -13.39 16.80
N ASN A 282 35.24 -13.33 16.13
CA ASN A 282 36.13 -12.18 16.19
C ASN A 282 35.88 -11.18 15.06
N GLY A 283 34.91 -11.44 14.20
CA GLY A 283 34.52 -10.46 13.20
C GLY A 283 35.30 -10.47 11.91
N THR A 284 36.15 -11.47 11.67
CA THR A 284 36.90 -11.57 10.44
C THR A 284 36.32 -12.66 9.55
N ILE A 285 36.31 -12.40 8.24
CA ILE A 285 35.75 -13.35 7.29
C ILE A 285 36.57 -14.62 7.30
N THR A 286 35.92 -15.75 7.58
CA THR A 286 36.62 -17.02 7.71
C THR A 286 36.34 -17.99 6.56
N ASP A 287 35.24 -17.82 5.84
CA ASP A 287 34.92 -18.68 4.71
C ASP A 287 34.06 -17.90 3.73
N ALA A 288 33.78 -18.52 2.58
CA ALA A 288 32.92 -17.88 1.59
C ALA A 288 32.40 -18.93 0.62
N VAL A 289 31.19 -18.69 0.12
CA VAL A 289 30.56 -19.51 -0.90
C VAL A 289 30.19 -18.63 -2.09
N ASP A 290 30.64 -19.01 -3.28
CA ASP A 290 30.26 -18.29 -4.49
C ASP A 290 28.91 -18.83 -4.94
N CYS A 291 27.91 -17.96 -5.02
CA CYS A 291 26.54 -18.40 -5.21
C CYS A 291 26.23 -18.71 -6.68
N ALA A 292 27.24 -18.88 -7.52
CA ALA A 292 27.02 -19.40 -8.85
C ALA A 292 28.14 -20.34 -9.31
N LEU A 293 29.00 -20.81 -8.42
CA LEU A 293 30.12 -21.66 -8.83
C LEU A 293 29.61 -23.01 -9.35
N ASP A 294 28.69 -23.64 -8.62
CA ASP A 294 28.16 -24.94 -8.99
C ASP A 294 26.84 -25.13 -8.27
N PRO A 295 26.02 -26.10 -8.69
CA PRO A 295 24.69 -26.26 -8.05
C PRO A 295 24.74 -26.47 -6.55
N LEU A 296 25.78 -27.12 -6.01
CA LEU A 296 25.82 -27.30 -4.57
C LEU A 296 26.05 -25.98 -3.83
N SER A 297 26.96 -25.14 -4.35
CA SER A 297 27.19 -23.85 -3.69
C SER A 297 25.98 -22.96 -3.79
N GLU A 298 25.26 -23.02 -4.91
CA GLU A 298 24.03 -22.27 -5.04
C GLU A 298 23.00 -22.71 -4.01
N THR A 299 22.94 -24.02 -3.73
CA THR A 299 22.01 -24.51 -2.72
C THR A 299 22.34 -23.96 -1.35
N LYS A 300 23.63 -23.94 -1.00
CA LYS A 300 24.04 -23.39 0.29
C LYS A 300 23.61 -21.94 0.44
N CYS A 301 23.72 -21.16 -0.64
CA CYS A 301 23.32 -19.75 -0.58
C CYS A 301 21.83 -19.60 -0.36
N THR A 302 21.02 -20.41 -1.04
CA THR A 302 19.57 -20.32 -0.87
C THR A 302 19.16 -20.62 0.58
N LEU A 303 19.77 -21.62 1.19
CA LEU A 303 19.43 -21.99 2.56
C LEU A 303 20.15 -21.13 3.59
N LYS A 304 21.07 -20.27 3.17
CA LYS A 304 21.88 -19.46 4.08
C LYS A 304 22.58 -20.33 5.12
N SER A 305 23.24 -21.37 4.64
CA SER A 305 23.94 -22.29 5.52
C SER A 305 25.14 -22.89 4.78
N PHE A 306 26.09 -23.40 5.55
CA PHE A 306 27.23 -24.13 5.00
C PHE A 306 27.04 -25.64 5.07
N THR A 307 25.91 -26.12 5.55
CA THR A 307 25.60 -27.54 5.56
C THR A 307 24.22 -27.75 4.98
N VAL A 308 24.08 -28.77 4.13
CA VAL A 308 22.83 -29.05 3.44
C VAL A 308 22.39 -30.46 3.81
N GLU A 309 21.19 -30.58 4.37
CA GLU A 309 20.61 -31.88 4.70
C GLU A 309 20.17 -32.60 3.45
N LYS A 310 20.05 -33.92 3.55
CA LYS A 310 19.61 -34.73 2.42
C LYS A 310 18.21 -34.31 1.99
N GLY A 311 18.02 -34.21 0.68
CA GLY A 311 16.71 -33.90 0.14
C GLY A 311 16.82 -33.27 -1.23
N ILE A 312 15.68 -32.77 -1.70
CA ILE A 312 15.56 -32.09 -2.98
C ILE A 312 15.18 -30.64 -2.71
N TYR A 313 15.93 -29.72 -3.28
CA TYR A 313 15.72 -28.30 -3.06
C TYR A 313 15.49 -27.58 -4.38
N GLN A 314 14.61 -26.58 -4.36
CA GLN A 314 14.40 -25.69 -5.49
C GLN A 314 15.23 -24.44 -5.26
N THR A 315 16.20 -24.19 -6.15
CA THR A 315 17.18 -23.15 -5.90
C THR A 315 17.12 -21.97 -6.86
N SER A 316 16.64 -22.15 -8.08
CA SER A 316 16.67 -21.05 -9.05
C SER A 316 15.64 -21.31 -10.14
N ASN A 317 15.77 -20.59 -11.24
CA ASN A 317 14.86 -20.71 -12.38
C ASN A 317 15.69 -20.71 -13.65
N PHE A 318 15.39 -21.67 -14.53
CA PHE A 318 16.10 -21.80 -15.80
C PHE A 318 15.56 -20.77 -16.80
N ARG A 319 16.47 -20.10 -17.50
CA ARG A 319 16.09 -19.07 -18.47
C ARG A 319 16.96 -19.18 -19.71
N VAL A 320 16.33 -19.15 -20.88
CA VAL A 320 17.04 -19.02 -22.16
C VAL A 320 17.18 -17.55 -22.48
N GLN A 321 18.38 -17.14 -22.84
CA GLN A 321 18.54 -15.70 -23.09
C GLN A 321 18.29 -15.37 -24.56
N PRO A 322 17.82 -14.16 -24.85
CA PRO A 322 17.68 -13.75 -26.26
C PRO A 322 19.03 -13.61 -26.93
N THR A 323 19.04 -13.87 -28.23
CA THR A 323 20.27 -13.91 -29.02
C THR A 323 20.56 -12.61 -29.75
N GLU A 324 19.54 -11.97 -30.34
CA GLU A 324 19.74 -10.80 -31.18
C GLU A 324 18.51 -9.90 -31.06
N SER A 325 18.56 -8.75 -31.72
CA SER A 325 17.46 -7.79 -31.70
C SER A 325 16.80 -7.71 -33.07
N ILE A 326 15.50 -7.48 -33.05
CA ILE A 326 14.69 -7.31 -34.26
C ILE A 326 13.95 -5.99 -34.17
N VAL A 327 14.18 -5.10 -35.13
CA VAL A 327 13.48 -3.82 -35.22
C VAL A 327 12.76 -3.81 -36.56
N ARG A 328 11.43 -3.73 -36.52
CA ARG A 328 10.62 -3.75 -37.73
C ARG A 328 9.71 -2.52 -37.74
N PHE A 329 10.00 -1.57 -38.61
CA PHE A 329 9.22 -0.36 -38.82
C PHE A 329 8.77 -0.31 -40.28
N PRO A 330 7.64 0.33 -40.57
CA PRO A 330 7.21 0.43 -41.97
C PRO A 330 8.24 1.19 -42.80
N ASN A 331 8.41 0.75 -44.05
CA ASN A 331 9.49 1.31 -44.87
C ASN A 331 9.03 2.55 -45.65
N ILE A 332 8.43 3.48 -44.94
CA ILE A 332 8.16 4.80 -45.48
C ILE A 332 9.33 5.70 -45.11
N THR A 333 9.67 6.65 -45.98
CA THR A 333 10.89 7.41 -45.84
C THR A 333 10.71 8.92 -45.94
N ASN A 334 9.49 9.41 -46.20
CA ASN A 334 9.30 10.85 -46.33
C ASN A 334 9.58 11.55 -45.02
N LEU A 335 10.46 12.55 -45.06
CA LEU A 335 10.72 13.37 -43.89
C LEU A 335 9.44 14.10 -43.49
N CYS A 336 9.45 14.65 -42.29
CA CYS A 336 8.15 15.08 -41.80
C CYS A 336 8.01 16.59 -41.87
N PRO A 337 6.88 17.09 -42.36
CA PRO A 337 6.70 18.54 -42.56
C PRO A 337 6.35 19.28 -41.28
N PHE A 338 7.29 19.28 -40.33
CA PHE A 338 7.17 20.13 -39.16
C PHE A 338 7.54 21.58 -39.48
N GLY A 339 8.22 21.82 -40.60
CA GLY A 339 8.59 23.17 -40.95
C GLY A 339 7.39 24.06 -41.18
N GLU A 340 6.41 23.57 -41.95
CA GLU A 340 5.23 24.35 -42.26
C GLU A 340 4.36 24.60 -41.03
N VAL A 341 4.64 23.94 -39.92
CA VAL A 341 3.94 24.18 -38.68
C VAL A 341 4.76 25.08 -37.75
N PHE A 342 6.02 24.73 -37.53
CA PHE A 342 6.83 25.48 -36.58
C PHE A 342 7.26 26.83 -37.14
N ASN A 343 7.63 26.86 -38.42
CA ASN A 343 8.15 28.07 -39.06
C ASN A 343 7.07 28.78 -39.89
N ALA A 344 5.81 28.62 -39.53
CA ALA A 344 4.74 29.30 -40.27
C ALA A 344 4.85 30.80 -40.09
N THR A 345 4.52 31.54 -41.15
CA THR A 345 4.73 32.99 -41.12
C THR A 345 3.86 33.66 -40.07
N ARG A 346 2.57 33.35 -40.05
CA ARG A 346 1.65 33.89 -39.06
C ARG A 346 0.72 32.78 -38.58
N PHE A 347 0.72 32.53 -37.27
CA PHE A 347 -0.15 31.52 -36.70
C PHE A 347 -1.59 31.99 -36.66
N ALA A 348 -2.48 31.08 -36.29
CA ALA A 348 -3.87 31.44 -36.04
C ALA A 348 -4.02 31.99 -34.63
N SER A 349 -5.15 32.64 -34.39
CA SER A 349 -5.47 33.17 -33.08
C SER A 349 -6.20 32.12 -32.24
N VAL A 350 -6.04 32.23 -30.92
CA VAL A 350 -6.42 31.13 -30.03
C VAL A 350 -7.93 30.91 -29.98
N TYR A 351 -8.75 31.90 -30.34
CA TYR A 351 -10.19 31.65 -30.41
C TYR A 351 -10.53 30.69 -31.54
N ALA A 352 -9.67 30.56 -32.54
CA ALA A 352 -9.89 29.69 -33.69
C ALA A 352 -8.60 28.94 -34.02
N TRP A 353 -8.01 28.33 -32.98
CA TRP A 353 -6.74 27.63 -33.11
C TRP A 353 -6.79 26.58 -34.22
N ASN A 354 -5.64 26.35 -34.83
CA ASN A 354 -5.52 25.53 -36.03
C ASN A 354 -5.21 24.07 -35.67
N ARG A 355 -5.42 23.19 -36.65
CA ARG A 355 -4.97 21.81 -36.58
C ARG A 355 -4.45 21.37 -37.93
N LYS A 356 -3.31 20.68 -37.93
CA LYS A 356 -2.75 20.10 -39.14
C LYS A 356 -2.55 18.62 -38.94
N ARG A 357 -2.89 17.84 -39.97
CA ARG A 357 -2.65 16.40 -39.91
C ARG A 357 -1.19 16.12 -40.20
N ILE A 358 -0.57 15.32 -39.34
CA ILE A 358 0.77 14.80 -39.54
C ILE A 358 0.65 13.31 -39.78
N SER A 359 0.97 12.87 -40.99
CA SER A 359 0.81 11.46 -41.32
C SER A 359 1.71 11.12 -42.49
N ASN A 360 2.02 9.83 -42.61
CA ASN A 360 2.86 9.30 -43.68
C ASN A 360 4.22 10.01 -43.70
N CYS A 361 4.81 10.15 -42.52
CA CYS A 361 6.11 10.77 -42.38
C CYS A 361 6.90 10.03 -41.30
N VAL A 362 8.22 10.03 -41.44
CA VAL A 362 9.12 9.52 -40.41
C VAL A 362 9.64 10.74 -39.66
N ALA A 363 8.92 11.10 -38.60
CA ALA A 363 9.17 12.37 -37.91
C ALA A 363 10.37 12.20 -36.99
N ASP A 364 11.47 12.88 -37.32
CA ASP A 364 12.65 12.92 -36.47
C ASP A 364 12.41 13.98 -35.41
N TYR A 365 11.94 13.55 -34.24
CA TYR A 365 11.66 14.52 -33.19
C TYR A 365 12.92 15.09 -32.55
N SER A 366 14.08 14.50 -32.85
CA SER A 366 15.32 14.96 -32.22
C SER A 366 15.64 16.40 -32.60
N VAL A 367 15.50 16.74 -33.88
CA VAL A 367 15.76 18.11 -34.33
C VAL A 367 14.84 19.10 -33.64
N LEU A 368 13.78 18.66 -32.96
CA LEU A 368 12.94 19.60 -32.18
C LEU A 368 13.35 19.56 -30.71
N TYR A 369 13.84 18.42 -30.19
CA TYR A 369 14.26 18.46 -28.77
C TYR A 369 15.68 19.00 -28.71
N ASN A 370 16.46 18.79 -29.77
CA ASN A 370 17.79 19.39 -29.86
C ASN A 370 17.72 20.90 -30.06
N SER A 371 16.69 21.39 -30.75
CA SER A 371 16.56 22.81 -31.00
C SER A 371 16.42 23.57 -29.68
N ALA A 372 17.00 24.77 -29.64
CA ALA A 372 17.10 25.54 -28.41
C ALA A 372 16.07 26.65 -28.29
N SER A 373 15.38 27.00 -29.38
CA SER A 373 14.46 28.13 -29.35
C SER A 373 13.28 27.90 -28.40
N PHE A 374 12.91 26.64 -28.14
CA PHE A 374 11.68 26.31 -27.37
C PHE A 374 11.86 26.58 -25.88
N SER A 375 11.24 27.65 -25.39
CA SER A 375 11.35 28.03 -23.96
C SER A 375 10.67 26.95 -23.10
N THR A 376 9.68 26.25 -23.66
CA THR A 376 8.92 25.27 -22.85
C THR A 376 8.59 24.04 -23.68
N PHE A 377 9.25 22.90 -23.43
CA PHE A 377 8.89 21.63 -24.10
C PHE A 377 8.44 20.76 -22.95
N LYS A 378 7.14 20.51 -22.78
CA LYS A 378 6.69 19.77 -21.57
C LYS A 378 5.96 18.51 -21.99
N CYS A 379 6.44 17.32 -21.61
CA CYS A 379 5.79 16.11 -22.14
C CYS A 379 4.81 15.52 -21.12
N TYR A 380 3.73 14.94 -21.61
CA TYR A 380 2.74 14.30 -20.75
C TYR A 380 2.62 12.84 -21.13
N GLY A 381 2.82 11.95 -20.16
CA GLY A 381 2.67 10.53 -20.39
C GLY A 381 3.72 9.92 -21.30
N VAL A 382 4.82 10.63 -21.56
CA VAL A 382 5.88 10.12 -22.42
C VAL A 382 7.13 10.93 -22.10
N SER A 383 8.30 10.32 -22.31
CA SER A 383 9.57 10.95 -21.99
C SER A 383 10.27 11.37 -23.27
N PRO A 384 10.60 12.67 -23.39
CA PRO A 384 11.08 13.22 -24.64
C PRO A 384 12.23 12.49 -25.34
N THR A 385 13.20 12.00 -24.58
CA THR A 385 14.33 11.30 -25.17
C THR A 385 13.93 9.92 -25.69
N LYS A 386 13.13 9.19 -24.92
CA LYS A 386 12.64 7.89 -25.37
C LYS A 386 11.71 8.04 -26.56
N LEU A 387 11.04 9.19 -26.66
CA LEU A 387 9.96 9.40 -27.62
C LEU A 387 10.35 9.05 -29.05
N ASN A 388 11.60 9.33 -29.43
CA ASN A 388 12.03 9.19 -30.82
C ASN A 388 11.95 7.77 -31.36
N ASP A 389 11.79 6.73 -30.53
CA ASP A 389 11.74 5.38 -31.06
C ASP A 389 10.33 4.88 -31.31
N LEU A 390 9.31 5.61 -30.88
CA LEU A 390 7.95 5.10 -30.89
C LEU A 390 7.33 5.20 -32.28
N CYS A 391 6.08 4.75 -32.38
CA CYS A 391 5.30 4.85 -33.60
C CYS A 391 3.90 5.30 -33.23
N PHE A 392 3.30 6.14 -34.09
CA PHE A 392 2.02 6.76 -33.79
C PHE A 392 1.08 6.57 -34.96
N THR A 393 -0.23 6.63 -34.66
CA THR A 393 -1.24 6.47 -35.71
C THR A 393 -1.97 7.77 -36.06
N ASN A 394 -2.01 8.75 -35.16
CA ASN A 394 -2.53 10.08 -35.51
C ASN A 394 -1.91 11.09 -34.56
N VAL A 395 -0.87 11.78 -35.03
CA VAL A 395 -0.22 12.86 -34.29
C VAL A 395 -0.71 14.19 -34.86
N TYR A 396 -1.21 15.06 -33.98
CA TYR A 396 -1.87 16.29 -34.37
C TYR A 396 -1.12 17.50 -33.81
N ALA A 397 -0.88 18.48 -34.66
CA ALA A 397 -0.24 19.73 -34.28
C ALA A 397 -1.28 20.84 -34.18
N ASP A 398 -1.39 21.44 -32.99
CA ASP A 398 -2.27 22.59 -32.77
C ASP A 398 -1.40 23.83 -32.63
N SER A 399 -1.73 24.89 -33.36
CA SER A 399 -0.89 26.09 -33.40
C SER A 399 -1.74 27.35 -33.24
N PHE A 400 -1.36 28.17 -32.26
CA PHE A 400 -2.09 29.38 -31.89
C PHE A 400 -1.17 30.22 -31.01
N VAL A 401 -1.46 31.52 -30.94
CA VAL A 401 -0.60 32.46 -30.25
C VAL A 401 -1.36 33.05 -29.07
N ILE A 402 -0.69 33.14 -27.92
CA ILE A 402 -1.26 33.64 -26.68
C ILE A 402 -0.18 34.42 -25.94
N ARG A 403 -0.60 35.16 -24.91
CA ARG A 403 0.36 35.89 -24.10
C ARG A 403 1.32 34.93 -23.41
N GLY A 404 2.59 35.34 -23.33
CA GLY A 404 3.61 34.48 -22.74
C GLY A 404 3.37 34.17 -21.27
N ASP A 405 2.64 35.06 -20.58
CA ASP A 405 2.41 34.89 -19.15
C ASP A 405 1.54 33.67 -18.85
N GLU A 406 0.54 33.40 -19.67
CA GLU A 406 -0.48 32.39 -19.36
C GLU A 406 -0.28 31.06 -20.06
N VAL A 407 0.90 30.82 -20.66
CA VAL A 407 1.15 29.52 -21.27
C VAL A 407 1.07 28.39 -20.26
N ARG A 408 1.21 28.69 -18.96
CA ARG A 408 0.94 27.70 -17.91
C ARG A 408 -0.47 27.16 -17.97
N GLN A 409 -1.42 27.92 -18.52
CA GLN A 409 -2.77 27.42 -18.68
C GLN A 409 -2.90 26.39 -19.79
N ILE A 410 -1.84 26.14 -20.56
CA ILE A 410 -1.84 25.00 -21.48
C ILE A 410 -1.43 23.78 -20.66
N ALA A 411 -2.41 23.15 -20.03
CA ALA A 411 -2.20 22.06 -19.10
C ALA A 411 -3.50 21.28 -18.98
N PRO A 412 -3.44 20.01 -18.58
CA PRO A 412 -4.67 19.18 -18.62
C PRO A 412 -5.80 19.74 -17.76
N GLY A 413 -5.48 20.38 -16.65
CA GLY A 413 -6.50 21.07 -15.87
C GLY A 413 -6.30 22.57 -15.91
N GLN A 414 -6.06 23.18 -14.75
CA GLN A 414 -5.67 24.58 -14.66
C GLN A 414 -6.66 25.49 -15.39
N THR A 415 -7.89 25.51 -14.86
CA THR A 415 -8.95 26.29 -15.47
C THR A 415 -8.61 27.78 -15.48
N GLY A 416 -9.04 28.45 -16.53
CA GLY A 416 -8.74 29.87 -16.70
C GLY A 416 -9.47 30.40 -17.91
N LYS A 417 -9.31 31.70 -18.14
CA LYS A 417 -10.07 32.38 -19.20
C LYS A 417 -9.84 31.75 -20.57
N ILE A 418 -8.67 31.17 -20.80
CA ILE A 418 -8.41 30.48 -22.05
C ILE A 418 -8.52 28.97 -21.92
N ALA A 419 -8.36 28.43 -20.71
CA ALA A 419 -8.53 27.00 -20.50
C ALA A 419 -9.99 26.57 -20.50
N ASP A 420 -10.94 27.49 -20.44
CA ASP A 420 -12.35 27.16 -20.51
C ASP A 420 -13.02 27.62 -21.80
N TYR A 421 -12.88 28.89 -22.17
CA TYR A 421 -13.63 29.42 -23.31
C TYR A 421 -12.85 29.39 -24.62
N ASN A 422 -11.53 29.23 -24.57
CA ASN A 422 -10.70 29.39 -25.77
C ASN A 422 -10.06 28.08 -26.20
N TYR A 423 -9.33 27.41 -25.31
CA TYR A 423 -8.68 26.15 -25.66
C TYR A 423 -8.72 25.26 -24.43
N LYS A 424 -9.71 24.37 -24.37
CA LYS A 424 -9.83 23.44 -23.25
C LYS A 424 -9.01 22.21 -23.55
N LEU A 425 -8.05 21.93 -22.71
CA LEU A 425 -7.13 20.81 -22.88
C LEU A 425 -7.66 19.59 -22.14
N PRO A 426 -7.82 18.45 -22.80
CA PRO A 426 -8.44 17.30 -22.13
C PRO A 426 -7.61 16.77 -20.98
N ASP A 427 -8.30 16.17 -20.01
CA ASP A 427 -7.63 15.67 -18.82
C ASP A 427 -6.80 14.43 -19.13
N ASP A 428 -5.52 14.49 -18.74
CA ASP A 428 -4.64 13.32 -18.72
C ASP A 428 -4.52 12.67 -20.10
N PHE A 429 -3.94 13.43 -21.03
CA PHE A 429 -3.65 12.93 -22.35
C PHE A 429 -2.16 12.59 -22.45
N THR A 430 -1.75 12.11 -23.62
CA THR A 430 -0.35 11.85 -23.93
C THR A 430 0.07 12.78 -25.05
N GLY A 431 1.12 13.55 -24.82
CA GLY A 431 1.53 14.54 -25.80
C GLY A 431 2.70 15.35 -25.30
N CYS A 432 2.98 16.47 -25.96
CA CYS A 432 4.04 17.37 -25.49
C CYS A 432 3.66 18.78 -25.88
N VAL A 433 3.67 19.72 -24.95
CA VAL A 433 3.30 21.13 -25.23
C VAL A 433 4.58 21.89 -25.47
N ILE A 434 4.82 22.37 -26.68
CA ILE A 434 6.10 23.04 -27.01
C ILE A 434 5.80 24.53 -27.25
N ALA A 435 6.36 25.46 -26.48
CA ALA A 435 5.99 26.87 -26.75
C ALA A 435 7.23 27.76 -26.78
N TRP A 436 7.17 28.90 -27.49
CA TRP A 436 8.38 29.77 -27.61
C TRP A 436 8.03 31.26 -27.71
N ASN A 437 9.00 32.13 -27.42
CA ASN A 437 8.80 33.60 -27.55
C ASN A 437 8.65 34.00 -29.02
N SER A 438 7.74 34.92 -29.31
CA SER A 438 7.55 35.35 -30.71
C SER A 438 7.61 36.88 -30.80
N ASN A 439 8.14 37.55 -29.77
CA ASN A 439 8.20 39.01 -29.77
C ASN A 439 8.98 39.54 -30.96
N ASN A 440 9.95 38.76 -31.46
CA ASN A 440 10.69 39.19 -32.63
C ASN A 440 9.82 39.24 -33.88
N LEU A 441 8.73 38.46 -33.89
CA LEU A 441 7.97 38.25 -35.12
C LEU A 441 6.59 38.88 -35.08
N ASP A 442 5.76 38.53 -34.10
CA ASP A 442 4.33 38.80 -34.15
C ASP A 442 3.91 40.03 -33.36
N SER A 443 4.83 40.94 -33.06
CA SER A 443 4.54 42.10 -32.24
C SER A 443 4.71 43.38 -33.06
N LYS A 444 3.72 44.27 -32.95
CA LYS A 444 3.72 45.54 -33.66
C LYS A 444 4.03 46.71 -32.73
N VAL A 445 4.88 47.62 -33.20
CA VAL A 445 5.04 48.91 -32.55
C VAL A 445 3.70 49.65 -32.61
N GLY A 446 3.26 50.16 -31.48
CA GLY A 446 1.94 50.76 -31.39
C GLY A 446 0.81 49.77 -31.20
N GLY A 447 1.13 48.48 -31.04
CA GLY A 447 0.11 47.48 -30.79
C GLY A 447 -0.25 46.65 -32.00
N ASN A 448 -0.26 45.33 -31.82
CA ASN A 448 -0.73 44.40 -32.85
C ASN A 448 -2.10 43.92 -32.42
N TYR A 449 -3.10 44.17 -33.27
CA TYR A 449 -4.49 43.86 -32.95
C TYR A 449 -5.09 42.81 -33.88
N ASN A 450 -4.27 42.17 -34.72
CA ASN A 450 -4.75 41.10 -35.58
C ASN A 450 -5.14 39.85 -34.79
N TYR A 451 -4.73 39.76 -33.52
CA TYR A 451 -4.88 38.55 -32.74
C TYR A 451 -6.04 38.72 -31.75
N LEU A 452 -6.95 37.76 -31.76
CA LEU A 452 -8.18 37.83 -30.97
C LEU A 452 -8.29 36.61 -30.08
N TYR A 453 -8.84 36.78 -28.88
CA TYR A 453 -9.20 35.65 -28.03
C TYR A 453 -10.63 35.86 -27.55
N ARG A 454 -11.40 34.78 -27.52
CA ARG A 454 -12.79 34.85 -27.11
C ARG A 454 -12.91 34.94 -25.60
N LEU A 455 -13.69 35.91 -25.12
CA LEU A 455 -14.24 35.91 -23.78
C LEU A 455 -15.75 35.90 -23.92
N PHE A 456 -16.40 34.97 -23.24
CA PHE A 456 -17.81 34.68 -23.50
C PHE A 456 -18.52 34.47 -22.17
N ARG A 457 -19.83 34.27 -22.23
CA ARG A 457 -20.70 34.36 -21.08
C ARG A 457 -21.55 33.10 -20.89
N LYS A 458 -21.08 31.97 -21.40
CA LYS A 458 -21.84 30.72 -21.28
C LYS A 458 -20.99 29.61 -20.68
N SER A 459 -21.51 28.39 -20.70
CA SER A 459 -20.76 27.25 -20.17
C SER A 459 -19.71 26.78 -21.17
N ASN A 460 -18.51 26.52 -20.69
CA ASN A 460 -17.48 25.93 -21.54
C ASN A 460 -17.90 24.55 -22.01
N LEU A 461 -17.71 24.29 -23.31
CA LEU A 461 -18.37 23.15 -23.93
C LEU A 461 -17.62 21.83 -23.71
N LYS A 462 -16.44 21.70 -24.32
CA LYS A 462 -15.75 20.42 -24.39
C LYS A 462 -14.28 20.68 -24.67
N PRO A 463 -13.40 19.75 -24.30
CA PRO A 463 -11.98 19.88 -24.69
C PRO A 463 -11.80 19.71 -26.19
N PHE A 464 -10.73 20.32 -26.70
CA PHE A 464 -10.36 20.23 -28.12
C PHE A 464 -11.50 20.70 -29.03
N GLU A 465 -12.17 21.78 -28.64
CA GLU A 465 -13.29 22.32 -29.40
C GLU A 465 -13.14 23.83 -29.48
N ARG A 466 -13.14 24.35 -30.71
CA ARG A 466 -13.09 25.79 -30.95
C ARG A 466 -14.49 26.31 -31.27
N ASP A 467 -14.74 27.56 -30.86
CA ASP A 467 -16.03 28.19 -31.04
C ASP A 467 -15.89 29.42 -31.91
N ILE A 468 -16.76 29.52 -32.93
CA ILE A 468 -16.76 30.67 -33.82
C ILE A 468 -18.03 31.49 -33.63
N TYR A 489 -22.54 41.82 -24.68
CA TYR A 489 -21.20 42.28 -25.00
C TYR A 489 -20.64 41.54 -26.21
N PHE A 490 -19.70 42.16 -26.91
CA PHE A 490 -19.06 41.49 -28.03
C PHE A 490 -18.15 40.38 -27.51
N PRO A 491 -18.09 39.24 -28.19
CA PRO A 491 -17.35 38.09 -27.64
C PRO A 491 -15.84 38.13 -27.83
N LEU A 492 -15.33 38.92 -28.78
CA LEU A 492 -13.94 38.85 -29.19
C LEU A 492 -13.16 40.04 -28.66
N GLN A 493 -12.07 39.76 -27.95
CA GLN A 493 -11.18 40.77 -27.41
C GLN A 493 -9.88 40.78 -28.21
N SER A 494 -9.47 41.96 -28.66
CA SER A 494 -8.19 42.14 -29.32
C SER A 494 -7.02 42.06 -28.33
N TYR A 495 -5.85 41.76 -28.87
CA TYR A 495 -4.60 41.81 -28.11
C TYR A 495 -3.95 43.18 -28.27
N GLY A 496 -2.87 43.40 -27.52
CA GLY A 496 -2.12 44.64 -27.57
C GLY A 496 -0.63 44.44 -27.71
N PHE A 497 -0.23 43.46 -28.51
CA PHE A 497 1.18 43.05 -28.59
C PHE A 497 2.05 44.20 -29.04
N GLN A 498 2.99 44.60 -28.18
CA GLN A 498 3.93 45.69 -28.44
C GLN A 498 5.34 45.25 -28.09
N PRO A 499 6.34 45.68 -28.86
CA PRO A 499 7.74 45.41 -28.48
C PRO A 499 8.10 46.03 -27.14
N THR A 500 7.42 47.11 -26.77
CA THR A 500 7.64 47.71 -25.44
C THR A 500 7.17 46.79 -24.32
N ASN A 501 6.27 45.86 -24.61
CA ASN A 501 5.79 44.92 -23.59
C ASN A 501 6.82 43.82 -23.38
N GLY A 502 7.16 43.59 -22.11
CA GLY A 502 8.04 42.50 -21.74
C GLY A 502 7.28 41.20 -21.59
N VAL A 503 7.86 40.29 -20.80
CA VAL A 503 7.16 39.06 -20.47
C VAL A 503 5.84 39.41 -19.79
N GLY A 504 4.77 38.74 -20.20
CA GLY A 504 3.43 39.18 -19.86
C GLY A 504 2.94 40.17 -20.90
N TYR A 505 1.77 39.91 -21.48
CA TYR A 505 1.28 40.59 -22.67
C TYR A 505 2.20 40.40 -23.87
N GLN A 506 3.16 39.47 -23.78
CA GLN A 506 4.13 39.15 -24.81
C GLN A 506 3.61 37.98 -25.63
N PRO A 507 3.57 38.07 -26.96
CA PRO A 507 3.04 36.95 -27.75
C PRO A 507 3.99 35.78 -27.71
N TYR A 508 3.48 34.62 -27.28
CA TYR A 508 4.19 33.35 -27.43
C TYR A 508 3.48 32.51 -28.47
N ARG A 509 4.26 31.98 -29.41
CA ARG A 509 3.76 31.00 -30.37
C ARG A 509 3.75 29.64 -29.67
N VAL A 510 2.62 28.93 -29.77
CA VAL A 510 2.43 27.68 -29.06
C VAL A 510 2.07 26.60 -30.06
N VAL A 511 2.75 25.45 -29.94
CA VAL A 511 2.41 24.25 -30.69
C VAL A 511 2.30 23.09 -29.70
N VAL A 512 1.17 22.40 -29.69
CA VAL A 512 0.99 21.21 -28.87
C VAL A 512 0.81 20.01 -29.78
N LEU A 513 1.74 19.07 -29.69
CA LEU A 513 1.65 17.82 -30.42
C LEU A 513 0.87 16.83 -29.58
N SER A 514 -0.32 16.45 -30.05
CA SER A 514 -1.16 15.49 -29.36
C SER A 514 -1.19 14.19 -30.14
N PHE A 515 -0.81 13.10 -29.47
CA PHE A 515 -0.79 11.77 -30.06
C PHE A 515 -1.33 10.76 -29.07
N GLU A 516 -1.58 9.56 -29.57
CA GLU A 516 -2.33 8.58 -28.75
C GLU A 516 -1.50 7.48 -28.07
N LEU A 517 -0.40 7.03 -28.67
CA LEU A 517 0.50 6.05 -28.01
C LEU A 517 -0.28 4.80 -27.62
N LEU A 518 -1.19 4.33 -28.49
CA LEU A 518 -1.91 3.06 -28.22
C LEU A 518 -1.79 2.19 -29.46
N HIS A 519 -1.99 0.88 -29.30
CA HIS A 519 -1.75 -0.02 -30.46
C HIS A 519 -2.82 0.17 -31.54
N ALA A 520 -2.42 0.58 -32.72
CA ALA A 520 -3.33 0.73 -33.88
C ALA A 520 -2.40 0.74 -35.10
N PRO A 521 -2.83 0.48 -36.35
CA PRO A 521 -1.89 0.53 -37.44
C PRO A 521 -1.27 1.93 -37.36
N ALA A 522 0.06 2.02 -37.38
CA ALA A 522 0.72 3.34 -37.16
C ALA A 522 1.27 3.93 -38.45
N THR A 523 1.50 5.24 -38.48
CA THR A 523 1.96 5.87 -39.75
C THR A 523 3.07 6.91 -39.53
N VAL A 524 3.17 7.50 -38.34
CA VAL A 524 4.23 8.45 -38.05
C VAL A 524 5.20 7.80 -37.08
N CYS A 525 6.24 7.17 -37.61
CA CYS A 525 7.20 6.43 -36.81
C CYS A 525 8.48 7.24 -36.62
N GLY A 526 9.38 6.70 -35.81
CA GLY A 526 10.66 7.31 -35.59
C GLY A 526 11.65 6.93 -36.67
N PRO A 527 12.79 7.63 -36.69
CA PRO A 527 13.83 7.34 -37.67
C PRO A 527 14.75 6.20 -37.23
N LYS A 528 14.19 5.00 -37.16
CA LYS A 528 14.94 3.82 -36.78
C LYS A 528 15.01 2.87 -37.96
N LYS A 529 16.21 2.42 -38.30
CA LYS A 529 16.38 1.51 -39.42
C LYS A 529 15.83 0.13 -39.08
N SER A 530 15.14 -0.46 -40.03
CA SER A 530 14.60 -1.80 -39.83
C SER A 530 15.69 -2.84 -40.00
N THR A 531 15.45 -4.02 -39.43
CA THR A 531 16.36 -5.13 -39.51
C THR A 531 15.58 -6.36 -39.94
N ASN A 532 16.24 -7.26 -40.68
CA ASN A 532 15.61 -8.51 -41.05
C ASN A 532 15.14 -9.25 -39.79
N LEU A 533 14.09 -10.05 -39.94
CA LEU A 533 13.48 -10.74 -38.82
C LEU A 533 13.84 -12.22 -38.87
N VAL A 534 14.18 -12.77 -37.72
CA VAL A 534 14.62 -14.16 -37.59
C VAL A 534 13.56 -14.93 -36.82
N LYS A 535 13.26 -16.14 -37.28
CA LYS A 535 12.15 -16.91 -36.76
C LYS A 535 12.63 -18.19 -36.08
N ASN A 536 11.75 -18.73 -35.24
CA ASN A 536 11.91 -20.03 -34.58
C ASN A 536 13.10 -20.06 -33.64
N LYS A 537 13.59 -18.90 -33.19
CA LYS A 537 14.65 -18.84 -32.20
C LYS A 537 14.38 -17.69 -31.26
N CYS A 538 14.71 -17.87 -29.98
CA CYS A 538 14.47 -16.84 -28.97
C CYS A 538 15.16 -15.55 -29.37
N VAL A 539 14.37 -14.50 -29.62
CA VAL A 539 14.89 -13.23 -30.08
C VAL A 539 14.23 -12.09 -29.29
N ASN A 540 14.92 -10.96 -29.26
CA ASN A 540 14.42 -9.73 -28.64
C ASN A 540 13.90 -8.83 -29.76
N PHE A 541 12.58 -8.75 -29.90
CA PHE A 541 11.94 -8.07 -31.02
C PHE A 541 11.42 -6.70 -30.63
N ASN A 542 11.25 -5.84 -31.63
CA ASN A 542 10.68 -4.52 -31.46
C ASN A 542 9.81 -4.20 -32.68
N PHE A 543 8.49 -4.26 -32.52
CA PHE A 543 7.54 -3.94 -33.58
C PHE A 543 6.86 -2.62 -33.26
N ASN A 544 7.20 -1.58 -34.01
CA ASN A 544 6.51 -0.28 -33.93
C ASN A 544 6.45 0.24 -32.50
N GLY A 545 7.54 0.03 -31.75
CA GLY A 545 7.58 0.41 -30.36
C GLY A 545 7.13 -0.64 -29.38
N LEU A 546 6.56 -1.75 -29.86
CA LEU A 546 6.23 -2.87 -28.98
C LEU A 546 7.46 -3.72 -28.78
N THR A 547 7.89 -3.87 -27.53
CA THR A 547 9.11 -4.60 -27.24
C THR A 547 8.77 -5.88 -26.47
N GLY A 548 9.68 -6.83 -26.52
CA GLY A 548 9.51 -8.06 -25.79
C GLY A 548 10.54 -9.08 -26.24
N THR A 549 10.48 -10.23 -25.58
CA THR A 549 11.33 -11.37 -25.90
C THR A 549 10.45 -12.57 -26.19
N GLY A 550 10.76 -13.30 -27.26
CA GLY A 550 9.98 -14.46 -27.60
C GLY A 550 10.40 -15.04 -28.94
N VAL A 551 9.76 -16.17 -29.25
CA VAL A 551 9.99 -16.90 -30.49
C VAL A 551 8.94 -16.47 -31.51
N LEU A 552 9.39 -16.00 -32.66
CA LEU A 552 8.51 -15.56 -33.74
C LEU A 552 8.35 -16.68 -34.74
N THR A 553 7.12 -17.13 -34.95
CA THR A 553 6.82 -18.19 -35.90
C THR A 553 5.71 -17.75 -36.83
N GLU A 554 5.53 -18.48 -37.93
CA GLU A 554 4.40 -18.24 -38.80
C GLU A 554 3.12 -18.69 -38.11
N SER A 555 2.05 -17.94 -38.34
CA SER A 555 0.79 -18.19 -37.65
C SER A 555 -0.36 -18.23 -38.64
N ASN A 556 -1.40 -18.98 -38.27
CA ASN A 556 -2.64 -19.05 -39.04
C ASN A 556 -3.78 -18.31 -38.35
N LYS A 557 -3.45 -17.20 -37.69
CA LYS A 557 -4.45 -16.35 -37.07
C LYS A 557 -4.93 -15.33 -38.09
N LYS A 558 -6.24 -15.30 -38.34
CA LYS A 558 -6.80 -14.51 -39.44
C LYS A 558 -7.13 -13.12 -38.91
N PHE A 559 -6.24 -12.17 -39.17
CA PHE A 559 -6.44 -10.82 -38.68
C PHE A 559 -7.37 -10.06 -39.62
N LEU A 560 -7.69 -8.83 -39.25
CA LEU A 560 -8.54 -8.01 -40.11
C LEU A 560 -7.83 -6.68 -40.31
N PRO A 561 -8.05 -6.01 -41.44
CA PRO A 561 -7.23 -4.83 -41.76
C PRO A 561 -7.17 -3.74 -40.69
N PHE A 562 -8.19 -3.57 -39.85
CA PHE A 562 -8.09 -2.50 -38.87
C PHE A 562 -7.33 -2.90 -37.61
N GLN A 563 -6.94 -4.16 -37.48
CA GLN A 563 -6.29 -4.67 -36.27
C GLN A 563 -4.93 -5.25 -36.60
N GLN A 564 -3.91 -4.84 -35.83
CA GLN A 564 -2.55 -5.32 -36.00
C GLN A 564 -2.11 -6.28 -34.90
N PHE A 565 -2.54 -6.06 -33.66
CA PHE A 565 -2.03 -6.76 -32.49
C PHE A 565 -3.07 -7.75 -31.98
N GLY A 566 -2.69 -9.01 -31.89
CA GLY A 566 -3.45 -9.97 -31.11
C GLY A 566 -3.23 -9.74 -29.62
N ARG A 567 -3.94 -10.50 -28.80
CA ARG A 567 -3.78 -10.30 -27.37
C ARG A 567 -4.18 -11.56 -26.59
N ASP A 568 -3.52 -11.73 -25.44
CA ASP A 568 -3.70 -12.84 -24.53
C ASP A 568 -4.74 -12.49 -23.46
N ILE A 569 -5.16 -13.50 -22.69
CA ILE A 569 -6.09 -13.27 -21.60
C ILE A 569 -5.48 -12.33 -20.56
N ALA A 570 -4.22 -12.54 -20.23
CA ALA A 570 -3.53 -11.72 -19.25
C ALA A 570 -3.00 -10.40 -19.83
N ASP A 571 -3.49 -9.98 -21.00
CA ASP A 571 -3.22 -8.69 -21.66
C ASP A 571 -1.82 -8.64 -22.25
N THR A 572 -1.13 -9.76 -22.37
CA THR A 572 0.13 -9.78 -23.09
C THR A 572 -0.11 -10.01 -24.57
N THR A 573 0.80 -9.51 -25.40
CA THR A 573 0.65 -9.70 -26.84
C THR A 573 0.85 -11.18 -27.20
N ASP A 574 0.09 -11.65 -28.20
CA ASP A 574 0.13 -13.05 -28.59
C ASP A 574 0.40 -13.22 -30.07
N ALA A 575 0.28 -12.16 -30.87
CA ALA A 575 0.54 -12.23 -32.30
C ALA A 575 0.71 -10.81 -32.81
N VAL A 576 1.65 -10.63 -33.73
CA VAL A 576 1.89 -9.34 -34.36
C VAL A 576 1.79 -9.50 -35.87
N ARG A 577 1.44 -8.41 -36.54
CA ARG A 577 1.46 -8.31 -37.99
C ARG A 577 2.75 -7.64 -38.42
N ASP A 578 3.50 -8.28 -39.30
CA ASP A 578 4.78 -7.73 -39.73
C ASP A 578 4.52 -6.42 -40.47
N PRO A 579 5.09 -5.29 -40.01
CA PRO A 579 4.73 -3.99 -40.59
C PRO A 579 5.09 -3.84 -42.05
N GLN A 580 5.95 -4.69 -42.60
CA GLN A 580 6.35 -4.59 -44.00
C GLN A 580 5.83 -5.73 -44.87
N THR A 581 5.81 -6.95 -44.36
CA THR A 581 5.27 -8.10 -45.09
C THR A 581 4.10 -8.65 -44.28
N LEU A 582 2.88 -8.33 -44.71
CA LEU A 582 1.73 -8.52 -43.83
C LEU A 582 1.38 -10.00 -43.66
N GLU A 583 2.20 -10.70 -42.90
CA GLU A 583 1.89 -12.03 -42.39
C GLU A 583 1.91 -11.99 -40.87
N ILE A 584 1.13 -12.84 -40.24
CA ILE A 584 0.89 -12.78 -38.80
C ILE A 584 1.87 -13.73 -38.12
N LEU A 585 2.57 -13.23 -37.11
CA LEU A 585 3.61 -13.97 -36.40
C LEU A 585 3.18 -14.25 -34.97
N ASP A 586 3.33 -15.52 -34.55
CA ASP A 586 3.06 -15.88 -33.17
C ASP A 586 4.25 -15.52 -32.28
N ILE A 587 3.95 -15.09 -31.05
CA ILE A 587 4.98 -14.77 -30.06
C ILE A 587 4.85 -15.75 -28.90
N THR A 588 5.84 -16.63 -28.76
CA THR A 588 5.89 -17.56 -27.64
C THR A 588 7.08 -17.21 -26.77
N PRO A 589 6.91 -17.06 -25.46
CA PRO A 589 8.06 -16.74 -24.60
C PRO A 589 9.07 -17.88 -24.61
N CYS A 590 10.34 -17.51 -24.45
CA CYS A 590 11.42 -18.49 -24.53
C CYS A 590 11.34 -19.48 -23.38
N SER A 591 11.79 -20.70 -23.65
CA SER A 591 11.57 -21.81 -22.73
C SER A 591 12.19 -21.54 -21.36
N PHE A 592 11.50 -22.00 -20.32
CA PHE A 592 11.92 -21.75 -18.95
C PHE A 592 11.31 -22.84 -18.07
N GLY A 593 11.81 -22.92 -16.84
CA GLY A 593 11.26 -23.85 -15.87
C GLY A 593 12.12 -23.86 -14.63
N GLY A 594 11.56 -24.46 -13.58
CA GLY A 594 12.28 -24.53 -12.32
C GLY A 594 13.44 -25.51 -12.40
N VAL A 595 14.45 -25.24 -11.58
CA VAL A 595 15.62 -26.11 -11.47
C VAL A 595 15.74 -26.55 -10.02
N SER A 596 15.76 -27.86 -9.81
CA SER A 596 15.86 -28.44 -8.48
C SER A 596 17.18 -29.18 -8.34
N VAL A 597 17.74 -29.15 -7.14
CA VAL A 597 19.00 -29.82 -6.84
C VAL A 597 18.71 -30.98 -5.92
N ILE A 598 19.05 -32.19 -6.37
CA ILE A 598 18.83 -33.41 -5.60
C ILE A 598 20.17 -33.80 -5.00
N THR A 599 20.24 -33.80 -3.67
CA THR A 599 21.52 -34.01 -3.02
C THR A 599 21.40 -34.87 -1.77
N PRO A 600 22.32 -35.81 -1.59
CA PRO A 600 22.56 -36.35 -0.26
C PRO A 600 23.21 -35.28 0.59
N GLY A 601 23.10 -35.44 1.91
CA GLY A 601 23.63 -34.44 2.80
C GLY A 601 25.11 -34.20 2.57
N THR A 602 25.54 -32.95 2.79
CA THR A 602 26.96 -32.65 2.69
C THR A 602 27.76 -33.37 3.75
N ASN A 603 27.09 -33.94 4.76
CA ASN A 603 27.73 -34.85 5.70
C ASN A 603 28.04 -36.20 5.06
N THR A 604 27.60 -36.44 3.83
CA THR A 604 27.89 -37.69 3.13
C THR A 604 28.71 -37.49 1.87
N SER A 605 28.33 -36.54 1.02
CA SER A 605 29.04 -36.34 -0.23
C SER A 605 28.78 -34.92 -0.73
N ASN A 606 29.61 -34.50 -1.68
CA ASN A 606 29.45 -33.20 -2.35
C ASN A 606 28.97 -33.36 -3.78
N GLN A 607 28.46 -34.53 -4.13
CA GLN A 607 27.95 -34.80 -5.47
C GLN A 607 26.44 -34.61 -5.50
N VAL A 608 25.96 -33.97 -6.56
CA VAL A 608 24.54 -33.63 -6.68
C VAL A 608 24.03 -33.99 -8.06
N ALA A 609 22.72 -34.13 -8.16
CA ALA A 609 22.02 -34.29 -9.41
C ALA A 609 21.06 -33.12 -9.60
N VAL A 610 20.81 -32.75 -10.85
CA VAL A 610 19.99 -31.59 -11.16
C VAL A 610 18.77 -32.03 -11.95
N LEU A 611 17.59 -31.64 -11.48
CA LEU A 611 16.33 -31.90 -12.16
C LEU A 611 15.82 -30.61 -12.79
N TYR A 612 15.64 -30.62 -14.10
CA TYR A 612 15.03 -29.51 -14.82
C TYR A 612 13.56 -29.82 -15.02
N GLN A 613 12.70 -29.10 -14.31
CA GLN A 613 11.29 -29.47 -14.21
C GLN A 613 10.54 -29.18 -15.51
N ASP A 614 9.80 -30.20 -15.97
CA ASP A 614 8.87 -30.06 -17.10
C ASP A 614 9.57 -29.52 -18.35
N VAL A 615 10.80 -29.99 -18.59
CA VAL A 615 11.56 -29.59 -19.76
C VAL A 615 12.24 -30.84 -20.33
N ASN A 616 12.34 -30.90 -21.65
CA ASN A 616 13.09 -31.98 -22.27
C ASN A 616 14.59 -31.82 -22.07
N CYS A 617 15.30 -32.89 -22.41
CA CYS A 617 16.75 -32.94 -22.32
C CYS A 617 17.41 -32.40 -23.58
N THR A 618 16.96 -31.25 -24.02
CA THR A 618 17.53 -30.54 -25.17
C THR A 618 17.88 -29.10 -24.86
N GLU A 619 17.03 -28.41 -24.09
CA GLU A 619 17.28 -27.01 -23.76
C GLU A 619 18.31 -26.82 -22.66
N VAL A 620 18.75 -27.90 -22.02
CA VAL A 620 19.70 -27.81 -20.92
C VAL A 620 20.99 -27.12 -21.36
N ASN A 641 25.00 -38.50 -18.74
CA ASN A 641 24.24 -39.30 -17.78
C ASN A 641 22.85 -38.70 -17.59
N VAL A 642 22.07 -38.67 -18.67
CA VAL A 642 20.81 -37.93 -18.71
C VAL A 642 19.66 -38.90 -18.77
N PHE A 643 18.72 -38.76 -17.83
CA PHE A 643 17.57 -39.63 -17.68
C PHE A 643 16.30 -38.80 -17.84
N GLN A 644 15.49 -39.12 -18.84
CA GLN A 644 14.23 -38.42 -19.07
C GLN A 644 13.13 -39.06 -18.23
N THR A 645 12.47 -38.26 -17.41
CA THR A 645 11.38 -38.71 -16.57
C THR A 645 10.14 -37.87 -16.87
N ARG A 646 9.01 -38.28 -16.29
CA ARG A 646 7.77 -37.57 -16.55
C ARG A 646 7.69 -36.26 -15.77
N ALA A 647 8.55 -36.06 -14.79
CA ALA A 647 8.59 -34.83 -14.01
C ALA A 647 9.63 -33.83 -14.52
N GLY A 648 10.40 -34.18 -15.54
CA GLY A 648 11.40 -33.31 -16.09
C GLY A 648 12.64 -34.09 -16.48
N CYS A 649 13.69 -33.36 -16.84
CA CYS A 649 14.95 -33.94 -17.28
C CYS A 649 15.92 -34.04 -16.11
N LEU A 650 16.27 -35.26 -15.72
CA LEU A 650 17.13 -35.51 -14.58
C LEU A 650 18.55 -35.76 -15.06
N ILE A 651 19.49 -34.90 -14.67
CA ILE A 651 20.87 -34.94 -15.12
C ILE A 651 21.76 -35.24 -13.92
N GLY A 652 22.68 -36.19 -14.09
CA GLY A 652 23.60 -36.55 -13.05
C GLY A 652 23.24 -37.80 -12.28
N ALA A 653 22.12 -38.43 -12.60
CA ALA A 653 21.64 -39.60 -11.88
C ALA A 653 21.69 -40.82 -12.79
N GLU A 654 22.15 -41.93 -12.24
CA GLU A 654 22.33 -43.17 -12.98
C GLU A 654 21.03 -43.97 -12.92
N HIS A 655 20.36 -44.10 -14.06
CA HIS A 655 19.08 -44.82 -14.09
C HIS A 655 19.31 -46.31 -13.87
N VAL A 656 18.46 -46.89 -13.01
CA VAL A 656 18.61 -48.27 -12.57
C VAL A 656 17.32 -49.02 -12.87
N ASN A 657 17.45 -50.26 -13.32
CA ASN A 657 16.28 -51.08 -13.61
C ASN A 657 15.58 -51.54 -12.33
N ASN A 658 16.32 -51.66 -11.23
CA ASN A 658 15.78 -52.19 -10.01
C ASN A 658 14.71 -51.27 -9.45
N SER A 659 14.04 -51.74 -8.40
CA SER A 659 13.02 -50.96 -7.73
C SER A 659 13.22 -51.08 -6.22
N TYR A 660 13.26 -49.94 -5.54
CA TYR A 660 13.48 -49.87 -4.11
C TYR A 660 12.38 -49.01 -3.49
N GLU A 661 12.48 -48.82 -2.18
CA GLU A 661 11.63 -47.85 -1.53
C GLU A 661 12.09 -46.43 -1.86
N CYS A 662 11.20 -45.47 -1.70
CA CYS A 662 11.55 -44.09 -1.98
C CYS A 662 12.50 -43.54 -0.92
N ASP A 663 13.53 -42.82 -1.38
CA ASP A 663 14.45 -42.13 -0.49
C ASP A 663 14.36 -40.63 -0.65
N ILE A 664 14.54 -40.11 -1.86
CA ILE A 664 14.35 -38.70 -2.16
C ILE A 664 13.32 -38.59 -3.28
N PRO A 665 12.10 -38.14 -3.00
CA PRO A 665 11.06 -38.17 -4.04
C PRO A 665 11.33 -37.13 -5.11
N ILE A 666 11.14 -37.54 -6.36
CA ILE A 666 11.25 -36.66 -7.51
C ILE A 666 9.89 -36.35 -8.11
N GLY A 667 9.08 -37.37 -8.34
CA GLY A 667 7.76 -37.21 -8.91
C GLY A 667 7.47 -38.26 -9.97
N ALA A 668 6.19 -38.44 -10.25
CA ALA A 668 5.71 -39.38 -11.27
C ALA A 668 6.14 -40.82 -10.97
N GLY A 669 6.43 -41.14 -9.73
CA GLY A 669 6.83 -42.48 -9.35
C GLY A 669 8.32 -42.73 -9.35
N ILE A 670 9.14 -41.69 -9.53
CA ILE A 670 10.59 -41.82 -9.57
C ILE A 670 11.16 -41.24 -8.29
N CYS A 671 12.07 -41.98 -7.66
CA CYS A 671 12.79 -41.52 -6.49
C CYS A 671 14.28 -41.70 -6.72
N ALA A 672 15.09 -40.95 -5.98
CA ALA A 672 16.54 -41.02 -6.09
C ALA A 672 17.17 -41.25 -4.72
N SER A 673 18.35 -41.84 -4.72
CA SER A 673 19.08 -42.11 -3.48
C SER A 673 20.57 -42.18 -3.80
N TYR A 674 21.37 -42.13 -2.73
CA TYR A 674 22.84 -42.19 -2.84
C TYR A 674 23.33 -43.55 -2.35
N GLN A 675 23.65 -44.43 -3.27
CA GLN A 675 24.14 -45.76 -2.94
C GLN A 675 24.96 -46.28 -4.11
N THR A 676 25.69 -47.37 -3.86
CA THR A 676 26.48 -48.03 -4.90
C THR A 676 25.60 -48.45 -6.08
N SER A 686 32.96 -44.73 -6.56
CA SER A 686 32.22 -45.98 -6.72
C SER A 686 30.74 -45.80 -6.39
N GLN A 687 30.46 -44.84 -5.50
CA GLN A 687 29.09 -44.52 -5.12
C GLN A 687 28.61 -43.30 -5.90
N SER A 688 27.32 -43.30 -6.23
CA SER A 688 26.75 -42.22 -7.03
C SER A 688 25.25 -42.15 -6.79
N ILE A 689 24.65 -41.08 -7.26
CA ILE A 689 23.21 -40.89 -7.15
C ILE A 689 22.51 -41.66 -8.26
N ILE A 690 21.49 -42.44 -7.90
CA ILE A 690 20.75 -43.25 -8.85
C ILE A 690 19.29 -42.85 -8.83
N ALA A 691 18.60 -43.15 -9.92
CA ALA A 691 17.17 -42.90 -10.05
C ALA A 691 16.49 -44.18 -10.49
N TYR A 692 15.30 -44.44 -9.95
CA TYR A 692 14.62 -45.70 -10.21
C TYR A 692 13.13 -45.50 -10.00
N THR A 693 12.35 -46.45 -10.51
CA THR A 693 10.92 -46.51 -10.23
C THR A 693 10.73 -47.13 -8.86
N MET A 694 10.12 -46.39 -7.94
CA MET A 694 10.02 -46.88 -6.57
C MET A 694 9.01 -48.03 -6.48
N SER A 695 9.26 -48.92 -5.53
CA SER A 695 8.44 -50.10 -5.33
C SER A 695 7.48 -49.90 -4.17
N LEU A 696 6.36 -50.61 -4.22
CA LEU A 696 5.32 -50.49 -3.21
C LEU A 696 5.42 -51.53 -2.10
N GLY A 697 6.28 -52.53 -2.25
CA GLY A 697 6.40 -53.56 -1.25
C GLY A 697 6.56 -54.95 -1.82
N ALA A 698 6.73 -55.94 -0.95
CA ALA A 698 6.92 -57.31 -1.39
C ALA A 698 5.65 -57.85 -2.04
N GLU A 699 5.83 -58.57 -3.13
CA GLU A 699 4.71 -59.25 -3.79
C GLU A 699 4.43 -60.57 -3.08
N ASN A 700 3.18 -60.80 -2.71
CA ASN A 700 2.86 -61.90 -1.80
C ASN A 700 1.41 -62.32 -2.05
N SER A 701 1.22 -63.44 -2.75
CA SER A 701 -0.12 -63.99 -2.93
C SER A 701 -0.51 -64.81 -1.69
N VAL A 702 -1.83 -64.92 -1.49
CA VAL A 702 -2.37 -65.67 -0.36
C VAL A 702 -2.89 -67.00 -0.86
N ALA A 703 -2.58 -68.08 -0.14
CA ALA A 703 -2.95 -69.43 -0.56
C ALA A 703 -4.42 -69.69 -0.23
N TYR A 704 -5.28 -69.02 -0.99
CA TYR A 704 -6.71 -69.15 -0.77
C TYR A 704 -7.23 -70.49 -1.28
N SER A 705 -8.18 -71.06 -0.53
CA SER A 705 -8.95 -72.21 -0.94
C SER A 705 -10.18 -72.27 -0.05
N ASN A 706 -11.23 -72.93 -0.54
CA ASN A 706 -12.52 -72.84 0.13
C ASN A 706 -12.65 -73.80 1.32
N ASN A 707 -11.64 -74.60 1.61
CA ASN A 707 -11.66 -75.44 2.81
C ASN A 707 -10.28 -75.46 3.47
N SER A 708 -9.64 -74.30 3.58
CA SER A 708 -8.33 -74.21 4.20
C SER A 708 -8.26 -72.94 5.03
N ILE A 709 -7.89 -73.08 6.31
CA ILE A 709 -7.77 -71.96 7.22
C ILE A 709 -6.42 -72.02 7.91
N ALA A 710 -5.77 -70.86 8.06
CA ALA A 710 -4.54 -70.73 8.83
C ALA A 710 -4.86 -70.08 10.17
N ILE A 711 -4.53 -70.76 11.26
CA ILE A 711 -4.85 -70.31 12.61
C ILE A 711 -3.54 -70.15 13.38
N PRO A 712 -3.28 -68.99 13.97
CA PRO A 712 -2.02 -68.79 14.67
C PRO A 712 -1.90 -69.70 15.89
N THR A 713 -0.70 -70.26 16.07
CA THR A 713 -0.41 -71.13 17.20
C THR A 713 0.41 -70.44 18.28
N ASN A 714 1.03 -69.31 17.95
CA ASN A 714 1.87 -68.57 18.88
C ASN A 714 1.65 -67.09 18.63
N PHE A 715 2.16 -66.26 19.52
CA PHE A 715 1.90 -64.82 19.46
C PHE A 715 3.13 -64.05 19.90
N THR A 716 3.13 -62.75 19.58
CA THR A 716 4.15 -61.84 20.05
C THR A 716 3.49 -60.59 20.61
N ILE A 717 4.04 -60.09 21.72
CA ILE A 717 3.64 -58.82 22.31
C ILE A 717 4.62 -57.75 21.82
N SER A 718 4.11 -56.75 21.12
CA SER A 718 4.95 -55.69 20.60
C SER A 718 4.56 -54.36 21.22
N VAL A 719 5.52 -53.45 21.29
CA VAL A 719 5.30 -52.10 21.79
C VAL A 719 5.76 -51.12 20.72
N THR A 720 4.88 -50.21 20.35
CA THR A 720 5.14 -49.21 19.33
C THR A 720 5.08 -47.82 19.97
N THR A 721 5.71 -46.86 19.31
CA THR A 721 5.76 -45.49 19.81
C THR A 721 5.01 -44.59 18.85
N GLU A 722 3.99 -43.89 19.36
CA GLU A 722 3.22 -42.95 18.57
C GLU A 722 3.43 -41.57 19.18
N ILE A 723 3.91 -40.64 18.37
CA ILE A 723 4.31 -39.31 18.84
C ILE A 723 3.40 -38.27 18.21
N LEU A 724 2.78 -37.43 19.06
CA LEU A 724 1.88 -36.39 18.59
C LEU A 724 2.25 -35.03 19.20
N PRO A 725 2.32 -33.97 18.40
CA PRO A 725 2.38 -32.62 18.96
C PRO A 725 1.10 -32.28 19.70
N VAL A 726 1.23 -31.40 20.70
CA VAL A 726 0.11 -30.97 21.53
C VAL A 726 -0.04 -29.45 21.51
N SER A 727 1.06 -28.73 21.71
CA SER A 727 1.01 -27.27 21.78
C SER A 727 2.25 -26.70 21.13
N MET A 728 2.28 -25.37 21.00
CA MET A 728 3.42 -24.67 20.42
C MET A 728 3.71 -23.43 21.25
N THR A 729 4.76 -22.71 20.85
CA THR A 729 5.27 -21.61 21.65
C THR A 729 4.25 -20.47 21.75
N LYS A 730 4.10 -19.94 22.96
CA LYS A 730 3.15 -18.87 23.24
C LYS A 730 3.85 -17.52 23.06
N THR A 731 4.03 -17.14 21.81
CA THR A 731 4.71 -15.89 21.50
C THR A 731 3.78 -14.71 21.68
N SER A 732 4.37 -13.52 21.81
CA SER A 732 3.61 -12.28 21.89
C SER A 732 4.40 -11.18 21.19
N VAL A 733 3.72 -10.43 20.33
CA VAL A 733 4.36 -9.39 19.52
C VAL A 733 3.68 -8.07 19.79
N ASP A 734 4.46 -6.99 19.82
CA ASP A 734 3.95 -5.64 20.01
C ASP A 734 4.25 -4.81 18.77
N CYS A 735 3.25 -4.06 18.31
CA CYS A 735 3.47 -3.14 17.19
C CYS A 735 4.34 -1.96 17.57
N THR A 736 3.93 -1.21 18.60
CA THR A 736 4.47 0.13 18.80
C THR A 736 5.98 0.11 18.92
N MET A 737 6.56 -1.03 19.33
CA MET A 737 8.00 -1.20 19.28
C MET A 737 8.48 -1.92 18.02
N TYR A 738 7.60 -2.58 17.29
CA TYR A 738 8.06 -3.24 16.07
C TYR A 738 7.95 -2.31 14.87
N ILE A 739 6.76 -1.73 14.63
CA ILE A 739 6.59 -0.83 13.50
C ILE A 739 7.32 0.48 13.74
N CYS A 740 7.14 1.07 14.93
CA CYS A 740 7.61 2.41 15.24
C CYS A 740 8.43 2.41 16.52
N GLY A 741 9.42 1.51 16.60
CA GLY A 741 10.15 1.33 17.84
C GLY A 741 10.82 2.57 18.39
N ASP A 742 10.24 3.12 19.46
CA ASP A 742 10.79 4.27 20.18
C ASP A 742 10.96 5.47 19.25
N SER A 743 9.85 5.93 18.69
CA SER A 743 9.84 7.13 17.87
C SER A 743 8.50 7.82 18.03
N THR A 744 8.52 9.11 18.39
CA THR A 744 7.27 9.83 18.58
C THR A 744 6.62 10.18 17.24
N GLU A 745 7.44 10.58 16.25
CA GLU A 745 6.88 10.96 14.95
C GLU A 745 6.23 9.77 14.27
N CYS A 746 6.88 8.60 14.32
CA CYS A 746 6.30 7.41 13.68
C CYS A 746 5.05 6.96 14.41
N SER A 747 5.07 6.98 15.74
CA SER A 747 3.93 6.51 16.52
C SER A 747 2.67 7.33 16.23
N ASN A 748 2.82 8.65 16.12
CA ASN A 748 1.66 9.50 15.83
C ASN A 748 1.08 9.19 14.46
N LEU A 749 1.93 8.85 13.48
CA LEU A 749 1.41 8.49 12.16
C LEU A 749 0.68 7.15 12.19
N LEU A 750 1.14 6.21 13.01
CA LEU A 750 0.50 4.90 13.04
C LEU A 750 -0.95 4.98 13.48
N LEU A 751 -1.28 5.96 14.32
CA LEU A 751 -2.67 6.08 14.79
C LEU A 751 -3.65 6.35 13.66
N GLN A 752 -3.16 6.80 12.50
CA GLN A 752 -4.05 7.06 11.38
C GLN A 752 -4.53 5.78 10.71
N TYR A 753 -4.00 4.63 11.11
CA TYR A 753 -4.41 3.34 10.58
C TYR A 753 -5.45 2.65 11.46
N GLY A 754 -6.03 3.36 12.41
CA GLY A 754 -7.08 2.80 13.22
C GLY A 754 -6.57 1.72 14.17
N SER A 755 -7.45 0.75 14.44
CA SER A 755 -7.16 -0.34 15.37
C SER A 755 -6.72 -1.56 14.57
N PHE A 756 -5.49 -1.52 14.09
CA PHE A 756 -4.89 -2.71 13.50
C PHE A 756 -4.11 -3.50 14.53
N CYS A 757 -3.23 -2.83 15.29
CA CYS A 757 -2.48 -3.53 16.32
C CYS A 757 -3.37 -4.01 17.47
N THR A 758 -4.40 -3.26 17.81
CA THR A 758 -5.27 -3.76 18.87
C THR A 758 -5.95 -5.02 18.38
N GLN A 759 -6.28 -5.06 17.10
CA GLN A 759 -6.80 -6.28 16.48
C GLN A 759 -5.72 -7.36 16.40
N LEU A 760 -4.48 -7.01 16.06
CA LEU A 760 -3.42 -8.01 15.96
C LEU A 760 -3.05 -8.58 17.33
N ASN A 761 -2.91 -7.72 18.34
CA ASN A 761 -2.52 -8.22 19.65
C ASN A 761 -3.61 -9.10 20.24
N ARG A 762 -4.86 -8.88 19.81
CA ARG A 762 -5.94 -9.77 20.20
C ARG A 762 -5.79 -11.14 19.56
N ALA A 763 -5.47 -11.17 18.27
CA ALA A 763 -5.35 -12.45 17.56
C ALA A 763 -4.26 -13.33 18.15
N LEU A 764 -3.09 -12.74 18.47
CA LEU A 764 -2.01 -13.52 19.05
C LEU A 764 -2.34 -13.96 20.47
N THR A 765 -3.06 -13.14 21.23
CA THR A 765 -3.49 -13.56 22.56
C THR A 765 -4.44 -14.75 22.48
N GLY A 766 -5.37 -14.72 21.52
CA GLY A 766 -6.28 -15.84 21.36
C GLY A 766 -5.57 -17.16 21.13
N ILE A 767 -4.50 -17.13 20.33
CA ILE A 767 -3.70 -18.34 20.12
C ILE A 767 -3.04 -18.76 21.42
N ALA A 768 -2.41 -17.81 22.11
CA ALA A 768 -1.65 -18.12 23.32
C ALA A 768 -2.53 -18.78 24.37
N VAL A 769 -3.78 -18.36 24.49
CA VAL A 769 -4.65 -18.91 25.53
C VAL A 769 -4.98 -20.36 25.25
N GLU A 770 -5.37 -20.69 24.00
CA GLU A 770 -5.75 -22.07 23.72
C GLU A 770 -4.57 -23.01 23.78
N GLN A 771 -3.33 -22.51 23.69
CA GLN A 771 -2.18 -23.39 23.83
C GLN A 771 -2.15 -24.02 25.22
N ASP A 772 -2.73 -23.34 26.21
CA ASP A 772 -2.87 -23.91 27.54
C ASP A 772 -4.06 -24.85 27.60
N LYS A 773 -5.11 -24.57 26.83
CA LYS A 773 -6.24 -25.48 26.72
C LYS A 773 -5.83 -26.81 26.11
N ASN A 774 -4.96 -26.77 25.09
CA ASN A 774 -4.55 -28.00 24.41
C ASN A 774 -3.88 -28.95 25.39
N THR A 775 -2.96 -28.43 26.21
CA THR A 775 -2.32 -29.26 27.22
C THR A 775 -3.33 -29.72 28.27
N GLN A 776 -4.27 -28.84 28.63
CA GLN A 776 -5.24 -29.15 29.66
C GLN A 776 -6.13 -30.31 29.26
N GLU A 777 -6.56 -30.35 28.00
CA GLU A 777 -7.44 -31.43 27.55
C GLU A 777 -6.71 -32.77 27.47
N VAL A 778 -5.43 -32.76 27.12
CA VAL A 778 -4.72 -34.03 26.93
C VAL A 778 -4.37 -34.68 28.26
N PHE A 779 -3.82 -33.91 29.19
CA PHE A 779 -3.27 -34.47 30.42
C PHE A 779 -4.23 -34.39 31.60
N ALA A 780 -4.88 -33.26 31.81
CA ALA A 780 -5.76 -33.08 32.96
C ALA A 780 -7.06 -33.84 32.74
N GLN A 781 -6.95 -35.17 32.71
CA GLN A 781 -8.12 -36.04 32.58
C GLN A 781 -8.38 -36.87 33.82
N VAL A 782 -7.49 -36.85 34.80
CA VAL A 782 -7.70 -37.51 36.08
C VAL A 782 -7.83 -36.43 37.15
N LYS A 783 -8.88 -36.52 37.95
CA LYS A 783 -9.13 -35.56 39.00
C LYS A 783 -8.30 -35.81 40.25
N GLN A 784 -7.74 -37.01 40.40
CA GLN A 784 -6.93 -37.36 41.55
C GLN A 784 -5.59 -37.91 41.09
N ILE A 785 -4.55 -37.64 41.87
CA ILE A 785 -3.19 -38.04 41.52
C ILE A 785 -2.93 -39.37 42.21
N TYR A 786 -3.16 -40.46 41.48
CA TYR A 786 -2.86 -41.78 42.01
C TYR A 786 -1.35 -42.01 42.02
N LYS A 787 -0.92 -42.98 42.83
CA LYS A 787 0.49 -43.35 42.83
C LYS A 787 0.63 -44.81 43.23
N THR A 788 1.66 -45.44 42.66
CA THR A 788 1.84 -46.87 42.79
C THR A 788 2.31 -47.25 44.20
N PRO A 789 2.04 -48.48 44.62
CA PRO A 789 2.50 -48.93 45.95
C PRO A 789 4.01 -49.06 45.98
N PRO A 790 4.62 -49.04 47.17
CA PRO A 790 6.07 -49.21 47.25
C PRO A 790 6.57 -50.56 46.77
N ILE A 791 5.72 -51.59 46.76
CA ILE A 791 6.12 -52.92 46.32
C ILE A 791 5.68 -53.10 44.88
N LYS A 792 6.63 -53.42 44.01
CA LYS A 792 6.35 -53.55 42.57
C LYS A 792 6.21 -55.01 42.19
N ASP A 793 5.15 -55.63 42.71
CA ASP A 793 4.81 -57.02 42.39
C ASP A 793 3.66 -57.01 41.39
N PHE A 794 4.01 -56.79 40.12
CA PHE A 794 3.03 -56.68 39.05
C PHE A 794 2.95 -57.96 38.21
N GLY A 795 3.11 -59.11 38.84
CA GLY A 795 2.96 -60.37 38.13
C GLY A 795 4.09 -60.71 37.18
N GLY A 796 5.24 -60.07 37.32
CA GLY A 796 6.38 -60.30 36.46
C GLY A 796 6.67 -59.18 35.49
N PHE A 797 5.70 -58.31 35.24
CA PHE A 797 5.91 -57.17 34.36
C PHE A 797 6.76 -56.13 35.05
N ASN A 798 7.54 -55.40 34.27
CA ASN A 798 8.54 -54.47 34.79
C ASN A 798 8.31 -53.09 34.19
N PHE A 799 7.86 -52.15 35.02
CA PHE A 799 7.55 -50.79 34.59
C PHE A 799 8.59 -49.77 35.04
N SER A 800 9.74 -50.22 35.55
CA SER A 800 10.69 -49.30 36.15
C SER A 800 11.24 -48.28 35.15
N GLN A 801 11.08 -48.54 33.86
CA GLN A 801 11.57 -47.63 32.84
C GLN A 801 10.56 -46.55 32.48
N ILE A 802 9.34 -46.61 33.03
CA ILE A 802 8.32 -45.60 32.75
C ILE A 802 7.73 -44.98 34.01
N LEU A 803 7.90 -45.57 35.18
CA LEU A 803 7.44 -44.97 36.41
C LEU A 803 8.40 -43.86 36.85
N PRO A 804 7.96 -42.96 37.74
CA PRO A 804 8.81 -41.83 38.12
C PRO A 804 10.14 -42.25 38.72
N ASP A 805 11.14 -41.40 38.52
CA ASP A 805 12.48 -41.59 39.06
C ASP A 805 12.73 -40.59 40.17
N PRO A 806 12.72 -40.99 41.44
CA PRO A 806 12.93 -40.02 42.53
C PRO A 806 14.30 -39.37 42.53
N SER A 807 15.29 -39.97 41.86
CA SER A 807 16.65 -39.44 41.88
C SER A 807 16.80 -38.14 41.12
N LYS A 808 15.80 -37.73 40.36
CA LYS A 808 15.87 -36.46 39.64
C LYS A 808 15.09 -35.39 40.37
N PRO A 809 15.59 -34.14 40.38
CA PRO A 809 14.78 -33.05 40.96
C PRO A 809 13.45 -32.87 40.25
N SER A 810 13.41 -33.05 38.94
CA SER A 810 12.17 -33.12 38.19
C SER A 810 11.84 -34.60 38.03
N LYS A 811 10.82 -35.07 38.75
CA LYS A 811 10.54 -36.50 38.87
C LYS A 811 9.97 -37.01 37.55
N ARG A 812 10.87 -37.24 36.61
CA ARG A 812 10.55 -37.79 35.30
C ARG A 812 11.06 -39.22 35.20
N SER A 813 10.38 -40.03 34.41
CA SER A 813 10.79 -41.41 34.22
C SER A 813 12.07 -41.47 33.39
N PHE A 814 12.56 -42.68 33.19
CA PHE A 814 13.78 -42.85 32.41
C PHE A 814 13.54 -42.50 30.95
N ILE A 815 12.48 -43.05 30.36
CA ILE A 815 12.20 -42.79 28.95
C ILE A 815 11.90 -41.31 28.73
N GLU A 816 11.16 -40.67 29.64
CA GLU A 816 10.88 -39.25 29.50
C GLU A 816 12.17 -38.43 29.44
N ASP A 817 13.17 -38.80 30.24
CA ASP A 817 14.46 -38.12 30.19
C ASP A 817 15.08 -38.22 28.80
N LEU A 818 14.93 -39.36 28.14
CA LEU A 818 15.48 -39.52 26.80
C LEU A 818 14.79 -38.58 25.81
N LEU A 819 13.47 -38.40 25.96
CA LEU A 819 12.72 -37.58 25.02
C LEU A 819 13.09 -36.11 25.16
N PHE A 820 13.27 -35.62 26.39
CA PHE A 820 13.62 -34.23 26.61
C PHE A 820 15.02 -33.88 26.15
N ASN A 821 15.90 -34.87 25.99
CA ASN A 821 17.26 -34.63 25.58
C ASN A 821 17.44 -34.65 24.06
N LYS A 822 16.35 -34.69 23.31
CA LYS A 822 16.40 -34.72 21.86
C LYS A 822 15.80 -33.49 21.20
N VAL A 823 14.66 -33.03 21.68
CA VAL A 823 14.00 -31.87 21.10
C VAL A 823 14.61 -30.61 21.69
N THR A 824 15.08 -29.72 20.83
CA THR A 824 15.77 -28.51 21.27
C THR A 824 14.90 -27.28 21.09
N LYS A 851 13.56 -10.37 19.91
CA LYS A 851 14.53 -10.20 20.98
C LYS A 851 14.36 -8.86 21.67
N PHE A 852 14.92 -7.82 21.06
CA PHE A 852 14.83 -6.45 21.57
C PHE A 852 13.83 -5.61 20.79
N ASN A 853 12.99 -6.24 19.97
CA ASN A 853 12.11 -5.52 19.05
C ASN A 853 10.64 -5.74 19.40
N GLY A 854 10.34 -5.95 20.68
CA GLY A 854 8.98 -6.20 21.09
C GLY A 854 8.53 -7.63 20.97
N LEU A 855 9.45 -8.56 20.71
CA LEU A 855 9.12 -9.97 20.52
C LEU A 855 9.45 -10.72 21.80
N THR A 856 8.43 -11.30 22.43
CA THR A 856 8.61 -12.01 23.69
C THR A 856 7.95 -13.39 23.59
N VAL A 857 8.30 -14.24 24.53
CA VAL A 857 7.73 -15.58 24.64
C VAL A 857 7.11 -15.72 26.01
N LEU A 858 5.87 -16.11 26.05
CA LEU A 858 5.24 -16.28 27.36
C LEU A 858 5.48 -17.69 27.89
N PRO A 859 5.57 -17.87 29.20
CA PRO A 859 5.78 -19.20 29.75
C PRO A 859 4.48 -19.98 29.77
N PRO A 860 4.54 -21.29 29.59
CA PRO A 860 3.32 -22.10 29.66
C PRO A 860 2.77 -22.15 31.07
N LEU A 861 1.44 -22.29 31.16
CA LEU A 861 0.79 -22.28 32.47
C LEU A 861 1.08 -23.55 33.25
N LEU A 862 1.12 -24.69 32.56
CA LEU A 862 1.47 -25.96 33.18
C LEU A 862 2.98 -26.16 33.06
N THR A 863 3.69 -26.10 34.18
CA THR A 863 5.13 -26.29 34.15
C THR A 863 5.45 -27.76 33.89
N ASP A 864 6.67 -28.01 33.40
CA ASP A 864 7.03 -29.36 32.97
C ASP A 864 6.95 -30.35 34.12
N GLU A 865 7.24 -29.90 35.36
CA GLU A 865 7.10 -30.77 36.53
C GLU A 865 5.65 -31.21 36.68
N MET A 866 4.71 -30.31 36.43
CA MET A 866 3.29 -30.67 36.55
C MET A 866 2.86 -31.62 35.45
N ILE A 867 3.43 -31.50 34.25
CA ILE A 867 3.07 -32.41 33.17
C ILE A 867 3.48 -33.83 33.51
N ALA A 868 4.70 -34.00 34.04
CA ALA A 868 5.15 -35.32 34.44
C ALA A 868 4.28 -35.90 35.54
N GLN A 869 3.80 -35.05 36.46
CA GLN A 869 2.95 -35.51 37.54
C GLN A 869 1.62 -36.03 37.01
N TYR A 870 1.08 -35.41 35.96
CA TYR A 870 -0.16 -35.89 35.38
C TYR A 870 0.03 -37.24 34.69
N THR A 871 1.15 -37.42 33.98
CA THR A 871 1.36 -38.67 33.28
C THR A 871 1.63 -39.81 34.25
N SER A 872 2.24 -39.52 35.40
CA SER A 872 2.41 -40.56 36.41
C SER A 872 1.06 -41.01 36.96
N ALA A 873 0.17 -40.05 37.24
CA ALA A 873 -1.16 -40.40 37.73
C ALA A 873 -1.92 -41.23 36.71
N LEU A 874 -1.83 -40.86 35.44
CA LEU A 874 -2.48 -41.64 34.40
C LEU A 874 -1.85 -43.02 34.29
N LEU A 875 -0.53 -43.09 34.41
CA LEU A 875 0.16 -44.37 34.37
C LEU A 875 -0.09 -45.17 35.65
N ALA A 876 0.02 -44.53 36.82
CA ALA A 876 -0.17 -45.25 38.07
C ALA A 876 -1.57 -45.81 38.19
N GLY A 877 -2.56 -45.08 37.69
CA GLY A 877 -3.93 -45.61 37.68
C GLY A 877 -4.07 -46.84 36.82
N THR A 878 -3.48 -46.82 35.62
CA THR A 878 -3.63 -47.91 34.66
C THR A 878 -3.18 -49.25 35.22
N ILE A 879 -2.03 -49.30 35.89
CA ILE A 879 -1.54 -50.59 36.39
C ILE A 879 -2.39 -51.10 37.54
N THR A 880 -2.74 -50.23 38.48
CA THR A 880 -3.36 -50.70 39.72
C THR A 880 -4.88 -50.80 39.64
N SER A 881 -5.52 -50.15 38.68
CA SER A 881 -6.98 -50.14 38.63
C SER A 881 -7.56 -50.48 37.27
N GLY A 882 -6.75 -50.73 36.25
CA GLY A 882 -7.30 -51.11 34.97
C GLY A 882 -7.95 -49.94 34.27
N TRP A 883 -9.11 -50.19 33.68
CA TRP A 883 -9.89 -49.13 33.07
C TRP A 883 -10.94 -48.56 34.02
N THR A 884 -11.00 -49.06 35.26
CA THR A 884 -12.05 -48.64 36.16
C THR A 884 -11.86 -47.22 36.65
N PHE A 885 -10.63 -46.73 36.69
CA PHE A 885 -10.40 -45.37 37.18
C PHE A 885 -10.89 -44.33 36.19
N GLY A 886 -11.09 -44.71 34.92
CA GLY A 886 -11.61 -43.77 33.95
C GLY A 886 -13.09 -43.47 34.15
N ALA A 887 -13.89 -44.51 34.38
CA ALA A 887 -15.33 -44.31 34.54
C ALA A 887 -15.66 -43.67 35.90
N GLY A 888 -15.36 -44.37 36.97
CA GLY A 888 -15.70 -43.87 38.30
C GLY A 888 -14.53 -43.79 39.25
N ALA A 889 -14.63 -44.49 40.37
CA ALA A 889 -13.55 -44.57 41.33
C ALA A 889 -12.64 -45.74 41.00
N ALA A 890 -11.36 -45.58 41.28
CA ALA A 890 -10.39 -46.62 40.95
C ALA A 890 -10.60 -47.83 41.84
N LEU A 891 -10.84 -48.98 41.22
CA LEU A 891 -11.05 -50.24 41.91
C LEU A 891 -9.86 -51.15 41.59
N GLN A 892 -9.10 -51.51 42.62
CA GLN A 892 -7.86 -52.22 42.37
C GLN A 892 -8.13 -53.66 41.93
N ILE A 893 -7.19 -54.20 41.16
CA ILE A 893 -7.27 -55.56 40.63
C ILE A 893 -5.84 -56.01 40.32
N PRO A 894 -5.46 -57.24 40.64
CA PRO A 894 -4.09 -57.67 40.35
C PRO A 894 -3.77 -57.54 38.87
N PHE A 895 -2.55 -57.09 38.59
CA PHE A 895 -2.18 -56.84 37.19
C PHE A 895 -2.23 -58.12 36.38
N ALA A 896 -1.80 -59.25 36.96
CA ALA A 896 -1.85 -60.50 36.23
C ALA A 896 -3.27 -60.83 35.81
N MET A 897 -4.24 -60.54 36.67
CA MET A 897 -5.63 -60.72 36.30
C MET A 897 -6.11 -59.65 35.32
N GLN A 898 -5.59 -58.43 35.44
CA GLN A 898 -5.98 -57.38 34.51
C GLN A 898 -5.75 -57.79 33.07
N MET A 899 -4.61 -58.42 32.79
CA MET A 899 -4.33 -58.88 31.43
C MET A 899 -5.30 -59.96 30.96
N ALA A 900 -5.80 -60.80 31.87
CA ALA A 900 -6.70 -61.85 31.45
C ALA A 900 -7.96 -61.27 30.80
N TYR A 901 -8.44 -60.16 31.31
CA TYR A 901 -9.61 -59.50 30.76
C TYR A 901 -9.27 -58.54 29.63
N ARG A 902 -8.01 -58.17 29.48
CA ARG A 902 -7.56 -57.51 28.26
C ARG A 902 -7.49 -58.50 27.11
N PHE A 903 -7.13 -59.75 27.41
CA PHE A 903 -7.11 -60.80 26.40
C PHE A 903 -8.51 -61.17 25.93
N ASN A 904 -9.47 -61.22 26.86
CA ASN A 904 -10.85 -61.47 26.45
C ASN A 904 -11.35 -60.40 25.49
N GLY A 905 -10.87 -59.17 25.65
CA GLY A 905 -11.31 -58.09 24.79
C GLY A 905 -10.92 -58.26 23.33
N ILE A 906 -9.98 -59.16 23.04
CA ILE A 906 -9.56 -59.43 21.67
C ILE A 906 -9.92 -60.85 21.26
N GLY A 907 -10.83 -61.50 21.97
CA GLY A 907 -11.29 -62.81 21.60
C GLY A 907 -10.33 -63.95 21.87
N VAL A 908 -9.39 -63.78 22.79
CA VAL A 908 -8.48 -64.83 23.20
C VAL A 908 -8.85 -65.24 24.63
N THR A 909 -9.13 -66.52 24.82
CA THR A 909 -9.60 -67.00 26.11
C THR A 909 -8.54 -66.74 27.18
N GLN A 910 -8.99 -66.39 28.39
CA GLN A 910 -8.06 -65.93 29.41
C GLN A 910 -7.09 -67.01 29.87
N ASN A 911 -7.39 -68.29 29.65
CA ASN A 911 -6.46 -69.33 30.08
C ASN A 911 -5.15 -69.26 29.30
N VAL A 912 -5.15 -68.59 28.15
CA VAL A 912 -3.92 -68.42 27.38
C VAL A 912 -2.92 -67.59 28.16
N LEU A 913 -3.39 -66.51 28.80
CA LEU A 913 -2.50 -65.66 29.58
C LEU A 913 -1.87 -66.41 30.74
N TYR A 914 -2.69 -67.10 31.54
CA TYR A 914 -2.18 -67.66 32.78
C TYR A 914 -1.17 -68.77 32.51
N GLU A 915 -1.48 -69.64 31.55
CA GLU A 915 -0.57 -70.71 31.19
C GLU A 915 0.68 -70.20 30.49
N ASN A 916 0.66 -68.96 29.99
CA ASN A 916 1.80 -68.35 29.32
C ASN A 916 2.22 -67.05 30.01
N GLN A 917 2.12 -66.99 31.33
CA GLN A 917 2.32 -65.71 32.01
C GLN A 917 3.79 -65.30 32.01
N LYS A 918 4.70 -66.24 32.23
CA LYS A 918 6.11 -65.88 32.23
C LYS A 918 6.59 -65.50 30.84
N LEU A 919 6.13 -66.22 29.81
CA LEU A 919 6.53 -65.90 28.45
C LEU A 919 6.03 -64.51 28.04
N ILE A 920 4.78 -64.20 28.37
CA ILE A 920 4.21 -62.90 28.00
C ILE A 920 4.93 -61.79 28.73
N ALA A 921 5.18 -61.96 30.04
CA ALA A 921 5.85 -60.92 30.81
C ALA A 921 7.26 -60.66 30.29
N ASN A 922 7.98 -61.71 29.90
CA ASN A 922 9.33 -61.53 29.39
C ASN A 922 9.31 -60.82 28.04
N GLN A 923 8.34 -61.11 27.19
CA GLN A 923 8.24 -60.42 25.92
C GLN A 923 7.92 -58.95 26.11
N PHE A 924 7.07 -58.63 27.08
CA PHE A 924 6.77 -57.22 27.37
C PHE A 924 8.02 -56.48 27.83
N ASN A 925 8.77 -57.08 28.75
CA ASN A 925 9.94 -56.41 29.30
C ASN A 925 10.99 -56.15 28.22
N SER A 926 11.17 -57.10 27.30
CA SER A 926 12.12 -56.89 26.21
C SER A 926 11.62 -55.82 25.24
N ALA A 927 10.31 -55.81 24.97
CA ALA A 927 9.74 -54.83 24.06
C ALA A 927 9.96 -53.41 24.58
N ILE A 928 9.81 -53.21 25.89
CA ILE A 928 10.08 -51.90 26.47
C ILE A 928 11.56 -51.55 26.36
N GLY A 929 12.43 -52.53 26.61
CA GLY A 929 13.86 -52.28 26.50
C GLY A 929 14.27 -51.82 25.11
N LYS A 930 13.63 -52.37 24.08
CA LYS A 930 13.96 -51.95 22.72
C LYS A 930 13.62 -50.48 22.49
N ILE A 931 12.58 -49.96 23.15
CA ILE A 931 12.24 -48.55 22.98
C ILE A 931 13.40 -47.67 23.42
N GLN A 932 14.04 -48.02 24.54
CA GLN A 932 15.16 -47.23 25.03
C GLN A 932 16.32 -47.24 24.03
N ASP A 933 16.60 -48.41 23.45
CA ASP A 933 17.67 -48.51 22.46
C ASP A 933 17.33 -47.74 21.19
N SER A 934 16.05 -47.73 20.80
CA SER A 934 15.64 -46.99 19.62
C SER A 934 15.82 -45.49 19.83
N LEU A 935 15.34 -44.98 20.95
CA LEU A 935 15.42 -43.54 21.20
C LEU A 935 16.87 -43.09 21.38
N SER A 936 17.69 -43.89 22.06
CA SER A 936 19.04 -43.46 22.41
C SER A 936 19.97 -43.32 21.21
N SER A 937 19.57 -43.79 20.03
CA SER A 937 20.44 -43.76 18.86
C SER A 937 19.84 -43.02 17.67
N THR A 938 18.52 -43.06 17.49
CA THR A 938 17.87 -42.49 16.31
C THR A 938 17.27 -41.14 16.68
N ALA A 939 17.89 -40.06 16.20
CA ALA A 939 17.40 -38.72 16.48
C ALA A 939 16.11 -38.40 15.72
N SER A 940 15.97 -38.93 14.51
CA SER A 940 14.81 -38.63 13.67
C SER A 940 13.50 -39.13 14.25
N ALA A 941 13.53 -39.93 15.32
CA ALA A 941 12.30 -40.46 15.91
C ALA A 941 11.35 -39.36 16.34
N LEU A 942 11.87 -38.19 16.73
CA LEU A 942 11.08 -37.09 17.27
C LEU A 942 10.84 -36.00 16.24
N GLY A 943 10.90 -36.34 14.95
CA GLY A 943 10.74 -35.33 13.91
C GLY A 943 9.43 -34.56 13.96
N LYS A 944 8.33 -35.21 14.38
CA LYS A 944 7.05 -34.51 14.40
C LYS A 944 7.04 -33.35 15.38
N LEU A 945 7.83 -33.42 16.44
CA LEU A 945 7.93 -32.33 17.42
C LEU A 945 9.03 -31.35 17.09
N GLN A 946 10.12 -31.81 16.47
CA GLN A 946 11.18 -30.89 16.10
C GLN A 946 10.72 -29.95 14.99
N ASP A 947 9.88 -30.44 14.08
CA ASP A 947 9.41 -29.58 13.00
C ASP A 947 8.54 -28.44 13.50
N VAL A 948 7.77 -28.68 14.56
CA VAL A 948 6.94 -27.61 15.12
C VAL A 948 7.83 -26.53 15.72
N VAL A 949 8.87 -26.93 16.45
CA VAL A 949 9.81 -25.96 17.01
C VAL A 949 10.52 -25.20 15.90
N ASN A 950 10.95 -25.91 14.86
CA ASN A 950 11.68 -25.27 13.77
C ASN A 950 10.80 -24.30 12.99
N GLN A 951 9.54 -24.66 12.76
CA GLN A 951 8.66 -23.78 11.99
C GLN A 951 8.41 -22.47 12.71
N ASN A 952 8.26 -22.50 14.03
CA ASN A 952 7.99 -21.26 14.75
C ASN A 952 9.23 -20.39 14.84
N ALA A 953 10.41 -20.99 15.04
CA ALA A 953 11.64 -20.22 15.05
C ALA A 953 11.94 -19.65 13.66
N GLN A 954 11.68 -20.44 12.62
CA GLN A 954 11.92 -19.98 11.26
C GLN A 954 10.97 -18.85 10.88
N ALA A 955 9.71 -18.96 11.29
CA ALA A 955 8.75 -17.90 11.02
C ALA A 955 9.10 -16.61 11.75
N LEU A 956 9.58 -16.72 12.99
CA LEU A 956 9.90 -15.54 13.79
C LEU A 956 11.14 -14.83 13.28
N ASN A 957 12.14 -15.60 12.81
CA ASN A 957 13.34 -14.98 12.27
C ASN A 957 13.05 -14.20 10.99
N THR A 958 12.10 -14.67 10.19
CA THR A 958 11.73 -13.92 8.99
C THR A 958 11.14 -12.58 9.37
N LEU A 959 10.32 -12.55 10.42
CA LEU A 959 9.74 -11.29 10.89
C LEU A 959 10.81 -10.30 11.30
N VAL A 960 11.85 -10.79 12.00
CA VAL A 960 12.92 -9.91 12.44
C VAL A 960 13.72 -9.36 11.26
N LYS A 961 14.02 -10.21 10.29
CA LYS A 961 14.79 -9.78 9.13
C LYS A 961 14.09 -8.69 8.35
N GLN A 962 12.75 -8.66 8.38
CA GLN A 962 12.00 -7.65 7.62
C GLN A 962 12.32 -6.23 8.06
N LEU A 963 12.87 -6.05 9.27
CA LEU A 963 13.23 -4.71 9.70
C LEU A 963 14.38 -4.12 8.90
N SER A 964 15.18 -4.97 8.26
CA SER A 964 16.33 -4.50 7.49
C SER A 964 15.96 -4.04 6.09
N SER A 965 14.70 -4.16 5.70
CA SER A 965 14.27 -3.81 4.35
C SER A 965 13.91 -2.34 4.25
N ASN A 966 14.11 -1.76 3.07
CA ASN A 966 13.79 -0.36 2.85
C ASN A 966 12.32 -0.14 2.51
N PHE A 967 11.70 -1.08 1.80
CA PHE A 967 10.31 -0.96 1.33
C PHE A 967 10.10 0.25 0.44
N GLY A 968 11.19 0.81 -0.09
CA GLY A 968 11.12 1.99 -0.94
C GLY A 968 11.65 3.25 -0.28
N ALA A 969 11.76 3.28 1.04
CA ALA A 969 12.31 4.45 1.72
C ALA A 969 13.81 4.56 1.47
N ILE A 970 14.37 5.69 1.89
CA ILE A 970 15.80 5.92 1.69
C ILE A 970 16.65 5.10 2.65
N SER A 971 16.09 4.64 3.76
CA SER A 971 16.86 3.91 4.75
C SER A 971 15.96 2.93 5.48
N SER A 972 16.54 1.81 5.90
CA SER A 972 15.83 0.85 6.72
C SER A 972 15.83 1.23 8.20
N VAL A 973 16.63 2.21 8.60
CA VAL A 973 16.70 2.68 9.98
C VAL A 973 15.80 3.90 10.12
N LEU A 974 14.91 3.86 11.10
CA LEU A 974 13.92 4.94 11.24
C LEU A 974 14.57 6.22 11.73
N ASN A 975 15.55 6.11 12.63
CA ASN A 975 16.19 7.31 13.16
C ASN A 975 17.00 8.05 12.11
N ASP A 976 17.50 7.35 11.09
CA ASP A 976 18.30 8.03 10.08
C ASP A 976 17.45 8.92 9.18
N ILE A 977 16.18 8.60 9.01
CA ILE A 977 15.29 9.49 8.28
C ILE A 977 15.03 10.74 9.10
N LEU A 978 14.71 10.57 10.38
CA LEU A 978 14.42 11.71 11.25
C LEU A 978 15.67 12.56 11.47
N SER A 979 16.83 11.93 11.58
CA SER A 979 18.08 12.63 11.83
C SER A 979 18.63 13.33 10.60
N ARG A 980 18.02 13.15 9.43
CA ARG A 980 18.51 13.75 8.20
C ARG A 980 17.48 14.55 7.44
N LEU A 981 16.20 14.36 7.68
CA LEU A 981 15.14 15.10 7.01
C LEU A 981 14.31 15.85 8.03
N ASP A 982 13.88 17.05 7.65
CA ASP A 982 12.90 17.78 8.41
C ASP A 982 11.48 17.29 8.10
N PRO A 983 10.53 17.52 9.01
CA PRO A 983 9.32 16.67 9.07
C PRO A 983 8.52 16.59 7.77
N PRO A 984 8.33 17.67 7.01
CA PRO A 984 7.40 17.54 5.86
C PRO A 984 7.83 16.52 4.82
N GLU A 985 9.13 16.28 4.70
CA GLU A 985 9.74 15.24 3.87
C GLU A 985 9.84 13.88 4.55
N ALA A 986 10.30 13.83 5.80
CA ALA A 986 10.32 12.58 6.53
C ALA A 986 8.95 11.89 6.59
N GLU A 987 7.85 12.64 6.61
CA GLU A 987 6.54 11.99 6.77
C GLU A 987 6.22 11.03 5.63
N VAL A 988 6.62 11.35 4.40
CA VAL A 988 6.39 10.42 3.29
C VAL A 988 7.32 9.21 3.40
N GLN A 989 8.59 9.44 3.75
CA GLN A 989 9.54 8.35 3.85
C GLN A 989 9.16 7.36 4.94
N ILE A 990 8.62 7.86 6.05
CA ILE A 990 8.21 6.99 7.14
C ILE A 990 7.00 6.16 6.75
N ASP A 991 6.05 6.76 6.04
CA ASP A 991 4.85 6.04 5.61
C ASP A 991 5.20 4.78 4.84
N ARG A 992 6.28 4.81 4.05
CA ARG A 992 6.69 3.60 3.34
C ARG A 992 7.14 2.50 4.31
N LEU A 993 7.83 2.87 5.38
CA LEU A 993 8.26 1.85 6.34
C LEU A 993 7.10 1.31 7.15
N ILE A 994 6.13 2.18 7.50
CA ILE A 994 4.98 1.71 8.27
C ILE A 994 4.15 0.75 7.45
N THR A 995 3.88 1.07 6.18
CA THR A 995 3.10 0.18 5.34
C THR A 995 3.79 -1.17 5.18
N GLY A 996 5.09 -1.16 4.91
CA GLY A 996 5.81 -2.41 4.75
C GLY A 996 5.86 -3.23 6.03
N ARG A 997 6.12 -2.58 7.16
CA ARG A 997 6.25 -3.31 8.40
C ARG A 997 4.90 -3.78 8.93
N LEU A 998 3.83 -3.01 8.70
CA LEU A 998 2.51 -3.43 9.12
C LEU A 998 2.02 -4.64 8.32
N GLN A 999 2.30 -4.65 7.01
CA GLN A 999 1.95 -5.81 6.20
C GLN A 999 2.71 -7.05 6.64
N SER A 1000 3.96 -6.88 7.09
CA SER A 1000 4.75 -8.01 7.56
C SER A 1000 4.13 -8.66 8.79
N LEU A 1001 3.62 -7.86 9.73
CA LEU A 1001 2.96 -8.44 10.90
C LEU A 1001 1.70 -9.20 10.52
N GLN A 1002 0.90 -8.66 9.60
CA GLN A 1002 -0.32 -9.35 9.20
C GLN A 1002 0.00 -10.70 8.56
N THR A 1003 1.09 -10.77 7.79
CA THR A 1003 1.50 -12.03 7.22
C THR A 1003 1.88 -13.04 8.30
N TYR A 1004 2.67 -12.59 9.28
CA TYR A 1004 3.07 -13.47 10.37
C TYR A 1004 1.86 -13.98 11.16
N VAL A 1005 0.97 -13.06 11.54
CA VAL A 1005 -0.17 -13.45 12.37
C VAL A 1005 -1.06 -14.43 11.62
N THR A 1006 -1.29 -14.19 10.33
CA THR A 1006 -2.09 -15.11 9.54
C THR A 1006 -1.45 -16.49 9.50
N GLN A 1007 -0.12 -16.55 9.36
CA GLN A 1007 0.56 -17.84 9.34
C GLN A 1007 0.39 -18.57 10.66
N GLN A 1008 0.41 -17.84 11.78
CA GLN A 1008 0.24 -18.48 13.08
C GLN A 1008 -1.19 -18.95 13.29
N LEU A 1009 -2.19 -18.20 12.78
CA LEU A 1009 -3.57 -18.61 12.97
C LEU A 1009 -3.86 -19.92 12.24
N ILE A 1010 -3.32 -20.09 11.04
CA ILE A 1010 -3.49 -21.33 10.31
C ILE A 1010 -2.70 -22.46 10.98
N ARG A 1011 -1.45 -22.17 11.35
CA ARG A 1011 -0.62 -23.17 11.99
C ARG A 1011 -1.19 -23.59 13.35
N ALA A 1012 -1.73 -22.62 14.10
CA ALA A 1012 -2.32 -22.95 15.40
C ALA A 1012 -3.52 -23.89 15.25
N ALA A 1013 -4.29 -23.71 14.18
CA ALA A 1013 -5.41 -24.61 13.93
C ALA A 1013 -4.94 -26.03 13.66
N GLU A 1014 -3.80 -26.17 12.98
CA GLU A 1014 -3.24 -27.49 12.72
C GLU A 1014 -2.85 -28.19 14.01
N ILE A 1015 -2.24 -27.45 14.94
CA ILE A 1015 -1.84 -28.02 16.23
C ILE A 1015 -3.07 -28.44 17.03
N ARG A 1016 -4.14 -27.63 17.01
CA ARG A 1016 -5.32 -27.97 17.79
C ARG A 1016 -5.91 -29.31 17.36
N ALA A 1017 -5.95 -29.56 16.05
CA ALA A 1017 -6.46 -30.85 15.57
C ALA A 1017 -5.62 -32.00 16.13
N SER A 1018 -4.30 -31.84 16.19
CA SER A 1018 -3.47 -32.85 16.81
C SER A 1018 -3.73 -32.93 18.30
N ALA A 1019 -3.92 -31.79 18.96
CA ALA A 1019 -4.23 -31.79 20.39
C ALA A 1019 -5.56 -32.47 20.66
N ASN A 1020 -6.55 -32.26 19.78
CA ASN A 1020 -7.82 -32.97 19.93
C ASN A 1020 -7.66 -34.45 19.68
N LEU A 1021 -6.83 -34.83 18.71
CA LEU A 1021 -6.54 -36.24 18.47
C LEU A 1021 -5.80 -36.86 19.65
N ALA A 1022 -4.82 -36.14 20.21
CA ALA A 1022 -4.10 -36.68 21.36
C ALA A 1022 -5.02 -36.88 22.56
N ALA A 1023 -5.97 -35.97 22.74
CA ALA A 1023 -6.94 -36.12 23.83
C ALA A 1023 -7.83 -37.33 23.60
N THR A 1024 -8.21 -37.58 22.35
CA THR A 1024 -9.03 -38.75 22.03
C THR A 1024 -8.28 -40.04 22.32
N LYS A 1025 -7.01 -40.11 21.92
CA LYS A 1025 -6.23 -41.32 22.22
C LYS A 1025 -6.07 -41.52 23.71
N MET A 1026 -5.80 -40.45 24.44
CA MET A 1026 -5.65 -40.58 25.88
C MET A 1026 -6.89 -41.22 26.50
N SER A 1027 -8.07 -40.77 26.09
CA SER A 1027 -9.30 -41.30 26.65
C SER A 1027 -9.56 -42.75 26.21
N GLU A 1028 -9.39 -43.04 24.92
CA GLU A 1028 -9.80 -44.32 24.38
C GLU A 1028 -8.66 -45.32 24.24
N CYS A 1029 -7.50 -45.05 24.81
CA CYS A 1029 -6.38 -45.95 24.59
C CYS A 1029 -5.67 -46.20 25.91
N VAL A 1030 -5.56 -45.16 26.73
CA VAL A 1030 -5.01 -45.28 28.07
C VAL A 1030 -6.08 -45.65 29.08
N LEU A 1031 -7.18 -44.89 29.10
CA LEU A 1031 -8.22 -45.09 30.09
C LEU A 1031 -9.11 -46.29 29.77
N GLY A 1032 -9.06 -46.82 28.56
CA GLY A 1032 -9.85 -47.98 28.21
C GLY A 1032 -9.12 -48.92 27.27
N GLN A 1033 -9.87 -49.57 26.38
CA GLN A 1033 -9.28 -50.47 25.39
C GLN A 1033 -10.08 -50.37 24.11
N SER A 1034 -9.38 -50.18 22.99
CA SER A 1034 -10.03 -49.88 21.72
C SER A 1034 -10.26 -51.12 20.89
N LYS A 1035 -11.44 -51.19 20.26
CA LYS A 1035 -11.69 -52.11 19.16
C LYS A 1035 -11.49 -51.45 17.81
N ARG A 1036 -11.10 -50.18 17.78
CA ARG A 1036 -10.84 -49.49 16.53
C ARG A 1036 -9.52 -49.98 15.94
N VAL A 1037 -9.54 -50.37 14.68
CA VAL A 1037 -8.39 -50.98 14.04
C VAL A 1037 -7.36 -49.91 13.73
N ASP A 1038 -6.10 -50.19 14.08
CA ASP A 1038 -4.94 -49.33 13.81
C ASP A 1038 -5.06 -47.95 14.45
N PHE A 1039 -6.04 -47.73 15.32
CA PHE A 1039 -6.13 -46.47 16.04
C PHE A 1039 -5.12 -46.44 17.18
N CYS A 1040 -4.85 -47.59 17.80
CA CYS A 1040 -3.97 -47.66 18.95
C CYS A 1040 -2.79 -48.58 18.67
N GLY A 1041 -2.16 -48.42 17.53
CA GLY A 1041 -1.08 -49.31 17.19
C GLY A 1041 -1.54 -50.49 16.36
N LYS A 1042 -0.62 -51.03 15.57
CA LYS A 1042 -0.94 -52.07 14.60
C LYS A 1042 -0.98 -53.42 15.30
N GLY A 1043 -2.14 -54.06 15.29
CA GLY A 1043 -2.39 -55.27 16.03
C GLY A 1043 -3.63 -55.15 16.88
N TYR A 1044 -3.88 -56.19 17.66
CA TYR A 1044 -5.01 -56.19 18.57
C TYR A 1044 -4.60 -55.47 19.85
N HIS A 1045 -5.22 -54.33 20.13
CA HIS A 1045 -4.78 -53.46 21.20
C HIS A 1045 -4.99 -54.08 22.58
N LEU A 1046 -3.97 -53.97 23.43
CA LEU A 1046 -4.09 -54.31 24.84
C LEU A 1046 -4.10 -53.08 25.73
N MET A 1047 -3.03 -52.30 25.73
CA MET A 1047 -2.98 -51.12 26.59
C MET A 1047 -2.00 -50.12 26.01
N SER A 1048 -2.07 -48.89 26.51
CA SER A 1048 -1.12 -47.84 26.14
C SER A 1048 -0.68 -47.12 27.40
N PHE A 1049 0.51 -46.52 27.33
CA PHE A 1049 1.08 -45.76 28.44
C PHE A 1049 1.49 -44.39 27.93
N PRO A 1050 1.02 -43.30 28.52
CA PRO A 1050 1.45 -41.99 28.06
C PRO A 1050 2.82 -41.63 28.59
N GLN A 1051 3.54 -40.85 27.80
CA GLN A 1051 4.79 -40.23 28.23
C GLN A 1051 4.80 -38.80 27.74
N SER A 1052 5.32 -37.89 28.55
CA SER A 1052 5.39 -36.51 28.13
C SER A 1052 6.60 -36.27 27.24
N ALA A 1053 6.54 -35.19 26.49
CA ALA A 1053 7.64 -34.75 25.64
C ALA A 1053 7.55 -33.23 25.52
N PRO A 1054 8.61 -32.58 25.03
CA PRO A 1054 8.53 -31.14 24.85
C PRO A 1054 7.51 -30.74 23.81
N HIS A 1055 6.41 -30.13 24.23
CA HIS A 1055 5.33 -29.68 23.34
C HIS A 1055 4.66 -30.85 22.64
N GLY A 1056 4.45 -31.94 23.35
CA GLY A 1056 3.78 -33.08 22.76
C GLY A 1056 3.64 -34.21 23.74
N VAL A 1057 3.07 -35.31 23.26
CA VAL A 1057 2.82 -36.50 24.05
C VAL A 1057 3.29 -37.71 23.25
N VAL A 1058 3.82 -38.71 23.95
CA VAL A 1058 4.30 -39.95 23.36
C VAL A 1058 3.53 -41.11 23.97
N PHE A 1059 2.96 -41.96 23.12
CA PHE A 1059 2.21 -43.13 23.54
C PHE A 1059 2.99 -44.40 23.24
N LEU A 1060 3.07 -45.29 24.22
CA LEU A 1060 3.62 -46.62 24.04
C LEU A 1060 2.46 -47.60 23.95
N HIS A 1061 2.21 -48.14 22.76
CA HIS A 1061 1.04 -48.99 22.52
C HIS A 1061 1.46 -50.45 22.60
N VAL A 1062 0.83 -51.20 23.49
CA VAL A 1062 1.11 -52.63 23.67
C VAL A 1062 0.05 -53.40 22.91
N THR A 1063 0.47 -54.19 21.92
CA THR A 1063 -0.46 -54.87 21.04
C THR A 1063 -0.14 -56.36 20.96
N TYR A 1064 -1.18 -57.15 20.66
CA TYR A 1064 -1.08 -58.58 20.48
C TYR A 1064 -1.02 -58.89 18.99
N VAL A 1065 0.03 -59.56 18.54
CA VAL A 1065 0.22 -59.90 17.14
C VAL A 1065 0.35 -61.41 17.00
N PRO A 1066 -0.54 -62.07 16.25
CA PRO A 1066 -0.36 -63.50 15.98
C PRO A 1066 0.97 -63.77 15.28
N ALA A 1067 1.61 -64.89 15.62
CA ALA A 1067 2.99 -65.13 15.19
C ALA A 1067 3.14 -66.31 14.24
N GLN A 1068 2.73 -67.52 14.63
CA GLN A 1068 3.00 -68.72 13.86
C GLN A 1068 1.67 -69.39 13.52
N GLU A 1069 1.57 -69.92 12.30
CA GLU A 1069 0.30 -70.49 11.86
C GLU A 1069 0.52 -71.81 11.14
N LYS A 1070 -0.53 -72.63 11.15
CA LYS A 1070 -0.55 -73.91 10.46
C LYS A 1070 -1.73 -73.98 9.51
N ASN A 1071 -1.58 -74.79 8.47
CA ASN A 1071 -2.67 -75.04 7.52
C ASN A 1071 -3.56 -76.16 8.04
N PHE A 1072 -4.81 -75.83 8.32
CA PHE A 1072 -5.81 -76.81 8.73
C PHE A 1072 -6.93 -76.88 7.70
N THR A 1073 -7.54 -78.05 7.58
CA THR A 1073 -8.74 -78.18 6.79
C THR A 1073 -9.93 -77.81 7.67
N THR A 1074 -10.91 -77.14 7.09
CA THR A 1074 -12.04 -76.62 7.86
C THR A 1074 -13.35 -77.05 7.24
N ALA A 1075 -14.44 -76.71 7.94
CA ALA A 1075 -15.80 -76.99 7.49
C ALA A 1075 -16.75 -76.05 8.20
N PRO A 1076 -17.81 -75.59 7.54
CA PRO A 1076 -18.73 -74.65 8.20
C PRO A 1076 -19.66 -75.28 9.20
N ALA A 1077 -19.94 -76.58 9.09
CA ALA A 1077 -20.88 -77.24 9.98
C ALA A 1077 -20.62 -78.74 9.91
N ILE A 1078 -21.30 -79.47 10.79
CA ILE A 1078 -21.08 -80.92 10.93
C ILE A 1078 -22.42 -81.62 11.04
N CYS A 1079 -22.62 -82.64 10.21
CA CYS A 1079 -23.74 -83.56 10.35
C CYS A 1079 -23.36 -84.68 11.30
N HIS A 1080 -24.18 -84.91 12.32
CA HIS A 1080 -24.02 -86.11 13.16
C HIS A 1080 -25.22 -87.03 13.07
N ASP A 1081 -26.42 -86.55 13.39
CA ASP A 1081 -27.63 -87.35 13.39
C ASP A 1081 -28.65 -86.81 12.40
N GLY A 1082 -28.16 -86.28 11.28
CA GLY A 1082 -29.00 -85.59 10.34
C GLY A 1082 -29.12 -84.11 10.57
N LYS A 1083 -28.74 -83.64 11.76
CA LYS A 1083 -28.83 -82.23 12.12
C LYS A 1083 -27.47 -81.55 11.93
N ALA A 1084 -27.51 -80.28 11.57
CA ALA A 1084 -26.30 -79.49 11.35
C ALA A 1084 -25.86 -78.87 12.66
N HIS A 1085 -24.60 -79.11 13.03
CA HIS A 1085 -24.02 -78.55 14.25
C HIS A 1085 -23.05 -77.45 13.90
N PHE A 1086 -23.20 -76.29 14.53
CA PHE A 1086 -22.34 -75.14 14.31
C PHE A 1086 -21.57 -74.82 15.58
N PRO A 1087 -20.37 -74.28 15.48
CA PRO A 1087 -19.62 -73.92 16.69
C PRO A 1087 -20.30 -72.80 17.44
N ARG A 1088 -20.14 -72.81 18.77
CA ARG A 1088 -20.57 -71.68 19.57
C ARG A 1088 -19.56 -70.54 19.46
N GLU A 1089 -18.32 -70.82 19.81
CA GLU A 1089 -17.21 -69.89 19.62
C GLU A 1089 -16.08 -70.61 18.92
N GLY A 1090 -15.58 -70.03 17.84
CA GLY A 1090 -14.47 -70.61 17.12
C GLY A 1090 -14.88 -71.34 15.87
N VAL A 1091 -13.91 -72.02 15.27
CA VAL A 1091 -14.04 -72.66 13.97
C VAL A 1091 -13.83 -74.16 14.14
N PHE A 1092 -14.33 -74.93 13.17
CA PHE A 1092 -14.00 -76.34 13.08
C PHE A 1092 -12.74 -76.52 12.25
N VAL A 1093 -11.82 -77.34 12.74
CA VAL A 1093 -10.58 -77.63 12.04
C VAL A 1093 -10.32 -79.12 12.08
N SER A 1094 -9.51 -79.58 11.13
CA SER A 1094 -9.05 -80.95 11.09
C SER A 1094 -7.55 -80.96 10.84
N ASN A 1095 -6.84 -81.78 11.61
CA ASN A 1095 -5.42 -82.01 11.38
C ASN A 1095 -5.17 -83.09 10.34
N GLY A 1096 -6.17 -83.40 9.52
CA GLY A 1096 -6.07 -84.40 8.47
C GLY A 1096 -6.95 -85.61 8.69
N THR A 1097 -7.18 -86.01 9.94
CA THR A 1097 -7.93 -87.23 10.21
C THR A 1097 -9.07 -87.02 11.20
N HIS A 1098 -8.89 -86.09 12.15
CA HIS A 1098 -9.85 -85.89 13.21
C HIS A 1098 -10.37 -84.45 13.16
N TRP A 1099 -11.61 -84.25 13.60
CA TRP A 1099 -12.23 -82.94 13.63
C TRP A 1099 -12.30 -82.41 15.05
N PHE A 1100 -11.93 -81.14 15.20
CA PHE A 1100 -11.95 -80.46 16.49
C PHE A 1100 -12.59 -79.10 16.33
N VAL A 1101 -12.95 -78.50 17.45
CA VAL A 1101 -13.38 -77.12 17.52
C VAL A 1101 -12.32 -76.36 18.30
N THR A 1102 -11.95 -75.18 17.81
CA THR A 1102 -10.87 -74.41 18.40
C THR A 1102 -11.19 -72.92 18.31
N GLN A 1103 -10.43 -72.12 19.05
CA GLN A 1103 -10.67 -70.69 19.08
C GLN A 1103 -10.30 -70.07 17.75
N ARG A 1104 -10.43 -68.75 17.67
CA ARG A 1104 -10.02 -68.01 16.49
C ARG A 1104 -8.51 -67.77 16.45
N ASN A 1105 -7.99 -67.05 17.43
CA ASN A 1105 -6.66 -66.45 17.33
C ASN A 1105 -5.59 -67.26 18.06
N PHE A 1106 -5.87 -68.51 18.41
CA PHE A 1106 -4.88 -69.35 19.09
C PHE A 1106 -5.29 -70.80 18.90
N TYR A 1107 -4.49 -71.55 18.16
CA TYR A 1107 -4.83 -72.95 17.92
C TYR A 1107 -4.86 -73.74 19.22
N GLU A 1108 -6.05 -74.18 19.62
CA GLU A 1108 -6.23 -74.95 20.85
C GLU A 1108 -7.35 -75.94 20.61
N PRO A 1109 -7.01 -77.14 20.16
CA PRO A 1109 -8.06 -78.09 19.76
C PRO A 1109 -8.90 -78.57 20.92
N GLN A 1110 -10.16 -78.85 20.63
CA GLN A 1110 -11.09 -79.38 21.61
C GLN A 1110 -11.95 -80.44 20.95
N ILE A 1111 -12.37 -81.43 21.74
CA ILE A 1111 -13.25 -82.46 21.21
C ILE A 1111 -14.65 -81.89 21.04
N ILE A 1112 -15.28 -82.20 19.91
CA ILE A 1112 -16.59 -81.64 19.60
C ILE A 1112 -17.64 -82.31 20.45
N THR A 1113 -18.29 -81.53 21.31
CA THR A 1113 -19.29 -82.05 22.23
C THR A 1113 -20.59 -81.27 22.05
N THR A 1114 -21.60 -81.66 22.82
CA THR A 1114 -22.86 -80.94 22.83
C THR A 1114 -22.71 -79.58 23.51
N ASP A 1115 -21.64 -79.38 24.27
CA ASP A 1115 -21.39 -78.12 24.95
C ASP A 1115 -20.62 -77.12 24.10
N ASN A 1116 -19.99 -77.56 23.01
CA ASN A 1116 -19.26 -76.68 22.12
C ASN A 1116 -20.12 -76.16 20.98
N THR A 1117 -21.21 -76.84 20.64
CA THR A 1117 -21.94 -76.60 19.41
C THR A 1117 -23.42 -76.39 19.69
N PHE A 1118 -24.12 -75.88 18.68
CA PHE A 1118 -25.57 -75.75 18.71
C PHE A 1118 -26.13 -76.29 17.40
N VAL A 1119 -27.40 -76.68 17.43
CA VAL A 1119 -28.05 -77.36 16.32
C VAL A 1119 -29.00 -76.39 15.61
N SER A 1120 -29.10 -76.56 14.30
CA SER A 1120 -30.05 -75.79 13.49
C SER A 1120 -30.31 -76.54 12.19
N GLY A 1121 -31.59 -76.85 11.93
CA GLY A 1121 -31.94 -77.41 10.64
C GLY A 1121 -31.44 -78.83 10.46
N ASN A 1122 -31.18 -79.19 9.20
CA ASN A 1122 -30.72 -80.52 8.84
C ASN A 1122 -29.63 -80.39 7.79
N CYS A 1123 -29.19 -81.53 7.27
CA CYS A 1123 -27.98 -81.61 6.45
C CYS A 1123 -28.12 -81.01 5.06
N ASP A 1124 -29.34 -80.73 4.60
CA ASP A 1124 -29.58 -80.57 3.17
C ASP A 1124 -29.39 -79.15 2.65
N VAL A 1125 -29.17 -78.15 3.52
CA VAL A 1125 -29.21 -76.77 3.10
C VAL A 1125 -27.85 -76.08 3.16
N VAL A 1126 -26.98 -76.45 4.10
CA VAL A 1126 -25.70 -75.78 4.25
C VAL A 1126 -24.71 -76.33 3.25
N ILE A 1127 -23.93 -75.44 2.65
CA ILE A 1127 -22.97 -75.80 1.61
C ILE A 1127 -21.62 -76.10 2.25
N GLY A 1128 -21.16 -77.34 2.11
CA GLY A 1128 -19.86 -77.72 2.62
C GLY A 1128 -19.87 -78.48 3.93
N ILE A 1129 -21.02 -78.96 4.40
CA ILE A 1129 -21.07 -79.67 5.66
C ILE A 1129 -20.38 -81.03 5.52
N VAL A 1130 -19.77 -81.49 6.61
CA VAL A 1130 -18.99 -82.71 6.63
C VAL A 1130 -19.62 -83.68 7.62
N ASN A 1131 -19.12 -84.91 7.61
CA ASN A 1131 -19.62 -85.98 8.45
C ASN A 1131 -18.66 -86.23 9.61
N ASN A 1132 -19.20 -86.28 10.82
CA ASN A 1132 -18.43 -86.62 12.00
C ASN A 1132 -19.42 -87.00 13.10
N THR A 1133 -18.91 -87.15 14.32
CA THR A 1133 -19.73 -87.41 15.49
C THR A 1133 -19.49 -86.32 16.53
N VAL A 1134 -20.56 -85.85 17.14
CA VAL A 1134 -20.46 -84.88 18.24
C VAL A 1134 -20.62 -85.67 19.54
N TYR A 1135 -19.55 -85.76 20.30
CA TYR A 1135 -19.53 -86.60 21.48
C TYR A 1135 -20.47 -86.03 22.54
N ASP A 1136 -21.32 -86.88 23.10
CA ASP A 1136 -22.28 -86.43 24.10
C ASP A 1136 -21.76 -86.79 25.48
N PRO A 1137 -21.38 -85.82 26.31
CA PRO A 1137 -20.82 -86.17 27.63
C PRO A 1137 -21.81 -86.81 28.58
N LEU A 1138 -23.11 -86.63 28.36
CA LEU A 1138 -24.10 -87.17 29.28
C LEU A 1138 -24.27 -88.67 29.14
N GLN A 1139 -24.08 -89.21 27.93
CA GLN A 1139 -24.31 -90.64 27.70
C GLN A 1139 -23.53 -91.53 28.65
N PRO A 1140 -22.20 -91.42 28.78
CA PRO A 1140 -21.49 -92.33 29.70
C PRO A 1140 -21.88 -92.14 31.16
N GLU A 1141 -22.44 -90.99 31.53
CA GLU A 1141 -22.80 -90.75 32.92
C GLU A 1141 -24.08 -91.47 33.32
N LEU A 1142 -25.02 -91.66 32.39
CA LEU A 1142 -26.24 -92.40 32.70
C LEU A 1142 -26.08 -93.89 32.49
N ASP A 1143 -25.17 -94.30 31.59
CA ASP A 1143 -24.93 -95.72 31.38
C ASP A 1143 -24.22 -96.34 32.58
N SER A 1144 -23.34 -95.58 33.22
CA SER A 1144 -22.63 -96.05 34.41
C SER A 1144 -23.43 -95.75 35.68
N ALA B 27 -44.31 4.89 -37.98
CA ALA B 27 -44.25 3.53 -37.43
C ALA B 27 -42.97 3.34 -36.62
N TYR B 28 -43.01 2.39 -35.69
CA TYR B 28 -41.86 2.03 -34.88
C TYR B 28 -41.57 0.54 -35.05
N THR B 29 -40.30 0.16 -34.88
CA THR B 29 -39.93 -1.24 -34.87
C THR B 29 -38.97 -1.53 -33.73
N ASN B 30 -38.73 -2.82 -33.51
CA ASN B 30 -37.88 -3.30 -32.44
C ASN B 30 -36.45 -3.52 -32.93
N SER B 31 -35.48 -2.97 -32.21
CA SER B 31 -34.06 -3.20 -32.47
C SER B 31 -33.67 -4.57 -31.91
N PHE B 32 -33.86 -5.61 -32.71
CA PHE B 32 -33.74 -6.98 -32.24
C PHE B 32 -32.33 -7.34 -31.76
N THR B 33 -31.37 -7.39 -32.68
CA THR B 33 -30.02 -7.85 -32.39
C THR B 33 -28.98 -7.00 -33.12
N ARG B 34 -29.22 -5.69 -33.19
CA ARG B 34 -28.32 -4.76 -33.85
C ARG B 34 -27.74 -3.77 -32.85
N GLY B 35 -26.52 -3.31 -33.14
CA GLY B 35 -25.95 -2.22 -32.38
C GLY B 35 -24.74 -2.58 -31.54
N VAL B 36 -23.97 -3.58 -31.97
CA VAL B 36 -22.75 -3.98 -31.29
C VAL B 36 -21.59 -3.85 -32.26
N TYR B 37 -20.61 -3.04 -31.89
CA TYR B 37 -19.44 -2.77 -32.71
C TYR B 37 -18.18 -3.24 -32.01
N TYR B 38 -17.12 -3.44 -32.78
CA TYR B 38 -15.84 -3.79 -32.18
C TYR B 38 -15.36 -2.61 -31.34
N PRO B 39 -15.17 -2.77 -30.03
CA PRO B 39 -14.91 -1.61 -29.17
C PRO B 39 -13.50 -1.07 -29.26
N ASP B 40 -12.56 -1.83 -29.79
CA ASP B 40 -11.18 -1.38 -29.87
C ASP B 40 -10.55 -1.96 -31.13
N LYS B 41 -9.23 -1.89 -31.21
CA LYS B 41 -8.47 -2.28 -32.39
C LYS B 41 -7.63 -3.53 -32.15
N VAL B 42 -7.98 -4.34 -31.15
CA VAL B 42 -7.17 -5.46 -30.70
C VAL B 42 -7.85 -6.75 -31.12
N PHE B 43 -7.08 -7.67 -31.71
CA PHE B 43 -7.61 -8.99 -32.02
C PHE B 43 -7.80 -9.81 -30.76
N ARG B 44 -8.86 -10.60 -30.74
CA ARG B 44 -9.11 -11.57 -29.68
C ARG B 44 -9.72 -12.82 -30.30
N SER B 45 -9.64 -13.94 -29.58
CA SER B 45 -10.19 -15.17 -30.12
C SER B 45 -10.53 -16.11 -28.98
N SER B 46 -11.69 -16.75 -29.09
CA SER B 46 -12.14 -17.77 -28.14
C SER B 46 -12.07 -17.27 -26.70
N VAL B 47 -12.54 -16.05 -26.48
CA VAL B 47 -12.55 -15.46 -25.15
C VAL B 47 -13.79 -14.58 -25.02
N LEU B 48 -14.39 -14.59 -23.83
CA LEU B 48 -15.56 -13.77 -23.52
C LEU B 48 -15.06 -12.47 -22.91
N HIS B 49 -15.28 -11.36 -23.61
CA HIS B 49 -14.74 -10.07 -23.18
C HIS B 49 -15.86 -9.13 -22.79
N SER B 50 -15.74 -8.56 -21.58
CA SER B 50 -16.70 -7.61 -21.04
C SER B 50 -16.18 -6.19 -21.27
N THR B 51 -17.02 -5.33 -21.85
CA THR B 51 -16.59 -3.97 -22.15
C THR B 51 -17.68 -2.98 -21.77
N GLN B 52 -17.24 -1.78 -21.39
CA GLN B 52 -18.10 -0.67 -21.05
C GLN B 52 -17.94 0.42 -22.12
N ASP B 53 -19.01 0.71 -22.84
CA ASP B 53 -18.98 1.69 -23.92
C ASP B 53 -20.43 2.01 -24.30
N LEU B 54 -20.58 2.90 -25.26
CA LEU B 54 -21.90 3.33 -25.72
C LEU B 54 -22.36 2.39 -26.84
N PHE B 55 -23.33 1.53 -26.55
CA PHE B 55 -23.91 0.64 -27.54
C PHE B 55 -25.40 0.92 -27.65
N LEU B 56 -26.02 0.29 -28.64
CA LEU B 56 -27.47 0.32 -28.80
C LEU B 56 -28.09 -0.80 -27.99
N PRO B 57 -28.92 -0.50 -26.98
CA PRO B 57 -29.52 -1.56 -26.17
C PRO B 57 -30.31 -2.55 -27.01
N PHE B 58 -30.24 -3.82 -26.66
CA PHE B 58 -31.06 -4.82 -27.34
C PHE B 58 -32.54 -4.55 -27.12
N PHE B 59 -33.33 -5.00 -28.10
CA PHE B 59 -34.79 -5.06 -28.00
C PHE B 59 -35.41 -3.69 -27.71
N SER B 60 -34.66 -2.62 -27.96
CA SER B 60 -35.21 -1.27 -27.87
C SER B 60 -36.03 -0.96 -29.11
N ASN B 61 -36.81 0.12 -29.02
CA ASN B 61 -37.61 0.57 -30.14
C ASN B 61 -36.86 1.64 -30.92
N VAL B 62 -36.75 1.45 -32.23
CA VAL B 62 -36.08 2.41 -33.12
C VAL B 62 -37.09 2.91 -34.15
N THR B 63 -37.06 4.22 -34.39
CA THR B 63 -38.06 4.84 -35.25
C THR B 63 -37.81 4.48 -36.72
N TRP B 64 -38.86 4.04 -37.41
CA TRP B 64 -38.78 3.58 -38.79
C TRP B 64 -39.38 4.62 -39.73
N PHE B 65 -38.56 5.15 -40.64
CA PHE B 65 -39.01 6.11 -41.65
C PHE B 65 -39.04 5.45 -43.03
N HIS B 66 -39.87 6.00 -43.90
CA HIS B 66 -40.13 5.45 -45.23
C HIS B 66 -39.67 6.42 -46.30
N ALA B 67 -39.62 5.95 -47.55
CA ALA B 67 -39.26 6.81 -48.68
C ALA B 67 -40.09 6.51 -49.92
N ILE B 68 -41.40 6.32 -49.75
CA ILE B 68 -42.28 6.13 -50.90
C ILE B 68 -43.50 7.03 -50.76
N HIS B 69 -44.06 7.41 -51.90
CA HIS B 69 -45.22 8.31 -51.99
C HIS B 69 -45.06 9.55 -51.12
N ASP B 80 -39.21 12.80 -46.76
CA ASP B 80 -39.48 12.00 -45.57
C ASP B 80 -38.23 11.84 -44.72
N ASN B 81 -37.80 12.94 -44.12
CA ASN B 81 -36.62 12.96 -43.27
C ASN B 81 -36.60 14.14 -42.29
N PRO B 82 -37.41 14.10 -41.23
CA PRO B 82 -37.45 15.22 -40.28
C PRO B 82 -36.16 15.44 -39.50
N VAL B 83 -36.21 16.36 -38.55
CA VAL B 83 -35.11 16.55 -37.61
C VAL B 83 -34.95 15.28 -36.77
N LEU B 84 -33.70 14.84 -36.60
CA LEU B 84 -33.37 13.73 -35.71
C LEU B 84 -32.33 14.21 -34.71
N PRO B 85 -32.64 14.26 -33.42
CA PRO B 85 -31.66 14.74 -32.44
C PRO B 85 -30.49 13.79 -32.27
N PHE B 86 -29.50 14.25 -31.50
CA PHE B 86 -28.20 13.60 -31.37
C PHE B 86 -27.77 13.59 -29.91
N ASN B 87 -28.65 13.10 -29.03
CA ASN B 87 -28.48 13.21 -27.58
C ASN B 87 -27.07 12.88 -27.10
N ASP B 88 -26.64 11.61 -27.25
CA ASP B 88 -25.28 11.24 -26.87
C ASP B 88 -24.67 10.23 -27.83
N GLY B 89 -25.25 10.05 -28.99
CA GLY B 89 -24.84 9.04 -29.93
C GLY B 89 -26.05 8.52 -30.67
N VAL B 90 -25.82 8.00 -31.87
CA VAL B 90 -26.90 7.58 -32.73
C VAL B 90 -26.51 6.30 -33.45
N TYR B 91 -27.41 5.32 -33.43
CA TYR B 91 -27.31 4.17 -34.32
C TYR B 91 -28.13 4.50 -35.56
N PHE B 92 -27.55 4.33 -36.73
CA PHE B 92 -28.26 4.56 -37.96
C PHE B 92 -28.05 3.37 -38.86
N ALA B 93 -29.12 2.95 -39.54
CA ALA B 93 -29.04 1.86 -40.49
C ALA B 93 -30.04 2.11 -41.60
N SER B 94 -29.76 1.59 -42.78
CA SER B 94 -30.70 1.69 -43.87
C SER B 94 -30.64 0.42 -44.71
N THR B 95 -31.76 0.09 -45.33
CA THR B 95 -31.86 -1.04 -46.23
C THR B 95 -32.25 -0.53 -47.60
N GLU B 96 -31.55 -1.01 -48.62
CA GLU B 96 -31.75 -0.51 -49.98
C GLU B 96 -31.90 -1.64 -50.97
N LYS B 97 -32.50 -1.31 -52.11
CA LYS B 97 -32.40 -2.10 -53.32
C LYS B 97 -31.99 -1.28 -54.53
N SER B 98 -31.94 0.06 -54.40
CA SER B 98 -31.48 0.92 -55.49
C SER B 98 -30.61 2.06 -55.01
N ASN B 99 -30.19 2.08 -53.74
CA ASN B 99 -29.28 3.09 -53.19
C ASN B 99 -29.87 4.50 -53.32
N ILE B 100 -31.01 4.69 -52.64
CA ILE B 100 -31.67 5.99 -52.64
C ILE B 100 -31.18 6.89 -51.51
N ILE B 101 -31.04 6.35 -50.30
CA ILE B 101 -30.44 7.13 -49.23
C ILE B 101 -28.95 7.28 -49.54
N ARG B 102 -28.52 8.54 -49.70
CA ARG B 102 -27.15 8.80 -50.14
C ARG B 102 -26.34 9.69 -49.22
N GLY B 103 -26.88 10.20 -48.11
CA GLY B 103 -26.04 11.10 -47.35
C GLY B 103 -26.58 11.45 -45.99
N TRP B 104 -25.82 12.30 -45.29
CA TRP B 104 -26.06 12.70 -43.92
C TRP B 104 -25.79 14.19 -43.78
N ILE B 105 -26.53 14.84 -42.88
CA ILE B 105 -26.26 16.22 -42.48
C ILE B 105 -26.24 16.25 -40.96
N PHE B 106 -25.24 16.90 -40.40
CA PHE B 106 -25.07 16.99 -38.96
C PHE B 106 -25.02 18.47 -38.57
N GLY B 107 -24.70 18.74 -37.31
CA GLY B 107 -24.50 20.11 -36.89
C GLY B 107 -25.69 20.68 -36.14
N THR B 108 -25.44 21.80 -35.46
CA THR B 108 -26.45 22.40 -34.59
C THR B 108 -27.57 23.09 -35.37
N THR B 109 -27.24 23.86 -36.40
CA THR B 109 -28.22 24.78 -37.00
C THR B 109 -28.35 24.68 -38.51
N LEU B 110 -27.35 24.18 -39.24
CA LEU B 110 -27.50 23.80 -40.64
C LEU B 110 -27.80 24.98 -41.56
N ASP B 111 -27.04 26.06 -41.43
CA ASP B 111 -27.13 27.15 -42.40
C ASP B 111 -25.80 27.35 -43.10
N SER B 112 -25.07 26.25 -43.34
CA SER B 112 -23.72 26.22 -43.89
C SER B 112 -22.72 26.86 -42.95
N LYS B 113 -23.15 27.31 -41.76
CA LYS B 113 -22.25 27.95 -40.81
C LYS B 113 -21.43 26.93 -40.04
N THR B 114 -21.96 25.73 -39.83
CA THR B 114 -21.24 24.65 -39.16
C THR B 114 -21.02 23.52 -40.16
N GLN B 115 -19.96 22.76 -39.93
CA GLN B 115 -19.61 21.69 -40.87
C GLN B 115 -20.70 20.62 -40.85
N SER B 116 -20.84 19.95 -42.00
CA SER B 116 -21.88 18.95 -42.18
C SER B 116 -21.32 17.91 -43.14
N LEU B 117 -20.90 16.76 -42.61
CA LEU B 117 -20.50 15.64 -43.44
C LEU B 117 -21.47 15.47 -44.60
N LEU B 118 -20.94 15.13 -45.76
CA LEU B 118 -21.78 14.97 -46.95
C LEU B 118 -21.21 13.83 -47.78
N ILE B 119 -22.04 12.85 -48.08
CA ILE B 119 -21.66 11.70 -48.88
C ILE B 119 -22.52 11.66 -50.12
N VAL B 120 -21.88 11.46 -51.27
CA VAL B 120 -22.57 11.32 -52.55
C VAL B 120 -22.04 10.04 -53.19
N ASN B 121 -22.95 9.22 -53.69
CA ASN B 121 -22.58 7.98 -54.37
C ASN B 121 -23.09 8.09 -55.79
N ASN B 122 -22.23 8.53 -56.70
CA ASN B 122 -22.62 8.73 -58.10
C ASN B 122 -22.37 7.49 -58.94
N ALA B 123 -22.78 6.34 -58.41
CA ALA B 123 -22.87 5.07 -59.14
C ALA B 123 -21.52 4.55 -59.62
N THR B 124 -20.46 5.34 -59.47
CA THR B 124 -19.13 4.93 -59.90
C THR B 124 -18.01 5.24 -58.91
N ASN B 125 -18.17 6.24 -58.04
CA ASN B 125 -17.10 6.70 -57.17
C ASN B 125 -17.70 7.16 -55.85
N VAL B 126 -17.32 6.50 -54.76
CA VAL B 126 -17.71 6.98 -53.44
C VAL B 126 -17.15 8.38 -53.24
N VAL B 127 -18.03 9.32 -52.90
CA VAL B 127 -17.64 10.71 -52.69
C VAL B 127 -18.05 11.10 -51.29
N ILE B 128 -17.07 11.57 -50.50
CA ILE B 128 -17.29 12.02 -49.13
C ILE B 128 -16.70 13.42 -49.00
N LYS B 129 -17.49 14.37 -48.48
CA LYS B 129 -16.97 15.70 -48.25
C LYS B 129 -17.49 16.22 -46.90
N VAL B 130 -16.86 17.30 -46.43
CA VAL B 130 -17.26 17.94 -45.18
C VAL B 130 -17.43 19.43 -45.51
N CYS B 131 -17.66 19.73 -46.79
CA CYS B 131 -17.84 21.10 -47.21
C CYS B 131 -19.11 21.68 -46.61
N GLU B 132 -19.06 22.98 -46.28
CA GLU B 132 -20.17 23.67 -45.63
C GLU B 132 -21.12 24.20 -46.71
N PHE B 133 -21.90 23.28 -47.27
CA PHE B 133 -22.87 23.63 -48.30
C PHE B 133 -24.09 24.33 -47.70
N GLN B 134 -24.73 25.16 -48.52
CA GLN B 134 -26.06 25.68 -48.24
C GLN B 134 -27.06 24.87 -49.04
N PHE B 135 -27.95 24.17 -48.36
CA PHE B 135 -28.85 23.23 -49.01
C PHE B 135 -30.17 23.91 -49.36
N CYS B 136 -30.96 23.22 -50.20
CA CYS B 136 -32.26 23.71 -50.62
C CYS B 136 -33.24 23.76 -49.44
N ASN B 137 -34.47 24.21 -49.72
CA ASN B 137 -35.49 24.23 -48.68
C ASN B 137 -35.65 22.85 -48.06
N ASP B 138 -35.83 21.84 -48.90
CA ASP B 138 -35.70 20.45 -48.48
C ASP B 138 -34.30 20.00 -48.86
N PRO B 139 -33.44 19.67 -47.92
CA PRO B 139 -32.14 19.08 -48.30
C PRO B 139 -32.35 17.72 -48.96
N PHE B 140 -31.88 17.59 -50.20
CA PHE B 140 -32.02 16.34 -50.93
C PHE B 140 -31.17 16.42 -52.19
N LEU B 141 -31.14 15.31 -52.92
CA LEU B 141 -30.51 15.20 -54.22
C LEU B 141 -31.56 14.74 -55.23
N GLY B 142 -31.24 14.86 -56.50
CA GLY B 142 -32.14 14.44 -57.56
C GLY B 142 -31.45 13.59 -58.59
N VAL B 143 -32.21 12.63 -59.12
CA VAL B 143 -31.71 11.74 -60.16
C VAL B 143 -31.80 12.41 -61.52
N ASN B 165 -15.65 26.41 -46.27
CA ASN B 165 -14.41 26.25 -45.51
C ASN B 165 -14.10 24.76 -45.41
N CYS B 166 -14.14 24.11 -46.58
CA CYS B 166 -14.02 22.65 -46.68
C CYS B 166 -12.82 22.12 -45.91
N THR B 167 -13.02 21.02 -45.20
CA THR B 167 -12.00 20.46 -44.33
C THR B 167 -11.72 18.99 -44.64
N PHE B 168 -12.24 18.48 -45.75
CA PHE B 168 -11.96 17.11 -46.18
C PHE B 168 -12.65 16.89 -47.52
N GLU B 169 -12.23 15.85 -48.23
CA GLU B 169 -12.95 15.24 -49.35
C GLU B 169 -12.23 13.95 -49.67
N TYR B 170 -13.00 12.90 -49.99
CA TYR B 170 -12.40 11.62 -50.37
C TYR B 170 -13.16 10.92 -51.50
N VAL B 171 -12.41 10.33 -52.43
CA VAL B 171 -12.95 9.51 -53.51
C VAL B 171 -12.18 8.21 -53.55
N SER B 172 -12.91 7.09 -53.60
CA SER B 172 -12.30 5.77 -53.70
C SER B 172 -12.03 5.41 -55.15
N PHE B 186 -35.64 -4.75 -51.13
CA PHE B 186 -34.49 -4.49 -50.26
C PHE B 186 -33.52 -5.66 -50.31
N LYS B 187 -32.23 -5.35 -50.48
CA LYS B 187 -31.22 -6.39 -50.57
C LYS B 187 -30.01 -6.13 -49.68
N ASN B 188 -29.71 -4.86 -49.42
CA ASN B 188 -28.49 -4.48 -48.72
C ASN B 188 -28.83 -3.61 -47.52
N LEU B 189 -28.40 -4.05 -46.33
CA LEU B 189 -28.55 -3.29 -45.10
C LEU B 189 -27.19 -2.72 -44.70
N ARG B 190 -27.14 -1.41 -44.47
CA ARG B 190 -25.89 -0.71 -44.18
C ARG B 190 -26.02 -0.04 -42.81
N GLU B 191 -25.29 -0.57 -41.82
CA GLU B 191 -25.40 -0.17 -40.43
C GLU B 191 -24.29 0.81 -40.05
N PHE B 192 -24.63 1.79 -39.21
CA PHE B 192 -23.69 2.83 -38.78
C PHE B 192 -23.81 3.10 -37.29
N VAL B 193 -22.72 3.57 -36.70
CA VAL B 193 -22.73 4.14 -35.35
C VAL B 193 -22.04 5.50 -35.37
N PHE B 194 -22.70 6.51 -34.81
CA PHE B 194 -22.19 7.88 -34.78
C PHE B 194 -22.08 8.37 -33.35
N LYS B 195 -20.86 8.66 -32.90
CA LYS B 195 -20.63 9.23 -31.59
C LYS B 195 -19.52 10.28 -31.65
N ASN B 196 -19.59 11.26 -30.76
CA ASN B 196 -18.61 12.34 -30.68
C ASN B 196 -17.95 12.30 -29.30
N ILE B 197 -16.66 11.98 -29.26
CA ILE B 197 -15.89 11.94 -28.02
C ILE B 197 -14.74 12.94 -28.14
N ASP B 198 -14.82 14.03 -27.38
CA ASP B 198 -13.74 15.02 -27.27
C ASP B 198 -13.29 15.51 -28.64
N GLY B 199 -14.26 15.81 -29.51
CA GLY B 199 -13.97 16.37 -30.81
C GLY B 199 -13.70 15.36 -31.90
N TYR B 200 -13.82 14.06 -31.63
CA TYR B 200 -13.63 13.04 -32.65
C TYR B 200 -14.99 12.49 -33.07
N PHE B 201 -15.29 12.59 -34.37
CA PHE B 201 -16.52 12.05 -34.92
C PHE B 201 -16.21 10.63 -35.39
N LYS B 202 -16.70 9.64 -34.66
CA LYS B 202 -16.30 8.25 -34.85
C LYS B 202 -17.34 7.51 -35.68
N ILE B 203 -16.90 6.88 -36.76
CA ILE B 203 -17.76 6.19 -37.70
C ILE B 203 -17.40 4.70 -37.73
N TYR B 204 -18.42 3.85 -37.54
CA TYR B 204 -18.30 2.41 -37.68
C TYR B 204 -19.24 2.00 -38.79
N SER B 205 -18.92 0.92 -39.50
CA SER B 205 -19.81 0.51 -40.58
C SER B 205 -19.62 -0.96 -40.90
N LYS B 206 -20.67 -1.56 -41.48
CA LYS B 206 -20.55 -2.89 -42.03
C LYS B 206 -21.65 -3.07 -43.08
N HIS B 207 -21.30 -3.67 -44.22
CA HIS B 207 -22.25 -3.96 -45.28
C HIS B 207 -22.62 -5.44 -45.23
N THR B 208 -23.91 -5.74 -45.36
CA THR B 208 -24.32 -7.13 -45.34
C THR B 208 -25.48 -7.41 -46.28
N PRO B 209 -25.47 -8.58 -46.92
CA PRO B 209 -26.64 -8.99 -47.72
C PRO B 209 -27.82 -9.36 -46.85
N ILE B 210 -29.00 -8.94 -47.28
CA ILE B 210 -30.25 -9.35 -46.64
C ILE B 210 -31.28 -9.62 -47.74
N ASN B 211 -32.32 -10.36 -47.37
CA ASN B 211 -33.48 -10.57 -48.24
C ASN B 211 -34.73 -10.46 -47.36
N LEU B 212 -35.24 -9.24 -47.21
CA LEU B 212 -36.43 -9.01 -46.41
C LEU B 212 -36.98 -7.62 -46.73
N VAL B 213 -38.27 -7.55 -46.98
CA VAL B 213 -38.94 -6.28 -47.24
C VAL B 213 -39.72 -5.78 -46.02
N ARG B 214 -39.95 -6.63 -45.02
CA ARG B 214 -40.81 -6.26 -43.92
C ARG B 214 -40.12 -5.30 -42.95
N ASP B 215 -38.96 -5.69 -42.43
CA ASP B 215 -38.37 -4.99 -41.29
C ASP B 215 -36.90 -5.37 -41.20
N LEU B 216 -36.28 -5.04 -40.06
CA LEU B 216 -34.93 -5.50 -39.78
C LEU B 216 -34.92 -7.03 -39.70
N PRO B 217 -34.08 -7.71 -40.48
CA PRO B 217 -33.95 -9.16 -40.30
C PRO B 217 -33.36 -9.47 -38.94
N GLN B 218 -33.75 -10.62 -38.38
CA GLN B 218 -33.28 -11.03 -37.07
C GLN B 218 -31.95 -11.75 -37.22
N GLY B 219 -30.94 -11.24 -36.54
CA GLY B 219 -29.60 -11.79 -36.63
C GLY B 219 -28.60 -10.83 -36.06
N PHE B 220 -27.37 -11.32 -35.87
CA PHE B 220 -26.31 -10.57 -35.23
C PHE B 220 -25.21 -10.24 -36.21
N SER B 221 -24.65 -9.03 -36.06
CA SER B 221 -23.51 -8.59 -36.84
C SER B 221 -22.77 -7.52 -36.05
N ALA B 222 -21.45 -7.54 -36.16
CA ALA B 222 -20.60 -6.56 -35.48
C ALA B 222 -20.13 -5.50 -36.46
N LEU B 223 -19.99 -4.28 -35.96
CA LEU B 223 -19.70 -3.12 -36.79
C LEU B 223 -18.23 -2.75 -36.60
N GLU B 224 -17.41 -2.99 -37.62
CA GLU B 224 -16.06 -2.52 -37.36
C GLU B 224 -15.92 -1.05 -37.73
N PRO B 225 -15.03 -0.32 -37.07
CA PRO B 225 -14.73 1.04 -37.50
C PRO B 225 -13.98 1.06 -38.83
N LEU B 226 -14.25 2.07 -39.62
CA LEU B 226 -13.50 2.28 -40.86
C LEU B 226 -12.86 3.66 -40.96
N VAL B 227 -13.57 4.71 -40.57
CA VAL B 227 -13.11 6.07 -40.77
C VAL B 227 -13.32 6.86 -39.48
N ASP B 228 -12.43 7.80 -39.20
CA ASP B 228 -12.54 8.68 -38.04
C ASP B 228 -12.19 10.10 -38.46
N LEU B 229 -13.19 10.97 -38.58
CA LEU B 229 -12.97 12.34 -39.01
C LEU B 229 -13.02 13.27 -37.81
N PRO B 230 -11.90 13.91 -37.43
CA PRO B 230 -11.86 14.80 -36.27
C PRO B 230 -12.38 16.20 -36.57
N ILE B 231 -13.59 16.27 -37.14
CA ILE B 231 -14.13 17.55 -37.60
C ILE B 231 -14.34 18.53 -36.46
N GLY B 232 -14.47 18.03 -35.23
CA GLY B 232 -14.58 18.89 -34.06
C GLY B 232 -15.84 19.73 -34.02
N ILE B 233 -16.94 19.21 -34.56
CA ILE B 233 -18.20 19.93 -34.49
C ILE B 233 -18.79 19.77 -33.09
N ASN B 234 -19.73 20.64 -32.74
CA ASN B 234 -20.66 20.39 -31.65
C ASN B 234 -21.99 19.98 -32.29
N ILE B 235 -22.30 18.68 -32.24
CA ILE B 235 -23.45 18.12 -32.93
C ILE B 235 -24.54 17.83 -31.90
N THR B 236 -25.74 18.36 -32.16
CA THR B 236 -26.93 18.03 -31.37
C THR B 236 -28.12 17.70 -32.25
N ARG B 237 -27.92 17.54 -33.56
CA ARG B 237 -29.02 17.31 -34.49
C ARG B 237 -28.43 16.72 -35.77
N PHE B 238 -29.26 15.98 -36.51
CA PHE B 238 -28.79 15.53 -37.82
C PHE B 238 -29.98 15.33 -38.75
N GLN B 239 -29.73 14.75 -39.92
CA GLN B 239 -30.72 14.55 -40.96
C GLN B 239 -30.14 13.64 -42.03
N THR B 240 -31.03 12.98 -42.78
CA THR B 240 -30.66 12.14 -43.91
C THR B 240 -30.89 12.91 -45.22
N LEU B 241 -30.35 12.35 -46.31
CA LEU B 241 -30.43 12.93 -47.65
C LEU B 241 -31.01 11.90 -48.60
N LEU B 242 -32.10 12.25 -49.26
CA LEU B 242 -32.80 11.36 -50.18
C LEU B 242 -32.62 11.82 -51.61
N ALA B 243 -32.48 10.87 -52.52
CA ALA B 243 -32.41 11.15 -53.95
C ALA B 243 -33.78 10.95 -54.57
N LEU B 244 -34.26 11.97 -55.28
CA LEU B 244 -35.60 11.97 -55.87
C LEU B 244 -35.51 11.81 -57.37
N HIS B 245 -36.43 11.03 -57.92
CA HIS B 245 -36.50 10.83 -59.38
C HIS B 245 -37.12 12.05 -60.05
N ALA B 263 -37.45 2.50 -49.08
CA ALA B 263 -36.11 2.84 -48.63
C ALA B 263 -36.10 3.25 -47.17
N ALA B 264 -36.04 2.25 -46.29
CA ALA B 264 -36.14 2.48 -44.86
C ALA B 264 -34.82 2.97 -44.29
N TYR B 265 -34.91 3.77 -43.23
CA TYR B 265 -33.80 3.97 -42.32
C TYR B 265 -34.33 4.03 -40.90
N TYR B 266 -33.45 3.73 -39.94
CA TYR B 266 -33.84 3.56 -38.56
C TYR B 266 -32.95 4.42 -37.67
N VAL B 267 -33.52 5.01 -36.63
CA VAL B 267 -32.78 5.86 -35.72
C VAL B 267 -32.90 5.33 -34.30
N GLY B 268 -31.76 5.01 -33.69
CA GLY B 268 -31.70 4.61 -32.31
C GLY B 268 -30.79 5.57 -31.56
N TYR B 269 -30.73 5.41 -30.25
CA TYR B 269 -29.83 6.24 -29.45
C TYR B 269 -29.01 5.36 -28.52
N LEU B 270 -27.77 5.76 -28.29
CA LEU B 270 -26.82 4.95 -27.55
C LEU B 270 -26.80 5.33 -26.07
N GLN B 271 -26.46 4.36 -25.24
CA GLN B 271 -26.34 4.54 -23.80
C GLN B 271 -25.18 3.68 -23.31
N PRO B 272 -24.63 3.99 -22.13
CA PRO B 272 -23.49 3.21 -21.63
C PRO B 272 -23.87 1.81 -21.17
N ARG B 273 -24.17 0.90 -22.10
CA ARG B 273 -24.43 -0.49 -21.75
C ARG B 273 -23.17 -1.33 -21.80
N THR B 274 -22.99 -2.14 -20.76
CA THR B 274 -21.91 -3.12 -20.70
C THR B 274 -22.34 -4.36 -21.46
N PHE B 275 -21.49 -4.84 -22.34
CA PHE B 275 -21.78 -6.01 -23.16
C PHE B 275 -20.77 -7.11 -22.88
N LEU B 276 -21.24 -8.34 -22.89
CA LEU B 276 -20.38 -9.51 -22.86
C LEU B 276 -20.29 -9.99 -24.30
N LEU B 277 -19.09 -9.92 -24.87
CA LEU B 277 -18.89 -10.21 -26.28
C LEU B 277 -18.25 -11.58 -26.43
N LYS B 278 -18.87 -12.42 -27.25
CA LYS B 278 -18.37 -13.78 -27.47
C LYS B 278 -17.61 -13.80 -28.79
N TYR B 279 -16.31 -14.05 -28.72
CA TYR B 279 -15.47 -14.14 -29.90
C TYR B 279 -15.31 -15.61 -30.28
N ASN B 280 -15.59 -15.93 -31.53
CA ASN B 280 -15.38 -17.29 -31.99
C ASN B 280 -13.89 -17.52 -32.21
N GLU B 281 -13.54 -18.72 -32.68
CA GLU B 281 -12.13 -19.04 -32.87
C GLU B 281 -11.51 -18.27 -34.02
N ASN B 282 -12.33 -17.64 -34.88
CA ASN B 282 -11.82 -16.80 -35.96
C ASN B 282 -11.74 -15.34 -35.59
N GLY B 283 -12.08 -14.98 -34.36
CA GLY B 283 -11.88 -13.62 -33.88
C GLY B 283 -12.97 -12.64 -34.19
N THR B 284 -14.13 -13.08 -34.66
CA THR B 284 -15.25 -12.19 -34.95
C THR B 284 -16.34 -12.37 -33.89
N ILE B 285 -16.96 -11.25 -33.51
CA ILE B 285 -18.00 -11.27 -32.49
C ILE B 285 -19.18 -12.09 -32.98
N THR B 286 -19.54 -13.13 -32.23
CA THR B 286 -20.60 -14.04 -32.64
C THR B 286 -21.87 -13.92 -31.81
N ASP B 287 -21.78 -13.38 -30.59
CA ASP B 287 -22.96 -13.20 -29.76
C ASP B 287 -22.71 -12.03 -28.81
N ALA B 288 -23.73 -11.66 -28.06
CA ALA B 288 -23.59 -10.59 -27.07
C ALA B 288 -24.71 -10.67 -26.06
N VAL B 289 -24.40 -10.26 -24.83
CA VAL B 289 -25.36 -10.14 -23.74
C VAL B 289 -25.34 -8.72 -23.21
N ASP B 290 -26.52 -8.09 -23.15
CA ASP B 290 -26.62 -6.76 -22.57
C ASP B 290 -26.77 -6.94 -21.06
N CYS B 291 -25.83 -6.36 -20.30
CA CYS B 291 -25.74 -6.66 -18.88
C CYS B 291 -26.73 -5.85 -18.05
N ALA B 292 -27.76 -5.28 -18.68
CA ALA B 292 -28.87 -4.71 -17.93
C ALA B 292 -30.22 -4.92 -18.61
N LEU B 293 -30.31 -5.81 -19.59
CA LEU B 293 -31.57 -6.00 -20.31
C LEU B 293 -32.63 -6.60 -19.40
N ASP B 294 -32.27 -7.64 -18.65
CA ASP B 294 -33.20 -8.33 -17.76
C ASP B 294 -32.39 -9.10 -16.73
N PRO B 295 -33.01 -9.55 -15.64
CA PRO B 295 -32.22 -10.23 -14.59
C PRO B 295 -31.45 -11.45 -15.07
N LEU B 296 -31.96 -12.20 -16.06
CA LEU B 296 -31.21 -13.35 -16.53
C LEU B 296 -29.94 -12.94 -17.26
N SER B 297 -30.02 -11.91 -18.10
CA SER B 297 -28.81 -11.46 -18.81
C SER B 297 -27.80 -10.88 -17.85
N GLU B 298 -28.26 -10.20 -16.81
CA GLU B 298 -27.35 -9.69 -15.79
C GLU B 298 -26.64 -10.83 -15.09
N THR B 299 -27.34 -11.94 -14.83
CA THR B 299 -26.71 -13.09 -14.20
C THR B 299 -25.60 -13.65 -15.08
N LYS B 300 -25.86 -13.78 -16.38
CA LYS B 300 -24.84 -14.28 -17.29
C LYS B 300 -23.58 -13.42 -17.25
N CYS B 301 -23.75 -12.11 -17.17
CA CYS B 301 -22.60 -11.21 -17.12
C CYS B 301 -21.79 -11.39 -15.85
N THR B 302 -22.47 -11.55 -14.70
CA THR B 302 -21.75 -11.74 -13.44
C THR B 302 -20.91 -13.01 -13.47
N LEU B 303 -21.46 -14.10 -14.03
CA LEU B 303 -20.73 -15.35 -14.07
C LEU B 303 -19.78 -15.44 -15.26
N LYS B 304 -19.79 -14.46 -16.15
CA LYS B 304 -18.97 -14.48 -17.36
C LYS B 304 -19.20 -15.76 -18.15
N SER B 305 -20.46 -16.07 -18.39
CA SER B 305 -20.82 -17.28 -19.13
C SER B 305 -22.13 -17.05 -19.86
N PHE B 306 -22.38 -17.87 -20.88
CA PHE B 306 -23.63 -17.88 -21.59
C PHE B 306 -24.57 -18.98 -21.13
N THR B 307 -24.17 -19.77 -20.14
CA THR B 307 -25.03 -20.79 -19.56
C THR B 307 -25.02 -20.64 -18.04
N VAL B 308 -26.19 -20.76 -17.43
CA VAL B 308 -26.34 -20.57 -16.00
C VAL B 308 -26.92 -21.85 -15.41
N GLU B 309 -26.21 -22.43 -14.45
CA GLU B 309 -26.67 -23.63 -13.75
C GLU B 309 -27.78 -23.27 -12.78
N LYS B 310 -28.60 -24.27 -12.43
CA LYS B 310 -29.68 -24.06 -11.49
C LYS B 310 -29.13 -23.58 -10.15
N GLY B 311 -29.80 -22.60 -9.56
CA GLY B 311 -29.41 -22.12 -8.25
C GLY B 311 -29.87 -20.69 -8.04
N ILE B 312 -29.40 -20.12 -6.94
CA ILE B 312 -29.67 -18.74 -6.57
C ILE B 312 -28.36 -17.97 -6.60
N TYR B 313 -28.36 -16.84 -7.30
CA TYR B 313 -27.16 -16.04 -7.50
C TYR B 313 -27.39 -14.62 -7.01
N GLN B 314 -26.37 -14.03 -6.41
CA GLN B 314 -26.38 -12.62 -6.05
C GLN B 314 -25.69 -11.84 -7.15
N THR B 315 -26.42 -10.93 -7.80
CA THR B 315 -25.92 -10.31 -9.02
C THR B 315 -25.67 -8.81 -8.90
N SER B 316 -26.37 -8.10 -8.01
CA SER B 316 -26.22 -6.65 -7.97
C SER B 316 -26.69 -6.15 -6.61
N ASN B 317 -26.92 -4.84 -6.52
CA ASN B 317 -27.37 -4.19 -5.30
C ASN B 317 -28.47 -3.20 -5.65
N PHE B 318 -29.56 -3.26 -4.89
CA PHE B 318 -30.70 -2.37 -5.10
C PHE B 318 -30.41 -1.01 -4.50
N ARG B 319 -30.72 0.05 -5.25
CA ARG B 319 -30.47 1.41 -4.81
C ARG B 319 -31.64 2.30 -5.18
N VAL B 320 -32.10 3.11 -4.23
CA VAL B 320 -33.06 4.17 -4.50
C VAL B 320 -32.30 5.45 -4.84
N GLN B 321 -32.69 6.09 -5.92
CA GLN B 321 -31.92 7.28 -6.29
C GLN B 321 -32.51 8.54 -5.65
N PRO B 322 -31.68 9.54 -5.39
CA PRO B 322 -32.20 10.81 -4.89
C PRO B 322 -33.04 11.53 -5.95
N THR B 323 -34.03 12.28 -5.48
CA THR B 323 -35.00 12.93 -6.35
C THR B 323 -34.67 14.38 -6.66
N GLU B 324 -34.21 15.14 -5.67
CA GLU B 324 -33.99 16.57 -5.82
C GLU B 324 -32.84 17.00 -4.93
N SER B 325 -32.48 18.27 -5.01
CA SER B 325 -31.40 18.82 -4.20
C SER B 325 -31.93 19.79 -3.16
N ILE B 326 -31.27 19.82 -2.01
CA ILE B 326 -31.59 20.74 -0.92
C ILE B 326 -30.34 21.52 -0.55
N VAL B 327 -30.41 22.84 -0.64
CA VAL B 327 -29.33 23.72 -0.23
C VAL B 327 -29.88 24.62 0.86
N ARG B 328 -29.30 24.53 2.06
CA ARG B 328 -29.75 25.31 3.21
C ARG B 328 -28.56 26.08 3.78
N PHE B 329 -28.56 27.39 3.59
CA PHE B 329 -27.56 28.30 4.12
C PHE B 329 -28.26 29.34 5.00
N PRO B 330 -27.58 29.90 6.00
CA PRO B 330 -28.21 30.93 6.83
C PRO B 330 -28.59 32.14 5.99
N ASN B 331 -29.73 32.74 6.32
CA ASN B 331 -30.25 33.81 5.48
C ASN B 331 -29.71 35.18 5.88
N ILE B 332 -28.40 35.26 6.01
CA ILE B 332 -27.72 36.55 6.14
C ILE B 332 -27.31 37.02 4.76
N THR B 333 -27.32 38.32 4.54
CA THR B 333 -27.17 38.86 3.20
C THR B 333 -26.12 39.97 3.07
N ASN B 334 -25.49 40.38 4.17
CA ASN B 334 -24.50 41.45 4.09
C ASN B 334 -23.31 41.01 3.25
N LEU B 335 -22.99 41.82 2.25
CA LEU B 335 -21.78 41.57 1.46
C LEU B 335 -20.55 41.67 2.35
N CYS B 336 -19.44 41.19 1.84
CA CYS B 336 -18.35 41.02 2.79
C CYS B 336 -17.29 42.11 2.61
N PRO B 337 -16.83 42.71 3.71
CA PRO B 337 -15.89 43.84 3.63
C PRO B 337 -14.45 43.40 3.38
N PHE B 338 -14.23 42.80 2.21
CA PHE B 338 -12.87 42.55 1.75
C PHE B 338 -12.20 43.80 1.21
N GLY B 339 -12.99 44.83 0.89
CA GLY B 339 -12.41 46.06 0.38
C GLY B 339 -11.48 46.72 1.38
N GLU B 340 -11.94 46.85 2.62
CA GLU B 340 -11.14 47.50 3.66
C GLU B 340 -9.88 46.72 4.00
N VAL B 341 -9.76 45.49 3.52
CA VAL B 341 -8.55 44.70 3.71
C VAL B 341 -7.67 44.73 2.47
N PHE B 342 -8.25 44.45 1.30
CA PHE B 342 -7.44 44.36 0.09
C PHE B 342 -7.04 45.74 -0.41
N ASN B 343 -7.94 46.72 -0.34
CA ASN B 343 -7.69 48.05 -0.86
C ASN B 343 -7.32 49.04 0.23
N ALA B 344 -6.73 48.56 1.33
CA ALA B 344 -6.31 49.46 2.40
C ALA B 344 -5.20 50.38 1.92
N THR B 345 -5.22 51.62 2.41
CA THR B 345 -4.29 52.62 1.91
C THR B 345 -2.84 52.25 2.23
N ARG B 346 -2.57 51.90 3.47
CA ARG B 346 -1.23 51.48 3.88
C ARG B 346 -1.36 50.29 4.81
N PHE B 347 -0.72 49.18 4.45
CA PHE B 347 -0.74 47.98 5.28
C PHE B 347 0.18 48.15 6.49
N ALA B 348 0.09 47.18 7.39
CA ALA B 348 1.02 47.11 8.51
C ALA B 348 2.33 46.47 8.08
N SER B 349 3.35 46.65 8.91
CA SER B 349 4.66 46.05 8.67
C SER B 349 4.72 44.66 9.29
N VAL B 350 5.55 43.80 8.69
CA VAL B 350 5.49 42.37 8.99
C VAL B 350 5.93 42.05 10.41
N TYR B 351 6.70 42.91 11.07
CA TYR B 351 7.02 42.66 12.47
C TYR B 351 5.80 42.76 13.36
N ALA B 352 4.76 43.47 12.91
CA ALA B 352 3.54 43.68 13.68
C ALA B 352 2.33 43.51 12.76
N TRP B 353 2.34 42.41 12.00
CA TRP B 353 1.29 42.14 11.02
C TRP B 353 -0.10 42.18 11.66
N ASN B 354 -1.08 42.57 10.84
CA ASN B 354 -2.43 42.87 11.29
C ASN B 354 -3.33 41.64 11.20
N ARG B 355 -4.46 41.71 11.89
CA ARG B 355 -5.54 40.74 11.76
C ARG B 355 -6.87 41.46 11.80
N LYS B 356 -7.77 41.08 10.91
CA LYS B 356 -9.13 41.61 10.90
C LYS B 356 -10.11 40.44 10.97
N ARG B 357 -11.15 40.61 11.78
CA ARG B 357 -12.21 39.60 11.85
C ARG B 357 -13.13 39.74 10.65
N ILE B 358 -13.38 38.62 9.98
CA ILE B 358 -14.36 38.54 8.91
C ILE B 358 -15.49 37.67 9.42
N SER B 359 -16.67 38.25 9.61
CA SER B 359 -17.79 37.51 10.17
C SER B 359 -19.09 38.19 9.79
N ASN B 360 -20.16 37.41 9.82
CA ASN B 360 -21.50 37.89 9.50
C ASN B 360 -21.53 38.53 8.11
N CYS B 361 -20.94 37.82 7.14
CA CYS B 361 -20.91 38.27 5.76
C CYS B 361 -21.05 37.07 4.85
N VAL B 362 -21.63 37.28 3.68
CA VAL B 362 -21.69 36.27 2.63
C VAL B 362 -20.58 36.62 1.64
N ALA B 363 -19.40 36.05 1.88
CA ALA B 363 -18.20 36.45 1.17
C ALA B 363 -18.19 35.80 -0.22
N ASP B 364 -18.35 36.60 -1.25
CA ASP B 364 -18.24 36.13 -2.63
C ASP B 364 -16.76 36.07 -2.97
N TYR B 365 -16.15 34.90 -2.83
CA TYR B 365 -14.73 34.79 -3.11
C TYR B 365 -14.43 34.85 -4.61
N SER B 366 -15.45 34.76 -5.47
CA SER B 366 -15.21 34.74 -6.91
C SER B 366 -14.57 36.03 -7.38
N VAL B 367 -15.07 37.18 -6.91
CA VAL B 367 -14.51 38.47 -7.30
C VAL B 367 -13.05 38.58 -6.89
N LEU B 368 -12.61 37.75 -5.95
CA LEU B 368 -11.19 37.64 -5.64
C LEU B 368 -10.47 36.80 -6.70
N TYR B 369 -10.90 35.54 -6.86
CA TYR B 369 -10.22 34.64 -7.78
C TYR B 369 -10.35 35.11 -9.22
N ASN B 370 -11.48 35.74 -9.56
CA ASN B 370 -11.62 36.34 -10.89
C ASN B 370 -10.68 37.52 -11.08
N SER B 371 -10.38 38.26 -10.00
CA SER B 371 -9.50 39.41 -10.11
C SER B 371 -8.11 38.98 -10.58
N ALA B 372 -7.47 39.84 -11.37
CA ALA B 372 -6.22 39.50 -12.03
C ALA B 372 -4.99 40.08 -11.36
N SER B 373 -5.16 41.05 -10.45
CA SER B 373 -4.00 41.73 -9.84
C SER B 373 -3.16 40.77 -9.01
N PHE B 374 -3.73 39.65 -8.56
CA PHE B 374 -3.00 38.77 -7.63
C PHE B 374 -1.96 37.90 -8.36
N SER B 375 -0.69 38.10 -8.01
CA SER B 375 0.40 37.33 -8.66
C SER B 375 0.50 35.96 -7.99
N THR B 376 0.00 35.85 -6.75
CA THR B 376 0.13 34.58 -6.00
C THR B 376 -1.17 34.28 -5.24
N PHE B 377 -2.05 33.44 -5.80
CA PHE B 377 -3.24 33.00 -5.05
C PHE B 377 -2.98 31.51 -4.81
N LYS B 378 -2.62 31.12 -3.61
CA LYS B 378 -2.25 29.71 -3.41
C LYS B 378 -3.13 29.14 -2.32
N CYS B 379 -3.85 28.07 -2.58
CA CYS B 379 -4.80 27.58 -1.58
C CYS B 379 -4.29 26.27 -1.02
N TYR B 380 -4.31 26.12 0.31
CA TYR B 380 -3.82 24.88 0.94
C TYR B 380 -5.00 24.16 1.60
N GLY B 381 -5.21 22.88 1.32
CA GLY B 381 -6.29 22.10 1.94
C GLY B 381 -7.67 22.51 1.46
N VAL B 382 -7.77 23.19 0.32
CA VAL B 382 -9.07 23.66 -0.26
C VAL B 382 -8.77 24.11 -1.69
N SER B 383 -9.64 23.78 -2.64
CA SER B 383 -9.49 24.11 -4.06
C SER B 383 -10.26 25.38 -4.37
N PRO B 384 -9.57 26.40 -4.91
CA PRO B 384 -10.17 27.72 -5.05
C PRO B 384 -11.49 27.86 -5.78
N THR B 385 -11.72 27.02 -6.79
CA THR B 385 -13.00 27.07 -7.49
C THR B 385 -14.12 26.45 -6.68
N LYS B 386 -13.84 25.32 -6.02
CA LYS B 386 -14.83 24.70 -5.15
C LYS B 386 -15.11 25.57 -3.93
N LEU B 387 -14.13 26.38 -3.52
CA LEU B 387 -14.17 27.10 -2.26
C LEU B 387 -15.45 27.93 -2.09
N ASN B 388 -15.97 28.50 -3.17
CA ASN B 388 -17.08 29.44 -3.09
C ASN B 388 -18.37 28.84 -2.54
N ASP B 389 -18.51 27.51 -2.44
CA ASP B 389 -19.76 26.95 -1.94
C ASP B 389 -19.73 26.65 -0.45
N LEU B 390 -18.57 26.76 0.19
CA LEU B 390 -18.41 26.28 1.56
C LEU B 390 -18.96 27.30 2.57
N CYS B 391 -18.88 26.93 3.84
CA CYS B 391 -19.26 27.81 4.94
C CYS B 391 -18.20 27.73 6.02
N PHE B 392 -17.92 28.87 6.66
CA PHE B 392 -16.83 28.97 7.61
C PHE B 392 -17.33 29.59 8.91
N THR B 393 -16.62 29.30 10.00
CA THR B 393 -16.98 29.85 11.30
C THR B 393 -16.04 30.93 11.80
N ASN B 394 -14.79 30.96 11.35
CA ASN B 394 -13.89 32.08 11.65
C ASN B 394 -12.83 32.16 10.56
N VAL B 395 -13.05 33.07 9.61
CA VAL B 395 -12.09 33.34 8.55
C VAL B 395 -11.33 34.62 8.90
N TYR B 396 -10.00 34.55 8.89
CA TYR B 396 -9.15 35.63 9.35
C TYR B 396 -8.25 36.13 8.23
N ALA B 397 -8.19 37.45 8.08
CA ALA B 397 -7.33 38.09 7.09
C ALA B 397 -6.11 38.69 7.79
N ASP B 398 -4.92 38.26 7.38
CA ASP B 398 -3.66 38.80 7.86
C ASP B 398 -3.05 39.65 6.75
N SER B 399 -2.64 40.87 7.07
CA SER B 399 -2.16 41.80 6.05
C SER B 399 -0.87 42.47 6.51
N PHE B 400 0.16 42.38 5.68
CA PHE B 400 1.50 42.89 5.97
C PHE B 400 2.27 42.92 4.67
N VAL B 401 3.32 43.74 4.63
CA VAL B 401 4.08 43.98 3.41
C VAL B 401 5.50 43.47 3.61
N ILE B 402 6.02 42.77 2.59
CA ILE B 402 7.35 42.18 2.61
C ILE B 402 7.94 42.30 1.21
N ARG B 403 9.24 42.02 1.11
CA ARG B 403 9.88 42.04 -0.20
C ARG B 403 9.28 40.98 -1.10
N GLY B 404 9.14 41.30 -2.39
CA GLY B 404 8.53 40.38 -3.33
C GLY B 404 9.31 39.10 -3.52
N ASP B 405 10.63 39.15 -3.27
CA ASP B 405 11.49 37.99 -3.47
C ASP B 405 11.16 36.85 -2.51
N GLU B 406 10.83 37.16 -1.26
CA GLU B 406 10.72 36.14 -0.21
C GLU B 406 9.29 35.74 0.11
N VAL B 407 8.32 36.11 -0.73
CA VAL B 407 6.94 35.68 -0.49
C VAL B 407 6.82 34.16 -0.50
N ARG B 408 7.79 33.45 -1.11
CA ARG B 408 7.84 32.00 -0.99
C ARG B 408 7.96 31.53 0.45
N GLN B 409 8.50 32.37 1.34
CA GLN B 409 8.57 32.01 2.74
C GLN B 409 7.22 32.08 3.45
N ILE B 410 6.17 32.56 2.77
CA ILE B 410 4.83 32.43 3.29
C ILE B 410 4.34 31.03 2.92
N ALA B 411 4.66 30.05 3.76
CA ALA B 411 4.40 28.65 3.48
C ALA B 411 4.42 27.90 4.82
N PRO B 412 3.77 26.75 4.91
CA PRO B 412 3.64 26.09 6.22
C PRO B 412 4.98 25.76 6.87
N GLY B 413 5.99 25.43 6.08
CA GLY B 413 7.33 25.26 6.61
C GLY B 413 8.27 26.34 6.13
N GLN B 414 9.32 25.96 5.40
CA GLN B 414 10.20 26.89 4.71
C GLN B 414 10.75 27.96 5.67
N THR B 415 11.55 27.48 6.62
CA THR B 415 12.10 28.36 7.64
C THR B 415 13.00 29.42 7.01
N GLY B 416 12.98 30.61 7.60
CA GLY B 416 13.73 31.73 7.09
C GLY B 416 13.62 32.91 8.03
N LYS B 417 14.33 33.99 7.68
CA LYS B 417 14.43 35.14 8.58
C LYS B 417 13.06 35.71 8.94
N ILE B 418 12.08 35.58 8.06
CA ILE B 418 10.72 36.03 8.38
C ILE B 418 9.80 34.87 8.76
N ALA B 419 10.11 33.64 8.34
CA ALA B 419 9.32 32.48 8.74
C ALA B 419 9.57 32.06 10.16
N ASP B 420 10.62 32.57 10.82
CA ASP B 420 10.88 32.26 12.22
C ASP B 420 10.64 33.44 13.15
N TYR B 421 11.24 34.61 12.88
CA TYR B 421 11.17 35.71 13.82
C TYR B 421 10.06 36.70 13.53
N ASN B 422 9.48 36.68 12.34
CA ASN B 422 8.53 37.72 11.92
C ASN B 422 7.12 37.18 11.75
N TYR B 423 6.94 36.14 10.93
CA TYR B 423 5.59 35.59 10.72
C TYR B 423 5.77 34.08 10.54
N LYS B 424 5.58 33.33 11.62
CA LYS B 424 5.67 31.88 11.58
C LYS B 424 4.30 31.32 11.18
N LEU B 425 4.28 30.61 10.07
CA LEU B 425 3.05 30.05 9.52
C LEU B 425 2.88 28.62 10.03
N PRO B 426 1.74 28.28 10.64
CA PRO B 426 1.60 26.95 11.25
C PRO B 426 1.62 25.85 10.21
N ASP B 427 2.07 24.68 10.66
CA ASP B 427 2.22 23.53 9.77
C ASP B 427 0.85 22.98 9.36
N ASP B 428 0.65 22.85 8.06
CA ASP B 428 -0.47 22.10 7.48
C ASP B 428 -1.82 22.66 7.95
N PHE B 429 -2.09 23.90 7.56
CA PHE B 429 -3.36 24.52 7.82
C PHE B 429 -4.22 24.50 6.56
N THR B 430 -5.43 25.05 6.67
CA THR B 430 -6.32 25.21 5.52
C THR B 430 -6.53 26.70 5.31
N GLY B 431 -6.37 27.15 4.07
CA GLY B 431 -6.47 28.60 3.85
C GLY B 431 -5.66 29.07 2.67
N CYS B 432 -6.04 30.19 2.07
CA CYS B 432 -5.36 30.67 0.86
C CYS B 432 -4.48 31.88 1.13
N VAL B 433 -3.26 31.89 0.60
CA VAL B 433 -2.34 33.06 0.72
C VAL B 433 -2.51 33.85 -0.57
N ILE B 434 -3.00 35.08 -0.50
CA ILE B 434 -3.27 35.87 -1.72
C ILE B 434 -2.34 37.07 -1.71
N ALA B 435 -1.36 37.16 -2.59
CA ALA B 435 -0.41 38.29 -2.49
C ALA B 435 -0.35 39.08 -3.80
N TRP B 436 0.03 40.36 -3.76
CA TRP B 436 0.18 41.14 -5.02
C TRP B 436 1.34 42.13 -5.01
N ASN B 437 1.69 42.66 -6.18
CA ASN B 437 2.78 43.68 -6.30
C ASN B 437 2.28 45.03 -5.82
N SER B 438 3.12 45.78 -5.12
CA SER B 438 2.72 47.06 -4.57
C SER B 438 3.69 48.18 -4.93
N ASN B 439 4.60 47.96 -5.89
CA ASN B 439 5.57 48.97 -6.24
C ASN B 439 4.91 50.26 -6.70
N ASN B 440 3.71 50.18 -7.26
CA ASN B 440 2.99 51.38 -7.67
C ASN B 440 2.58 52.22 -6.46
N LEU B 441 2.45 51.60 -5.29
CA LEU B 441 1.83 52.26 -4.15
C LEU B 441 2.80 52.54 -3.02
N ASP B 442 3.49 51.52 -2.50
CA ASP B 442 4.18 51.61 -1.22
C ASP B 442 5.68 51.86 -1.36
N SER B 443 6.14 52.36 -2.49
CA SER B 443 7.56 52.55 -2.73
C SER B 443 7.87 54.03 -2.90
N LYS B 444 8.92 54.48 -2.21
CA LYS B 444 9.37 55.87 -2.26
C LYS B 444 10.63 56.04 -3.09
N VAL B 445 10.64 57.08 -3.92
CA VAL B 445 11.88 57.52 -4.54
C VAL B 445 12.85 57.97 -3.45
N GLY B 446 14.08 57.46 -3.52
CA GLY B 446 15.04 57.69 -2.47
C GLY B 446 14.89 56.77 -1.28
N GLY B 447 13.99 55.80 -1.34
CA GLY B 447 13.84 54.83 -0.28
C GLY B 447 12.65 55.08 0.63
N ASN B 448 11.84 54.04 0.86
CA ASN B 448 10.76 54.08 1.82
C ASN B 448 11.20 53.33 3.07
N TYR B 449 11.22 54.01 4.21
CA TYR B 449 11.72 53.45 5.44
C TYR B 449 10.66 53.33 6.51
N ASN B 450 9.39 53.57 6.17
CA ASN B 450 8.30 53.39 7.12
C ASN B 450 8.08 51.94 7.49
N TYR B 451 8.65 51.00 6.72
CA TYR B 451 8.35 49.58 6.87
C TYR B 451 9.52 48.89 7.57
N LEU B 452 9.20 48.15 8.63
CA LEU B 452 10.19 47.52 9.48
C LEU B 452 9.93 46.02 9.56
N TYR B 453 11.01 45.24 9.64
CA TYR B 453 10.89 43.82 9.95
C TYR B 453 11.87 43.48 11.06
N ARG B 454 11.42 42.65 11.99
CA ARG B 454 12.25 42.27 13.12
C ARG B 454 13.30 41.24 12.72
N LEU B 455 14.56 41.50 13.07
CA LEU B 455 15.59 40.49 13.15
C LEU B 455 16.07 40.44 14.60
N PHE B 456 16.09 39.25 15.18
CA PHE B 456 16.26 39.11 16.61
C PHE B 456 17.21 37.94 16.88
N ARG B 457 17.52 37.73 18.16
CA ARG B 457 18.64 36.88 18.56
C ARG B 457 18.19 35.81 19.56
N LYS B 458 16.92 35.43 19.53
CA LYS B 458 16.42 34.41 20.46
C LYS B 458 15.71 33.29 19.72
N SER B 459 15.04 32.41 20.45
CA SER B 459 14.31 31.31 19.85
C SER B 459 12.97 31.81 19.31
N ASN B 460 12.63 31.38 18.09
CA ASN B 460 11.32 31.69 17.53
C ASN B 460 10.23 31.03 18.38
N LEU B 461 9.17 31.79 18.68
CA LEU B 461 8.24 31.39 19.73
C LEU B 461 7.20 30.39 19.25
N LYS B 462 6.28 30.83 18.39
CA LYS B 462 5.10 30.06 18.04
C LYS B 462 4.55 30.57 16.73
N PRO B 463 3.80 29.76 15.99
CA PRO B 463 3.13 30.25 14.78
C PRO B 463 2.01 31.22 15.13
N PHE B 464 1.72 32.11 14.19
CA PHE B 464 0.64 33.09 14.33
C PHE B 464 0.82 33.96 15.57
N GLU B 465 2.07 34.38 15.83
CA GLU B 465 2.39 35.19 16.99
C GLU B 465 3.32 36.31 16.57
N ARG B 466 2.92 37.55 16.85
CA ARG B 466 3.74 38.72 16.57
C ARG B 466 4.43 39.18 17.85
N ASP B 467 5.63 39.74 17.69
CA ASP B 467 6.45 40.18 18.80
C ASP B 467 6.70 41.67 18.69
N ILE B 468 6.47 42.38 19.80
CA ILE B 468 6.71 43.82 19.84
C ILE B 468 7.89 44.13 20.78
N TYR B 489 22.24 44.47 19.83
CA TYR B 489 21.86 45.14 18.60
C TYR B 489 20.38 45.53 18.64
N PHE B 490 20.03 46.55 17.87
CA PHE B 490 18.63 46.95 17.78
C PHE B 490 17.84 45.90 17.00
N PRO B 491 16.60 45.60 17.42
CA PRO B 491 15.88 44.47 16.81
C PRO B 491 15.22 44.78 15.48
N LEU B 492 15.00 46.04 15.14
CA LEU B 492 14.16 46.42 14.01
C LEU B 492 15.01 46.94 12.86
N GLN B 493 14.85 46.33 11.68
CA GLN B 493 15.55 46.74 10.47
C GLN B 493 14.57 47.43 9.53
N SER B 494 14.96 48.61 9.05
CA SER B 494 14.19 49.32 8.04
C SER B 494 14.31 48.66 6.66
N TYR B 495 13.32 48.94 5.81
CA TYR B 495 13.36 48.56 4.41
C TYR B 495 13.96 49.68 3.57
N GLY B 496 14.16 49.38 2.29
CA GLY B 496 14.70 50.34 1.35
C GLY B 496 13.92 50.45 0.06
N PHE B 497 12.60 50.38 0.16
CA PHE B 497 11.74 50.28 -1.02
C PHE B 497 11.93 51.49 -1.94
N GLN B 498 12.38 51.23 -3.17
CA GLN B 498 12.62 52.24 -4.17
C GLN B 498 12.00 51.83 -5.50
N PRO B 499 11.43 52.77 -6.25
CA PRO B 499 10.96 52.43 -7.60
C PRO B 499 12.08 51.95 -8.51
N THR B 500 13.33 52.35 -8.24
CA THR B 500 14.45 51.84 -8.99
C THR B 500 14.70 50.36 -8.73
N ASN B 501 14.22 49.84 -7.60
CA ASN B 501 14.38 48.43 -7.29
C ASN B 501 13.37 47.60 -8.08
N GLY B 502 13.87 46.56 -8.75
CA GLY B 502 13.01 45.62 -9.45
C GLY B 502 12.49 44.55 -8.52
N VAL B 503 12.13 43.41 -9.11
CA VAL B 503 11.75 42.25 -8.31
C VAL B 503 12.91 41.89 -7.39
N GLY B 504 12.60 41.63 -6.13
CA GLY B 504 13.62 41.56 -5.11
C GLY B 504 13.84 42.94 -4.53
N TYR B 505 13.74 43.07 -3.21
CA TYR B 505 13.66 44.35 -2.51
C TYR B 505 12.44 45.16 -2.93
N GLN B 506 11.50 44.55 -3.65
CA GLN B 506 10.27 45.15 -4.14
C GLN B 506 9.15 44.88 -3.15
N PRO B 507 8.42 45.89 -2.69
CA PRO B 507 7.35 45.64 -1.71
C PRO B 507 6.21 44.87 -2.36
N TYR B 508 5.87 43.72 -1.77
CA TYR B 508 4.64 43.01 -2.10
C TYR B 508 3.67 43.11 -0.94
N ARG B 509 2.43 43.50 -1.24
CA ARG B 509 1.36 43.44 -0.26
C ARG B 509 0.85 42.02 -0.18
N VAL B 510 0.73 41.49 1.03
CA VAL B 510 0.37 40.09 1.25
C VAL B 510 -0.85 40.03 2.13
N VAL B 511 -1.82 39.22 1.72
CA VAL B 511 -2.99 38.88 2.53
C VAL B 511 -3.14 37.38 2.54
N VAL B 512 -3.18 36.79 3.73
CA VAL B 512 -3.42 35.36 3.89
C VAL B 512 -4.75 35.16 4.61
N LEU B 513 -5.70 34.53 3.93
CA LEU B 513 -6.98 34.18 4.51
C LEU B 513 -6.84 32.82 5.17
N SER B 514 -6.94 32.78 6.50
CA SER B 514 -6.86 31.55 7.26
C SER B 514 -8.23 31.21 7.80
N PHE B 515 -8.72 30.01 7.48
CA PHE B 515 -10.01 29.52 7.94
C PHE B 515 -9.88 28.06 8.33
N GLU B 516 -10.97 27.55 8.90
CA GLU B 516 -10.89 26.21 9.53
C GLU B 516 -11.64 25.07 8.85
N LEU B 517 -12.75 25.32 8.17
CA LEU B 517 -13.44 24.25 7.39
C LEU B 517 -13.77 23.07 8.28
N LEU B 518 -14.27 23.32 9.50
CA LEU B 518 -14.72 22.20 10.37
C LEU B 518 -16.15 22.48 10.79
N HIS B 519 -16.87 21.45 11.22
CA HIS B 519 -18.31 21.66 11.51
C HIS B 519 -18.51 22.44 12.81
N ALA B 520 -19.10 23.62 12.71
CA ALA B 520 -19.42 24.47 13.87
C ALA B 520 -20.49 25.42 13.35
N PRO B 521 -21.29 26.14 14.16
CA PRO B 521 -22.25 27.05 13.58
C PRO B 521 -21.43 27.97 12.68
N ALA B 522 -21.87 28.17 11.43
CA ALA B 522 -21.05 28.94 10.47
C ALA B 522 -21.59 30.35 10.29
N THR B 523 -20.74 31.27 9.85
CA THR B 523 -21.20 32.67 9.72
C THR B 523 -20.68 33.32 8.44
N VAL B 524 -19.56 32.84 7.87
CA VAL B 524 -19.12 33.39 6.60
C VAL B 524 -19.34 32.33 5.53
N CYS B 525 -20.50 32.38 4.87
CA CYS B 525 -20.88 31.38 3.88
C CYS B 525 -20.67 31.92 2.48
N GLY B 526 -20.89 31.05 1.51
CA GLY B 526 -20.82 31.44 0.11
C GLY B 526 -22.12 32.02 -0.37
N PRO B 527 -22.08 32.62 -1.56
CA PRO B 527 -23.28 33.24 -2.14
C PRO B 527 -24.14 32.22 -2.89
N LYS B 528 -24.71 31.28 -2.14
CA LYS B 528 -25.57 30.26 -2.71
C LYS B 528 -26.98 30.45 -2.17
N LYS B 529 -27.96 30.50 -3.09
CA LYS B 529 -29.34 30.68 -2.70
C LYS B 529 -29.86 29.43 -1.99
N SER B 530 -30.61 29.65 -0.91
CA SER B 530 -31.20 28.53 -0.20
C SER B 530 -32.44 28.02 -0.94
N THR B 531 -32.80 26.79 -0.65
CA THR B 531 -33.98 26.15 -1.22
C THR B 531 -34.79 25.54 -0.10
N ASN B 532 -36.10 25.51 -0.28
CA ASN B 532 -36.96 24.84 0.70
C ASN B 532 -36.52 23.40 0.87
N LEU B 533 -36.76 22.86 2.06
CA LEU B 533 -36.33 21.52 2.40
C LEU B 533 -37.51 20.56 2.40
N VAL B 534 -37.32 19.38 1.83
CA VAL B 534 -38.36 18.37 1.68
C VAL B 534 -38.01 17.19 2.58
N LYS B 535 -39.02 16.65 3.26
CA LYS B 535 -38.81 15.65 4.28
C LYS B 535 -39.43 14.32 3.89
N ASN B 536 -38.97 13.26 4.55
CA ASN B 536 -39.51 11.91 4.46
C ASN B 536 -39.41 11.31 3.06
N LYS B 537 -38.52 11.84 2.23
CA LYS B 537 -38.26 11.27 0.91
C LYS B 537 -36.78 11.37 0.61
N CYS B 538 -36.23 10.36 -0.07
CA CYS B 538 -34.81 10.33 -0.40
C CYS B 538 -34.43 11.57 -1.18
N VAL B 539 -33.56 12.39 -0.58
CA VAL B 539 -33.16 13.66 -1.18
C VAL B 539 -31.66 13.82 -1.08
N ASN B 540 -31.11 14.65 -1.97
CA ASN B 540 -29.69 15.01 -1.97
C ASN B 540 -29.56 16.39 -1.32
N PHE B 541 -29.09 16.41 -0.07
CA PHE B 541 -29.08 17.63 0.73
C PHE B 541 -27.69 18.25 0.79
N ASN B 542 -27.67 19.55 1.10
CA ASN B 542 -26.42 20.30 1.28
C ASN B 542 -26.63 21.30 2.40
N PHE B 543 -26.08 21.02 3.58
CA PHE B 543 -26.16 21.92 4.74
C PHE B 543 -24.79 22.55 4.99
N ASN B 544 -24.67 23.83 4.68
CA ASN B 544 -23.46 24.61 5.01
C ASN B 544 -22.20 23.94 4.50
N GLY B 545 -22.29 23.36 3.31
CA GLY B 545 -21.18 22.64 2.73
C GLY B 545 -21.14 21.16 3.05
N LEU B 546 -21.97 20.69 3.97
CA LEU B 546 -22.08 19.26 4.23
C LEU B 546 -23.02 18.63 3.21
N THR B 547 -22.50 17.68 2.44
CA THR B 547 -23.29 17.07 1.38
C THR B 547 -23.56 15.61 1.72
N GLY B 548 -24.59 15.07 1.09
CA GLY B 548 -24.93 13.67 1.27
C GLY B 548 -26.29 13.38 0.70
N THR B 549 -26.66 12.11 0.78
CA THR B 549 -27.96 11.62 0.34
C THR B 549 -28.64 10.93 1.51
N GLY B 550 -29.92 11.22 1.71
CA GLY B 550 -30.64 10.58 2.80
C GLY B 550 -32.02 11.17 2.97
N VAL B 551 -32.75 10.57 3.90
CA VAL B 551 -34.10 10.96 4.24
C VAL B 551 -34.04 11.90 5.44
N LEU B 552 -34.60 13.09 5.30
CA LEU B 552 -34.63 14.08 6.37
C LEU B 552 -35.97 14.02 7.08
N THR B 553 -35.94 13.74 8.38
CA THR B 553 -37.15 13.65 9.19
C THR B 553 -37.00 14.53 10.42
N GLU B 554 -38.12 14.79 11.08
CA GLU B 554 -38.06 15.48 12.37
C GLU B 554 -37.47 14.56 13.42
N SER B 555 -36.68 15.14 14.33
CA SER B 555 -35.96 14.36 15.32
C SER B 555 -36.16 14.94 16.71
N ASN B 556 -36.06 14.06 17.70
CA ASN B 556 -36.13 14.44 19.11
C ASN B 556 -34.76 14.37 19.78
N LYS B 557 -33.70 14.68 19.03
CA LYS B 557 -32.36 14.73 19.57
C LYS B 557 -32.12 16.12 20.12
N LYS B 558 -31.75 16.21 21.40
CA LYS B 558 -31.67 17.49 22.10
C LYS B 558 -30.26 18.04 21.94
N PHE B 559 -30.10 18.98 21.01
CA PHE B 559 -28.79 19.53 20.74
C PHE B 559 -28.49 20.64 21.75
N LEU B 560 -27.30 21.22 21.66
CA LEU B 560 -26.95 22.31 22.55
C LEU B 560 -26.42 23.44 21.66
N PRO B 561 -26.58 24.70 22.09
CA PRO B 561 -26.27 25.82 21.19
C PRO B 561 -24.88 25.80 20.56
N PHE B 562 -23.86 25.23 21.19
CA PHE B 562 -22.54 25.28 20.56
C PHE B 562 -22.34 24.18 19.53
N GLN B 563 -23.27 23.24 19.39
CA GLN B 563 -23.11 22.08 18.52
C GLN B 563 -24.23 22.04 17.48
N GLN B 564 -23.86 21.87 16.21
CA GLN B 564 -24.81 21.77 15.12
C GLN B 564 -24.96 20.36 14.56
N PHE B 565 -23.87 19.60 14.51
CA PHE B 565 -23.83 18.32 13.81
C PHE B 565 -23.79 17.17 14.81
N GLY B 566 -24.76 16.26 14.70
CA GLY B 566 -24.65 14.97 15.35
C GLY B 566 -23.66 14.09 14.61
N ARG B 567 -23.41 12.90 15.17
CA ARG B 567 -22.44 12.03 14.52
C ARG B 567 -22.68 10.58 14.90
N ASP B 568 -22.33 9.70 13.96
CA ASP B 568 -22.47 8.25 14.08
C ASP B 568 -21.17 7.64 14.60
N ILE B 569 -21.24 6.35 14.96
CA ILE B 569 -20.05 5.64 15.41
C ILE B 569 -19.00 5.60 14.32
N ALA B 570 -19.41 5.34 13.09
CA ALA B 570 -18.49 5.27 11.97
C ALA B 570 -18.14 6.64 11.38
N ASP B 571 -18.39 7.72 12.12
CA ASP B 571 -18.00 9.10 11.81
C ASP B 571 -18.87 9.70 10.69
N THR B 572 -19.98 9.08 10.35
CA THR B 572 -20.90 9.69 9.42
C THR B 572 -21.89 10.58 10.17
N THR B 573 -22.41 11.59 9.49
CA THR B 573 -23.38 12.48 10.14
C THR B 573 -24.68 11.73 10.38
N ASP B 574 -25.34 12.05 11.49
CA ASP B 574 -26.55 11.37 11.90
C ASP B 574 -27.70 12.34 12.16
N ALA B 575 -27.42 13.63 12.31
CA ALA B 575 -28.44 14.63 12.54
C ALA B 575 -27.85 16.00 12.25
N VAL B 576 -28.65 16.86 11.63
CA VAL B 576 -28.24 18.23 11.35
C VAL B 576 -29.24 19.19 11.96
N ARG B 577 -28.77 20.39 12.27
CA ARG B 577 -29.61 21.50 12.70
C ARG B 577 -29.90 22.39 11.50
N ASP B 578 -31.16 22.65 11.25
CA ASP B 578 -31.53 23.45 10.09
C ASP B 578 -30.98 24.87 10.28
N PRO B 579 -30.15 25.37 9.36
CA PRO B 579 -29.47 26.65 9.61
C PRO B 579 -30.41 27.84 9.71
N GLN B 580 -31.66 27.72 9.28
CA GLN B 580 -32.60 28.82 9.34
C GLN B 580 -33.72 28.62 10.35
N THR B 581 -34.25 27.40 10.47
CA THR B 581 -35.30 27.08 11.44
C THR B 581 -34.73 26.02 12.37
N LEU B 582 -34.31 26.43 13.56
CA LEU B 582 -33.47 25.56 14.40
C LEU B 582 -34.25 24.39 14.97
N GLU B 583 -34.58 23.43 14.11
CA GLU B 583 -35.06 22.11 14.52
C GLU B 583 -34.09 21.06 14.00
N ILE B 584 -34.00 19.94 14.71
CA ILE B 584 -32.99 18.93 14.45
C ILE B 584 -33.59 17.88 13.53
N LEU B 585 -32.87 17.57 12.44
CA LEU B 585 -33.34 16.64 11.41
C LEU B 585 -32.49 15.38 11.41
N ASP B 586 -33.15 14.23 11.40
CA ASP B 586 -32.45 12.95 11.27
C ASP B 586 -32.10 12.68 9.82
N ILE B 587 -30.93 12.07 9.60
CA ILE B 587 -30.49 11.68 8.27
C ILE B 587 -30.40 10.16 8.22
N THR B 588 -31.29 9.53 7.46
CA THR B 588 -31.25 8.10 7.23
C THR B 588 -30.93 7.82 5.78
N PRO B 589 -29.94 6.97 5.49
CA PRO B 589 -29.63 6.68 4.08
C PRO B 589 -30.80 5.99 3.39
N CYS B 590 -30.93 6.25 2.09
CA CYS B 590 -32.06 5.73 1.34
C CYS B 590 -32.00 4.21 1.24
N SER B 591 -33.17 3.60 1.17
CA SER B 591 -33.29 2.15 1.32
C SER B 591 -32.49 1.42 0.25
N PHE B 592 -31.90 0.29 0.64
CA PHE B 592 -31.05 -0.48 -0.24
C PHE B 592 -31.03 -1.92 0.26
N GLY B 593 -30.51 -2.81 -0.58
CA GLY B 593 -30.34 -4.19 -0.19
C GLY B 593 -29.90 -5.02 -1.37
N GLY B 594 -29.44 -6.23 -1.07
CA GLY B 594 -29.00 -7.11 -2.12
C GLY B 594 -30.16 -7.63 -2.97
N VAL B 595 -29.85 -7.94 -4.22
CA VAL B 595 -30.81 -8.51 -5.16
C VAL B 595 -30.27 -9.85 -5.63
N SER B 596 -31.04 -10.90 -5.44
CA SER B 596 -30.67 -12.25 -5.83
C SER B 596 -31.59 -12.73 -6.94
N VAL B 597 -31.03 -13.53 -7.85
CA VAL B 597 -31.79 -14.08 -8.96
C VAL B 597 -31.91 -15.58 -8.75
N ILE B 598 -33.14 -16.06 -8.66
CA ILE B 598 -33.44 -17.47 -8.45
C ILE B 598 -33.83 -18.06 -9.78
N THR B 599 -33.04 -19.00 -10.29
CA THR B 599 -33.26 -19.48 -11.63
C THR B 599 -33.04 -20.99 -11.75
N PRO B 600 -33.92 -21.68 -12.45
CA PRO B 600 -33.55 -22.99 -12.98
C PRO B 600 -32.54 -22.80 -14.10
N GLY B 601 -31.80 -23.86 -14.38
CA GLY B 601 -30.75 -23.76 -15.37
C GLY B 601 -31.29 -23.29 -16.71
N THR B 602 -30.45 -22.54 -17.44
CA THR B 602 -30.84 -22.14 -18.79
C THR B 602 -30.98 -23.34 -19.71
N ASN B 603 -30.50 -24.50 -19.30
CA ASN B 603 -30.79 -25.74 -19.99
C ASN B 603 -32.24 -26.19 -19.80
N THR B 604 -32.99 -25.52 -18.94
CA THR B 604 -34.39 -25.87 -18.72
C THR B 604 -35.34 -24.74 -19.10
N SER B 605 -35.07 -23.51 -18.68
CA SER B 605 -35.98 -22.40 -18.98
C SER B 605 -35.21 -21.09 -18.88
N ASN B 606 -35.82 -20.04 -19.42
CA ASN B 606 -35.28 -18.69 -19.34
C ASN B 606 -36.09 -17.82 -18.39
N GLN B 607 -36.92 -18.42 -17.55
CA GLN B 607 -37.74 -17.69 -16.60
C GLN B 607 -37.07 -17.68 -15.24
N VAL B 608 -37.09 -16.52 -14.59
CA VAL B 608 -36.40 -16.34 -13.32
C VAL B 608 -37.32 -15.64 -12.33
N ALA B 609 -36.98 -15.79 -11.05
CA ALA B 609 -37.61 -15.07 -9.96
C ALA B 609 -36.55 -14.22 -9.27
N VAL B 610 -36.97 -13.08 -8.71
CA VAL B 610 -36.05 -12.12 -8.10
C VAL B 610 -36.39 -11.98 -6.63
N LEU B 611 -35.38 -12.14 -5.78
CA LEU B 611 -35.51 -11.97 -4.34
C LEU B 611 -34.82 -10.67 -3.93
N TYR B 612 -35.57 -9.75 -3.34
CA TYR B 612 -35.01 -8.52 -2.79
C TYR B 612 -34.79 -8.73 -1.30
N GLN B 613 -33.53 -8.82 -0.90
CA GLN B 613 -33.19 -9.27 0.45
C GLN B 613 -33.53 -8.22 1.49
N ASP B 614 -34.23 -8.65 2.55
CA ASP B 614 -34.49 -7.83 3.74
C ASP B 614 -35.14 -6.50 3.39
N VAL B 615 -36.08 -6.53 2.43
CA VAL B 615 -36.83 -5.36 2.02
C VAL B 615 -38.28 -5.76 1.85
N ASN B 616 -39.18 -4.84 2.19
CA ASN B 616 -40.59 -5.07 1.94
C ASN B 616 -40.92 -4.96 0.45
N CYS B 617 -42.14 -5.40 0.13
CA CYS B 617 -42.66 -5.37 -1.23
C CYS B 617 -43.33 -4.03 -1.54
N THR B 618 -42.63 -2.95 -1.22
CA THR B 618 -43.07 -1.61 -1.52
C THR B 618 -42.00 -0.79 -2.26
N GLU B 619 -40.74 -0.93 -1.87
CA GLU B 619 -39.65 -0.18 -2.50
C GLU B 619 -39.24 -0.75 -3.85
N VAL B 620 -39.75 -1.91 -4.23
CA VAL B 620 -39.38 -2.55 -5.49
C VAL B 620 -39.66 -1.63 -6.67
N ASN B 641 -47.39 -11.02 -8.79
CA ASN B 641 -47.05 -12.33 -8.24
C ASN B 641 -46.01 -12.19 -7.15
N VAL B 642 -46.36 -11.46 -6.09
CA VAL B 642 -45.40 -11.03 -5.08
C VAL B 642 -45.68 -11.77 -3.77
N PHE B 643 -44.64 -12.43 -3.25
CA PHE B 643 -44.72 -13.24 -2.05
C PHE B 643 -43.77 -12.67 -1.00
N GLN B 644 -44.30 -12.24 0.13
CA GLN B 644 -43.48 -11.71 1.22
C GLN B 644 -43.00 -12.86 2.10
N THR B 645 -41.68 -12.95 2.27
CA THR B 645 -41.06 -13.97 3.10
C THR B 645 -40.21 -13.28 4.16
N ARG B 646 -39.71 -14.09 5.10
CA ARG B 646 -38.91 -13.53 6.18
C ARG B 646 -37.50 -13.18 5.73
N ALA B 647 -37.07 -13.67 4.56
CA ALA B 647 -35.75 -13.37 4.01
C ALA B 647 -35.78 -12.22 3.01
N GLY B 648 -36.94 -11.66 2.71
CA GLY B 648 -37.06 -10.57 1.77
C GLY B 648 -38.30 -10.71 0.93
N CYS B 649 -38.41 -9.86 -0.09
CA CYS B 649 -39.56 -9.83 -0.98
C CYS B 649 -39.26 -10.65 -2.23
N LEU B 650 -40.01 -11.73 -2.42
CA LEU B 650 -39.79 -12.65 -3.53
C LEU B 650 -40.81 -12.35 -4.63
N ILE B 651 -40.31 -11.95 -5.79
CA ILE B 651 -41.14 -11.53 -6.92
C ILE B 651 -40.94 -12.51 -8.07
N GLY B 652 -42.04 -12.96 -8.65
CA GLY B 652 -42.00 -13.88 -9.77
C GLY B 652 -42.26 -15.32 -9.42
N ALA B 653 -42.45 -15.64 -8.14
CA ALA B 653 -42.65 -17.00 -7.68
C ALA B 653 -44.07 -17.19 -7.17
N GLU B 654 -44.67 -18.31 -7.54
CA GLU B 654 -46.05 -18.62 -7.20
C GLU B 654 -46.08 -19.33 -5.86
N HIS B 655 -46.61 -18.67 -4.84
CA HIS B 655 -46.65 -19.26 -3.51
C HIS B 655 -47.62 -20.44 -3.46
N VAL B 656 -47.18 -21.52 -2.83
CA VAL B 656 -47.92 -22.78 -2.83
C VAL B 656 -48.12 -23.21 -1.37
N ASN B 657 -49.31 -23.74 -1.08
CA ASN B 657 -49.61 -24.21 0.26
C ASN B 657 -48.87 -25.49 0.59
N ASN B 658 -48.56 -26.29 -0.43
CA ASN B 658 -47.96 -27.59 -0.21
C ASN B 658 -46.57 -27.45 0.40
N SER B 659 -46.00 -28.59 0.78
CA SER B 659 -44.66 -28.63 1.34
C SER B 659 -43.89 -29.77 0.69
N TYR B 660 -42.70 -29.46 0.19
CA TYR B 660 -41.85 -30.42 -0.49
C TYR B 660 -40.47 -30.38 0.14
N GLU B 661 -39.55 -31.16 -0.42
CA GLU B 661 -38.16 -31.04 -0.05
C GLU B 661 -37.57 -29.78 -0.68
N CYS B 662 -36.46 -29.31 -0.11
CA CYS B 662 -35.82 -28.13 -0.64
C CYS B 662 -35.15 -28.41 -1.96
N ASP B 663 -35.31 -27.49 -2.92
CA ASP B 663 -34.64 -27.57 -4.21
C ASP B 663 -33.66 -26.41 -4.38
N ILE B 664 -34.13 -25.17 -4.27
CA ILE B 664 -33.26 -24.00 -4.30
C ILE B 664 -33.49 -23.22 -3.02
N PRO B 665 -32.56 -23.23 -2.08
CA PRO B 665 -32.82 -22.60 -0.78
C PRO B 665 -32.87 -21.09 -0.90
N ILE B 666 -33.86 -20.49 -0.22
CA ILE B 666 -34.00 -19.05 -0.14
C ILE B 666 -33.65 -18.53 1.24
N GLY B 667 -34.19 -19.15 2.28
CA GLY B 667 -33.92 -18.74 3.65
C GLY B 667 -35.20 -18.75 4.46
N ALA B 668 -35.02 -18.78 5.79
CA ALA B 668 -36.11 -18.75 6.76
C ALA B 668 -37.09 -19.92 6.58
N GLY B 669 -36.65 -21.00 5.97
CA GLY B 669 -37.50 -22.16 5.76
C GLY B 669 -38.22 -22.20 4.44
N ILE B 670 -37.93 -21.27 3.52
CA ILE B 670 -38.59 -21.21 2.23
C ILE B 670 -37.61 -21.66 1.16
N CYS B 671 -38.07 -22.55 0.27
CA CYS B 671 -37.31 -23.00 -0.87
C CYS B 671 -38.13 -22.83 -2.12
N ALA B 672 -37.45 -22.76 -3.27
CA ALA B 672 -38.12 -22.61 -4.55
C ALA B 672 -37.67 -23.69 -5.52
N SER B 673 -38.52 -23.98 -6.50
CA SER B 673 -38.23 -24.98 -7.51
C SER B 673 -39.02 -24.68 -8.76
N TYR B 674 -38.63 -25.32 -9.86
CA TYR B 674 -39.28 -25.16 -11.15
C TYR B 674 -40.10 -26.41 -11.49
N GLN B 675 -41.42 -26.32 -11.30
CA GLN B 675 -42.30 -27.44 -11.57
C GLN B 675 -43.70 -26.89 -11.84
N THR B 676 -44.57 -27.76 -12.35
CA THR B 676 -45.96 -27.39 -12.61
C THR B 676 -46.65 -26.92 -11.33
N SER B 686 -47.15 -23.33 -18.75
CA SER B 686 -47.84 -24.14 -17.75
C SER B 686 -46.95 -24.39 -16.53
N GLN B 687 -45.64 -24.39 -16.76
CA GLN B 687 -44.66 -24.56 -15.69
C GLN B 687 -44.12 -23.20 -15.26
N SER B 688 -43.84 -23.08 -13.96
CA SER B 688 -43.37 -21.82 -13.41
C SER B 688 -42.62 -22.09 -12.12
N ILE B 689 -41.93 -21.05 -11.63
CA ILE B 689 -41.19 -21.14 -10.38
C ILE B 689 -42.16 -20.94 -9.22
N ILE B 690 -42.09 -21.83 -8.24
CA ILE B 690 -42.95 -21.78 -7.07
C ILE B 690 -42.11 -21.65 -5.82
N ALA B 691 -42.73 -21.14 -4.76
CA ALA B 691 -42.11 -21.01 -3.46
C ALA B 691 -43.01 -21.63 -2.41
N TYR B 692 -42.40 -22.31 -1.44
CA TYR B 692 -43.17 -23.06 -0.46
C TYR B 692 -42.34 -23.21 0.81
N THR B 693 -43.02 -23.57 1.89
CA THR B 693 -42.36 -23.95 3.13
C THR B 693 -41.86 -25.38 2.99
N MET B 694 -40.55 -25.58 3.10
CA MET B 694 -40.00 -26.91 2.87
C MET B 694 -40.36 -27.86 4.00
N SER B 695 -40.49 -29.14 3.66
CA SER B 695 -40.87 -30.17 4.60
C SER B 695 -39.64 -30.94 5.07
N LEU B 696 -39.75 -31.51 6.26
CA LEU B 696 -38.64 -32.23 6.88
C LEU B 696 -38.72 -33.74 6.65
N GLY B 697 -39.82 -34.25 6.12
CA GLY B 697 -39.96 -35.67 5.89
C GLY B 697 -41.34 -36.21 6.24
N ALA B 698 -41.54 -37.50 6.00
CA ALA B 698 -42.84 -38.11 6.26
C ALA B 698 -43.13 -38.14 7.76
N GLU B 699 -44.37 -37.84 8.10
CA GLU B 699 -44.81 -37.94 9.49
C GLU B 699 -45.19 -39.39 9.79
N ASN B 700 -44.64 -39.93 10.89
CA ASN B 700 -44.73 -41.36 11.12
C ASN B 700 -44.62 -41.61 12.62
N SER B 701 -45.74 -41.90 13.26
CA SER B 701 -45.74 -42.28 14.67
C SER B 701 -45.39 -43.76 14.82
N VAL B 702 -44.85 -44.12 15.98
CA VAL B 702 -44.45 -45.49 16.27
C VAL B 702 -45.49 -46.10 17.21
N ALA B 703 -45.91 -47.33 16.91
CA ALA B 703 -46.96 -48.00 17.67
C ALA B 703 -46.38 -48.55 18.97
N TYR B 704 -46.07 -47.63 19.88
CA TYR B 704 -45.49 -47.99 21.16
C TYR B 704 -46.52 -48.62 22.08
N SER B 705 -46.09 -49.63 22.83
CA SER B 705 -46.86 -50.20 23.93
C SER B 705 -45.88 -50.99 24.79
N ASN B 706 -46.23 -51.18 26.05
CA ASN B 706 -45.28 -51.73 27.00
C ASN B 706 -45.16 -53.25 26.94
N ASN B 707 -45.91 -53.93 26.08
CA ASN B 707 -45.74 -55.37 25.89
C ASN B 707 -45.86 -55.73 24.42
N SER B 708 -45.24 -54.94 23.55
CA SER B 708 -45.28 -55.21 22.11
C SER B 708 -43.92 -54.92 21.51
N ILE B 709 -43.37 -55.90 20.79
CA ILE B 709 -42.07 -55.77 20.14
C ILE B 709 -42.20 -56.18 18.68
N ALA B 710 -41.55 -55.43 17.79
CA ALA B 710 -41.45 -55.77 16.38
C ALA B 710 -40.06 -56.31 16.10
N ILE B 711 -39.97 -57.53 15.59
CA ILE B 711 -38.71 -58.22 15.35
C ILE B 711 -38.61 -58.53 13.87
N PRO B 712 -37.55 -58.13 13.19
CA PRO B 712 -37.45 -58.38 11.75
C PRO B 712 -37.38 -59.87 11.44
N THR B 713 -38.10 -60.28 10.39
CA THR B 713 -38.11 -61.66 9.95
C THR B 713 -37.28 -61.89 8.69
N ASN B 714 -36.94 -60.82 7.98
CA ASN B 714 -36.16 -60.89 6.75
C ASN B 714 -35.22 -59.70 6.73
N PHE B 715 -34.28 -59.71 5.79
CA PHE B 715 -33.24 -58.70 5.74
C PHE B 715 -32.88 -58.37 4.30
N THR B 716 -32.19 -57.25 4.13
CA THR B 716 -31.65 -56.86 2.84
C THR B 716 -30.19 -56.46 3.00
N ILE B 717 -29.36 -56.85 2.03
CA ILE B 717 -27.98 -56.43 1.95
C ILE B 717 -27.91 -55.26 0.97
N SER B 718 -27.46 -54.11 1.45
CA SER B 718 -27.37 -52.91 0.62
C SER B 718 -25.93 -52.48 0.50
N VAL B 719 -25.61 -51.81 -0.61
CA VAL B 719 -24.29 -51.26 -0.86
C VAL B 719 -24.45 -49.77 -1.14
N THR B 720 -23.71 -48.95 -0.40
CA THR B 720 -23.75 -47.51 -0.53
C THR B 720 -22.39 -47.02 -0.98
N THR B 721 -22.36 -45.82 -1.55
CA THR B 721 -21.13 -45.22 -2.05
C THR B 721 -20.82 -43.99 -1.23
N GLU B 722 -19.65 -43.96 -0.62
CA GLU B 722 -19.18 -42.81 0.15
C GLU B 722 -17.94 -42.28 -0.53
N ILE B 723 -17.97 -41.00 -0.91
CA ILE B 723 -16.93 -40.39 -1.72
C ILE B 723 -16.25 -39.30 -0.89
N LEU B 724 -14.92 -39.39 -0.77
CA LEU B 724 -14.14 -38.41 -0.02
C LEU B 724 -12.97 -37.88 -0.84
N PRO B 725 -12.76 -36.56 -0.87
CA PRO B 725 -11.50 -36.02 -1.40
C PRO B 725 -10.32 -36.43 -0.54
N VAL B 726 -9.16 -36.53 -1.16
CA VAL B 726 -7.92 -36.92 -0.49
C VAL B 726 -6.82 -35.88 -0.67
N SER B 727 -6.62 -35.41 -1.90
CA SER B 727 -5.56 -34.47 -2.19
C SER B 727 -6.03 -33.48 -3.25
N MET B 728 -5.20 -32.47 -3.51
CA MET B 728 -5.51 -31.47 -4.51
C MET B 728 -4.26 -31.18 -5.33
N THR B 729 -4.40 -30.30 -6.31
CA THR B 729 -3.34 -30.06 -7.28
C THR B 729 -2.11 -29.44 -6.61
N LYS B 730 -0.93 -29.96 -6.98
CA LYS B 730 0.34 -29.50 -6.42
C LYS B 730 0.90 -28.38 -7.29
N THR B 731 0.31 -27.20 -7.14
CA THR B 731 0.72 -26.05 -7.94
C THR B 731 2.01 -25.45 -7.38
N SER B 732 2.68 -24.66 -8.22
CA SER B 732 3.87 -23.94 -7.81
C SER B 732 3.90 -22.61 -8.55
N VAL B 733 4.14 -21.52 -7.81
CA VAL B 733 4.12 -20.17 -8.36
C VAL B 733 5.46 -19.51 -8.09
N ASP B 734 5.92 -18.71 -9.06
CA ASP B 734 7.17 -17.96 -8.94
C ASP B 734 6.86 -16.47 -8.99
N CYS B 735 7.46 -15.71 -8.08
CA CYS B 735 7.33 -14.25 -8.11
C CYS B 735 8.04 -13.63 -9.29
N THR B 736 9.36 -13.88 -9.40
CA THR B 736 10.20 -13.05 -10.26
C THR B 736 9.69 -13.02 -11.69
N MET B 737 8.94 -14.05 -12.10
CA MET B 737 8.25 -13.99 -13.38
C MET B 737 6.80 -13.55 -13.26
N TYR B 738 6.21 -13.56 -12.07
CA TYR B 738 4.84 -13.09 -11.96
C TYR B 738 4.78 -11.60 -11.66
N ILE B 739 5.48 -11.14 -10.62
CA ILE B 739 5.46 -9.72 -10.29
C ILE B 739 6.25 -8.92 -11.31
N CYS B 740 7.44 -9.39 -11.66
CA CYS B 740 8.39 -8.65 -12.49
C CYS B 740 8.87 -9.49 -13.66
N GLY B 741 7.93 -10.08 -14.40
CA GLY B 741 8.29 -11.02 -15.43
C GLY B 741 9.24 -10.48 -16.49
N ASP B 742 10.50 -10.92 -16.43
CA ASP B 742 11.53 -10.60 -17.41
C ASP B 742 11.72 -9.08 -17.53
N SER B 743 12.11 -8.47 -16.41
CA SER B 743 12.44 -7.05 -16.39
C SER B 743 13.51 -6.81 -15.36
N THR B 744 14.61 -6.18 -15.77
CA THR B 744 15.69 -5.92 -14.82
C THR B 744 15.35 -4.78 -13.87
N GLU B 745 14.71 -3.72 -14.39
CA GLU B 745 14.38 -2.59 -13.53
C GLU B 745 13.38 -2.98 -12.45
N CYS B 746 12.36 -3.75 -12.82
CA CYS B 746 11.37 -4.18 -11.84
C CYS B 746 11.98 -5.13 -10.82
N SER B 747 12.81 -6.07 -11.28
CA SER B 747 13.39 -7.05 -10.37
C SER B 747 14.25 -6.40 -9.30
N ASN B 748 15.05 -5.39 -9.67
CA ASN B 748 15.87 -4.70 -8.70
C ASN B 748 15.04 -3.98 -7.65
N LEU B 749 13.89 -3.44 -8.04
CA LEU B 749 13.01 -2.79 -7.07
C LEU B 749 12.38 -3.80 -6.12
N LEU B 750 12.07 -5.00 -6.59
CA LEU B 750 11.42 -5.99 -5.75
C LEU B 750 12.30 -6.38 -4.57
N LEU B 751 13.62 -6.34 -4.74
CA LEU B 751 14.51 -6.72 -3.64
C LEU B 751 14.37 -5.80 -2.43
N GLN B 752 13.78 -4.62 -2.60
CA GLN B 752 13.59 -3.72 -1.47
C GLN B 752 12.48 -4.18 -0.54
N TYR B 753 11.74 -5.21 -0.92
CA TYR B 753 10.67 -5.75 -0.08
C TYR B 753 11.13 -6.95 0.73
N GLY B 754 12.43 -7.20 0.80
CA GLY B 754 12.94 -8.27 1.63
C GLY B 754 12.60 -9.64 1.09
N SER B 755 12.41 -10.59 2.02
CA SER B 755 12.14 -11.98 1.67
C SER B 755 10.64 -12.22 1.79
N PHE B 756 9.90 -11.73 0.80
CA PHE B 756 8.48 -12.08 0.69
C PHE B 756 8.29 -13.29 -0.19
N CYS B 757 8.88 -13.30 -1.38
CA CYS B 757 8.76 -14.45 -2.27
C CYS B 757 9.47 -15.68 -1.70
N THR B 758 10.60 -15.49 -1.03
CA THR B 758 11.23 -16.68 -0.47
C THR B 758 10.32 -17.27 0.59
N GLN B 759 9.61 -16.41 1.32
CA GLN B 759 8.58 -16.85 2.25
C GLN B 759 7.39 -17.45 1.51
N LEU B 760 6.95 -16.84 0.40
CA LEU B 760 5.80 -17.38 -0.32
C LEU B 760 6.12 -18.71 -0.98
N ASN B 761 7.28 -18.82 -1.63
CA ASN B 761 7.60 -20.08 -2.31
C ASN B 761 7.77 -21.21 -1.30
N ARG B 762 8.13 -20.87 -0.06
CA ARG B 762 8.16 -21.86 1.00
C ARG B 762 6.75 -22.33 1.37
N ALA B 763 5.81 -21.40 1.49
CA ALA B 763 4.45 -21.76 1.88
C ALA B 763 3.80 -22.69 0.86
N LEU B 764 3.97 -22.41 -0.43
CA LEU B 764 3.38 -23.28 -1.44
C LEU B 764 4.07 -24.62 -1.51
N THR B 765 5.38 -24.66 -1.26
CA THR B 765 6.08 -25.94 -1.21
C THR B 765 5.56 -26.80 -0.05
N GLY B 766 5.34 -26.18 1.11
CA GLY B 766 4.81 -26.92 2.24
C GLY B 766 3.49 -27.60 1.93
N ILE B 767 2.61 -26.91 1.19
CA ILE B 767 1.35 -27.52 0.79
C ILE B 767 1.61 -28.68 -0.16
N ALA B 768 2.46 -28.46 -1.16
CA ALA B 768 2.71 -29.47 -2.18
C ALA B 768 3.24 -30.77 -1.58
N VAL B 769 4.08 -30.67 -0.55
CA VAL B 769 4.66 -31.87 0.03
C VAL B 769 3.60 -32.71 0.74
N GLU B 770 2.77 -32.08 1.57
CA GLU B 770 1.78 -32.87 2.31
C GLU B 770 0.71 -33.45 1.40
N GLN B 771 0.55 -32.93 0.18
CA GLN B 771 -0.41 -33.54 -0.74
C GLN B 771 0.00 -34.96 -1.08
N ASP B 772 1.30 -35.26 -1.01
CA ASP B 772 1.78 -36.62 -1.19
C ASP B 772 1.63 -37.43 0.09
N LYS B 773 1.74 -36.77 1.25
CA LYS B 773 1.47 -37.43 2.52
C LYS B 773 0.01 -37.86 2.62
N ASN B 774 -0.92 -37.03 2.14
CA ASN B 774 -2.33 -37.36 2.24
C ASN B 774 -2.64 -38.65 1.50
N THR B 775 -2.12 -38.80 0.29
CA THR B 775 -2.31 -40.04 -0.45
C THR B 775 -1.59 -41.20 0.24
N GLN B 776 -0.41 -40.93 0.79
CA GLN B 776 0.38 -41.99 1.42
C GLN B 776 -0.33 -42.58 2.62
N GLU B 777 -0.97 -41.74 3.44
CA GLU B 777 -1.68 -42.24 4.61
C GLU B 777 -2.92 -43.04 4.26
N VAL B 778 -3.62 -42.68 3.19
CA VAL B 778 -4.87 -43.35 2.87
C VAL B 778 -4.62 -44.72 2.26
N PHE B 779 -3.73 -44.80 1.28
CA PHE B 779 -3.57 -46.02 0.50
C PHE B 779 -2.43 -46.90 0.97
N ALA B 780 -1.27 -46.32 1.28
CA ALA B 780 -0.10 -47.12 1.67
C ALA B 780 -0.27 -47.60 3.11
N GLN B 781 -1.24 -48.49 3.30
CA GLN B 781 -1.49 -49.09 4.59
C GLN B 781 -1.20 -50.59 4.62
N VAL B 782 -0.92 -51.20 3.47
CA VAL B 782 -0.49 -52.58 3.39
C VAL B 782 0.96 -52.62 2.94
N LYS B 783 1.79 -53.35 3.67
CA LYS B 783 3.20 -53.46 3.34
C LYS B 783 3.48 -54.46 2.23
N GLN B 784 2.53 -55.34 1.93
CA GLN B 784 2.70 -56.33 0.88
C GLN B 784 1.53 -56.25 -0.08
N ILE B 785 1.80 -56.54 -1.35
CA ILE B 785 0.80 -56.44 -2.41
C ILE B 785 0.21 -57.83 -2.59
N TYR B 786 -0.90 -58.08 -1.91
CA TYR B 786 -1.60 -59.34 -2.07
C TYR B 786 -2.32 -59.37 -3.42
N LYS B 787 -2.65 -60.58 -3.87
CA LYS B 787 -3.43 -60.71 -5.09
C LYS B 787 -4.25 -61.99 -5.04
N THR B 788 -5.42 -61.93 -5.67
CA THR B 788 -6.40 -63.00 -5.58
C THR B 788 -5.96 -64.23 -6.38
N PRO B 789 -6.44 -65.41 -6.02
CA PRO B 789 -6.10 -66.62 -6.77
C PRO B 789 -6.75 -66.60 -8.14
N PRO B 790 -6.23 -67.38 -9.09
CA PRO B 790 -6.84 -67.42 -10.42
C PRO B 790 -8.26 -67.96 -10.44
N ILE B 791 -8.66 -68.75 -9.45
CA ILE B 791 -10.00 -69.32 -9.37
C ILE B 791 -10.85 -68.45 -8.46
N LYS B 792 -11.96 -67.95 -8.99
CA LYS B 792 -12.84 -67.04 -8.24
C LYS B 792 -14.03 -67.80 -7.67
N ASP B 793 -13.73 -68.70 -6.74
CA ASP B 793 -14.76 -69.46 -6.02
C ASP B 793 -14.94 -68.83 -4.64
N PHE B 794 -15.70 -67.75 -4.60
CA PHE B 794 -15.93 -67.00 -3.37
C PHE B 794 -17.28 -67.28 -2.75
N GLY B 795 -17.77 -68.52 -2.86
CA GLY B 795 -19.01 -68.90 -2.23
C GLY B 795 -20.25 -68.35 -2.89
N GLY B 796 -20.17 -67.90 -4.13
CA GLY B 796 -21.29 -67.34 -4.85
C GLY B 796 -21.22 -65.84 -5.04
N PHE B 797 -20.40 -65.16 -4.25
CA PHE B 797 -20.25 -63.72 -4.40
C PHE B 797 -19.41 -63.41 -5.64
N ASN B 798 -19.69 -62.26 -6.25
CA ASN B 798 -19.11 -61.91 -7.54
C ASN B 798 -18.44 -60.55 -7.44
N PHE B 799 -17.11 -60.53 -7.49
CA PHE B 799 -16.32 -59.31 -7.35
C PHE B 799 -15.72 -58.84 -8.67
N SER B 800 -16.15 -59.41 -9.80
CA SER B 800 -15.51 -59.11 -11.07
C SER B 800 -15.63 -57.64 -11.46
N GLN B 801 -16.55 -56.91 -10.86
CA GLN B 801 -16.72 -55.50 -11.17
C GLN B 801 -15.82 -54.59 -10.34
N ILE B 802 -15.08 -55.14 -9.39
CA ILE B 802 -14.17 -54.33 -8.57
C ILE B 802 -12.74 -54.86 -8.56
N LEU B 803 -12.49 -56.09 -8.98
CA LEU B 803 -11.13 -56.60 -9.09
C LEU B 803 -10.46 -56.06 -10.35
N PRO B 804 -9.13 -56.12 -10.42
CA PRO B 804 -8.43 -55.52 -11.57
C PRO B 804 -8.84 -56.13 -12.90
N ASP B 805 -8.76 -55.30 -13.94
CA ASP B 805 -9.06 -55.70 -15.31
C ASP B 805 -7.77 -55.77 -16.11
N PRO B 806 -7.26 -56.96 -16.43
CA PRO B 806 -6.01 -57.06 -17.17
C PRO B 806 -6.08 -56.48 -18.58
N SER B 807 -7.27 -56.32 -19.15
CA SER B 807 -7.40 -55.85 -20.52
C SER B 807 -7.03 -54.39 -20.70
N LYS B 808 -6.85 -53.65 -19.61
CA LYS B 808 -6.45 -52.25 -19.71
C LYS B 808 -4.95 -52.10 -19.45
N PRO B 809 -4.28 -51.21 -20.18
CA PRO B 809 -2.87 -50.94 -19.86
C PRO B 809 -2.67 -50.43 -18.44
N SER B 810 -3.60 -49.61 -17.94
CA SER B 810 -3.65 -49.24 -16.54
C SER B 810 -4.64 -50.18 -15.86
N LYS B 811 -4.13 -51.11 -15.06
CA LYS B 811 -4.94 -52.22 -14.54
C LYS B 811 -5.90 -51.69 -13.48
N ARG B 812 -6.98 -51.07 -13.95
CA ARG B 812 -8.04 -50.54 -13.11
C ARG B 812 -9.27 -51.42 -13.25
N SER B 813 -10.07 -51.48 -12.19
CA SER B 813 -11.30 -52.26 -12.21
C SER B 813 -12.33 -51.59 -13.11
N PHE B 814 -13.48 -52.24 -13.26
CA PHE B 814 -14.54 -51.69 -14.09
C PHE B 814 -15.11 -50.43 -13.46
N ILE B 815 -15.45 -50.48 -12.17
CA ILE B 815 -16.03 -49.31 -11.51
C ILE B 815 -15.04 -48.15 -11.49
N GLU B 816 -13.76 -48.44 -11.24
CA GLU B 816 -12.76 -47.38 -11.24
C GLU B 816 -12.72 -46.65 -12.58
N ASP B 817 -12.86 -47.39 -13.68
CA ASP B 817 -12.90 -46.76 -15.00
C ASP B 817 -14.06 -45.78 -15.10
N LEU B 818 -15.20 -46.12 -14.50
CA LEU B 818 -16.35 -45.21 -14.54
C LEU B 818 -16.05 -43.92 -13.79
N LEU B 819 -15.35 -44.02 -12.66
CA LEU B 819 -15.07 -42.84 -11.84
C LEU B 819 -14.11 -41.89 -12.54
N PHE B 820 -13.08 -42.43 -13.21
CA PHE B 820 -12.11 -41.58 -13.88
C PHE B 820 -12.69 -40.89 -15.12
N ASN B 821 -13.80 -41.37 -15.65
CA ASN B 821 -14.40 -40.78 -16.84
C ASN B 821 -15.42 -39.70 -16.50
N LYS B 822 -15.50 -39.29 -15.24
CA LYS B 822 -16.45 -38.27 -14.81
C LYS B 822 -15.78 -37.00 -14.31
N VAL B 823 -14.72 -37.14 -13.50
CA VAL B 823 -14.03 -35.97 -12.95
C VAL B 823 -13.03 -35.47 -13.99
N THR B 824 -13.13 -34.19 -14.34
CA THR B 824 -12.29 -33.61 -15.37
C THR B 824 -11.22 -32.70 -14.77
N LYS B 851 0.23 -20.28 -16.75
CA LYS B 851 0.63 -20.85 -18.03
C LYS B 851 2.06 -20.43 -18.38
N PHE B 852 2.18 -19.21 -18.93
CA PHE B 852 3.47 -18.64 -19.29
C PHE B 852 3.95 -17.60 -18.30
N ASN B 853 3.32 -17.51 -17.13
CA ASN B 853 3.58 -16.45 -16.16
C ASN B 853 4.21 -16.97 -14.88
N GLY B 854 4.95 -18.06 -14.97
CA GLY B 854 5.55 -18.67 -13.81
C GLY B 854 4.66 -19.61 -13.05
N LEU B 855 3.52 -19.98 -13.61
CA LEU B 855 2.55 -20.84 -12.95
C LEU B 855 2.70 -22.25 -13.50
N THR B 856 3.08 -23.19 -12.65
CA THR B 856 3.28 -24.58 -13.07
C THR B 856 2.53 -25.51 -12.13
N VAL B 857 2.39 -26.76 -12.57
CA VAL B 857 1.74 -27.81 -11.80
C VAL B 857 2.73 -28.95 -11.63
N LEU B 858 2.96 -29.36 -10.43
CA LEU B 858 3.88 -30.46 -10.24
C LEU B 858 3.15 -31.79 -10.33
N PRO B 859 3.81 -32.84 -10.80
CA PRO B 859 3.15 -34.15 -10.88
C PRO B 859 3.10 -34.82 -9.52
N PRO B 860 2.06 -35.60 -9.24
CA PRO B 860 2.01 -36.32 -7.97
C PRO B 860 3.06 -37.41 -7.91
N LEU B 861 3.52 -37.69 -6.68
CA LEU B 861 4.59 -38.68 -6.51
C LEU B 861 4.08 -40.10 -6.75
N LEU B 862 2.85 -40.40 -6.33
CA LEU B 862 2.23 -41.68 -6.59
C LEU B 862 1.44 -41.59 -7.89
N THR B 863 1.91 -42.29 -8.92
CA THR B 863 1.22 -42.26 -10.20
C THR B 863 -0.07 -43.06 -10.10
N ASP B 864 -1.01 -42.78 -11.01
CA ASP B 864 -2.33 -43.38 -10.92
C ASP B 864 -2.28 -44.89 -11.00
N GLU B 865 -1.32 -45.43 -11.76
CA GLU B 865 -1.14 -46.89 -11.82
C GLU B 865 -0.80 -47.44 -10.45
N MET B 866 0.01 -46.72 -9.68
CA MET B 866 0.37 -47.18 -8.35
C MET B 866 -0.79 -47.09 -7.38
N ILE B 867 -1.67 -46.10 -7.55
CA ILE B 867 -2.83 -45.99 -6.67
C ILE B 867 -3.76 -47.17 -6.87
N ALA B 868 -4.00 -47.55 -8.12
CA ALA B 868 -4.84 -48.73 -8.39
C ALA B 868 -4.22 -49.98 -7.81
N GLN B 869 -2.90 -50.10 -7.86
CA GLN B 869 -2.23 -51.28 -7.32
C GLN B 869 -2.40 -51.37 -5.81
N TYR B 870 -2.42 -50.24 -5.12
CA TYR B 870 -2.65 -50.27 -3.68
C TYR B 870 -4.08 -50.70 -3.35
N THR B 871 -5.06 -50.21 -4.10
CA THR B 871 -6.44 -50.56 -3.80
C THR B 871 -6.73 -52.01 -4.12
N SER B 872 -6.05 -52.59 -5.12
CA SER B 872 -6.20 -54.00 -5.39
C SER B 872 -5.65 -54.83 -4.22
N ALA B 873 -4.49 -54.45 -3.69
CA ALA B 873 -3.93 -55.17 -2.55
C ALA B 873 -4.85 -55.08 -1.34
N LEU B 874 -5.42 -53.90 -1.10
CA LEU B 874 -6.35 -53.75 0.01
C LEU B 874 -7.60 -54.58 -0.24
N LEU B 875 -8.07 -54.59 -1.49
CA LEU B 875 -9.24 -55.39 -1.84
C LEU B 875 -8.91 -56.88 -1.86
N ALA B 876 -7.79 -57.27 -2.47
CA ALA B 876 -7.44 -58.68 -2.54
C ALA B 876 -7.22 -59.28 -1.17
N GLY B 877 -6.66 -58.51 -0.24
CA GLY B 877 -6.52 -58.98 1.12
C GLY B 877 -7.85 -59.24 1.80
N THR B 878 -8.78 -58.31 1.64
CA THR B 878 -10.08 -58.39 2.32
C THR B 878 -10.83 -59.68 2.00
N ILE B 879 -10.88 -60.09 0.73
CA ILE B 879 -11.64 -61.29 0.40
C ILE B 879 -10.96 -62.56 0.92
N THR B 880 -9.65 -62.65 0.76
CA THR B 880 -8.98 -63.92 1.03
C THR B 880 -8.52 -64.07 2.47
N SER B 881 -8.42 -62.99 3.24
CA SER B 881 -7.91 -63.08 4.59
C SER B 881 -8.75 -62.41 5.65
N GLY B 882 -9.86 -61.78 5.27
CA GLY B 882 -10.72 -61.17 6.28
C GLY B 882 -10.09 -59.91 6.86
N TRP B 883 -10.20 -59.77 8.18
CA TRP B 883 -9.54 -58.68 8.87
C TRP B 883 -8.17 -59.05 9.40
N THR B 884 -7.73 -60.29 9.17
CA THR B 884 -6.49 -60.75 9.76
C THR B 884 -5.27 -60.08 9.12
N PHE B 885 -5.38 -59.67 7.86
CA PHE B 885 -4.23 -59.06 7.20
C PHE B 885 -3.93 -57.67 7.76
N GLY B 886 -4.90 -57.05 8.43
CA GLY B 886 -4.66 -55.75 9.02
C GLY B 886 -3.77 -55.82 10.26
N ALA B 887 -4.04 -56.78 11.14
CA ALA B 887 -3.26 -56.89 12.38
C ALA B 887 -1.87 -57.45 12.11
N GLY B 888 -1.79 -58.68 11.63
CA GLY B 888 -0.50 -59.30 11.41
C GLY B 888 -0.30 -59.82 10.00
N ALA B 889 -0.04 -61.12 9.89
CA ALA B 889 0.09 -61.77 8.59
C ALA B 889 -1.28 -62.26 8.11
N ALA B 890 -1.47 -62.24 6.81
CA ALA B 890 -2.76 -62.62 6.24
C ALA B 890 -2.96 -64.12 6.40
N LEU B 891 -4.05 -64.49 7.08
CA LEU B 891 -4.42 -65.88 7.31
C LEU B 891 -5.68 -66.17 6.52
N GLN B 892 -5.58 -67.09 5.56
CA GLN B 892 -6.69 -67.29 4.64
C GLN B 892 -7.86 -67.99 5.34
N ILE B 893 -9.06 -67.73 4.83
CA ILE B 893 -10.29 -68.29 5.37
C ILE B 893 -11.33 -68.24 4.25
N PRO B 894 -12.13 -69.29 4.05
CA PRO B 894 -13.12 -69.27 2.99
C PRO B 894 -14.07 -68.09 3.15
N PHE B 895 -14.39 -67.45 2.01
CA PHE B 895 -15.21 -66.25 2.06
C PHE B 895 -16.58 -66.56 2.65
N ALA B 896 -17.16 -67.72 2.31
CA ALA B 896 -18.46 -68.07 2.84
C ALA B 896 -18.41 -68.12 4.36
N MET B 897 -17.32 -68.63 4.92
CA MET B 897 -17.15 -68.62 6.37
C MET B 897 -16.84 -67.22 6.88
N GLN B 898 -16.12 -66.41 6.12
CA GLN B 898 -15.82 -65.05 6.55
C GLN B 898 -17.08 -64.27 6.88
N MET B 899 -18.12 -64.42 6.07
CA MET B 899 -19.38 -63.73 6.35
C MET B 899 -20.04 -64.24 7.62
N ALA B 900 -19.88 -65.51 7.97
CA ALA B 900 -20.52 -66.03 9.17
C ALA B 900 -20.06 -65.27 10.40
N TYR B 901 -18.79 -64.90 10.44
CA TYR B 901 -18.23 -64.16 11.56
C TYR B 901 -18.40 -62.67 11.42
N ARG B 902 -18.71 -62.18 10.22
CA ARG B 902 -19.18 -60.81 10.07
C ARG B 902 -20.60 -60.67 10.58
N PHE B 903 -21.42 -61.71 10.42
CA PHE B 903 -22.78 -61.71 10.95
C PHE B 903 -22.79 -61.77 12.47
N ASN B 904 -21.89 -62.56 13.07
CA ASN B 904 -21.79 -62.56 14.51
C ASN B 904 -21.47 -61.18 15.06
N GLY B 905 -20.69 -60.39 14.30
CA GLY B 905 -20.32 -59.06 14.76
C GLY B 905 -21.49 -58.11 14.92
N ILE B 906 -22.63 -58.43 14.32
CA ILE B 906 -23.82 -57.60 14.44
C ILE B 906 -24.93 -58.32 15.21
N GLY B 907 -24.58 -59.37 15.95
CA GLY B 907 -25.55 -60.05 16.78
C GLY B 907 -26.53 -60.94 16.06
N VAL B 908 -26.19 -61.40 14.85
CA VAL B 908 -27.01 -62.34 14.10
C VAL B 908 -26.27 -63.67 14.07
N THR B 909 -26.93 -64.73 14.54
CA THR B 909 -26.28 -66.03 14.66
C THR B 909 -25.85 -66.51 13.28
N GLN B 910 -24.70 -67.18 13.22
CA GLN B 910 -24.09 -67.51 11.94
C GLN B 910 -24.92 -68.50 11.12
N ASN B 911 -25.82 -69.25 11.75
CA ASN B 911 -26.62 -70.19 10.98
C ASN B 911 -27.55 -69.48 10.00
N VAL B 912 -27.80 -68.19 10.23
CA VAL B 912 -28.62 -67.41 9.31
C VAL B 912 -27.95 -67.29 7.96
N LEU B 913 -26.63 -67.05 7.96
CA LEU B 913 -25.89 -66.93 6.71
C LEU B 913 -25.93 -68.23 5.91
N TYR B 914 -25.60 -69.35 6.55
CA TYR B 914 -25.42 -70.59 5.80
C TYR B 914 -26.72 -71.05 5.20
N GLU B 915 -27.80 -71.00 5.98
CA GLU B 915 -29.11 -71.40 5.48
C GLU B 915 -29.65 -70.43 4.45
N ASN B 916 -29.11 -69.22 4.36
CA ASN B 916 -29.52 -68.22 3.39
C ASN B 916 -28.37 -67.77 2.51
N GLN B 917 -27.46 -68.69 2.16
CA GLN B 917 -26.24 -68.26 1.49
C GLN B 917 -26.51 -67.85 0.05
N LYS B 918 -27.37 -68.57 -0.67
CA LYS B 918 -27.65 -68.20 -2.05
C LYS B 918 -28.43 -66.90 -2.13
N LEU B 919 -29.38 -66.70 -1.20
CA LEU B 919 -30.15 -65.46 -1.20
C LEU B 919 -29.26 -64.26 -0.91
N ILE B 920 -28.38 -64.39 0.08
CA ILE B 920 -27.49 -63.28 0.44
C ILE B 920 -26.54 -62.96 -0.71
N ALA B 921 -25.95 -64.00 -1.31
CA ALA B 921 -25.01 -63.77 -2.41
C ALA B 921 -25.68 -63.09 -3.59
N ASN B 922 -26.92 -63.47 -3.91
CA ASN B 922 -27.62 -62.86 -5.03
C ASN B 922 -27.95 -61.40 -4.73
N GLN B 923 -28.31 -61.09 -3.48
CA GLN B 923 -28.59 -59.70 -3.13
C GLN B 923 -27.33 -58.85 -3.22
N PHE B 924 -26.19 -59.40 -2.81
CA PHE B 924 -24.93 -58.66 -2.92
C PHE B 924 -24.61 -58.37 -4.38
N ASN B 925 -24.72 -59.38 -5.26
CA ASN B 925 -24.36 -59.19 -6.65
C ASN B 925 -25.25 -58.14 -7.32
N SER B 926 -26.54 -58.12 -6.99
CA SER B 926 -27.42 -57.11 -7.56
C SER B 926 -27.10 -55.73 -7.01
N ALA B 927 -26.77 -55.65 -5.72
CA ALA B 927 -26.44 -54.37 -5.11
C ALA B 927 -25.22 -53.73 -5.78
N ILE B 928 -24.22 -54.56 -6.11
CA ILE B 928 -23.06 -54.03 -6.82
C ILE B 928 -23.45 -53.57 -8.22
N GLY B 929 -24.29 -54.36 -8.90
CA GLY B 929 -24.74 -53.97 -10.23
C GLY B 929 -25.43 -52.62 -10.26
N LYS B 930 -26.19 -52.32 -9.22
CA LYS B 930 -26.87 -51.02 -9.18
C LYS B 930 -25.87 -49.87 -9.10
N ILE B 931 -24.71 -50.09 -8.47
CA ILE B 931 -23.73 -49.03 -8.40
C ILE B 931 -23.28 -48.63 -9.80
N GLN B 932 -23.06 -49.61 -10.67
CA GLN B 932 -22.65 -49.30 -12.04
C GLN B 932 -23.70 -48.49 -12.77
N ASP B 933 -24.98 -48.85 -12.59
CA ASP B 933 -26.07 -48.12 -13.24
C ASP B 933 -26.18 -46.71 -12.68
N SER B 934 -25.94 -46.55 -11.38
CA SER B 934 -26.01 -45.22 -10.77
C SER B 934 -24.91 -44.32 -11.34
N LEU B 935 -23.67 -44.81 -11.36
CA LEU B 935 -22.56 -43.99 -11.83
C LEU B 935 -22.69 -43.67 -13.31
N SER B 936 -23.13 -44.64 -14.12
CA SER B 936 -23.12 -44.47 -15.57
C SER B 936 -24.12 -43.43 -16.06
N SER B 937 -25.02 -42.95 -15.22
CA SER B 937 -26.04 -42.01 -15.64
C SER B 937 -26.05 -40.69 -14.86
N THR B 938 -25.69 -40.72 -13.57
CA THR B 938 -25.78 -39.54 -12.72
C THR B 938 -24.39 -38.93 -12.57
N ALA B 939 -24.18 -37.78 -13.22
CA ALA B 939 -22.89 -37.09 -13.15
C ALA B 939 -22.66 -36.44 -11.79
N SER B 940 -23.72 -35.96 -11.14
CA SER B 940 -23.61 -35.26 -9.87
C SER B 940 -23.09 -36.13 -8.73
N ALA B 941 -23.00 -37.45 -8.94
CA ALA B 941 -22.54 -38.35 -7.89
C ALA B 941 -21.14 -37.98 -7.38
N LEU B 942 -20.31 -37.41 -8.24
CA LEU B 942 -18.92 -37.11 -7.92
C LEU B 942 -18.70 -35.64 -7.59
N GLY B 943 -19.75 -34.94 -7.16
CA GLY B 943 -19.65 -33.52 -6.88
C GLY B 943 -18.58 -33.14 -5.86
N LYS B 944 -18.37 -33.98 -4.86
CA LYS B 944 -17.40 -33.64 -3.82
C LYS B 944 -15.98 -33.53 -4.38
N LEU B 945 -15.67 -34.27 -5.44
CA LEU B 945 -14.36 -34.20 -6.07
C LEU B 945 -14.29 -33.19 -7.19
N GLN B 946 -15.40 -32.97 -7.90
CA GLN B 946 -15.39 -31.97 -8.96
C GLN B 946 -15.26 -30.56 -8.38
N ASP B 947 -15.84 -30.33 -7.20
CA ASP B 947 -15.75 -29.01 -6.59
C ASP B 947 -14.32 -28.66 -6.20
N VAL B 948 -13.53 -29.65 -5.78
CA VAL B 948 -12.14 -29.39 -5.43
C VAL B 948 -11.36 -28.98 -6.67
N VAL B 949 -11.58 -29.68 -7.78
CA VAL B 949 -10.90 -29.33 -9.04
C VAL B 949 -11.34 -27.95 -9.50
N ASN B 950 -12.64 -27.66 -9.40
CA ASN B 950 -13.14 -26.37 -9.86
C ASN B 950 -12.63 -25.22 -9.00
N GLN B 951 -12.54 -25.41 -7.68
CA GLN B 951 -12.08 -24.33 -6.82
C GLN B 951 -10.63 -23.97 -7.09
N ASN B 952 -9.79 -24.95 -7.39
CA ASN B 952 -8.38 -24.64 -7.64
C ASN B 952 -8.19 -23.98 -8.99
N ALA B 953 -8.92 -24.43 -10.00
CA ALA B 953 -8.85 -23.78 -11.31
C ALA B 953 -9.43 -22.38 -11.25
N GLN B 954 -10.53 -22.20 -10.52
CA GLN B 954 -11.15 -20.88 -10.39
C GLN B 954 -10.23 -19.93 -9.64
N ALA B 955 -9.58 -20.40 -8.58
CA ALA B 955 -8.66 -19.56 -7.83
C ALA B 955 -7.45 -19.16 -8.68
N LEU B 956 -6.94 -20.09 -9.50
CA LEU B 956 -5.75 -19.81 -10.29
C LEU B 956 -6.05 -18.84 -11.43
N ASN B 957 -7.24 -18.95 -12.03
CA ASN B 957 -7.59 -18.01 -13.10
C ASN B 957 -7.74 -16.59 -12.57
N THR B 958 -8.21 -16.42 -11.34
CA THR B 958 -8.29 -15.09 -10.77
C THR B 958 -6.91 -14.48 -10.64
N LEU B 959 -5.93 -15.28 -10.23
CA LEU B 959 -4.55 -14.81 -10.11
C LEU B 959 -4.02 -14.32 -11.45
N VAL B 960 -4.32 -15.06 -12.53
CA VAL B 960 -3.83 -14.68 -13.85
C VAL B 960 -4.49 -13.37 -14.31
N LYS B 961 -5.80 -13.25 -14.10
CA LYS B 961 -6.50 -12.04 -14.53
C LYS B 961 -5.97 -10.79 -13.85
N GLN B 962 -5.42 -10.92 -12.64
CA GLN B 962 -4.92 -9.76 -11.92
C GLN B 962 -3.79 -9.05 -12.65
N LEU B 963 -3.12 -9.73 -13.59
CA LEU B 963 -2.06 -9.08 -14.34
C LEU B 963 -2.59 -8.00 -15.28
N SER B 964 -3.87 -8.04 -15.63
CA SER B 964 -4.44 -7.07 -16.54
C SER B 964 -4.87 -5.78 -15.84
N SER B 965 -4.71 -5.70 -14.52
CA SER B 965 -5.14 -4.54 -13.77
C SER B 965 -4.05 -3.48 -13.71
N ASN B 966 -4.46 -2.22 -13.64
CA ASN B 966 -3.51 -1.12 -13.58
C ASN B 966 -3.02 -0.86 -12.15
N PHE B 967 -3.87 -1.06 -11.15
CA PHE B 967 -3.55 -0.77 -9.76
C PHE B 967 -3.19 0.69 -9.53
N GLY B 968 -3.53 1.57 -10.48
CA GLY B 968 -3.22 2.98 -10.40
C GLY B 968 -2.16 3.43 -11.36
N ALA B 969 -1.35 2.52 -11.89
CA ALA B 969 -0.34 2.89 -12.87
C ALA B 969 -0.98 3.28 -14.19
N ILE B 970 -0.15 3.81 -15.09
CA ILE B 970 -0.66 4.24 -16.39
C ILE B 970 -0.94 3.07 -17.32
N SER B 971 -0.37 1.89 -17.06
CA SER B 971 -0.55 0.75 -17.93
C SER B 971 -0.43 -0.53 -17.13
N SER B 972 -1.16 -1.55 -17.56
CA SER B 972 -1.05 -2.87 -16.97
C SER B 972 0.13 -3.66 -17.52
N VAL B 973 0.75 -3.19 -18.60
CA VAL B 973 1.90 -3.85 -19.20
C VAL B 973 3.16 -3.19 -18.69
N LEU B 974 4.09 -4.00 -18.18
CA LEU B 974 5.27 -3.45 -17.54
C LEU B 974 6.22 -2.85 -18.57
N ASN B 975 6.34 -3.48 -19.74
CA ASN B 975 7.25 -2.97 -20.76
C ASN B 975 6.81 -1.63 -21.32
N ASP B 976 5.50 -1.34 -21.30
CA ASP B 976 5.05 -0.07 -21.86
C ASP B 976 5.43 1.11 -20.98
N ILE B 977 5.58 0.88 -19.68
CA ILE B 977 6.07 1.95 -18.82
C ILE B 977 7.55 2.21 -19.11
N LEU B 978 8.34 1.13 -19.19
CA LEU B 978 9.77 1.28 -19.45
C LEU B 978 10.03 1.82 -20.84
N SER B 979 9.22 1.41 -21.83
CA SER B 979 9.39 1.83 -23.21
C SER B 979 8.90 3.25 -23.47
N ARG B 980 8.28 3.90 -22.49
CA ARG B 980 7.75 5.25 -22.67
C ARG B 980 8.23 6.25 -21.65
N LEU B 981 8.72 5.83 -20.50
CA LEU B 981 9.21 6.72 -19.46
C LEU B 981 10.68 6.44 -19.18
N ASP B 982 11.43 7.50 -18.91
CA ASP B 982 12.79 7.38 -18.43
C ASP B 982 12.78 7.13 -16.91
N PRO B 983 13.86 6.54 -16.38
CA PRO B 983 13.76 5.81 -15.10
C PRO B 983 13.20 6.59 -13.93
N PRO B 984 13.55 7.88 -13.72
CA PRO B 984 13.10 8.53 -12.47
C PRO B 984 11.59 8.60 -12.32
N GLU B 985 10.86 8.65 -13.43
CA GLU B 985 9.40 8.58 -13.50
C GLU B 985 8.86 7.15 -13.51
N ALA B 986 9.41 6.28 -14.34
CA ALA B 986 9.00 4.88 -14.32
C ALA B 986 9.07 4.24 -12.94
N GLU B 987 10.02 4.64 -12.08
CA GLU B 987 10.16 3.96 -10.78
C GLU B 987 8.91 4.09 -9.92
N VAL B 988 8.22 5.23 -9.97
CA VAL B 988 6.99 5.35 -9.20
C VAL B 988 5.87 4.53 -9.84
N GLN B 989 5.77 4.55 -11.17
CA GLN B 989 4.71 3.80 -11.84
C GLN B 989 4.85 2.30 -11.63
N ILE B 990 6.09 1.80 -11.60
CA ILE B 990 6.32 0.38 -11.39
C ILE B 990 5.96 -0.02 -9.96
N ASP B 991 6.29 0.82 -8.99
CA ASP B 991 5.98 0.52 -7.59
C ASP B 991 4.50 0.23 -7.40
N ARG B 992 3.63 0.91 -8.14
CA ARG B 992 2.20 0.63 -8.03
C ARG B 992 1.87 -0.79 -8.52
N LEU B 993 2.52 -1.24 -9.59
CA LEU B 993 2.26 -2.59 -10.09
C LEU B 993 2.82 -3.65 -9.15
N ILE B 994 3.99 -3.39 -8.56
CA ILE B 994 4.59 -4.37 -7.66
C ILE B 994 3.73 -4.53 -6.41
N THR B 995 3.27 -3.43 -5.82
CA THR B 995 2.43 -3.51 -4.64
C THR B 995 1.14 -4.26 -4.93
N GLY B 996 0.49 -3.95 -6.06
CA GLY B 996 -0.75 -4.63 -6.40
C GLY B 996 -0.55 -6.10 -6.69
N ARG B 997 0.51 -6.43 -7.43
CA ARG B 997 0.73 -7.84 -7.79
C ARG B 997 1.24 -8.65 -6.61
N LEU B 998 2.02 -8.04 -5.73
CA LEU B 998 2.49 -8.77 -4.55
C LEU B 998 1.35 -9.07 -3.59
N GLN B 999 0.43 -8.12 -3.42
CA GLN B 999 -0.74 -8.37 -2.59
C GLN B 999 -1.61 -9.48 -3.17
N SER B 1000 -1.68 -9.56 -4.50
CA SER B 1000 -2.47 -10.61 -5.14
C SER B 1000 -1.93 -11.99 -4.82
N LEU B 1001 -0.61 -12.17 -4.82
CA LEU B 1001 -0.04 -13.46 -4.48
C LEU B 1001 -0.32 -13.83 -3.02
N GLN B 1002 -0.21 -12.87 -2.11
CA GLN B 1002 -0.48 -13.17 -0.71
C GLN B 1002 -1.91 -13.62 -0.52
N THR B 1003 -2.85 -13.02 -1.26
CA THR B 1003 -4.24 -13.44 -1.17
C THR B 1003 -4.40 -14.88 -1.66
N TYR B 1004 -3.79 -15.20 -2.80
CA TYR B 1004 -3.86 -16.56 -3.33
C TYR B 1004 -3.27 -17.58 -2.37
N VAL B 1005 -2.07 -17.31 -1.87
CA VAL B 1005 -1.39 -18.26 -0.99
C VAL B 1005 -2.20 -18.49 0.27
N THR B 1006 -2.74 -17.41 0.85
CA THR B 1006 -3.58 -17.57 2.04
C THR B 1006 -4.79 -18.44 1.75
N GLN B 1007 -5.41 -18.26 0.59
CA GLN B 1007 -6.57 -19.07 0.24
C GLN B 1007 -6.20 -20.53 0.13
N GLN B 1008 -5.01 -20.83 -0.41
CA GLN B 1008 -4.58 -22.21 -0.54
C GLN B 1008 -4.24 -22.82 0.82
N LEU B 1009 -3.66 -22.04 1.74
CA LEU B 1009 -3.31 -22.58 3.04
C LEU B 1009 -4.55 -23.00 3.82
N ILE B 1010 -5.62 -22.20 3.74
CA ILE B 1010 -6.86 -22.55 4.40
C ILE B 1010 -7.51 -23.73 3.70
N ARG B 1011 -7.56 -23.68 2.37
CA ARG B 1011 -8.17 -24.77 1.61
C ARG B 1011 -7.39 -26.08 1.79
N ALA B 1012 -6.07 -26.00 1.83
CA ALA B 1012 -5.26 -27.21 2.02
C ALA B 1012 -5.55 -27.86 3.38
N ALA B 1013 -5.81 -27.04 4.41
CA ALA B 1013 -6.15 -27.59 5.71
C ALA B 1013 -7.49 -28.33 5.66
N GLU B 1014 -8.43 -27.84 4.86
CA GLU B 1014 -9.71 -28.51 4.70
C GLU B 1014 -9.54 -29.89 4.07
N ILE B 1015 -8.68 -29.99 3.05
CA ILE B 1015 -8.43 -31.26 2.40
C ILE B 1015 -7.76 -32.25 3.36
N ARG B 1016 -6.82 -31.77 4.17
CA ARG B 1016 -6.12 -32.67 5.09
C ARG B 1016 -7.08 -33.34 6.06
N ALA B 1017 -8.06 -32.59 6.57
CA ALA B 1017 -9.05 -33.18 7.47
C ALA B 1017 -9.81 -34.31 6.77
N SER B 1018 -10.16 -34.10 5.49
CA SER B 1018 -10.79 -35.18 4.73
C SER B 1018 -9.83 -36.33 4.51
N ALA B 1019 -8.56 -36.02 4.23
CA ALA B 1019 -7.56 -37.06 4.05
C ALA B 1019 -7.36 -37.85 5.33
N ASN B 1020 -7.39 -37.19 6.49
CA ASN B 1020 -7.31 -37.89 7.76
C ASN B 1020 -8.55 -38.73 8.01
N LEU B 1021 -9.72 -38.21 7.64
CA LEU B 1021 -10.95 -38.99 7.75
C LEU B 1021 -10.92 -40.20 6.82
N ALA B 1022 -10.45 -40.02 5.59
CA ALA B 1022 -10.38 -41.13 4.65
C ALA B 1022 -9.43 -42.22 5.17
N ALA B 1023 -8.32 -41.81 5.79
CA ALA B 1023 -7.40 -42.78 6.36
C ALA B 1023 -8.03 -43.54 7.52
N THR B 1024 -8.84 -42.85 8.33
CA THR B 1024 -9.54 -43.50 9.42
C THR B 1024 -10.53 -44.53 8.92
N LYS B 1025 -11.31 -44.19 7.89
CA LYS B 1025 -12.25 -45.16 7.33
C LYS B 1025 -11.53 -46.35 6.74
N MET B 1026 -10.44 -46.12 6.03
CA MET B 1026 -9.69 -47.22 5.46
C MET B 1026 -9.28 -48.22 6.54
N SER B 1027 -8.78 -47.73 7.67
CA SER B 1027 -8.34 -48.61 8.74
C SER B 1027 -9.52 -49.31 9.42
N GLU B 1028 -10.58 -48.57 9.74
CA GLU B 1028 -11.65 -49.11 10.57
C GLU B 1028 -12.84 -49.60 9.78
N CYS B 1029 -12.74 -49.71 8.46
CA CYS B 1029 -13.92 -50.07 7.70
C CYS B 1029 -13.54 -51.13 6.67
N VAL B 1030 -12.36 -50.98 6.08
CA VAL B 1030 -11.83 -51.98 5.15
C VAL B 1030 -11.05 -53.06 5.91
N LEU B 1031 -10.10 -52.65 6.74
CA LEU B 1031 -9.23 -53.58 7.44
C LEU B 1031 -9.92 -54.28 8.61
N GLY B 1032 -11.06 -53.77 9.06
CA GLY B 1032 -11.78 -54.38 10.16
C GLY B 1032 -13.28 -54.30 9.99
N GLN B 1033 -14.00 -54.18 11.10
CA GLN B 1033 -15.45 -54.04 11.07
C GLN B 1033 -15.88 -53.12 12.20
N SER B 1034 -16.70 -52.13 11.88
CA SER B 1034 -17.03 -51.07 12.83
C SER B 1034 -18.32 -51.36 13.57
N LYS B 1035 -18.31 -51.06 14.87
CA LYS B 1035 -19.53 -50.95 15.65
C LYS B 1035 -19.98 -49.50 15.77
N ARG B 1036 -19.27 -48.56 15.15
CA ARG B 1036 -19.67 -47.16 15.17
C ARG B 1036 -20.86 -46.96 14.25
N VAL B 1037 -21.90 -46.33 14.76
CA VAL B 1037 -23.16 -46.19 14.02
C VAL B 1037 -23.01 -45.13 12.96
N ASP B 1038 -23.45 -45.45 11.74
CA ASP B 1038 -23.46 -44.57 10.58
C ASP B 1038 -22.08 -44.07 10.18
N PHE B 1039 -21.02 -44.64 10.77
CA PHE B 1039 -19.67 -44.30 10.33
C PHE B 1039 -19.31 -44.99 9.04
N CYS B 1040 -19.81 -46.21 8.84
CA CYS B 1040 -19.50 -47.01 7.66
C CYS B 1040 -20.75 -47.34 6.86
N GLY B 1041 -21.58 -46.34 6.62
CA GLY B 1041 -22.82 -46.62 5.92
C GLY B 1041 -23.96 -46.88 6.86
N LYS B 1042 -25.17 -46.61 6.38
CA LYS B 1042 -26.36 -46.66 7.22
C LYS B 1042 -26.86 -48.10 7.31
N GLY B 1043 -26.85 -48.64 8.52
CA GLY B 1043 -27.15 -50.03 8.77
C GLY B 1043 -26.07 -50.67 9.61
N TYR B 1044 -26.21 -51.98 9.81
CA TYR B 1044 -25.22 -52.73 10.56
C TYR B 1044 -24.08 -53.11 9.62
N HIS B 1045 -22.89 -52.57 9.86
CA HIS B 1045 -21.79 -52.70 8.92
C HIS B 1045 -21.29 -54.13 8.80
N LEU B 1046 -21.08 -54.58 7.56
CA LEU B 1046 -20.40 -55.83 7.28
C LEU B 1046 -18.99 -55.63 6.74
N MET B 1047 -18.84 -54.98 5.60
CA MET B 1047 -17.53 -54.78 5.01
C MET B 1047 -17.56 -53.57 4.08
N SER B 1048 -16.38 -53.09 3.72
CA SER B 1048 -16.25 -52.01 2.75
C SER B 1048 -15.13 -52.37 1.78
N PHE B 1049 -15.21 -51.80 0.57
CA PHE B 1049 -14.22 -52.03 -0.47
C PHE B 1049 -13.75 -50.67 -0.98
N PRO B 1050 -12.45 -50.38 -0.97
CA PRO B 1050 -11.98 -49.10 -1.49
C PRO B 1050 -11.93 -49.11 -3.00
N GLN B 1051 -12.15 -47.94 -3.58
CA GLN B 1051 -11.93 -47.71 -5.00
C GLN B 1051 -11.26 -46.35 -5.16
N SER B 1052 -10.31 -46.27 -6.09
CA SER B 1052 -9.65 -45.00 -6.31
C SER B 1052 -10.48 -44.09 -7.20
N ALA B 1053 -10.18 -42.80 -7.12
CA ALA B 1053 -10.82 -41.80 -7.96
C ALA B 1053 -9.82 -40.68 -8.17
N PRO B 1054 -10.08 -39.77 -9.11
CA PRO B 1054 -9.15 -38.64 -9.29
C PRO B 1054 -9.14 -37.71 -8.10
N HIS B 1055 -8.04 -37.70 -7.35
CA HIS B 1055 -7.88 -36.85 -6.16
C HIS B 1055 -8.87 -37.22 -5.07
N GLY B 1056 -9.09 -38.51 -4.87
CA GLY B 1056 -10.00 -38.93 -3.81
C GLY B 1056 -10.12 -40.43 -3.77
N VAL B 1057 -10.96 -40.89 -2.85
CA VAL B 1057 -11.20 -42.31 -2.63
C VAL B 1057 -12.71 -42.53 -2.54
N VAL B 1058 -13.16 -43.68 -3.05
CA VAL B 1058 -14.56 -44.06 -3.03
C VAL B 1058 -14.70 -45.37 -2.27
N PHE B 1059 -15.60 -45.41 -1.29
CA PHE B 1059 -15.86 -46.59 -0.48
C PHE B 1059 -17.21 -47.18 -0.84
N LEU B 1060 -17.24 -48.49 -1.04
CA LEU B 1060 -18.49 -49.24 -1.20
C LEU B 1060 -18.77 -49.95 0.11
N HIS B 1061 -19.79 -49.49 0.84
CA HIS B 1061 -20.09 -50.02 2.17
C HIS B 1061 -21.21 -51.04 2.07
N VAL B 1062 -20.94 -52.27 2.52
CA VAL B 1062 -21.91 -53.35 2.51
C VAL B 1062 -22.52 -53.45 3.91
N THR B 1063 -23.83 -53.24 4.00
CA THR B 1063 -24.51 -53.16 5.29
C THR B 1063 -25.70 -54.11 5.34
N TYR B 1064 -26.03 -54.54 6.56
CA TYR B 1064 -27.18 -55.39 6.83
C TYR B 1064 -28.32 -54.52 7.32
N VAL B 1065 -29.46 -54.58 6.63
CA VAL B 1065 -30.63 -53.79 7.00
C VAL B 1065 -31.82 -54.73 7.25
N PRO B 1066 -32.40 -54.73 8.44
CA PRO B 1066 -33.63 -55.51 8.67
C PRO B 1066 -34.74 -55.06 7.72
N ALA B 1067 -35.54 -56.03 7.27
CA ALA B 1067 -36.49 -55.76 6.19
C ALA B 1067 -37.95 -55.88 6.61
N GLN B 1068 -38.38 -57.04 7.11
CA GLN B 1068 -39.79 -57.30 7.37
C GLN B 1068 -39.97 -57.63 8.84
N GLU B 1069 -41.04 -57.14 9.45
CA GLU B 1069 -41.24 -57.33 10.89
C GLU B 1069 -42.67 -57.72 11.19
N LYS B 1070 -42.84 -58.38 12.33
CA LYS B 1070 -44.14 -58.78 12.85
C LYS B 1070 -44.34 -58.25 14.26
N ASN B 1071 -45.59 -58.05 14.63
CA ASN B 1071 -45.94 -57.64 15.99
C ASN B 1071 -46.06 -58.87 16.90
N PHE B 1072 -45.18 -58.95 17.89
CA PHE B 1072 -45.24 -60.02 18.88
C PHE B 1072 -45.50 -59.43 20.25
N THR B 1073 -46.16 -60.21 21.10
CA THR B 1073 -46.27 -59.86 22.51
C THR B 1073 -45.02 -60.33 23.23
N THR B 1074 -44.54 -59.54 24.17
CA THR B 1074 -43.29 -59.84 24.86
C THR B 1074 -43.47 -59.80 26.36
N ALA B 1075 -42.40 -60.17 27.07
CA ALA B 1075 -42.37 -60.18 28.53
C ALA B 1075 -40.92 -60.12 28.97
N PRO B 1076 -40.60 -59.42 30.06
CA PRO B 1076 -39.19 -59.32 30.49
C PRO B 1076 -38.67 -60.58 31.17
N ALA B 1077 -39.52 -61.41 31.74
CA ALA B 1077 -39.08 -62.59 32.45
C ALA B 1077 -40.24 -63.56 32.57
N ILE B 1078 -39.96 -64.76 33.05
CA ILE B 1078 -40.95 -65.84 33.11
C ILE B 1078 -40.87 -66.53 34.47
N CYS B 1079 -42.01 -66.65 35.14
CA CYS B 1079 -42.13 -67.49 36.32
C CYS B 1079 -42.47 -68.91 35.90
N HIS B 1080 -41.68 -69.88 36.37
CA HIS B 1080 -42.05 -71.29 36.22
C HIS B 1080 -42.29 -71.98 37.55
N ASP B 1081 -41.30 -71.99 38.44
CA ASP B 1081 -41.40 -72.65 39.74
C ASP B 1081 -41.26 -71.66 40.87
N GLY B 1082 -41.77 -70.45 40.68
CA GLY B 1082 -41.56 -69.37 41.61
C GLY B 1082 -40.34 -68.52 41.32
N LYS B 1083 -39.43 -69.01 40.49
CA LYS B 1083 -38.20 -68.30 40.15
C LYS B 1083 -38.36 -67.58 38.82
N ALA B 1084 -37.69 -66.44 38.70
CA ALA B 1084 -37.75 -65.62 37.49
C ALA B 1084 -36.67 -66.09 36.52
N HIS B 1085 -37.07 -66.41 35.30
CA HIS B 1085 -36.16 -66.85 34.25
C HIS B 1085 -35.98 -65.74 33.24
N PHE B 1086 -34.73 -65.42 32.92
CA PHE B 1086 -34.42 -64.38 31.96
C PHE B 1086 -33.69 -64.99 30.77
N PRO B 1087 -33.83 -64.44 29.57
CA PRO B 1087 -33.12 -64.99 28.42
C PRO B 1087 -31.62 -64.81 28.56
N ARG B 1088 -30.88 -65.75 27.98
CA ARG B 1088 -29.43 -65.58 27.88
C ARG B 1088 -29.09 -64.63 26.75
N GLU B 1089 -29.54 -64.95 25.54
CA GLU B 1089 -29.42 -64.07 24.39
C GLU B 1089 -30.78 -63.97 23.73
N GLY B 1090 -31.24 -62.74 23.50
CA GLY B 1090 -32.50 -62.53 22.83
C GLY B 1090 -33.62 -62.18 23.77
N VAL B 1091 -34.83 -62.13 23.20
CA VAL B 1091 -36.03 -61.66 23.89
C VAL B 1091 -37.04 -62.80 23.95
N PHE B 1092 -37.98 -62.68 24.89
CA PHE B 1092 -39.13 -63.55 24.92
C PHE B 1092 -40.24 -62.96 24.07
N VAL B 1093 -40.85 -63.82 23.24
CA VAL B 1093 -41.95 -63.40 22.38
C VAL B 1093 -43.05 -64.43 22.45
N SER B 1094 -44.26 -63.99 22.09
CA SER B 1094 -45.41 -64.87 21.98
C SER B 1094 -46.14 -64.57 20.68
N ASN B 1095 -46.50 -65.62 19.95
CA ASN B 1095 -47.33 -65.49 18.76
C ASN B 1095 -48.80 -65.46 19.10
N GLY B 1096 -49.15 -65.18 20.36
CA GLY B 1096 -50.52 -65.11 20.82
C GLY B 1096 -50.90 -66.19 21.83
N THR B 1097 -50.32 -67.38 21.70
CA THR B 1097 -50.71 -68.48 22.57
C THR B 1097 -49.51 -69.15 23.26
N HIS B 1098 -48.36 -69.17 22.59
CA HIS B 1098 -47.19 -69.88 23.08
C HIS B 1098 -46.05 -68.90 23.27
N TRP B 1099 -45.17 -69.19 24.23
CA TRP B 1099 -44.02 -68.36 24.52
C TRP B 1099 -42.74 -69.01 24.02
N PHE B 1100 -41.91 -68.22 23.35
CA PHE B 1100 -40.64 -68.67 22.80
C PHE B 1100 -39.56 -67.66 23.16
N VAL B 1101 -38.32 -68.10 22.99
CA VAL B 1101 -37.15 -67.22 23.08
C VAL B 1101 -36.54 -67.16 21.69
N THR B 1102 -36.17 -65.96 21.25
CA THR B 1102 -35.68 -65.75 19.90
C THR B 1102 -34.60 -64.69 19.92
N GLN B 1103 -33.87 -64.59 18.80
CA GLN B 1103 -32.78 -63.65 18.70
C GLN B 1103 -33.32 -62.22 18.66
N ARG B 1104 -32.40 -61.28 18.52
CA ARG B 1104 -32.77 -59.88 18.37
C ARG B 1104 -33.20 -59.54 16.95
N ASN B 1105 -32.29 -59.70 15.99
CA ASN B 1105 -32.45 -59.09 14.67
C ASN B 1105 -32.95 -60.08 13.62
N PHE B 1106 -33.50 -61.22 14.03
CA PHE B 1106 -34.02 -62.18 13.07
C PHE B 1106 -34.99 -63.09 13.83
N TYR B 1107 -36.27 -63.02 13.49
CA TYR B 1107 -37.25 -63.84 14.18
C TYR B 1107 -36.98 -65.33 13.95
N GLU B 1108 -36.59 -66.02 15.02
CA GLU B 1108 -36.28 -67.45 14.94
C GLU B 1108 -36.70 -68.08 16.26
N PRO B 1109 -37.94 -68.56 16.35
CA PRO B 1109 -38.45 -69.01 17.65
C PRO B 1109 -37.74 -70.25 18.15
N GLN B 1110 -37.63 -70.35 19.47
CA GLN B 1110 -37.05 -71.51 20.13
C GLN B 1110 -37.86 -71.85 21.36
N ILE B 1111 -37.90 -73.13 21.70
CA ILE B 1111 -38.61 -73.55 22.89
C ILE B 1111 -37.79 -73.16 24.13
N ILE B 1112 -38.46 -72.63 25.14
CA ILE B 1112 -37.79 -72.13 26.32
C ILE B 1112 -37.32 -73.31 27.16
N THR B 1113 -36.01 -73.44 27.31
CA THR B 1113 -35.42 -74.55 28.05
C THR B 1113 -34.51 -74.00 29.14
N THR B 1114 -33.92 -74.92 29.90
CA THR B 1114 -32.94 -74.53 30.90
C THR B 1114 -31.63 -74.07 30.26
N ASP B 1115 -31.43 -74.37 28.99
CA ASP B 1115 -30.23 -73.96 28.28
C ASP B 1115 -30.36 -72.60 27.62
N ASN B 1116 -31.58 -72.07 27.49
CA ASN B 1116 -31.79 -70.75 26.92
C ASN B 1116 -31.81 -69.65 27.97
N THR B 1117 -32.09 -69.98 29.22
CA THR B 1117 -32.41 -69.00 30.25
C THR B 1117 -31.52 -69.19 31.47
N PHE B 1118 -31.53 -68.18 32.34
CA PHE B 1118 -30.88 -68.24 33.64
C PHE B 1118 -31.85 -67.73 34.69
N VAL B 1119 -31.63 -68.14 35.93
CA VAL B 1119 -32.54 -67.87 37.04
C VAL B 1119 -31.96 -66.78 37.93
N SER B 1120 -32.84 -65.97 38.50
CA SER B 1120 -32.46 -64.95 39.46
C SER B 1120 -33.68 -64.55 40.29
N GLY B 1121 -33.58 -64.69 41.61
CA GLY B 1121 -34.62 -64.20 42.48
C GLY B 1121 -35.91 -65.01 42.38
N ASN B 1122 -37.02 -64.32 42.62
CA ASN B 1122 -38.34 -64.95 42.59
C ASN B 1122 -39.31 -64.00 41.90
N CYS B 1123 -40.59 -64.37 41.91
CA CYS B 1123 -41.60 -63.73 41.07
C CYS B 1123 -41.99 -62.34 41.52
N ASP B 1124 -41.64 -61.93 42.73
CA ASP B 1124 -42.32 -60.82 43.38
C ASP B 1124 -41.72 -59.44 43.09
N VAL B 1125 -40.59 -59.36 42.38
CA VAL B 1125 -39.87 -58.10 42.27
C VAL B 1125 -39.87 -57.54 40.84
N VAL B 1126 -39.87 -58.38 39.83
CA VAL B 1126 -39.79 -57.91 38.45
C VAL B 1126 -41.18 -57.49 37.97
N ILE B 1127 -41.22 -56.37 37.25
CA ILE B 1127 -42.48 -55.78 36.79
C ILE B 1127 -42.79 -56.33 35.41
N GLY B 1128 -43.91 -57.04 35.28
CA GLY B 1128 -44.35 -57.57 34.01
C GLY B 1128 -44.05 -59.02 33.75
N ILE B 1129 -43.67 -59.79 34.76
CA ILE B 1129 -43.36 -61.20 34.55
C ILE B 1129 -44.64 -61.97 34.25
N VAL B 1130 -44.50 -63.01 33.43
CA VAL B 1130 -45.64 -63.80 32.98
C VAL B 1130 -45.46 -65.24 33.43
N ASN B 1131 -46.50 -66.03 33.23
CA ASN B 1131 -46.53 -67.43 33.66
C ASN B 1131 -46.35 -68.34 32.46
N ASN B 1132 -45.42 -69.29 32.57
CA ASN B 1132 -45.21 -70.31 31.55
C ASN B 1132 -44.43 -71.45 32.18
N THR B 1133 -43.97 -72.37 31.34
CA THR B 1133 -43.12 -73.47 31.77
C THR B 1133 -41.82 -73.44 30.98
N VAL B 1134 -40.71 -73.65 31.67
CA VAL B 1134 -39.40 -73.75 31.03
C VAL B 1134 -39.08 -75.23 30.93
N TYR B 1135 -39.08 -75.75 29.70
CA TYR B 1135 -38.93 -77.19 29.49
C TYR B 1135 -37.53 -77.62 29.88
N ASP B 1136 -37.45 -78.70 30.66
CA ASP B 1136 -36.15 -79.19 31.14
C ASP B 1136 -35.75 -80.38 30.28
N PRO B 1137 -34.71 -80.27 29.45
CA PRO B 1137 -34.35 -81.40 28.59
C PRO B 1137 -33.82 -82.61 29.33
N LEU B 1138 -33.35 -82.45 30.56
CA LEU B 1138 -32.77 -83.58 31.29
C LEU B 1138 -33.85 -84.54 31.82
N GLN B 1139 -35.03 -84.03 32.14
CA GLN B 1139 -36.07 -84.86 32.74
C GLN B 1139 -36.40 -86.10 31.90
N PRO B 1140 -36.74 -85.99 30.61
CA PRO B 1140 -37.06 -87.21 29.85
C PRO B 1140 -35.89 -88.16 29.69
N GLU B 1141 -34.65 -87.68 29.86
CA GLU B 1141 -33.48 -88.54 29.69
C GLU B 1141 -33.26 -89.45 30.89
N LEU B 1142 -33.61 -88.99 32.09
CA LEU B 1142 -33.47 -89.84 33.27
C LEU B 1142 -34.69 -90.70 33.50
N ASP B 1143 -35.86 -90.26 33.05
CA ASP B 1143 -37.07 -91.07 33.19
C ASP B 1143 -37.01 -92.30 32.30
N SER B 1144 -36.43 -92.15 31.11
CA SER B 1144 -36.28 -93.27 30.17
C SER B 1144 -34.99 -94.04 30.43
N ALA C 27 -3.79 26.54 52.22
CA ALA C 27 -4.40 25.21 52.27
C ALA C 27 -4.50 24.61 50.86
N TYR C 28 -4.55 23.28 50.80
CA TYR C 28 -4.73 22.56 49.56
C TYR C 28 -5.98 21.68 49.66
N THR C 29 -6.60 21.40 48.52
CA THR C 29 -7.69 20.45 48.47
C THR C 29 -7.53 19.53 47.27
N ASN C 30 -8.39 18.50 47.25
CA ASN C 30 -8.36 17.47 46.22
C ASN C 30 -9.35 17.80 45.11
N SER C 31 -8.88 17.75 43.86
CA SER C 31 -9.74 17.91 42.67
C SER C 31 -10.47 16.59 42.42
N PHE C 32 -11.62 16.43 43.09
CA PHE C 32 -12.31 15.14 43.10
C PHE C 32 -12.78 14.69 41.73
N THR C 33 -13.75 15.40 41.15
CA THR C 33 -14.39 14.99 39.90
C THR C 33 -14.64 16.19 39.00
N ARG C 34 -13.70 17.12 38.96
CA ARG C 34 -13.81 18.33 38.15
C ARG C 34 -12.73 18.36 37.09
N GLY C 35 -13.05 18.99 35.96
CA GLY C 35 -12.04 19.25 34.95
C GLY C 35 -12.21 18.51 33.64
N VAL C 36 -13.45 18.19 33.28
CA VAL C 36 -13.76 17.54 32.02
C VAL C 36 -14.71 18.43 31.23
N TYR C 37 -14.29 18.81 30.03
CA TYR C 37 -15.05 19.70 29.17
C TYR C 37 -15.40 18.99 27.87
N TYR C 38 -16.41 19.49 27.18
CA TYR C 38 -16.75 18.93 25.88
C TYR C 38 -15.61 19.20 24.93
N PRO C 39 -14.98 18.17 24.37
CA PRO C 39 -13.73 18.39 23.60
C PRO C 39 -13.94 18.96 22.22
N ASP C 40 -15.15 18.90 21.68
CA ASP C 40 -15.41 19.39 20.33
C ASP C 40 -16.83 19.94 20.29
N LYS C 41 -17.33 20.16 19.07
CA LYS C 41 -18.61 20.80 18.84
C LYS C 41 -19.63 19.84 18.24
N VAL C 42 -19.43 18.54 18.41
CA VAL C 42 -20.23 17.51 17.76
C VAL C 42 -21.12 16.84 18.78
N PHE C 43 -22.40 16.69 18.46
CA PHE C 43 -23.32 15.96 19.32
C PHE C 43 -23.02 14.46 19.27
N ARG C 44 -23.15 13.80 20.41
CA ARG C 44 -23.06 12.35 20.51
C ARG C 44 -24.08 11.88 21.53
N SER C 45 -24.43 10.60 21.45
CA SER C 45 -25.41 10.06 22.39
C SER C 45 -25.22 8.57 22.55
N SER C 46 -25.29 8.09 23.79
CA SER C 46 -25.24 6.67 24.11
C SER C 46 -24.02 5.99 23.47
N VAL C 47 -22.87 6.64 23.58
CA VAL C 47 -21.63 6.10 23.04
C VAL C 47 -20.48 6.51 23.95
N LEU C 48 -19.52 5.61 24.13
CA LEU C 48 -18.34 5.85 24.94
C LEU C 48 -17.24 6.37 24.01
N HIS C 49 -16.82 7.62 24.20
CA HIS C 49 -15.88 8.26 23.29
C HIS C 49 -14.57 8.53 24.00
N SER C 50 -13.48 8.07 23.39
CA SER C 50 -12.12 8.25 23.90
C SER C 50 -11.49 9.44 23.20
N THR C 51 -10.95 10.39 23.97
CA THR C 51 -10.36 11.59 23.39
C THR C 51 -9.03 11.91 24.07
N GLN C 52 -8.14 12.51 23.28
CA GLN C 52 -6.84 12.97 23.74
C GLN C 52 -6.82 14.49 23.70
N ASP C 53 -6.67 15.11 24.87
CA ASP C 53 -6.68 16.57 24.98
C ASP C 53 -6.16 16.92 26.37
N LEU C 54 -6.08 18.23 26.64
CA LEU C 54 -5.59 18.73 27.92
C LEU C 54 -6.76 18.84 28.89
N PHE C 55 -6.81 17.94 29.87
CA PHE C 55 -7.81 17.98 30.92
C PHE C 55 -7.13 18.12 32.28
N LEU C 56 -7.96 18.34 33.30
CA LEU C 56 -7.49 18.34 34.68
C LEU C 56 -7.52 16.92 35.22
N PRO C 57 -6.38 16.34 35.60
CA PRO C 57 -6.38 14.96 36.12
C PRO C 57 -7.28 14.82 37.33
N PHE C 58 -7.97 13.67 37.42
CA PHE C 58 -8.78 13.41 38.60
C PHE C 58 -7.90 13.29 39.85
N PHE C 59 -8.52 13.61 40.99
CA PHE C 59 -7.96 13.36 42.31
C PHE C 59 -6.61 14.05 42.50
N SER C 60 -6.31 15.04 41.66
CA SER C 60 -5.12 15.86 41.85
C SER C 60 -5.36 16.89 42.95
N ASN C 61 -4.28 17.51 43.41
CA ASN C 61 -4.37 18.55 44.43
C ASN C 61 -4.39 19.92 43.75
N VAL C 62 -5.39 20.73 44.10
CA VAL C 62 -5.53 22.09 43.58
C VAL C 62 -5.45 23.08 44.74
N THR C 63 -4.71 24.16 44.52
CA THR C 63 -4.45 25.12 45.59
C THR C 63 -5.70 25.94 45.89
N TRP C 64 -6.05 26.03 47.17
CA TRP C 64 -7.26 26.70 47.64
C TRP C 64 -6.90 28.05 48.28
N PHE C 65 -7.41 29.14 47.71
CA PHE C 65 -7.21 30.47 48.24
C PHE C 65 -8.50 31.01 48.85
N HIS C 66 -8.37 31.94 49.78
CA HIS C 66 -9.48 32.47 50.57
C HIS C 66 -9.65 33.96 50.29
N ALA C 67 -10.77 34.52 50.75
CA ALA C 67 -11.01 35.96 50.58
C ALA C 67 -11.68 36.55 51.82
N ILE C 68 -11.22 36.19 53.01
CA ILE C 68 -11.73 36.80 54.24
C ILE C 68 -10.57 37.22 55.13
N HIS C 69 -10.82 38.25 55.94
CA HIS C 69 -9.82 38.82 56.85
C HIS C 69 -8.48 39.09 56.16
N ASP C 80 -5.71 38.76 48.68
CA ASP C 80 -5.43 37.33 48.72
C ASP C 80 -5.47 36.73 47.31
N ASN C 81 -4.50 37.11 46.49
CA ASN C 81 -4.40 36.61 45.12
C ASN C 81 -2.99 36.74 44.54
N PRO C 82 -2.05 35.88 44.96
CA PRO C 82 -0.67 35.98 44.45
C PRO C 82 -0.52 35.69 42.97
N VAL C 83 0.73 35.66 42.51
CA VAL C 83 1.03 35.20 41.16
C VAL C 83 0.62 33.74 41.00
N LEU C 84 -0.05 33.43 39.90
CA LEU C 84 -0.37 32.05 39.54
C LEU C 84 0.19 31.76 38.15
N PRO C 85 1.14 30.85 38.01
CA PRO C 85 1.72 30.58 36.69
C PRO C 85 0.73 29.90 35.75
N PHE C 86 1.16 29.76 34.50
CA PHE C 86 0.31 29.34 33.40
C PHE C 86 1.05 28.33 32.52
N ASN C 87 1.60 27.28 33.16
CA ASN C 87 2.51 26.34 32.51
C ASN C 87 2.05 25.89 31.12
N ASP C 88 0.93 25.16 31.03
CA ASP C 88 0.41 24.75 29.74
C ASP C 88 -1.11 24.78 29.70
N GLY C 89 -1.75 25.44 30.65
CA GLY C 89 -3.19 25.44 30.78
C GLY C 89 -3.54 25.50 32.25
N VAL C 90 -4.73 26.01 32.53
CA VAL C 90 -5.16 26.23 33.89
C VAL C 90 -6.64 25.89 34.03
N TYR C 91 -6.97 25.12 35.07
CA TYR C 91 -8.34 24.97 35.49
C TYR C 91 -8.58 26.00 36.58
N PHE C 92 -9.65 26.77 36.45
CA PHE C 92 -9.98 27.75 37.46
C PHE C 92 -11.45 27.58 37.81
N ALA C 93 -11.76 27.67 39.10
CA ALA C 93 -13.13 27.60 39.56
C ALA C 93 -13.27 28.48 40.79
N SER C 94 -14.47 28.98 41.01
CA SER C 94 -14.73 29.75 42.23
C SER C 94 -16.15 29.47 42.69
N THR C 95 -16.35 29.58 44.00
CA THR C 95 -17.65 29.42 44.63
C THR C 95 -18.01 30.72 45.32
N GLU C 96 -19.23 31.18 45.11
CA GLU C 96 -19.66 32.47 45.62
C GLU C 96 -21.01 32.38 46.30
N LYS C 97 -21.26 33.37 47.15
CA LYS C 97 -22.59 33.70 47.62
C LYS C 97 -22.93 35.17 47.46
N SER C 98 -21.95 36.00 47.08
CA SER C 98 -22.20 37.42 46.83
C SER C 98 -21.45 37.95 45.63
N ASN C 99 -20.81 37.10 44.84
CA ASN C 99 -20.11 37.50 43.60
C ASN C 99 -18.99 38.50 43.90
N ILE C 100 -18.01 38.05 44.68
CA ILE C 100 -16.88 38.90 45.03
C ILE C 100 -15.74 38.76 44.02
N ILE C 101 -15.41 37.53 43.62
CA ILE C 101 -14.43 37.36 42.55
C ILE C 101 -15.07 37.83 41.26
N ARG C 102 -14.48 38.85 40.64
CA ARG C 102 -15.07 39.47 39.47
C ARG C 102 -14.19 39.52 38.23
N GLY C 103 -12.95 39.02 38.27
CA GLY C 103 -12.17 39.19 37.05
C GLY C 103 -10.88 38.40 37.05
N TRP C 104 -10.15 38.56 35.94
CA TRP C 104 -8.92 37.86 35.64
C TRP C 104 -7.91 38.81 35.04
N ILE C 105 -6.63 38.56 35.29
CA ILE C 105 -5.54 39.25 34.61
C ILE C 105 -4.59 38.19 34.10
N PHE C 106 -4.15 38.33 32.86
CA PHE C 106 -3.25 37.38 32.22
C PHE C 106 -2.01 38.14 31.75
N GLY C 107 -1.16 37.46 30.99
CA GLY C 107 -0.04 38.13 30.38
C GLY C 107 1.27 37.89 31.12
N THR C 108 2.37 38.21 30.43
CA THR C 108 3.70 37.91 30.96
C THR C 108 4.10 38.84 32.10
N THR C 109 3.87 40.15 31.97
CA THR C 109 4.50 41.12 32.86
C THR C 109 3.54 42.12 33.49
N LEU C 110 2.36 42.37 32.91
CA LEU C 110 1.28 43.09 33.58
C LEU C 110 1.64 44.55 33.90
N ASP C 111 2.18 45.28 32.94
CA ASP C 111 2.36 46.72 33.10
C ASP C 111 1.55 47.48 32.06
N SER C 112 0.39 46.95 31.69
CA SER C 112 -0.48 47.44 30.63
C SER C 112 0.17 47.30 29.26
N LYS C 113 1.38 46.74 29.18
CA LYS C 113 2.07 46.58 27.92
C LYS C 113 1.54 45.40 27.12
N THR C 114 1.05 44.36 27.80
CA THR C 114 0.45 43.20 27.15
C THR C 114 -1.03 43.14 27.50
N GLN C 115 -1.81 42.55 26.61
CA GLN C 115 -3.24 42.50 26.81
C GLN C 115 -3.58 41.65 28.03
N SER C 116 -4.69 41.99 28.67
CA SER C 116 -5.11 41.33 29.90
C SER C 116 -6.63 41.35 29.92
N LEU C 117 -7.24 40.21 29.60
CA LEU C 117 -8.68 40.05 29.72
C LEU C 117 -9.15 40.67 31.04
N LEU C 118 -10.30 41.32 30.99
CA LEU C 118 -10.85 41.98 32.18
C LEU C 118 -12.36 41.83 32.16
N ILE C 119 -12.92 41.28 33.23
CA ILE C 119 -14.34 41.08 33.38
C ILE C 119 -14.82 41.88 34.59
N VAL C 120 -15.92 42.61 34.41
CA VAL C 120 -16.55 43.37 35.47
C VAL C 120 -18.02 42.98 35.46
N ASN C 121 -18.56 42.67 36.63
CA ASN C 121 -19.98 42.33 36.77
C ASN C 121 -20.61 43.38 37.68
N ASN C 122 -21.19 44.41 37.08
CA ASN C 122 -21.77 45.51 37.85
C ASN C 122 -23.25 45.27 38.15
N ALA C 123 -23.56 44.06 38.60
CA ALA C 123 -24.85 43.69 39.19
C ALA C 123 -26.01 43.80 38.21
N THR C 124 -25.76 44.33 37.01
CA THR C 124 -26.81 44.47 36.00
C THR C 124 -26.39 44.08 34.59
N ASN C 125 -25.10 44.15 34.25
CA ASN C 125 -24.65 43.94 32.87
C ASN C 125 -23.29 43.26 32.92
N VAL C 126 -23.21 42.06 32.36
CA VAL C 126 -21.90 41.41 32.19
C VAL C 126 -21.02 42.29 31.31
N VAL C 127 -19.84 42.63 31.82
CA VAL C 127 -18.90 43.49 31.11
C VAL C 127 -17.60 42.71 30.95
N ILE C 128 -17.15 42.57 29.69
CA ILE C 128 -15.91 41.89 29.36
C ILE C 128 -15.09 42.82 28.48
N LYS C 129 -13.82 43.03 28.84
CA LYS C 129 -12.94 43.84 28.00
C LYS C 129 -11.57 43.19 27.94
N VAL C 130 -10.77 43.66 26.99
CA VAL C 130 -9.39 43.19 26.81
C VAL C 130 -8.51 44.44 26.76
N CYS C 131 -9.01 45.53 27.33
CA CYS C 131 -8.26 46.78 27.35
C CYS C 131 -7.01 46.64 28.20
N GLU C 132 -5.94 47.32 27.78
CA GLU C 132 -4.64 47.23 28.45
C GLU C 132 -4.60 48.28 29.56
N PHE C 133 -5.30 47.97 30.65
CA PHE C 133 -5.33 48.86 31.81
C PHE C 133 -4.02 48.81 32.59
N GLN C 134 -3.71 49.91 33.27
CA GLN C 134 -2.69 49.94 34.30
C GLN C 134 -3.38 49.87 35.65
N PHE C 135 -3.10 48.82 36.40
CA PHE C 135 -3.81 48.54 37.65
C PHE C 135 -3.07 49.15 38.83
N CYS C 136 -3.77 49.20 39.96
CA CYS C 136 -3.22 49.72 41.21
C CYS C 136 -2.08 48.84 41.72
N ASN C 137 -1.48 49.22 42.84
CA ASN C 137 -0.45 48.41 43.45
C ASN C 137 -0.94 46.99 43.69
N ASP C 138 -2.10 46.87 44.33
CA ASP C 138 -2.83 45.63 44.37
C ASP C 138 -3.91 45.71 43.31
N PRO C 139 -3.88 44.88 42.27
CA PRO C 139 -5.00 44.87 41.32
C PRO C 139 -6.26 44.37 42.00
N PHE C 140 -7.30 45.21 41.99
CA PHE C 140 -8.57 44.84 42.63
C PHE C 140 -9.62 45.88 42.23
N LEU C 141 -10.84 45.61 42.67
CA LEU C 141 -11.96 46.53 42.54
C LEU C 141 -12.51 46.83 43.92
N GLY C 142 -13.34 47.86 44.00
CA GLY C 142 -13.95 48.24 45.27
C GLY C 142 -15.44 48.44 45.14
N VAL C 143 -16.14 48.08 46.22
CA VAL C 143 -17.59 48.25 46.27
C VAL C 143 -17.95 49.68 46.66
N ASN C 165 -4.84 49.99 23.90
CA ASN C 165 -4.95 49.45 22.55
C ASN C 165 -6.03 48.38 22.55
N CYS C 166 -7.18 48.75 23.08
CA CYS C 166 -8.30 47.82 23.31
C CYS C 166 -8.62 47.01 22.07
N THR C 167 -8.87 45.72 22.26
CA THR C 167 -9.09 44.80 21.15
C THR C 167 -10.40 44.04 21.30
N PHE C 168 -11.25 44.41 22.26
CA PHE C 168 -12.57 43.81 22.42
C PHE C 168 -13.29 44.54 23.54
N GLU C 169 -14.61 44.36 23.59
CA GLU C 169 -15.44 44.68 24.75
C GLU C 169 -16.82 44.06 24.46
N TYR C 170 -17.45 43.49 25.49
CA TYR C 170 -18.79 42.93 25.33
C TYR C 170 -19.68 43.17 26.53
N VAL C 171 -20.95 43.49 26.27
CA VAL C 171 -21.98 43.66 27.29
C VAL C 171 -23.20 42.84 26.87
N SER C 172 -23.71 42.04 27.78
CA SER C 172 -24.91 41.25 27.53
C SER C 172 -26.17 42.06 27.83
N PHE C 186 -21.84 30.01 50.46
CA PHE C 186 -21.54 29.66 49.08
C PHE C 186 -22.74 28.97 48.43
N LYS C 187 -23.12 29.43 47.23
CA LYS C 187 -24.27 28.85 46.55
C LYS C 187 -23.98 28.51 45.10
N ASN C 188 -23.06 29.23 44.47
CA ASN C 188 -22.82 29.11 43.03
C ASN C 188 -21.35 28.83 42.77
N LEU C 189 -21.07 27.72 42.09
CA LEU C 189 -19.73 27.36 41.67
C LEU C 189 -19.60 27.58 40.17
N ARG C 190 -18.58 28.34 39.78
CA ARG C 190 -18.36 28.73 38.39
C ARG C 190 -17.01 28.20 37.91
N GLU C 191 -17.02 27.20 37.04
CA GLU C 191 -15.84 26.48 36.61
C GLU C 191 -15.34 26.98 35.25
N PHE C 192 -14.03 27.04 35.09
CA PHE C 192 -13.39 27.54 33.87
C PHE C 192 -12.23 26.65 33.45
N VAL C 193 -11.95 26.66 32.15
CA VAL C 193 -10.71 26.09 31.60
C VAL C 193 -10.05 27.11 30.69
N PHE C 194 -8.76 27.36 30.90
CA PHE C 194 -7.99 28.34 30.13
C PHE C 194 -6.80 27.66 29.47
N LYS C 195 -6.78 27.65 28.14
CA LYS C 195 -5.65 27.13 27.39
C LYS C 195 -5.39 28.00 26.17
N ASN C 196 -4.13 28.04 25.73
CA ASN C 196 -3.70 28.82 24.57
C ASN C 196 -3.12 27.88 23.53
N ILE C 197 -3.79 27.74 22.40
CA ILE C 197 -3.33 26.90 21.29
C ILE C 197 -3.15 27.78 20.07
N ASP C 198 -1.90 27.99 19.66
CA ASP C 198 -1.56 28.70 18.42
C ASP C 198 -2.25 30.06 18.34
N GLY C 199 -2.21 30.80 19.45
CA GLY C 199 -2.75 32.14 19.49
C GLY C 199 -4.23 32.24 19.80
N TYR C 200 -4.90 31.14 20.10
CA TYR C 200 -6.31 31.16 20.47
C TYR C 200 -6.44 30.96 21.98
N PHE C 201 -7.07 31.93 22.64
CA PHE C 201 -7.34 31.84 24.07
C PHE C 201 -8.71 31.22 24.23
N LYS C 202 -8.76 29.96 24.66
CA LYS C 202 -9.97 29.16 24.65
C LYS C 202 -10.61 29.15 26.03
N ILE C 203 -11.89 29.52 26.10
CA ILE C 203 -12.64 29.63 27.34
C ILE C 203 -13.80 28.66 27.33
N TYR C 204 -13.88 27.84 28.38
CA TYR C 204 -15.01 26.95 28.62
C TYR C 204 -15.63 27.37 29.94
N SER C 205 -16.94 27.16 30.10
CA SER C 205 -17.56 27.55 31.36
C SER C 205 -18.84 26.78 31.59
N LYS C 206 -19.22 26.69 32.86
CA LYS C 206 -20.53 26.16 33.22
C LYS C 206 -20.89 26.69 34.61
N HIS C 207 -22.13 27.10 34.78
CA HIS C 207 -22.64 27.58 36.06
C HIS C 207 -23.50 26.49 36.68
N THR C 208 -23.30 26.25 37.98
CA THR C 208 -24.09 25.22 38.65
C THR C 208 -24.44 25.60 40.09
N PRO C 209 -25.64 25.25 40.53
CA PRO C 209 -25.99 25.44 41.94
C PRO C 209 -25.26 24.44 42.82
N ILE C 210 -24.79 24.94 43.98
CA ILE C 210 -24.22 24.09 45.01
C ILE C 210 -24.70 24.59 46.36
N ASN C 211 -24.58 23.72 47.37
CA ASN C 211 -24.84 24.08 48.77
C ASN C 211 -23.76 23.42 49.61
N LEU C 212 -22.63 24.12 49.77
CA LEU C 212 -21.53 23.60 50.57
C LEU C 212 -20.58 24.74 50.88
N VAL C 213 -20.19 24.85 52.16
CA VAL C 213 -19.24 25.86 52.59
C VAL C 213 -17.85 25.27 52.80
N ARG C 214 -17.71 23.95 52.87
CA ARG C 214 -16.45 23.34 53.24
C ARG C 214 -15.44 23.37 52.09
N ASP C 215 -15.82 22.83 50.93
CA ASP C 215 -14.85 22.56 49.87
C ASP C 215 -15.60 22.37 48.56
N LEU C 216 -14.91 21.85 47.56
CA LEU C 216 -15.55 21.44 46.31
C LEU C 216 -16.55 20.33 46.60
N PRO C 217 -17.82 20.49 46.23
CA PRO C 217 -18.76 19.36 46.35
C PRO C 217 -18.33 18.23 45.43
N GLN C 218 -18.64 17.00 45.86
CA GLN C 218 -18.28 15.82 45.09
C GLN C 218 -19.36 15.55 44.06
N GLY C 219 -18.97 15.50 42.79
CA GLY C 219 -19.90 15.31 41.70
C GLY C 219 -19.25 15.66 40.38
N PHE C 220 -19.93 15.29 39.30
CA PHE C 220 -19.41 15.45 37.97
C PHE C 220 -20.20 16.48 37.18
N SER C 221 -19.49 17.26 36.37
CA SER C 221 -20.11 18.23 35.48
C SER C 221 -19.16 18.47 34.32
N ALA C 222 -19.72 18.67 33.13
CA ALA C 222 -18.94 18.93 31.93
C ALA C 222 -19.00 20.41 31.59
N LEU C 223 -17.91 20.92 31.04
CA LEU C 223 -17.74 22.35 30.79
C LEU C 223 -17.90 22.60 29.30
N GLU C 224 -19.02 23.23 28.91
CA GLU C 224 -19.04 23.49 27.49
C GLU C 224 -18.31 24.79 27.17
N PRO C 225 -17.72 24.91 25.98
CA PRO C 225 -17.17 26.19 25.56
C PRO C 225 -18.26 27.21 25.28
N LEU C 226 -17.96 28.47 25.59
CA LEU C 226 -18.86 29.56 25.24
C LEU C 226 -18.23 30.64 24.40
N VAL C 227 -17.00 31.04 24.70
CA VAL C 227 -16.35 32.17 24.06
C VAL C 227 -14.92 31.77 23.68
N ASP C 228 -14.44 32.31 22.56
CA ASP C 228 -13.07 32.09 22.12
C ASP C 228 -12.49 33.40 21.61
N LEU C 229 -11.59 34.00 22.40
CA LEU C 229 -11.00 35.28 22.04
C LEU C 229 -9.60 35.07 21.51
N PRO C 230 -9.34 35.34 20.22
CA PRO C 230 -8.01 35.14 19.63
C PRO C 230 -7.04 36.27 19.91
N ILE C 231 -6.90 36.62 21.20
CA ILE C 231 -6.12 37.79 21.58
C ILE C 231 -4.64 37.64 21.20
N GLY C 232 -4.17 36.41 21.02
CA GLY C 232 -2.82 36.16 20.57
C GLY C 232 -1.74 36.61 21.53
N ILE C 233 -2.02 36.53 22.83
CA ILE C 233 -1.01 36.86 23.83
C ILE C 233 -0.04 35.69 23.96
N ASN C 234 1.13 35.97 24.54
CA ASN C 234 1.99 34.93 25.09
C ASN C 234 1.79 34.99 26.61
N ILE C 235 1.06 34.03 27.15
CA ILE C 235 0.67 34.01 28.56
C ILE C 235 1.52 32.99 29.29
N THR C 236 2.18 33.43 30.38
CA THR C 236 2.89 32.53 31.28
C THR C 236 2.54 32.81 32.74
N ARG C 237 1.55 33.65 33.01
CA ARG C 237 1.23 34.06 34.37
C ARG C 237 -0.19 34.61 34.36
N PHE C 238 -0.86 34.57 35.51
CA PHE C 238 -2.16 35.22 35.61
C PHE C 238 -2.43 35.64 37.05
N GLN C 239 -3.66 36.09 37.31
CA GLN C 239 -4.07 36.61 38.61
C GLN C 239 -5.58 36.79 38.60
N THR C 240 -6.17 36.77 39.79
CA THR C 240 -7.59 37.04 39.99
C THR C 240 -7.79 38.48 40.47
N LEU C 241 -9.04 38.92 40.44
CA LEU C 241 -9.45 40.28 40.82
C LEU C 241 -10.55 40.18 41.88
N LEU C 242 -10.30 40.80 43.03
CA LEU C 242 -11.23 40.77 44.15
C LEU C 242 -11.86 42.14 44.35
N ALA C 243 -13.15 42.14 44.71
CA ALA C 243 -13.87 43.35 45.05
C ALA C 243 -13.89 43.54 46.56
N LEU C 244 -13.44 44.71 47.01
CA LEU C 244 -13.31 44.99 48.43
C LEU C 244 -14.39 45.98 48.88
N HIS C 245 -14.93 45.74 50.07
CA HIS C 245 -15.93 46.63 50.63
C HIS C 245 -15.29 47.91 51.17
N ALA C 263 -14.90 33.41 49.96
CA ALA C 263 -14.89 33.45 48.49
C ALA C 263 -13.70 32.69 47.94
N ALA C 264 -13.86 31.38 47.80
CA ALA C 264 -12.77 30.51 47.39
C ALA C 264 -12.57 30.55 45.88
N TYR C 265 -11.33 30.35 45.46
CA TYR C 265 -11.04 29.94 44.10
C TYR C 265 -9.92 28.92 44.12
N TYR C 266 -9.85 28.11 43.07
CA TYR C 266 -8.95 26.97 43.02
C TYR C 266 -8.16 27.02 41.72
N VAL C 267 -6.89 26.63 41.80
CA VAL C 267 -6.00 26.65 40.63
C VAL C 267 -5.45 25.25 40.41
N GLY C 268 -5.71 24.70 39.23
CA GLY C 268 -5.15 23.44 38.81
C GLY C 268 -4.36 23.66 37.53
N TYR C 269 -3.68 22.61 37.08
CA TYR C 269 -2.94 22.70 35.83
C TYR C 269 -3.28 21.50 34.96
N LEU C 270 -3.31 21.73 33.65
CA LEU C 270 -3.77 20.71 32.71
C LEU C 270 -2.60 19.93 32.13
N GLN C 271 -2.87 18.70 31.75
CA GLN C 271 -1.90 17.81 31.14
C GLN C 271 -2.62 16.96 30.08
N PRO C 272 -1.88 16.39 29.13
CA PRO C 272 -2.52 15.59 28.09
C PRO C 272 -3.06 14.25 28.58
N ARG C 273 -4.14 14.26 29.35
CA ARG C 273 -4.78 13.02 29.78
C ARG C 273 -5.86 12.58 28.80
N THR C 274 -5.85 11.29 28.47
CA THR C 274 -6.87 10.67 27.66
C THR C 274 -8.05 10.31 28.56
N PHE C 275 -9.25 10.68 28.16
CA PHE C 275 -10.45 10.42 28.94
C PHE C 275 -11.41 9.56 28.14
N LEU C 276 -12.08 8.66 28.85
CA LEU C 276 -13.20 7.90 28.29
C LEU C 276 -14.46 8.60 28.76
N LEU C 277 -15.21 9.16 27.83
CA LEU C 277 -16.37 9.99 28.16
C LEU C 277 -17.64 9.20 27.90
N LYS C 278 -18.50 9.14 28.91
CA LYS C 278 -19.75 8.41 28.81
C LYS C 278 -20.87 9.40 28.53
N TYR C 279 -21.48 9.30 27.36
CA TYR C 279 -22.60 10.15 26.99
C TYR C 279 -23.89 9.41 27.27
N ASN C 280 -24.80 10.06 28.00
CA ASN C 280 -26.10 9.46 28.23
C ASN C 280 -26.95 9.59 26.97
N GLU C 281 -28.19 9.11 27.05
CA GLU C 281 -29.06 9.16 25.89
C GLU C 281 -29.48 10.58 25.53
N ASN C 282 -29.28 11.55 26.42
CA ASN C 282 -29.57 12.94 26.12
C ASN C 282 -28.35 13.71 25.63
N GLY C 283 -27.21 13.06 25.46
CA GLY C 283 -26.06 13.67 24.84
C GLY C 283 -25.16 14.48 25.75
N THR C 284 -25.34 14.41 27.06
CA THR C 284 -24.48 15.12 28.00
C THR C 284 -23.55 14.15 28.69
N ILE C 285 -22.30 14.59 28.92
CA ILE C 285 -21.29 13.76 29.55
C ILE C 285 -21.73 13.44 30.97
N THR C 286 -21.83 12.15 31.27
CA THR C 286 -22.32 11.71 32.58
C THR C 286 -21.25 11.09 33.46
N ASP C 287 -20.15 10.60 32.87
CA ASP C 287 -19.06 10.03 33.65
C ASP C 287 -17.77 10.19 32.88
N ALA C 288 -16.65 9.81 33.50
CA ALA C 288 -15.37 9.87 32.82
C ALA C 288 -14.36 8.98 33.55
N VAL C 289 -13.43 8.43 32.78
CA VAL C 289 -12.32 7.64 33.29
C VAL C 289 -11.01 8.24 32.81
N ASP C 290 -10.11 8.55 33.74
CA ASP C 290 -8.79 9.04 33.38
C ASP C 290 -7.92 7.84 33.06
N CYS C 291 -7.40 7.78 31.83
CA CYS C 291 -6.75 6.56 31.35
C CYS C 291 -5.32 6.44 31.84
N ALA C 292 -4.92 7.20 32.87
CA ALA C 292 -3.64 6.96 33.53
C ALA C 292 -3.71 7.18 35.04
N LEU C 293 -4.91 7.26 35.62
CA LEU C 293 -5.01 7.51 37.06
C LEU C 293 -4.46 6.35 37.87
N ASP C 294 -4.85 5.12 37.52
CA ASP C 294 -4.41 3.93 38.23
C ASP C 294 -4.62 2.73 37.31
N PRO C 295 -4.01 1.58 37.63
CA PRO C 295 -4.12 0.44 36.71
C PRO C 295 -5.54 0.00 36.41
N LEU C 296 -6.48 0.14 37.35
CA LEU C 296 -7.85 -0.26 37.05
C LEU C 296 -8.49 0.67 36.03
N SER C 297 -8.29 1.98 36.15
CA SER C 297 -8.87 2.90 35.18
C SER C 297 -8.25 2.71 33.80
N GLU C 298 -6.95 2.40 33.76
CA GLU C 298 -6.31 2.11 32.49
C GLU C 298 -6.93 0.88 31.83
N THR C 299 -7.27 -0.13 32.65
CA THR C 299 -7.90 -1.33 32.10
C THR C 299 -9.24 -1.00 31.47
N LYS C 300 -10.04 -0.18 32.16
CA LYS C 300 -11.34 0.21 31.61
C LYS C 300 -11.19 0.88 30.26
N CYS C 301 -10.19 1.74 30.11
CA CYS C 301 -9.96 2.44 28.85
C CYS C 301 -9.59 1.46 27.73
N THR C 302 -8.73 0.48 28.02
CA THR C 302 -8.35 -0.48 26.99
C THR C 302 -9.56 -1.27 26.50
N LEU C 303 -10.45 -1.68 27.40
CA LEU C 303 -11.61 -2.45 27.02
C LEU C 303 -12.76 -1.59 26.53
N LYS C 304 -12.64 -0.27 26.62
CA LYS C 304 -13.71 0.66 26.26
C LYS C 304 -15.00 0.31 26.99
N SER C 305 -14.90 0.15 28.30
CA SER C 305 -16.05 -0.19 29.12
C SER C 305 -15.85 0.36 30.52
N PHE C 306 -16.97 0.50 31.24
CA PHE C 306 -16.95 0.89 32.64
C PHE C 306 -17.06 -0.30 33.59
N THR C 307 -17.13 -1.51 33.06
CA THR C 307 -17.15 -2.71 33.88
C THR C 307 -16.11 -3.68 33.35
N VAL C 308 -15.37 -4.31 34.26
CA VAL C 308 -14.30 -5.22 33.90
C VAL C 308 -14.59 -6.58 34.52
N GLU C 309 -14.67 -7.61 33.68
CA GLU C 309 -14.88 -8.98 34.13
C GLU C 309 -13.61 -9.52 34.77
N LYS C 310 -13.78 -10.53 35.61
CA LYS C 310 -12.64 -11.17 36.27
C LYS C 310 -11.68 -11.74 35.23
N GLY C 311 -10.39 -11.53 35.45
CA GLY C 311 -9.39 -12.09 34.58
C GLY C 311 -8.09 -11.29 34.64
N ILE C 312 -7.21 -11.63 33.72
CA ILE C 312 -5.92 -10.97 33.56
C ILE C 312 -5.90 -10.28 32.20
N TYR C 313 -5.56 -9.01 32.19
CA TYR C 313 -5.58 -8.20 30.98
C TYR C 313 -4.22 -7.59 30.74
N GLN C 314 -3.82 -7.50 29.47
CA GLN C 314 -2.62 -6.78 29.06
C GLN C 314 -3.03 -5.39 28.62
N THR C 315 -2.54 -4.37 29.32
CA THR C 315 -3.05 -3.01 29.12
C THR C 315 -2.04 -2.04 28.54
N SER C 316 -0.74 -2.24 28.75
CA SER C 316 0.23 -1.25 28.30
C SER C 316 1.60 -1.91 28.18
N ASN C 317 2.64 -1.09 28.10
CA ASN C 317 4.01 -1.55 27.97
C ASN C 317 4.88 -0.72 28.89
N PHE C 318 5.72 -1.40 29.68
CA PHE C 318 6.62 -0.73 30.62
C PHE C 318 7.83 -0.19 29.86
N ARG C 319 8.21 1.05 30.16
CA ARG C 319 9.33 1.72 29.50
C ARG C 319 10.15 2.50 30.52
N VAL C 320 11.46 2.33 30.47
CA VAL C 320 12.38 3.18 31.22
C VAL C 320 12.76 4.38 30.37
N GLN C 321 12.69 5.56 30.93
CA GLN C 321 12.98 6.71 30.10
C GLN C 321 14.46 7.08 30.16
N PRO C 322 15.00 7.67 29.11
CA PRO C 322 16.38 8.15 29.15
C PRO C 322 16.52 9.32 30.12
N THR C 323 17.71 9.42 30.72
CA THR C 323 17.97 10.41 31.77
C THR C 323 18.66 11.66 31.25
N GLU C 324 19.63 11.53 30.35
CA GLU C 324 20.43 12.66 29.90
C GLU C 324 20.84 12.41 28.46
N SER C 325 21.55 13.39 27.88
CA SER C 325 22.02 13.29 26.51
C SER C 325 23.53 13.19 26.46
N ILE C 326 24.02 12.44 25.47
CA ILE C 326 25.45 12.27 25.23
C ILE C 326 25.76 12.66 23.79
N VAL C 327 26.63 13.64 23.60
CA VAL C 327 27.09 14.06 22.29
C VAL C 327 28.60 13.86 22.27
N ARG C 328 29.05 12.99 21.36
CA ARG C 328 30.48 12.68 21.24
C ARG C 328 30.92 12.91 19.80
N PHE C 329 31.70 13.97 19.59
CA PHE C 329 32.30 14.31 18.30
C PHE C 329 33.82 14.34 18.45
N PRO C 330 34.56 14.07 17.38
CA PRO C 330 36.02 14.14 17.47
C PRO C 330 36.47 15.54 17.85
N ASN C 331 37.52 15.62 18.66
CA ASN C 331 37.92 16.93 19.19
C ASN C 331 38.92 17.64 18.27
N ILE C 332 38.56 17.72 17.01
CA ILE C 332 39.28 18.57 16.07
C ILE C 332 38.57 19.93 16.04
N THR C 333 39.35 21.00 15.84
CA THR C 333 38.83 22.34 16.02
C THR C 333 39.12 23.29 14.86
N ASN C 334 39.84 22.85 13.84
CA ASN C 334 40.17 23.74 12.72
C ASN C 334 38.90 24.14 11.98
N LEU C 335 38.70 25.45 11.84
CA LEU C 335 37.59 25.94 11.04
C LEU C 335 37.76 25.49 9.59
N CYS C 336 36.70 25.63 8.83
CA CYS C 336 36.77 24.93 7.56
C CYS C 336 37.01 25.90 6.41
N PRO C 337 37.93 25.57 5.50
CA PRO C 337 38.31 26.51 4.41
C PRO C 337 37.31 26.51 3.27
N PHE C 338 36.09 26.95 3.56
CA PHE C 338 35.12 27.21 2.51
C PHE C 338 35.40 28.53 1.80
N GLY C 339 36.20 29.41 2.42
CA GLY C 339 36.50 30.69 1.79
C GLY C 339 37.24 30.52 0.47
N GLU C 340 38.27 29.67 0.46
CA GLU C 340 39.07 29.47 -0.74
C GLU C 340 38.28 28.79 -1.85
N VAL C 341 37.09 28.28 -1.56
CA VAL C 341 36.21 27.70 -2.55
C VAL C 341 35.14 28.69 -2.99
N PHE C 342 34.43 29.27 -2.02
CA PHE C 342 33.32 30.15 -2.35
C PHE C 342 33.79 31.51 -2.85
N ASN C 343 34.84 32.06 -2.24
CA ASN C 343 35.35 33.38 -2.59
C ASN C 343 36.57 33.31 -3.50
N ALA C 344 36.70 32.26 -4.30
CA ALA C 344 37.82 32.15 -5.21
C ALA C 344 37.74 33.24 -6.27
N THR C 345 38.92 33.74 -6.68
CA THR C 345 38.94 34.89 -7.58
C THR C 345 38.35 34.54 -8.93
N ARG C 346 38.78 33.43 -9.52
CA ARG C 346 38.24 32.96 -10.80
C ARG C 346 38.06 31.46 -10.73
N PHE C 347 36.83 31.00 -10.98
CA PHE C 347 36.53 29.58 -10.97
C PHE C 347 37.06 28.92 -12.23
N ALA C 348 36.98 27.59 -12.26
CA ALA C 348 37.30 26.83 -13.45
C ALA C 348 36.10 26.81 -14.39
N SER C 349 36.35 26.43 -15.64
CA SER C 349 35.30 26.31 -16.64
C SER C 349 34.71 24.90 -16.60
N VAL C 350 33.43 24.81 -16.99
CA VAL C 350 32.66 23.59 -16.73
C VAL C 350 33.15 22.39 -17.54
N TYR C 351 33.87 22.60 -18.64
CA TYR C 351 34.45 21.45 -19.34
C TYR C 351 35.54 20.78 -18.51
N ALA C 352 36.13 21.49 -17.55
CA ALA C 352 37.20 20.99 -16.71
C ALA C 352 36.97 21.42 -15.27
N TRP C 353 35.74 21.19 -14.79
CA TRP C 353 35.33 21.60 -13.47
C TRP C 353 36.28 21.06 -12.40
N ASN C 354 36.40 21.83 -11.31
CA ASN C 354 37.38 21.58 -10.27
C ASN C 354 36.82 20.71 -9.15
N ARG C 355 37.73 20.16 -8.34
CA ARG C 355 37.37 19.49 -7.11
C ARG C 355 38.40 19.84 -6.04
N LYS C 356 37.91 20.13 -4.83
CA LYS C 356 38.77 20.38 -3.69
C LYS C 356 38.39 19.43 -2.56
N ARG C 357 39.40 18.88 -1.89
CA ARG C 357 39.14 18.04 -0.74
C ARG C 357 38.83 18.90 0.47
N ILE C 358 37.75 18.58 1.16
CA ILE C 358 37.39 19.19 2.43
C ILE C 358 37.52 18.12 3.49
N SER C 359 38.49 18.28 4.39
CA SER C 359 38.74 17.27 5.39
C SER C 359 39.46 17.91 6.58
N ASN C 360 39.33 17.24 7.73
CA ASN C 360 39.97 17.68 8.97
C ASN C 360 39.55 19.11 9.31
N CYS C 361 38.25 19.37 9.22
CA CYS C 361 37.68 20.66 9.54
C CYS C 361 36.34 20.45 10.22
N VAL C 362 35.97 21.40 11.09
CA VAL C 362 34.64 21.44 11.68
C VAL C 362 33.86 22.48 10.90
N ALA C 363 33.18 22.03 9.86
CA ALA C 363 32.56 22.92 8.89
C ALA C 363 31.25 23.44 9.47
N ASP C 364 31.21 24.74 9.78
CA ASP C 364 29.98 25.39 10.23
C ASP C 364 29.18 25.74 8.98
N TYR C 365 28.24 24.87 8.62
CA TYR C 365 27.45 25.13 7.42
C TYR C 365 26.45 26.26 7.60
N SER C 366 26.23 26.72 8.84
CA SER C 366 25.24 27.75 9.09
C SER C 366 25.59 29.06 8.38
N VAL C 367 26.86 29.47 8.45
CA VAL C 367 27.28 30.70 7.79
C VAL C 367 27.08 30.61 6.28
N LEU C 368 26.93 29.40 5.75
CA LEU C 368 26.52 29.23 4.36
C LEU C 368 25.01 29.47 4.22
N TYR C 369 24.21 28.67 4.92
CA TYR C 369 22.75 28.76 4.78
C TYR C 369 22.23 30.10 5.27
N ASN C 370 22.87 30.68 6.28
CA ASN C 370 22.52 32.03 6.73
C ASN C 370 22.86 33.08 5.67
N SER C 371 23.92 32.85 4.89
CA SER C 371 24.31 33.80 3.87
C SER C 371 23.21 33.96 2.82
N ALA C 372 23.07 35.19 2.32
CA ALA C 372 21.96 35.53 1.44
C ALA C 372 22.33 35.56 -0.03
N SER C 373 23.62 35.57 -0.37
CA SER C 373 24.03 35.72 -1.78
C SER C 373 23.57 34.54 -2.63
N PHE C 374 23.29 33.39 -2.01
CA PHE C 374 23.00 32.17 -2.80
C PHE C 374 21.56 32.19 -3.34
N SER C 375 21.44 32.19 -4.67
CA SER C 375 20.09 32.22 -5.31
C SER C 375 19.54 30.80 -5.34
N THR C 376 20.42 29.80 -5.25
CA THR C 376 19.97 28.39 -5.34
C THR C 376 20.72 27.51 -4.33
N PHE C 377 20.12 27.25 -3.16
CA PHE C 377 20.74 26.30 -2.20
C PHE C 377 19.77 25.12 -2.18
N LYS C 378 20.13 24.02 -2.81
CA LYS C 378 19.15 22.92 -2.92
C LYS C 378 19.80 21.67 -2.36
N CYS C 379 19.16 21.02 -1.39
CA CYS C 379 19.82 19.86 -0.76
C CYS C 379 19.04 18.61 -1.11
N TYR C 380 19.72 17.57 -1.55
CA TYR C 380 19.06 16.29 -1.88
C TYR C 380 19.46 15.23 -0.86
N GLY C 381 18.50 14.51 -0.26
CA GLY C 381 18.80 13.44 0.70
C GLY C 381 19.29 13.96 2.03
N VAL C 382 19.08 15.25 2.34
CA VAL C 382 19.50 15.88 3.62
C VAL C 382 18.80 17.23 3.71
N SER C 383 18.28 17.60 4.88
CA SER C 383 17.57 18.85 5.13
C SER C 383 18.53 19.89 5.66
N PRO C 384 18.65 21.05 4.99
CA PRO C 384 19.70 22.00 5.31
C PRO C 384 19.82 22.48 6.75
N THR C 385 18.71 22.62 7.45
CA THR C 385 18.77 23.05 8.85
C THR C 385 19.28 21.92 9.74
N LYS C 386 18.80 20.70 9.52
CA LYS C 386 19.29 19.55 10.28
C LYS C 386 20.75 19.27 9.98
N LEU C 387 21.19 19.63 8.77
CA LEU C 387 22.50 19.23 8.24
C LEU C 387 23.64 19.56 9.19
N ASN C 388 23.55 20.68 9.90
CA ASN C 388 24.66 21.18 10.71
C ASN C 388 25.08 20.26 11.85
N ASP C 389 24.28 19.26 12.21
CA ASP C 389 24.67 18.39 13.33
C ASP C 389 25.39 17.13 12.89
N LEU C 390 25.43 16.84 11.59
CA LEU C 390 25.90 15.54 11.10
C LEU C 390 27.42 15.49 11.07
N CYS C 391 27.94 14.34 10.66
CA CYS C 391 29.36 14.13 10.48
C CYS C 391 29.58 13.40 9.16
N PHE C 392 30.67 13.76 8.47
CA PHE C 392 30.92 13.25 7.13
C PHE C 392 32.34 12.71 7.05
N THR C 393 32.55 11.79 6.09
CA THR C 393 33.87 11.20 5.90
C THR C 393 34.58 11.69 4.64
N ASN C 394 33.85 12.14 3.62
CA ASN C 394 34.48 12.79 2.46
C ASN C 394 33.45 13.72 1.83
N VAL C 395 33.57 15.01 2.13
CA VAL C 395 32.74 16.05 1.53
C VAL C 395 33.56 16.75 0.45
N TYR C 396 33.00 16.83 -0.75
CA TYR C 396 33.71 17.33 -1.92
C TYR C 396 33.02 18.56 -2.49
N ALA C 397 33.81 19.59 -2.77
CA ALA C 397 33.32 20.81 -3.39
C ALA C 397 33.70 20.85 -4.87
N ASP C 398 32.71 20.95 -5.73
CA ASP C 398 32.92 21.09 -7.18
C ASP C 398 32.57 22.53 -7.55
N SER C 399 33.46 23.19 -8.29
CA SER C 399 33.29 24.59 -8.62
C SER C 399 33.57 24.86 -10.09
N PHE C 400 32.59 25.48 -10.75
CA PHE C 400 32.62 25.74 -12.18
C PHE C 400 31.54 26.77 -12.49
N VAL C 401 31.70 27.46 -13.62
CA VAL C 401 30.81 28.56 -13.97
C VAL C 401 30.05 28.20 -15.24
N ILE C 402 28.75 28.48 -15.24
CA ILE C 402 27.86 28.18 -16.36
C ILE C 402 26.84 29.30 -16.48
N ARG C 403 26.11 29.31 -17.59
CA ARG C 403 25.07 30.31 -17.77
C ARG C 403 23.99 30.16 -16.69
N GLY C 404 23.48 31.29 -16.23
CA GLY C 404 22.48 31.26 -15.16
C GLY C 404 21.19 30.59 -15.56
N ASP C 405 20.89 30.56 -16.86
CA ASP C 405 19.65 29.97 -17.35
C ASP C 405 19.58 28.47 -17.10
N GLU C 406 20.70 27.76 -17.27
CA GLU C 406 20.69 26.30 -17.30
C GLU C 406 21.15 25.66 -16.00
N VAL C 407 21.25 26.42 -14.91
CA VAL C 407 21.61 25.82 -13.63
C VAL C 407 20.60 24.77 -13.20
N ARG C 408 19.38 24.80 -13.74
CA ARG C 408 18.43 23.71 -13.52
C ARG C 408 18.97 22.37 -14.00
N GLN C 409 19.89 22.37 -14.96
CA GLN C 409 20.50 21.12 -15.40
C GLN C 409 21.48 20.55 -14.39
N ILE C 410 21.78 21.26 -13.31
CA ILE C 410 22.53 20.67 -12.20
C ILE C 410 21.51 19.94 -11.34
N ALA C 411 21.25 18.69 -11.70
CA ALA C 411 20.20 17.88 -11.08
C ALA C 411 20.51 16.42 -11.38
N PRO C 412 20.01 15.48 -10.56
CA PRO C 412 20.43 14.08 -10.73
C PRO C 412 20.11 13.52 -12.09
N GLY C 413 19.01 13.94 -12.71
CA GLY C 413 18.72 13.55 -14.08
C GLY C 413 18.83 14.74 -15.02
N GLN C 414 17.72 15.09 -15.66
CA GLN C 414 17.60 16.31 -16.46
C GLN C 414 18.72 16.41 -17.50
N THR C 415 18.69 15.48 -18.44
CA THR C 415 19.72 15.41 -19.47
C THR C 415 19.72 16.68 -20.32
N GLY C 416 20.92 17.08 -20.73
CA GLY C 416 21.08 18.30 -21.50
C GLY C 416 22.52 18.42 -21.94
N LYS C 417 22.78 19.50 -22.71
CA LYS C 417 24.09 19.67 -23.33
C LYS C 417 25.23 19.68 -22.31
N ILE C 418 24.95 20.13 -21.09
CA ILE C 418 25.96 20.09 -20.03
C ILE C 418 25.75 18.93 -19.07
N ALA C 419 24.53 18.41 -18.96
CA ALA C 419 24.27 17.25 -18.12
C ALA C 419 24.78 15.95 -18.72
N ASP C 420 25.15 15.94 -19.99
CA ASP C 420 25.71 14.75 -20.62
C ASP C 420 27.19 14.88 -20.96
N TYR C 421 27.59 15.94 -21.66
CA TYR C 421 28.97 16.02 -22.14
C TYR C 421 29.89 16.82 -21.22
N ASN C 422 29.34 17.61 -20.30
CA ASN C 422 30.14 18.54 -19.51
C ASN C 422 30.20 18.16 -18.03
N TYR C 423 29.05 18.02 -17.38
CA TYR C 423 29.03 17.66 -15.97
C TYR C 423 27.83 16.75 -15.75
N LYS C 424 28.05 15.44 -15.76
CA LYS C 424 26.99 14.47 -15.52
C LYS C 424 26.87 14.24 -14.03
N LEU C 425 25.70 14.54 -13.49
CA LEU C 425 25.43 14.42 -12.08
C LEU C 425 24.83 13.06 -11.77
N PRO C 426 25.40 12.29 -10.85
CA PRO C 426 24.92 10.91 -10.63
C PRO C 426 23.51 10.89 -10.09
N ASP C 427 22.80 9.80 -10.40
CA ASP C 427 21.42 9.64 -10.01
C ASP C 427 21.30 9.43 -8.50
N ASP C 428 20.46 10.25 -7.86
CA ASP C 428 20.01 10.05 -6.48
C ASP C 428 21.19 9.97 -5.51
N PHE C 429 21.89 11.09 -5.39
CA PHE C 429 22.98 11.22 -4.43
C PHE C 429 22.48 12.03 -3.24
N THR C 430 23.37 12.22 -2.27
CA THR C 430 23.11 13.06 -1.12
C THR C 430 24.07 14.25 -1.16
N GLY C 431 23.56 15.45 -1.04
CA GLY C 431 24.47 16.59 -1.18
C GLY C 431 23.76 17.84 -1.64
N CYS C 432 24.32 19.00 -1.33
CA CYS C 432 23.64 20.27 -1.65
C CYS C 432 24.30 20.99 -2.81
N VAL C 433 23.52 21.49 -3.76
CA VAL C 433 24.04 22.27 -4.91
C VAL C 433 23.84 23.74 -4.54
N ILE C 434 24.91 24.50 -4.37
CA ILE C 434 24.78 25.90 -3.90
C ILE C 434 25.26 26.80 -5.03
N ALA C 435 24.41 27.60 -5.66
CA ALA C 435 24.92 28.41 -6.78
C ALA C 435 24.62 29.89 -6.56
N TRP C 436 25.41 30.79 -7.17
CA TRP C 436 25.10 32.24 -7.06
C TRP C 436 25.35 33.03 -8.34
N ASN C 437 24.83 34.25 -8.41
CA ASN C 437 25.05 35.13 -9.60
C ASN C 437 26.47 35.69 -9.57
N SER C 438 27.10 35.81 -10.73
CA SER C 438 28.47 36.28 -10.80
C SER C 438 28.66 37.39 -11.82
N ASN C 439 27.56 38.00 -12.30
CA ASN C 439 27.67 39.05 -13.30
C ASN C 439 28.52 40.22 -12.81
N ASN C 440 28.57 40.45 -11.51
CA ASN C 440 29.40 41.50 -10.97
C ASN C 440 30.88 41.20 -11.15
N LEU C 441 31.24 39.92 -11.27
CA LEU C 441 32.64 39.50 -11.21
C LEU C 441 33.17 38.98 -12.53
N ASP C 442 32.54 37.97 -13.11
CA ASP C 442 33.14 37.17 -14.18
C ASP C 442 32.66 37.58 -15.58
N SER C 443 32.13 38.79 -15.75
CA SER C 443 31.58 39.22 -17.02
C SER C 443 32.37 40.39 -17.56
N LYS C 444 32.72 40.31 -18.85
CA LYS C 444 33.49 41.35 -19.53
C LYS C 444 32.61 42.18 -20.46
N VAL C 445 32.80 43.49 -20.43
CA VAL C 445 32.26 44.35 -21.47
C VAL C 445 32.88 43.97 -22.80
N GLY C 446 32.03 43.78 -23.81
CA GLY C 446 32.49 43.27 -25.09
C GLY C 446 32.66 41.78 -25.14
N GLY C 447 32.29 41.06 -24.08
CA GLY C 447 32.33 39.62 -24.07
C GLY C 447 33.52 39.04 -23.32
N ASN C 448 33.24 38.08 -22.44
CA ASN C 448 34.28 37.32 -21.76
C ASN C 448 34.37 35.95 -22.40
N TYR C 449 35.53 35.62 -22.94
CA TYR C 449 35.74 34.38 -23.68
C TYR C 449 36.73 33.44 -23.01
N ASN C 450 37.14 33.74 -21.78
CA ASN C 450 38.01 32.84 -21.05
C ASN C 450 37.32 31.55 -20.65
N TYR C 451 36.01 31.50 -20.73
CA TYR C 451 35.22 30.38 -20.21
C TYR C 451 34.76 29.50 -21.36
N LEU C 452 35.02 28.20 -21.25
CA LEU C 452 34.75 27.25 -22.32
C LEU C 452 33.87 26.13 -21.79
N TYR C 453 32.97 25.62 -22.64
CA TYR C 453 32.23 24.40 -22.34
C TYR C 453 32.33 23.46 -23.52
N ARG C 454 32.50 22.18 -23.23
CA ARG C 454 32.63 21.18 -24.29
C ARG C 454 31.29 20.84 -24.91
N LEU C 455 31.22 20.89 -26.23
CA LEU C 455 30.18 20.23 -27.00
C LEU C 455 30.88 19.21 -27.90
N PHE C 456 30.41 17.96 -27.85
CA PHE C 456 31.15 16.86 -28.44
C PHE C 456 30.16 15.95 -29.16
N ARG C 457 30.69 14.92 -29.81
CA ARG C 457 29.95 14.13 -30.79
C ARG C 457 29.99 12.64 -30.49
N LYS C 458 30.19 12.28 -29.22
CA LYS C 458 30.25 10.87 -28.85
C LYS C 458 29.28 10.55 -27.71
N SER C 459 29.38 9.36 -27.15
CA SER C 459 28.53 8.96 -26.04
C SER C 459 29.03 9.57 -24.74
N ASN C 460 28.11 10.11 -23.95
CA ASN C 460 28.46 10.59 -22.62
C ASN C 460 28.94 9.44 -21.75
N LEU C 461 30.04 9.67 -21.03
CA LEU C 461 30.77 8.55 -20.42
C LEU C 461 30.17 8.10 -19.09
N LYS C 462 30.28 8.95 -18.07
CA LYS C 462 29.98 8.54 -16.70
C LYS C 462 29.72 9.80 -15.88
N PRO C 463 28.98 9.68 -14.78
CA PRO C 463 28.82 10.82 -13.87
C PRO C 463 30.12 11.14 -13.15
N PHE C 464 30.25 12.42 -12.77
CA PHE C 464 31.41 12.91 -12.03
C PHE C 464 32.72 12.64 -12.78
N GLU C 465 32.70 12.85 -14.09
CA GLU C 465 33.86 12.61 -14.94
C GLU C 465 34.03 13.78 -15.89
N ARG C 466 35.20 14.40 -15.88
CA ARG C 466 35.52 15.49 -16.79
C ARG C 466 36.39 14.97 -17.94
N ASP C 467 36.21 15.57 -19.11
CA ASP C 467 36.90 15.15 -20.32
C ASP C 467 37.77 16.30 -20.83
N ILE C 468 39.03 15.99 -21.12
CA ILE C 468 39.96 16.97 -21.66
C ILE C 468 40.32 16.63 -23.10
N TYR C 489 34.60 18.82 -36.14
CA TYR C 489 34.44 20.13 -35.52
C TYR C 489 35.29 20.25 -34.26
N PHE C 490 35.64 21.48 -33.89
CA PHE C 490 36.38 21.69 -32.66
C PHE C 490 35.47 21.44 -31.46
N PRO C 491 35.98 20.83 -30.38
CA PRO C 491 35.10 20.42 -29.29
C PRO C 491 34.73 21.52 -28.31
N LEU C 492 35.46 22.62 -28.26
CA LEU C 492 35.33 23.61 -27.20
C LEU C 492 34.66 24.87 -27.73
N GLN C 493 33.56 25.27 -27.07
CA GLN C 493 32.82 26.48 -27.41
C GLN C 493 33.07 27.55 -26.35
N SER C 494 33.45 28.74 -26.80
CA SER C 494 33.60 29.89 -25.92
C SER C 494 32.24 30.42 -25.45
N TYR C 495 32.27 31.13 -24.33
CA TYR C 495 31.12 31.87 -23.83
C TYR C 495 31.15 33.31 -24.34
N GLY C 496 30.06 34.03 -24.06
CA GLY C 496 29.94 35.42 -24.46
C GLY C 496 29.50 36.34 -23.35
N PHE C 497 30.01 36.10 -22.15
CA PHE C 497 29.53 36.79 -20.95
C PHE C 497 29.71 38.30 -21.08
N GLN C 498 28.61 39.03 -21.05
CA GLN C 498 28.59 40.48 -21.15
C GLN C 498 27.71 41.08 -20.07
N PRO C 499 28.10 42.23 -19.50
CA PRO C 499 27.19 42.91 -18.57
C PRO C 499 25.88 43.32 -19.20
N THR C 500 25.86 43.52 -20.52
CA THR C 500 24.62 43.81 -21.22
C THR C 500 23.68 42.62 -21.23
N ASN C 501 24.20 41.40 -21.03
CA ASN C 501 23.37 40.21 -20.98
C ASN C 501 22.68 40.11 -19.62
N GLY C 502 21.36 39.90 -19.64
CA GLY C 502 20.60 39.69 -18.43
C GLY C 502 20.63 38.23 -18.03
N VAL C 503 19.61 37.83 -17.27
CA VAL C 503 19.46 36.42 -16.94
C VAL C 503 19.35 35.61 -18.22
N GLY C 504 20.08 34.50 -18.28
CA GLY C 504 20.28 33.82 -19.54
C GLY C 504 21.51 34.39 -20.22
N TYR C 505 22.46 33.52 -20.58
CA TYR C 505 23.81 33.91 -21.00
C TYR C 505 24.56 34.66 -19.91
N GLN C 506 24.04 34.66 -18.68
CA GLN C 506 24.60 35.31 -17.51
C GLN C 506 25.45 34.32 -16.74
N PRO C 507 26.71 34.64 -16.41
CA PRO C 507 27.54 33.66 -15.70
C PRO C 507 27.04 33.49 -14.27
N TYR C 508 26.75 32.25 -13.90
CA TYR C 508 26.50 31.87 -12.52
C TYR C 508 27.66 31.02 -12.02
N ARG C 509 28.20 31.39 -10.86
CA ARG C 509 29.18 30.56 -10.17
C ARG C 509 28.43 29.47 -9.43
N VAL C 510 28.87 28.23 -9.60
CA VAL C 510 28.18 27.07 -9.04
C VAL C 510 29.14 26.28 -8.18
N VAL C 511 28.69 25.92 -6.98
CA VAL C 511 29.40 25.01 -6.09
C VAL C 511 28.43 23.93 -5.64
N VAL C 512 28.78 22.67 -5.86
CA VAL C 512 27.99 21.55 -5.40
C VAL C 512 28.80 20.78 -4.36
N LEU C 513 28.28 20.74 -3.13
CA LEU C 513 28.89 19.97 -2.05
C LEU C 513 28.32 18.56 -2.12
N SER C 514 29.16 17.58 -2.44
CA SER C 514 28.75 16.19 -2.50
C SER C 514 29.38 15.44 -1.34
N PHE C 515 28.53 14.79 -0.54
CA PHE C 515 28.95 14.01 0.61
C PHE C 515 28.14 12.73 0.68
N GLU C 516 28.59 11.84 1.57
CA GLU C 516 28.01 10.48 1.57
C GLU C 516 27.08 10.12 2.73
N LEU C 517 27.24 10.68 3.92
CA LEU C 517 26.29 10.45 5.03
C LEU C 517 26.14 8.96 5.30
N LEU C 518 27.23 8.21 5.28
CA LEU C 518 27.17 6.77 5.65
C LEU C 518 28.18 6.57 6.76
N HIS C 519 28.03 5.51 7.54
CA HIS C 519 28.91 5.37 8.72
C HIS C 519 30.31 4.87 8.39
N ALA C 520 31.32 5.71 8.62
CA ALA C 520 32.73 5.35 8.40
C ALA C 520 33.48 6.32 9.34
N PRO C 521 34.76 6.15 9.70
CA PRO C 521 35.38 7.11 10.59
C PRO C 521 35.17 8.48 9.92
N ALA C 522 34.69 9.47 10.66
CA ALA C 522 34.36 10.78 10.05
C ALA C 522 35.50 11.77 10.22
N THR C 523 35.43 12.88 9.48
CA THR C 523 36.47 13.92 9.61
C THR C 523 35.90 15.34 9.43
N VAL C 524 34.76 15.51 8.76
CA VAL C 524 34.18 16.84 8.65
C VAL C 524 32.86 16.85 9.42
N CYS C 525 32.92 17.24 10.67
CA CYS C 525 31.76 17.22 11.56
C CYS C 525 31.18 18.61 11.71
N GLY C 526 30.05 18.68 12.40
CA GLY C 526 29.42 19.95 12.71
C GLY C 526 30.02 20.59 13.94
N PRO C 527 29.68 21.85 14.15
CA PRO C 527 30.18 22.59 15.32
C PRO C 527 29.34 22.33 16.57
N LYS C 528 29.37 21.10 17.05
CA LYS C 528 28.64 20.71 18.25
C LYS C 528 29.63 20.34 19.34
N LYS C 529 29.45 20.93 20.52
CA LYS C 529 30.34 20.65 21.63
C LYS C 529 30.12 19.24 22.16
N SER C 530 31.21 18.55 22.45
CA SER C 530 31.11 17.22 23.01
C SER C 530 30.77 17.28 24.48
N THR C 531 30.23 16.18 24.99
CA THR C 531 29.87 16.04 26.39
C THR C 531 30.45 14.74 26.92
N ASN C 532 30.81 14.73 28.20
CA ASN C 532 31.29 13.50 28.81
C ASN C 532 30.23 12.40 28.65
N LEU C 533 30.69 11.16 28.61
CA LEU C 533 29.82 10.02 28.37
C LEU C 533 29.62 9.25 29.67
N VAL C 534 28.37 8.85 29.91
CA VAL C 534 27.97 8.16 31.14
C VAL C 534 27.59 6.73 30.78
N LYS C 535 28.02 5.79 31.60
CA LYS C 535 27.89 4.37 31.30
C LYS C 535 26.97 3.67 32.28
N ASN C 536 26.48 2.51 31.85
CA ASN C 536 25.70 1.58 32.67
C ASN C 536 24.37 2.18 33.15
N LYS C 537 23.88 3.22 32.48
CA LYS C 537 22.58 3.78 32.78
C LYS C 537 21.90 4.20 31.48
N CYS C 538 20.58 4.04 31.43
CA CYS C 538 19.83 4.37 30.22
C CYS C 538 20.05 5.83 29.85
N VAL C 539 20.67 6.06 28.70
CA VAL C 539 21.01 7.40 28.26
C VAL C 539 20.63 7.57 26.79
N ASN C 540 20.44 8.83 26.39
CA ASN C 540 20.15 9.21 25.02
C ASN C 540 21.45 9.72 24.40
N PHE C 541 22.08 8.89 23.57
CA PHE C 541 23.41 9.17 23.04
C PHE C 541 23.36 9.68 21.61
N ASN C 542 24.43 10.37 21.21
CA ASN C 542 24.59 10.87 19.84
C ASN C 542 26.06 10.75 19.47
N PHE C 543 26.40 9.76 18.63
CA PHE C 543 27.76 9.55 18.15
C PHE C 543 27.83 9.93 16.68
N ASN C 544 28.49 11.06 16.38
CA ASN C 544 28.78 11.47 15.01
C ASN C 544 27.52 11.49 14.15
N GLY C 545 26.42 11.92 14.73
CA GLY C 545 25.14 11.93 14.04
C GLY C 545 24.31 10.68 14.21
N LEU C 546 24.87 9.61 14.78
CA LEU C 546 24.09 8.43 15.11
C LEU C 546 23.37 8.64 16.42
N THR C 547 22.05 8.57 16.40
CA THR C 547 21.26 8.84 17.59
C THR C 547 20.57 7.56 18.04
N GLY C 548 20.20 7.53 19.31
CA GLY C 548 19.47 6.41 19.85
C GLY C 548 19.42 6.48 21.36
N THR C 549 18.74 5.51 21.94
CA THR C 549 18.61 5.36 23.39
C THR C 549 19.11 3.99 23.79
N GLY C 550 19.92 3.93 24.84
CA GLY C 550 20.44 2.66 25.28
C GLY C 550 21.45 2.81 26.38
N VAL C 551 21.90 1.66 26.89
CA VAL C 551 22.89 1.58 27.95
C VAL C 551 24.25 1.37 27.30
N LEU C 552 25.20 2.25 27.61
CA LEU C 552 26.55 2.18 27.08
C LEU C 552 27.46 1.50 28.11
N THR C 553 28.06 0.38 27.73
CA THR C 553 28.95 -0.36 28.61
C THR C 553 30.26 -0.62 27.88
N GLU C 554 31.28 -1.02 28.65
CA GLU C 554 32.53 -1.44 28.04
C GLU C 554 32.34 -2.77 27.34
N SER C 555 33.00 -2.96 26.21
CA SER C 555 32.82 -4.14 25.39
C SER C 555 34.15 -4.74 25.00
N ASN C 556 34.14 -6.06 24.78
CA ASN C 556 35.29 -6.79 24.30
C ASN C 556 35.15 -7.20 22.85
N LYS C 557 34.50 -6.36 22.04
CA LYS C 557 34.38 -6.59 20.61
C LYS C 557 35.58 -5.99 19.91
N LYS C 558 36.29 -6.80 19.15
CA LYS C 558 37.59 -6.41 18.59
C LYS C 558 37.35 -5.79 17.22
N PHE C 559 37.34 -4.46 17.18
CA PHE C 559 37.07 -3.75 15.93
C PHE C 559 38.36 -3.67 15.11
N LEU C 560 38.24 -3.11 13.91
CA LEU C 560 39.42 -2.94 13.07
C LEU C 560 39.45 -1.49 12.63
N PRO C 561 40.64 -0.93 12.37
CA PRO C 561 40.73 0.51 12.14
C PRO C 561 39.82 1.09 11.06
N PHE C 562 39.42 0.32 10.04
CA PHE C 562 38.57 0.93 9.02
C PHE C 562 37.09 0.92 9.39
N GLN C 563 36.72 0.28 10.49
CA GLN C 563 35.33 0.11 10.87
C GLN C 563 35.06 0.72 12.25
N GLN C 564 34.01 1.54 12.34
CA GLN C 564 33.62 2.17 13.59
C GLN C 564 32.37 1.57 14.20
N PHE C 565 31.40 1.17 13.37
CA PHE C 565 30.07 0.79 13.83
C PHE C 565 29.89 -0.72 13.72
N GLY C 566 29.56 -1.36 14.84
CA GLY C 566 29.04 -2.71 14.80
C GLY C 566 27.60 -2.71 14.31
N ARG C 567 27.04 -3.91 14.15
CA ARG C 567 25.68 -3.96 13.65
C ARG C 567 25.00 -5.26 14.06
N ASP C 568 23.67 -5.18 14.21
CA ASP C 568 22.80 -6.27 14.61
C ASP C 568 22.23 -6.97 13.37
N ILE C 569 21.59 -8.12 13.59
CA ILE C 569 20.94 -8.83 12.49
C ILE C 569 19.83 -7.97 11.88
N ALA C 570 19.04 -7.33 12.72
CA ALA C 570 17.95 -6.48 12.24
C ALA C 570 18.40 -5.08 11.81
N ASP C 571 19.70 -4.89 11.58
CA ASP C 571 20.32 -3.66 11.04
C ASP C 571 20.36 -2.53 12.06
N THR C 572 20.12 -2.82 13.34
CA THR C 572 20.32 -1.80 14.36
C THR C 572 21.76 -1.83 14.84
N THR C 573 22.23 -0.68 15.32
CA THR C 573 23.59 -0.60 15.82
C THR C 573 23.73 -1.42 17.10
N ASP C 574 24.88 -2.06 17.29
CA ASP C 574 25.12 -2.93 18.43
C ASP C 574 26.38 -2.54 19.20
N ALA C 575 27.25 -1.73 18.61
CA ALA C 575 28.46 -1.29 19.28
C ALA C 575 29.01 -0.07 18.54
N VAL C 576 29.51 0.89 19.29
CA VAL C 576 30.12 2.09 18.72
C VAL C 576 31.54 2.22 19.25
N ARG C 577 32.38 2.88 18.47
CA ARG C 577 33.72 3.26 18.86
C ARG C 577 33.69 4.72 19.32
N ASP C 578 34.18 4.97 20.53
CA ASP C 578 34.16 6.32 21.07
C ASP C 578 35.04 7.21 20.21
N PRO C 579 34.50 8.29 19.62
CA PRO C 579 35.29 9.06 18.65
C PRO C 579 36.52 9.74 19.23
N GLN C 580 36.63 9.84 20.55
CA GLN C 580 37.78 10.49 21.17
C GLN C 580 38.68 9.52 21.92
N THR C 581 38.12 8.55 22.63
CA THR C 581 38.89 7.53 23.35
C THR C 581 38.53 6.18 22.75
N LEU C 582 39.40 5.66 21.88
CA LEU C 582 39.01 4.54 21.03
C LEU C 582 38.86 3.24 21.81
N GLU C 583 37.78 3.15 22.60
CA GLU C 583 37.32 1.90 23.18
C GLU C 583 35.90 1.63 22.67
N ILE C 584 35.54 0.36 22.60
CA ILE C 584 34.30 -0.06 21.95
C ILE C 584 33.23 -0.19 23.03
N LEU C 585 32.07 0.43 22.79
CA LEU C 585 30.97 0.48 23.74
C LEU C 585 29.78 -0.32 23.23
N ASP C 586 29.23 -1.19 24.08
CA ASP C 586 28.02 -1.92 23.73
C ASP C 586 26.79 -1.04 23.94
N ILE C 587 25.80 -1.19 23.06
CA ILE C 587 24.54 -0.48 23.16
C ILE C 587 23.43 -1.49 23.41
N THR C 588 22.86 -1.46 24.61
CA THR C 588 21.72 -2.30 24.96
C THR C 588 20.50 -1.42 25.17
N PRO C 589 19.36 -1.71 24.54
CA PRO C 589 18.17 -0.88 24.77
C PRO C 589 17.71 -0.98 26.21
N CYS C 590 17.12 0.11 26.69
CA CYS C 590 16.71 0.19 28.09
C CYS C 590 15.59 -0.80 28.38
N SER C 591 15.56 -1.28 29.62
CA SER C 591 14.70 -2.40 29.98
C SER C 591 13.23 -2.07 29.74
N PHE C 592 12.48 -3.08 29.31
CA PHE C 592 11.09 -2.92 28.96
C PHE C 592 10.41 -4.27 29.09
N GLY C 593 9.08 -4.24 29.06
CA GLY C 593 8.30 -5.46 29.08
C GLY C 593 6.84 -5.15 29.22
N GLY C 594 6.02 -6.17 28.97
CA GLY C 594 4.58 -6.00 29.08
C GLY C 594 4.14 -5.86 30.52
N VAL C 595 3.03 -5.15 30.71
CA VAL C 595 2.42 -4.97 32.02
C VAL C 595 1.00 -5.50 31.94
N SER C 596 0.68 -6.45 32.83
CA SER C 596 -0.63 -7.07 32.89
C SER C 596 -1.31 -6.70 34.20
N VAL C 597 -2.62 -6.56 34.14
CA VAL C 597 -3.42 -6.21 35.31
C VAL C 597 -4.27 -7.42 35.67
N ILE C 598 -4.08 -7.92 36.88
CA ILE C 598 -4.81 -9.09 37.38
C ILE C 598 -5.91 -8.58 38.29
N THR C 599 -7.16 -8.80 37.92
CA THR C 599 -8.25 -8.21 38.66
C THR C 599 -9.43 -9.14 38.82
N PRO C 600 -10.03 -9.21 40.00
CA PRO C 600 -11.39 -9.70 40.10
C PRO C 600 -12.34 -8.68 39.48
N GLY C 601 -13.52 -9.15 39.11
CA GLY C 601 -14.46 -8.28 38.44
C GLY C 601 -14.77 -7.05 39.27
N THR C 602 -15.02 -5.93 38.58
CA THR C 602 -15.43 -4.72 39.28
C THR C 602 -16.78 -4.90 39.97
N ASN C 603 -17.51 -5.97 39.63
CA ASN C 603 -18.68 -6.37 40.38
C ASN C 603 -18.33 -6.95 41.74
N THR C 604 -17.04 -7.16 42.03
CA THR C 604 -16.63 -7.68 43.32
C THR C 604 -15.74 -6.72 44.09
N SER C 605 -14.73 -6.14 43.45
CA SER C 605 -13.82 -5.24 44.15
C SER C 605 -13.14 -4.33 43.13
N ASN C 606 -12.53 -3.27 43.64
CA ASN C 606 -11.75 -2.34 42.84
C ASN C 606 -10.26 -2.47 43.09
N GLN C 607 -9.84 -3.56 43.72
CA GLN C 607 -8.45 -3.82 44.03
C GLN C 607 -7.84 -4.71 42.96
N VAL C 608 -6.62 -4.38 42.52
CA VAL C 608 -5.97 -5.09 41.44
C VAL C 608 -4.53 -5.40 41.82
N ALA C 609 -3.96 -6.38 41.13
CA ALA C 609 -2.55 -6.72 41.21
C ALA C 609 -1.93 -6.52 39.84
N VAL C 610 -0.65 -6.16 39.81
CA VAL C 610 0.04 -5.85 38.56
C VAL C 610 1.20 -6.83 38.37
N LEU C 611 1.24 -7.46 37.20
CA LEU C 611 2.30 -8.37 36.80
C LEU C 611 3.19 -7.69 35.78
N TYR C 612 4.47 -7.54 36.09
CA TYR C 612 5.45 -7.03 35.13
C TYR C 612 6.16 -8.22 34.50
N GLN C 613 5.88 -8.47 33.22
CA GLN C 613 6.28 -9.70 32.58
C GLN C 613 7.78 -9.75 32.33
N ASP C 614 8.40 -10.86 32.72
CA ASP C 614 9.79 -11.17 32.40
C ASP C 614 10.74 -10.05 32.84
N VAL C 615 10.46 -9.49 34.02
CA VAL C 615 11.29 -8.44 34.60
C VAL C 615 11.46 -8.72 36.08
N ASN C 616 12.65 -8.41 36.61
CA ASN C 616 12.85 -8.52 38.04
C ASN C 616 12.13 -7.41 38.81
N CYS C 617 12.08 -7.60 40.12
CA CYS C 617 11.45 -6.66 41.03
C CYS C 617 12.42 -5.56 41.46
N THR C 618 13.10 -4.98 40.49
CA THR C 618 14.00 -3.86 40.71
C THR C 618 13.71 -2.68 39.80
N GLU C 619 13.38 -2.94 38.53
CA GLU C 619 13.10 -1.87 37.57
C GLU C 619 11.72 -1.26 37.75
N VAL C 620 10.87 -1.85 38.58
CA VAL C 620 9.51 -1.36 38.77
C VAL C 620 9.50 0.09 39.23
N ASN C 641 4.62 -5.62 49.02
CA ASN C 641 3.94 -6.89 48.81
C ASN C 641 4.32 -7.48 47.46
N VAL C 642 5.61 -7.75 47.29
CA VAL C 642 6.19 -8.09 46.00
C VAL C 642 6.59 -9.56 45.98
N PHE C 643 6.07 -10.30 44.99
CA PHE C 643 6.30 -11.73 44.85
C PHE C 643 6.97 -11.98 43.51
N GLN C 644 8.18 -12.55 43.56
CA GLN C 644 8.91 -12.88 42.34
C GLN C 644 8.49 -14.27 41.85
N THR C 645 8.05 -14.33 40.60
CA THR C 645 7.64 -15.58 39.97
C THR C 645 8.44 -15.78 38.70
N ARG C 646 8.29 -16.96 38.10
CA ARG C 646 9.05 -17.27 36.90
C ARG C 646 8.48 -16.57 35.66
N ALA C 647 7.26 -16.04 35.75
CA ALA C 647 6.63 -15.33 34.66
C ALA C 647 6.81 -13.82 34.75
N GLY C 648 7.44 -13.31 35.80
CA GLY C 648 7.65 -11.90 35.98
C GLY C 648 7.49 -11.51 37.43
N CYS C 649 7.49 -10.21 37.68
CA CYS C 649 7.37 -9.66 39.02
C CYS C 649 5.92 -9.31 39.33
N LEU C 650 5.34 -9.99 40.30
CA LEU C 650 3.93 -9.82 40.65
C LEU C 650 3.84 -8.92 41.88
N ILE C 651 3.19 -7.76 41.71
CA ILE C 651 3.09 -6.75 42.75
C ILE C 651 1.63 -6.59 43.14
N GLY C 652 1.37 -6.58 44.45
CA GLY C 652 0.03 -6.42 44.96
C GLY C 652 -0.65 -7.69 45.38
N ALA C 653 0.01 -8.84 45.23
CA ALA C 653 -0.58 -10.13 45.54
C ALA C 653 0.14 -10.76 46.72
N GLU C 654 -0.64 -11.33 47.64
CA GLU C 654 -0.12 -11.91 48.87
C GLU C 654 0.24 -13.37 48.60
N HIS C 655 1.52 -13.69 48.64
CA HIS C 655 1.96 -15.04 48.36
C HIS C 655 1.55 -15.98 49.50
N VAL C 656 1.02 -17.15 49.12
CA VAL C 656 0.44 -18.10 50.06
C VAL C 656 1.12 -19.44 49.87
N ASN C 657 1.39 -20.12 50.99
CA ASN C 657 2.02 -21.43 50.93
C ASN C 657 1.06 -22.50 50.41
N ASN C 658 -0.24 -22.30 50.61
CA ASN C 658 -1.22 -23.31 50.27
C ASN C 658 -1.26 -23.52 48.75
N SER C 659 -2.02 -24.53 48.35
CA SER C 659 -2.20 -24.84 46.94
C SER C 659 -3.67 -25.10 46.68
N TYR C 660 -4.22 -24.41 45.67
CA TYR C 660 -5.63 -24.52 45.31
C TYR C 660 -5.71 -24.82 43.81
N GLU C 661 -6.94 -24.88 43.32
CA GLU C 661 -7.15 -24.94 41.88
C GLU C 661 -6.90 -23.56 41.28
N CYS C 662 -6.63 -23.55 39.97
CA CYS C 662 -6.38 -22.28 39.30
C CYS C 662 -7.67 -21.47 39.17
N ASP C 663 -7.56 -20.16 39.44
CA ASP C 663 -8.66 -19.24 39.24
C ASP C 663 -8.35 -18.22 38.15
N ILE C 664 -7.25 -17.48 38.29
CA ILE C 664 -6.79 -16.57 37.26
C ILE C 664 -5.36 -16.96 36.89
N PRO C 665 -5.13 -17.55 35.72
CA PRO C 665 -3.79 -18.06 35.42
C PRO C 665 -2.81 -16.94 35.19
N ILE C 666 -1.61 -17.08 35.75
CA ILE C 666 -0.52 -16.15 35.56
C ILE C 666 0.58 -16.75 34.68
N GLY C 667 0.99 -17.97 34.97
CA GLY C 667 2.03 -18.64 34.21
C GLY C 667 3.02 -19.34 35.12
N ALA C 668 3.74 -20.29 34.54
CA ALA C 668 4.78 -21.06 35.23
C ALA C 668 4.22 -21.83 36.43
N GLY C 669 2.93 -22.11 36.45
CA GLY C 669 2.33 -22.84 37.54
C GLY C 669 1.75 -21.99 38.64
N ILE C 670 1.70 -20.68 38.46
CA ILE C 670 1.19 -19.76 39.48
C ILE C 670 -0.16 -19.23 39.02
N CYS C 671 -1.14 -19.25 39.92
CA CYS C 671 -2.46 -18.69 39.67
C CYS C 671 -2.81 -17.73 40.81
N ALA C 672 -3.73 -16.82 40.53
CA ALA C 672 -4.17 -15.86 41.52
C ALA C 672 -5.69 -15.88 41.64
N SER C 673 -6.17 -15.46 42.81
CA SER C 673 -7.60 -15.41 43.07
C SER C 673 -7.88 -14.38 44.15
N TYR C 674 -9.16 -14.00 44.27
CA TYR C 674 -9.61 -13.02 45.26
C TYR C 674 -10.36 -13.73 46.39
N GLN C 675 -9.69 -13.93 47.52
CA GLN C 675 -10.31 -14.59 48.66
C GLN C 675 -9.58 -14.14 49.92
N THR C 676 -10.17 -14.45 51.07
CA THR C 676 -9.55 -14.14 52.36
C THR C 676 -8.17 -14.80 52.49
N SER C 686 -10.14 -7.05 54.58
CA SER C 686 -9.82 -8.39 55.06
C SER C 686 -9.56 -9.35 53.91
N GLN C 687 -10.20 -9.07 52.77
CA GLN C 687 -10.02 -9.86 51.56
C GLN C 687 -9.02 -9.18 50.64
N SER C 688 -8.23 -9.99 49.93
CA SER C 688 -7.19 -9.46 49.06
C SER C 688 -6.86 -10.51 48.01
N ILE C 689 -6.09 -10.08 47.01
CA ILE C 689 -5.64 -10.95 45.93
C ILE C 689 -4.43 -11.73 46.41
N ILE C 690 -4.45 -13.05 46.21
CA ILE C 690 -3.37 -13.92 46.63
C ILE C 690 -2.82 -14.65 45.41
N ALA C 691 -1.57 -15.11 45.54
CA ALA C 691 -0.90 -15.89 44.52
C ALA C 691 -0.35 -17.15 45.15
N TYR C 692 -0.43 -18.25 44.42
CA TYR C 692 -0.04 -19.55 44.97
C TYR C 692 0.33 -20.49 43.83
N THR C 693 1.01 -21.57 44.19
CA THR C 693 1.28 -22.65 43.25
C THR C 693 0.01 -23.50 43.14
N MET C 694 -0.55 -23.60 41.94
CA MET C 694 -1.80 -24.30 41.79
C MET C 694 -1.61 -25.81 41.94
N SER C 695 -2.65 -26.46 42.44
CA SER C 695 -2.64 -27.89 42.71
C SER C 695 -3.35 -28.65 41.60
N LEU C 696 -2.94 -29.90 41.42
CA LEU C 696 -3.48 -30.75 40.36
C LEU C 696 -4.62 -31.64 40.82
N GLY C 697 -4.90 -31.71 42.11
CA GLY C 697 -5.96 -32.56 42.61
C GLY C 697 -5.60 -33.30 43.89
N ALA C 698 -6.56 -34.04 44.43
CA ALA C 698 -6.34 -34.77 45.66
C ALA C 698 -5.31 -35.88 45.46
N GLU C 699 -4.43 -36.04 46.43
CA GLU C 699 -3.47 -37.13 46.41
C GLU C 699 -4.13 -38.39 46.96
N ASN C 700 -4.03 -39.49 46.22
CA ASN C 700 -4.84 -40.68 46.53
C ASN C 700 -4.11 -41.90 46.00
N SER C 701 -3.49 -42.66 46.89
CA SER C 701 -2.88 -43.93 46.51
C SER C 701 -3.94 -45.03 46.46
N VAL C 702 -3.66 -46.06 45.66
CA VAL C 702 -4.57 -47.19 45.49
C VAL C 702 -4.01 -48.37 46.27
N ALA C 703 -4.89 -49.06 47.00
CA ALA C 703 -4.49 -50.16 47.87
C ALA C 703 -4.26 -51.41 47.04
N TYR C 704 -3.18 -51.39 46.27
CA TYR C 704 -2.86 -52.50 45.40
C TYR C 704 -2.32 -53.69 46.19
N SER C 705 -2.71 -54.89 45.76
CA SER C 705 -2.13 -56.14 46.23
C SER C 705 -2.52 -57.21 45.22
N ASN C 706 -1.73 -58.28 45.18
CA ASN C 706 -1.86 -59.25 44.10
C ASN C 706 -2.99 -60.26 44.33
N ASN C 707 -3.71 -60.18 45.45
CA ASN C 707 -4.88 -61.03 45.66
C ASN C 707 -6.00 -60.24 46.32
N SER C 708 -6.24 -59.02 45.86
CA SER C 708 -7.30 -58.18 46.42
C SER C 708 -7.99 -57.43 45.28
N ILE C 709 -9.31 -57.55 45.22
CA ILE C 709 -10.11 -56.87 44.20
C ILE C 709 -11.26 -56.13 44.88
N ALA C 710 -11.54 -54.93 44.40
CA ALA C 710 -12.69 -54.14 44.84
C ALA C 710 -13.75 -54.19 43.75
N ILE C 711 -14.94 -54.67 44.09
CA ILE C 711 -16.03 -54.85 43.15
C ILE C 711 -17.21 -54.01 43.60
N PRO C 712 -17.75 -53.15 42.75
CA PRO C 712 -18.86 -52.29 43.19
C PRO C 712 -20.10 -53.10 43.53
N THR C 713 -20.77 -52.69 44.60
CA THR C 713 -21.99 -53.34 45.05
C THR C 713 -23.24 -52.53 44.74
N ASN C 714 -23.07 -51.25 44.42
CA ASN C 714 -24.18 -50.36 44.12
C ASN C 714 -23.73 -49.43 43.01
N PHE C 715 -24.68 -48.68 42.45
CA PHE C 715 -24.40 -47.85 41.29
C PHE C 715 -25.20 -46.57 41.36
N THR C 716 -24.79 -45.60 40.53
CA THR C 716 -25.53 -44.36 40.37
C THR C 716 -25.70 -44.07 38.88
N ILE C 717 -26.88 -43.56 38.52
CA ILE C 717 -27.16 -43.09 37.18
C ILE C 717 -26.99 -41.58 37.19
N SER C 718 -26.07 -41.07 36.37
CA SER C 718 -25.80 -39.65 36.31
C SER C 718 -26.12 -39.12 34.91
N VAL C 719 -26.47 -37.85 34.84
CA VAL C 719 -26.73 -37.16 33.58
C VAL C 719 -25.82 -35.94 33.51
N THR C 720 -25.07 -35.83 32.42
CA THR C 720 -24.15 -34.74 32.20
C THR C 720 -24.60 -33.96 30.97
N THR C 721 -24.14 -32.72 30.89
CA THR C 721 -24.50 -31.83 29.79
C THR C 721 -23.25 -31.52 28.97
N GLU C 722 -23.29 -31.85 27.69
CA GLU C 722 -22.20 -31.54 26.78
C GLU C 722 -22.72 -30.58 25.73
N ILE C 723 -22.07 -29.42 25.62
CA ILE C 723 -22.54 -28.33 24.78
C ILE C 723 -21.54 -28.10 23.66
N LEU C 724 -22.02 -28.13 22.41
CA LEU C 724 -21.17 -27.91 21.24
C LEU C 724 -21.74 -26.85 20.32
N PRO C 725 -20.93 -25.89 19.86
CA PRO C 725 -21.37 -25.03 18.76
C PRO C 725 -21.54 -25.82 17.47
N VAL C 726 -22.44 -25.34 16.62
CA VAL C 726 -22.75 -25.98 15.34
C VAL C 726 -22.56 -25.03 14.18
N SER C 727 -23.08 -23.81 14.28
CA SER C 727 -23.02 -22.85 13.19
C SER C 727 -22.81 -21.45 13.76
N MET C 728 -22.60 -20.49 12.87
CA MET C 728 -22.41 -19.11 13.27
C MET C 728 -23.18 -18.21 12.31
N THR C 729 -23.14 -16.91 12.57
CA THR C 729 -23.97 -15.95 11.85
C THR C 729 -23.60 -15.89 10.38
N LYS C 730 -24.61 -15.88 9.51
CA LYS C 730 -24.43 -15.84 8.06
C LYS C 730 -24.41 -14.40 7.60
N THR C 731 -23.27 -13.73 7.84
CA THR C 731 -23.15 -12.33 7.48
C THR C 731 -22.86 -12.20 5.98
N SER C 732 -23.09 -10.99 5.46
CA SER C 732 -22.79 -10.66 4.08
C SER C 732 -22.34 -9.22 4.01
N VAL C 733 -21.23 -8.97 3.33
CA VAL C 733 -20.64 -7.64 3.24
C VAL C 733 -20.52 -7.25 1.77
N ASP C 734 -20.73 -5.97 1.49
CA ASP C 734 -20.62 -5.41 0.15
C ASP C 734 -19.50 -4.37 0.13
N CYS C 735 -18.64 -4.44 -0.88
CA CYS C 735 -17.60 -3.41 -1.05
C CYS C 735 -18.18 -2.08 -1.46
N THR C 736 -18.91 -2.05 -2.58
CA THR C 736 -19.18 -0.79 -3.26
C THR C 736 -19.86 0.21 -2.33
N MET C 737 -20.55 -0.27 -1.30
CA MET C 737 -21.06 0.61 -0.26
C MET C 737 -20.13 0.70 0.95
N TYR C 738 -19.19 -0.21 1.10
CA TYR C 738 -18.28 -0.08 2.24
C TYR C 738 -17.04 0.73 1.89
N ILE C 739 -16.35 0.37 0.82
CA ILE C 739 -15.16 1.12 0.43
C ILE C 739 -15.54 2.48 -0.14
N CYS C 740 -16.51 2.51 -1.03
CA CYS C 740 -16.87 3.71 -1.80
C CYS C 740 -18.36 3.99 -1.68
N GLY C 741 -18.88 4.03 -0.46
CA GLY C 741 -20.30 4.14 -0.26
C GLY C 741 -20.96 5.35 -0.90
N ASP C 742 -21.67 5.12 -2.00
CA ASP C 742 -22.45 6.14 -2.70
C ASP C 742 -21.55 7.30 -3.16
N SER C 743 -20.59 6.96 -4.01
CA SER C 743 -19.72 7.96 -4.61
C SER C 743 -19.31 7.49 -5.99
N THR C 744 -19.55 8.32 -7.00
CA THR C 744 -19.19 7.92 -8.36
C THR C 744 -17.68 8.00 -8.59
N GLU C 745 -17.03 9.05 -8.06
CA GLU C 745 -15.60 9.21 -8.27
C GLU C 745 -14.82 8.08 -7.61
N CYS C 746 -15.20 7.70 -6.39
CA CYS C 746 -14.52 6.61 -5.69
C CYS C 746 -14.75 5.28 -6.38
N SER C 747 -15.99 5.03 -6.81
CA SER C 747 -16.33 3.75 -7.44
C SER C 747 -15.53 3.53 -8.70
N ASN C 748 -15.37 4.56 -9.52
CA ASN C 748 -14.60 4.42 -10.76
C ASN C 748 -13.14 4.10 -10.47
N LEU C 749 -12.58 4.64 -9.39
CA LEU C 749 -11.20 4.32 -9.03
C LEU C 749 -11.06 2.89 -8.55
N LEU C 750 -12.08 2.37 -7.86
CA LEU C 750 -11.98 1.02 -7.32
C LEU C 750 -11.85 -0.02 -8.42
N LEU C 751 -12.42 0.25 -9.61
CA LEU C 751 -12.32 -0.71 -10.70
C LEU C 751 -10.89 -0.94 -11.14
N GLN C 752 -9.96 -0.07 -10.79
CA GLN C 752 -8.58 -0.25 -11.18
C GLN C 752 -7.89 -1.33 -10.35
N TYR C 753 -8.55 -1.86 -9.34
CA TYR C 753 -8.01 -2.92 -8.50
C TYR C 753 -8.51 -4.29 -8.93
N GLY C 754 -9.11 -4.41 -10.11
CA GLY C 754 -9.52 -5.70 -10.62
C GLY C 754 -10.68 -6.30 -9.83
N SER C 755 -10.68 -7.63 -9.77
CA SER C 755 -11.74 -8.37 -9.11
C SER C 755 -11.28 -8.77 -7.71
N PHE C 756 -11.28 -7.78 -6.82
CA PHE C 756 -11.05 -8.07 -5.40
C PHE C 756 -12.37 -8.31 -4.67
N CYS C 757 -13.34 -7.40 -4.84
CA CYS C 757 -14.63 -7.59 -4.21
C CYS C 757 -15.39 -8.77 -4.78
N THR C 758 -15.27 -9.03 -6.08
CA THR C 758 -15.97 -10.20 -6.60
C THR C 758 -15.38 -11.45 -5.96
N GLN C 759 -14.07 -11.43 -5.73
CA GLN C 759 -13.42 -12.49 -4.99
C GLN C 759 -13.84 -12.49 -3.53
N LEU C 760 -13.94 -11.32 -2.90
CA LEU C 760 -14.34 -11.28 -1.48
C LEU C 760 -15.78 -11.71 -1.28
N ASN C 761 -16.70 -11.22 -2.12
CA ASN C 761 -18.09 -11.58 -1.94
C ASN C 761 -18.32 -13.06 -2.19
N ARG C 762 -17.44 -13.67 -2.98
CA ARG C 762 -17.48 -15.12 -3.14
C ARG C 762 -17.04 -15.84 -1.87
N ALA C 763 -15.97 -15.35 -1.23
CA ALA C 763 -15.47 -16.02 -0.03
C ALA C 763 -16.50 -16.00 1.10
N LEU C 764 -17.18 -14.87 1.30
CA LEU C 764 -18.18 -14.79 2.35
C LEU C 764 -19.42 -15.62 2.02
N THR C 765 -19.78 -15.71 0.73
CA THR C 765 -20.88 -16.58 0.35
C THR C 765 -20.56 -18.03 0.63
N GLY C 766 -19.33 -18.46 0.33
CA GLY C 766 -18.93 -19.82 0.61
C GLY C 766 -19.10 -20.20 2.07
N ILE C 767 -18.75 -19.28 2.97
CA ILE C 767 -18.95 -19.52 4.40
C ILE C 767 -20.44 -19.63 4.70
N ALA C 768 -21.23 -18.68 4.20
CA ALA C 768 -22.65 -18.64 4.51
C ALA C 768 -23.36 -19.92 4.10
N VAL C 769 -22.97 -20.52 2.98
CA VAL C 769 -23.66 -21.71 2.50
C VAL C 769 -23.39 -22.90 3.42
N GLU C 770 -22.13 -23.13 3.80
CA GLU C 770 -21.85 -24.28 4.63
C GLU C 770 -22.42 -24.14 6.03
N GLN C 771 -22.76 -22.92 6.47
CA GLN C 771 -23.39 -22.77 7.77
C GLN C 771 -24.73 -23.49 7.81
N ASP C 772 -25.38 -23.63 6.65
CA ASP C 772 -26.61 -24.39 6.55
C ASP C 772 -26.30 -25.89 6.45
N LYS C 773 -25.17 -26.24 5.84
CA LYS C 773 -24.73 -27.63 5.81
C LYS C 773 -24.43 -28.14 7.21
N ASN C 774 -23.81 -27.30 8.05
CA ASN C 774 -23.44 -27.73 9.39
C ASN C 774 -24.67 -28.13 10.20
N THR C 775 -25.73 -27.32 10.13
CA THR C 775 -26.97 -27.67 10.81
C THR C 775 -27.60 -28.90 10.16
N GLN C 776 -27.51 -29.01 8.84
CA GLN C 776 -28.14 -30.11 8.12
C GLN C 776 -27.53 -31.45 8.53
N GLU C 777 -26.21 -31.51 8.67
CA GLU C 777 -25.55 -32.75 9.05
C GLU C 777 -25.87 -33.17 10.49
N VAL C 778 -26.03 -32.22 11.40
CA VAL C 778 -26.22 -32.57 12.80
C VAL C 778 -27.63 -33.06 13.05
N PHE C 779 -28.63 -32.34 12.56
CA PHE C 779 -30.02 -32.62 12.91
C PHE C 779 -30.76 -33.47 11.89
N ALA C 780 -30.61 -33.18 10.60
CA ALA C 780 -31.34 -33.91 9.57
C ALA C 780 -30.70 -35.28 9.36
N GLN C 781 -30.84 -36.12 10.39
CA GLN C 781 -30.36 -37.49 10.33
C GLN C 781 -31.47 -38.52 10.36
N VAL C 782 -32.71 -38.10 10.59
CA VAL C 782 -33.87 -38.96 10.53
C VAL C 782 -34.72 -38.53 9.34
N LYS C 783 -35.08 -39.49 8.49
CA LYS C 783 -35.88 -39.21 7.32
C LYS C 783 -37.36 -39.09 7.62
N GLN C 784 -37.81 -39.57 8.78
CA GLN C 784 -39.21 -39.50 9.17
C GLN C 784 -39.32 -38.86 10.55
N ILE C 785 -40.41 -38.13 10.75
CA ILE C 785 -40.62 -37.39 12.00
C ILE C 785 -41.47 -38.28 12.90
N TYR C 786 -40.81 -39.05 13.75
CA TYR C 786 -41.52 -39.88 14.72
C TYR C 786 -42.11 -39.00 15.82
N LYS C 787 -43.09 -39.54 16.53
CA LYS C 787 -43.65 -38.83 17.67
C LYS C 787 -44.19 -39.83 18.68
N THR C 788 -44.11 -39.44 19.95
CA THR C 788 -44.41 -40.34 21.05
C THR C 788 -45.92 -40.58 21.16
N PRO C 789 -46.33 -41.71 21.74
CA PRO C 789 -47.76 -41.99 21.92
C PRO C 789 -48.36 -41.05 22.96
N PRO C 790 -49.68 -40.88 22.94
CA PRO C 790 -50.31 -40.00 23.94
C PRO C 790 -50.17 -40.49 25.37
N ILE C 791 -49.94 -41.79 25.58
CA ILE C 791 -49.78 -42.35 26.92
C ILE C 791 -48.29 -42.48 27.23
N LYS C 792 -47.87 -41.86 28.33
CA LYS C 792 -46.46 -41.84 28.70
C LYS C 792 -46.18 -42.88 29.77
N ASP C 793 -46.33 -44.15 29.39
CA ASP C 793 -46.02 -45.27 30.27
C ASP C 793 -44.66 -45.84 29.86
N PHE C 794 -43.60 -45.19 30.33
CA PHE C 794 -42.23 -45.56 29.97
C PHE C 794 -41.54 -46.32 31.09
N GLY C 795 -42.29 -47.14 31.83
CA GLY C 795 -41.68 -47.97 32.85
C GLY C 795 -41.25 -47.24 34.10
N GLY C 796 -41.74 -46.02 34.32
CA GLY C 796 -41.40 -45.23 35.47
C GLY C 796 -40.51 -44.05 35.16
N PHE C 797 -39.85 -44.05 34.00
CA PHE C 797 -39.01 -42.94 33.60
C PHE C 797 -39.88 -41.77 33.18
N ASN C 798 -39.37 -40.55 33.38
CA ASN C 798 -40.15 -39.33 33.19
C ASN C 798 -39.40 -38.40 32.25
N PHE C 799 -39.91 -38.24 31.03
CA PHE C 799 -39.29 -37.42 30.00
C PHE C 799 -40.00 -36.08 29.78
N SER C 800 -40.94 -35.72 30.66
CA SER C 800 -41.77 -34.54 30.40
C SER C 800 -40.96 -33.25 30.35
N GLN C 801 -39.73 -33.27 30.83
CA GLN C 801 -38.89 -32.08 30.81
C GLN C 801 -38.09 -31.95 29.53
N ILE C 802 -38.15 -32.95 28.64
CA ILE C 802 -37.43 -32.88 27.36
C ILE C 802 -38.31 -33.12 26.16
N LEU C 803 -39.51 -33.67 26.31
CA LEU C 803 -40.43 -33.82 25.20
C LEU C 803 -41.10 -32.49 24.88
N PRO C 804 -41.69 -32.35 23.68
CA PRO C 804 -42.25 -31.06 23.28
C PRO C 804 -43.34 -30.57 24.21
N ASP C 805 -43.44 -29.25 24.30
CA ASP C 805 -44.46 -28.57 25.10
C ASP C 805 -45.50 -27.94 24.19
N PRO C 806 -46.70 -28.49 24.07
CA PRO C 806 -47.71 -27.91 23.16
C PRO C 806 -48.15 -26.51 23.56
N SER C 807 -47.96 -26.10 24.81
CA SER C 807 -48.43 -24.81 25.28
C SER C 807 -47.68 -23.64 24.69
N LYS C 808 -46.56 -23.88 24.01
CA LYS C 808 -45.81 -22.80 23.38
C LYS C 808 -46.11 -22.74 21.90
N PRO C 809 -46.20 -21.54 21.31
CA PRO C 809 -46.34 -21.46 19.85
C PRO C 809 -45.18 -22.10 19.10
N SER C 810 -43.96 -21.97 19.63
CA SER C 810 -42.81 -22.72 19.14
C SER C 810 -42.67 -23.94 20.05
N LYS C 811 -43.00 -25.12 19.51
CA LYS C 811 -43.14 -26.32 20.32
C LYS C 811 -41.75 -26.80 20.75
N ARG C 812 -41.22 -26.13 21.77
CA ARG C 812 -39.94 -26.47 22.37
C ARG C 812 -40.16 -27.08 23.75
N SER C 813 -39.24 -27.95 24.15
CA SER C 813 -39.35 -28.59 25.45
C SER C 813 -39.06 -27.58 26.55
N PHE C 814 -39.16 -28.04 27.80
CA PHE C 814 -38.91 -27.15 28.92
C PHE C 814 -37.44 -26.76 28.99
N ILE C 815 -36.54 -27.75 28.90
CA ILE C 815 -35.11 -27.47 28.98
C ILE C 815 -34.67 -26.59 27.81
N GLU C 816 -35.19 -26.85 26.61
CA GLU C 816 -34.83 -26.02 25.47
C GLU C 816 -35.19 -24.56 25.71
N ASP C 817 -36.34 -24.30 26.34
CA ASP C 817 -36.70 -22.92 26.67
C ASP C 817 -35.65 -22.28 27.57
N LEU C 818 -35.09 -23.04 28.51
CA LEU C 818 -34.06 -22.49 29.38
C LEU C 818 -32.82 -22.10 28.59
N LEU C 819 -32.45 -22.91 27.59
CA LEU C 819 -31.23 -22.64 26.84
C LEU C 819 -31.36 -21.40 25.97
N PHE C 820 -32.53 -21.21 25.35
CA PHE C 820 -32.74 -20.04 24.50
C PHE C 820 -32.81 -18.74 25.28
N ASN C 821 -33.07 -18.79 26.58
CA ASN C 821 -33.18 -17.59 27.39
C ASN C 821 -31.84 -17.18 28.00
N LYS C 822 -30.74 -17.79 27.57
CA LYS C 822 -29.42 -17.47 28.10
C LYS C 822 -28.49 -16.89 27.06
N VAL C 823 -28.46 -17.46 25.85
CA VAL C 823 -27.59 -16.97 24.80
C VAL C 823 -28.25 -15.81 24.10
N THR C 824 -27.56 -14.68 24.03
CA THR C 824 -28.12 -13.46 23.46
C THR C 824 -27.52 -13.16 22.09
N LYS C 851 -24.49 -2.08 9.56
CA LYS C 851 -25.82 -1.53 9.71
C LYS C 851 -26.28 -0.85 8.42
N PHE C 852 -25.83 0.38 8.22
CA PHE C 852 -26.15 1.16 7.04
C PHE C 852 -24.99 1.23 6.05
N ASN C 853 -23.97 0.39 6.23
CA ASN C 853 -22.73 0.47 5.47
C ASN C 853 -22.53 -0.76 4.59
N GLY C 854 -23.62 -1.38 4.16
CA GLY C 854 -23.52 -2.58 3.35
C GLY C 854 -23.37 -3.86 4.13
N LEU C 855 -23.54 -3.81 5.44
CA LEU C 855 -23.37 -4.97 6.31
C LEU C 855 -24.74 -5.55 6.64
N THR C 856 -25.00 -6.78 6.22
CA THR C 856 -26.28 -7.42 6.45
C THR C 856 -26.06 -8.80 7.05
N VAL C 857 -27.13 -9.37 7.57
CA VAL C 857 -27.14 -10.71 8.14
C VAL C 857 -28.19 -11.53 7.42
N LEU C 858 -27.80 -12.66 6.91
CA LEU C 858 -28.79 -13.48 6.22
C LEU C 858 -29.49 -14.39 7.22
N PRO C 859 -30.75 -14.75 6.97
CA PRO C 859 -31.44 -15.65 7.89
C PRO C 859 -31.06 -17.08 7.62
N PRO C 860 -31.02 -17.92 8.66
CA PRO C 860 -30.71 -19.33 8.45
C PRO C 860 -31.81 -20.04 7.69
N LEU C 861 -31.42 -21.07 6.93
CA LEU C 861 -32.38 -21.78 6.10
C LEU C 861 -33.31 -22.64 6.95
N LEU C 862 -32.79 -23.26 8.01
CA LEU C 862 -33.61 -24.03 8.93
C LEU C 862 -34.07 -23.11 10.06
N THR C 863 -35.36 -22.82 10.10
CA THR C 863 -35.88 -21.95 11.15
C THR C 863 -35.89 -22.69 12.48
N ASP C 864 -35.91 -21.93 13.58
CA ASP C 864 -35.78 -22.53 14.90
C ASP C 864 -36.88 -23.51 15.20
N GLU C 865 -38.09 -23.26 14.66
CA GLU C 865 -39.20 -24.22 14.83
C GLU C 865 -38.85 -25.56 14.18
N MET C 866 -38.18 -25.51 13.03
CA MET C 866 -37.79 -26.76 12.36
C MET C 866 -36.70 -27.50 13.12
N ILE C 867 -35.79 -26.76 13.76
CA ILE C 867 -34.74 -27.41 14.54
C ILE C 867 -35.33 -28.18 15.70
N ALA C 868 -36.28 -27.58 16.42
CA ALA C 868 -36.94 -28.27 17.52
C ALA C 868 -37.68 -29.51 17.03
N GLN C 869 -38.28 -29.44 15.84
CA GLN C 869 -39.00 -30.58 15.30
C GLN C 869 -38.07 -31.74 14.99
N TYR C 870 -36.85 -31.45 14.55
CA TYR C 870 -35.88 -32.52 14.31
C TYR C 870 -35.44 -33.18 15.60
N THR C 871 -35.20 -32.38 16.65
CA THR C 871 -34.74 -32.96 17.91
C THR C 871 -35.84 -33.78 18.57
N SER C 872 -37.10 -33.40 18.39
CA SER C 872 -38.19 -34.22 18.91
C SER C 872 -38.24 -35.57 18.22
N ALA C 873 -38.07 -35.58 16.89
CA ALA C 873 -38.08 -36.83 16.15
C ALA C 873 -36.92 -37.72 16.60
N LEU C 874 -35.74 -37.12 16.79
CA LEU C 874 -34.60 -37.91 17.27
C LEU C 874 -34.86 -38.41 18.68
N LEU C 875 -35.47 -37.57 19.52
CA LEU C 875 -35.80 -37.98 20.87
C LEU C 875 -36.95 -38.98 20.89
N ALA C 876 -38.02 -38.70 20.13
CA ALA C 876 -39.17 -39.59 20.12
C ALA C 876 -38.81 -40.98 19.61
N GLY C 877 -37.91 -41.05 18.63
CA GLY C 877 -37.44 -42.34 18.15
C GLY C 877 -36.70 -43.12 19.23
N THR C 878 -35.81 -42.44 19.96
CA THR C 878 -34.96 -43.10 20.94
C THR C 878 -35.76 -43.85 22.01
N ILE C 879 -36.82 -43.23 22.55
CA ILE C 879 -37.56 -43.90 23.61
C ILE C 879 -38.36 -45.08 23.08
N THR C 880 -39.02 -44.91 21.93
CA THR C 880 -39.97 -45.93 21.50
C THR C 880 -39.35 -47.02 20.65
N SER C 881 -38.16 -46.81 20.08
CA SER C 881 -37.59 -47.80 19.19
C SER C 881 -36.14 -48.15 19.48
N GLY C 882 -35.52 -47.55 20.50
CA GLY C 882 -34.16 -47.92 20.84
C GLY C 882 -33.17 -47.40 19.82
N TRP C 883 -32.21 -48.26 19.46
CA TRP C 883 -31.28 -47.93 18.40
C TRP C 883 -31.72 -48.43 17.04
N THR C 884 -32.88 -49.09 16.97
CA THR C 884 -33.29 -49.73 15.73
C THR C 884 -33.68 -48.70 14.67
N PHE C 885 -34.15 -47.52 15.08
CA PHE C 885 -34.55 -46.52 14.11
C PHE C 885 -33.36 -45.92 13.37
N GLY C 886 -32.16 -46.07 13.92
CA GLY C 886 -30.99 -45.56 13.23
C GLY C 886 -30.60 -46.40 12.02
N ALA C 887 -30.60 -47.73 12.19
CA ALA C 887 -30.21 -48.62 11.11
C ALA C 887 -31.27 -48.68 10.01
N GLY C 888 -32.46 -49.20 10.35
CA GLY C 888 -33.50 -49.36 9.36
C GLY C 888 -34.81 -48.69 9.74
N ALA C 889 -35.87 -49.50 9.81
CA ALA C 889 -37.17 -49.00 10.25
C ALA C 889 -37.28 -49.13 11.76
N ALA C 890 -38.02 -48.19 12.36
CA ALA C 890 -38.16 -48.18 13.81
C ALA C 890 -39.00 -49.36 14.26
N LEU C 891 -38.43 -50.19 15.13
CA LEU C 891 -39.11 -51.36 15.68
C LEU C 891 -39.34 -51.10 17.16
N GLN C 892 -40.60 -51.05 17.58
CA GLN C 892 -40.89 -50.64 18.94
C GLN C 892 -40.51 -51.74 19.93
N ILE C 893 -40.20 -51.30 21.15
CA ILE C 893 -39.78 -52.18 22.24
C ILE C 893 -40.06 -51.45 23.54
N PRO C 894 -40.60 -52.11 24.56
CA PRO C 894 -40.89 -51.41 25.82
C PRO C 894 -39.62 -50.79 26.39
N PHE C 895 -39.77 -49.57 26.91
CA PHE C 895 -38.60 -48.86 27.42
C PHE C 895 -37.94 -49.61 28.56
N ALA C 896 -38.74 -50.22 29.44
CA ALA C 896 -38.15 -50.97 30.54
C ALA C 896 -37.26 -52.08 30.03
N MET C 897 -37.68 -52.73 28.93
CA MET C 897 -36.83 -53.74 28.31
C MET C 897 -35.66 -53.11 27.56
N GLN C 898 -35.85 -51.93 26.97
CA GLN C 898 -34.75 -51.27 26.28
C GLN C 898 -33.55 -51.09 27.18
N MET C 899 -33.77 -50.69 28.44
CA MET C 899 -32.65 -50.53 29.36
C MET C 899 -31.95 -51.85 29.67
N ALA C 900 -32.68 -52.96 29.67
CA ALA C 900 -32.04 -54.24 29.98
C ALA C 900 -30.93 -54.55 29.00
N TYR C 901 -31.12 -54.21 27.73
CA TYR C 901 -30.12 -54.45 26.71
C TYR C 901 -29.12 -53.32 26.59
N ARG C 902 -29.42 -52.15 27.17
CA ARG C 902 -28.40 -51.13 27.36
C ARG C 902 -27.44 -51.53 28.48
N PHE C 903 -27.96 -52.21 29.50
CA PHE C 903 -27.13 -52.71 30.59
C PHE C 903 -26.22 -53.83 30.12
N ASN C 904 -26.72 -54.73 29.26
CA ASN C 904 -25.85 -55.76 28.71
C ASN C 904 -24.68 -55.15 27.94
N GLY C 905 -24.91 -54.00 27.31
CA GLY C 905 -23.85 -53.37 26.54
C GLY C 905 -22.66 -52.93 27.36
N ILE C 906 -22.82 -52.83 28.68
CA ILE C 906 -21.72 -52.45 29.57
C ILE C 906 -21.34 -53.59 30.50
N GLY C 907 -21.72 -54.82 30.16
CA GLY C 907 -21.31 -55.97 30.93
C GLY C 907 -22.01 -56.16 32.25
N VAL C 908 -23.20 -55.59 32.42
CA VAL C 908 -24.01 -55.79 33.61
C VAL C 908 -25.22 -56.62 33.22
N THR C 909 -25.41 -57.75 33.89
CA THR C 909 -26.47 -58.67 33.54
C THR C 909 -27.83 -57.99 33.69
N GLN C 910 -28.76 -58.31 32.77
CA GLN C 910 -30.01 -57.57 32.70
C GLN C 910 -30.88 -57.75 33.93
N ASN C 911 -30.67 -58.80 34.72
CA ASN C 911 -31.50 -58.98 35.91
C ASN C 911 -31.27 -57.87 36.92
N VAL C 912 -30.15 -57.15 36.82
CA VAL C 912 -29.88 -56.03 37.71
C VAL C 912 -30.90 -54.92 37.49
N LEU C 913 -31.22 -54.63 36.23
CA LEU C 913 -32.19 -53.59 35.93
C LEU C 913 -33.57 -53.93 36.49
N TYR C 914 -34.06 -55.14 36.21
CA TYR C 914 -35.45 -55.45 36.54
C TYR C 914 -35.66 -55.47 38.05
N GLU C 915 -34.73 -56.07 38.77
CA GLU C 915 -34.83 -56.13 40.22
C GLU C 915 -34.60 -54.76 40.86
N ASN C 916 -34.03 -53.80 40.13
CA ASN C 916 -33.78 -52.45 40.61
C ASN C 916 -34.47 -51.41 39.74
N GLN C 917 -35.64 -51.72 39.20
CA GLN C 917 -36.23 -50.83 38.20
C GLN C 917 -36.74 -49.54 38.82
N LYS C 918 -37.37 -49.62 40.01
CA LYS C 918 -37.86 -48.39 40.62
C LYS C 918 -36.72 -47.50 41.10
N LEU C 919 -35.66 -48.11 41.64
CA LEU C 919 -34.52 -47.32 42.10
C LEU C 919 -33.85 -46.62 40.93
N ILE C 920 -33.65 -47.33 39.81
CA ILE C 920 -32.99 -46.73 38.66
C ILE C 920 -33.84 -45.61 38.07
N ALA C 921 -35.15 -45.85 37.94
CA ALA C 921 -36.03 -44.82 37.38
C ALA C 921 -36.04 -43.56 38.23
N ASN C 922 -36.05 -43.72 39.55
CA ASN C 922 -36.05 -42.55 40.43
C ASN C 922 -34.75 -41.79 40.35
N GLN C 923 -33.62 -42.49 40.21
CA GLN C 923 -32.35 -41.81 40.06
C GLN C 923 -32.28 -41.03 38.75
N PHE C 924 -32.83 -41.60 37.67
CA PHE C 924 -32.87 -40.90 36.39
C PHE C 924 -33.70 -39.62 36.50
N ASN C 925 -34.88 -39.71 37.11
CA ASN C 925 -35.76 -38.56 37.19
C ASN C 925 -35.13 -37.43 37.99
N SER C 926 -34.43 -37.77 39.07
CA SER C 926 -33.76 -36.74 39.86
C SER C 926 -32.58 -36.14 39.10
N ALA C 927 -31.85 -36.98 38.37
CA ALA C 927 -30.71 -36.48 37.59
C ALA C 927 -31.15 -35.46 36.55
N ILE C 928 -32.29 -35.70 35.90
CA ILE C 928 -32.82 -34.73 34.94
C ILE C 928 -33.23 -33.45 35.66
N GLY C 929 -33.87 -33.58 36.82
CA GLY C 929 -34.27 -32.40 37.58
C GLY C 929 -33.10 -31.51 37.95
N LYS C 930 -31.95 -32.11 38.26
CA LYS C 930 -30.78 -31.30 38.59
C LYS C 930 -30.32 -30.47 37.40
N ILE C 931 -30.51 -30.97 36.18
CA ILE C 931 -30.10 -30.18 35.01
C ILE C 931 -30.86 -28.86 34.97
N GLN C 932 -32.16 -28.91 35.27
CA GLN C 932 -32.96 -27.69 35.25
C GLN C 932 -32.47 -26.69 36.29
N ASP C 933 -32.13 -27.18 37.49
CA ASP C 933 -31.63 -26.31 38.55
C ASP C 933 -30.26 -25.75 38.18
N SER C 934 -29.43 -26.54 37.50
CA SER C 934 -28.12 -26.04 37.09
C SER C 934 -28.26 -24.93 36.07
N LEU C 935 -29.07 -25.14 35.04
CA LEU C 935 -29.21 -24.13 33.99
C LEU C 935 -29.86 -22.86 34.52
N SER C 936 -30.87 -22.99 35.39
CA SER C 936 -31.65 -21.85 35.81
C SER C 936 -30.88 -20.86 36.67
N SER C 937 -29.69 -21.21 37.13
CA SER C 937 -28.92 -20.34 38.01
C SER C 937 -27.53 -20.00 37.50
N THR C 938 -26.88 -20.89 36.76
CA THR C 938 -25.50 -20.69 36.32
C THR C 938 -25.51 -20.24 34.86
N ALA C 939 -25.20 -18.96 34.63
CA ALA C 939 -25.16 -18.42 33.28
C ALA C 939 -23.96 -18.92 32.49
N SER C 940 -22.83 -19.15 33.16
CA SER C 940 -21.59 -19.55 32.49
C SER C 940 -21.68 -20.92 31.84
N ALA C 941 -22.75 -21.68 32.09
CA ALA C 941 -22.88 -23.01 31.51
C ALA C 941 -22.83 -22.99 29.99
N LEU C 942 -23.29 -21.91 29.37
CA LEU C 942 -23.41 -21.80 27.93
C LEU C 942 -22.27 -21.00 27.31
N GLY C 943 -21.12 -20.91 28.00
CA GLY C 943 -20.02 -20.11 27.52
C GLY C 943 -19.52 -20.49 26.13
N LYS C 944 -19.56 -21.77 25.78
CA LYS C 944 -19.04 -22.17 24.47
C LYS C 944 -19.84 -21.58 23.32
N LEU C 945 -21.12 -21.31 23.53
CA LEU C 945 -21.96 -20.70 22.51
C LEU C 945 -21.99 -19.18 22.59
N GLN C 946 -21.86 -18.62 23.80
CA GLN C 946 -21.83 -17.17 23.93
C GLN C 946 -20.56 -16.60 23.32
N ASP C 947 -19.44 -17.32 23.43
CA ASP C 947 -18.19 -16.83 22.88
C ASP C 947 -18.24 -16.75 21.35
N VAL C 948 -18.96 -17.66 20.70
CA VAL C 948 -19.08 -17.60 19.25
C VAL C 948 -19.86 -16.36 18.84
N VAL C 949 -20.96 -16.08 19.54
CA VAL C 949 -21.75 -14.88 19.25
C VAL C 949 -20.92 -13.63 19.51
N ASN C 950 -20.18 -13.61 20.62
CA ASN C 950 -19.39 -12.44 20.97
C ASN C 950 -18.25 -12.20 19.97
N GLN C 951 -17.60 -13.27 19.51
CA GLN C 951 -16.49 -13.09 18.58
C GLN C 951 -16.95 -12.51 17.25
N ASN C 952 -18.12 -12.91 16.76
CA ASN C 952 -18.59 -12.39 15.48
C ASN C 952 -19.04 -10.95 15.61
N ALA C 953 -19.72 -10.61 16.71
CA ALA C 953 -20.11 -9.22 16.93
C ALA C 953 -18.90 -8.33 17.15
N GLN C 954 -17.90 -8.83 17.89
CA GLN C 954 -16.69 -8.06 18.14
C GLN C 954 -15.90 -7.85 16.86
N ALA C 955 -15.82 -8.88 16.01
CA ALA C 955 -15.12 -8.74 14.74
C ALA C 955 -15.82 -7.75 13.81
N LEU C 956 -17.15 -7.77 13.80
CA LEU C 956 -17.90 -6.90 12.90
C LEU C 956 -17.83 -5.44 13.34
N ASN C 957 -17.84 -5.19 14.65
CA ASN C 957 -17.74 -3.82 15.13
C ASN C 957 -16.38 -3.21 14.80
N THR C 958 -15.31 -4.02 14.80
CA THR C 958 -14.01 -3.51 14.41
C THR C 958 -14.03 -3.05 12.96
N LEU C 959 -14.70 -3.81 12.09
CA LEU C 959 -14.80 -3.45 10.68
C LEU C 959 -15.50 -2.10 10.52
N VAL C 960 -16.57 -1.87 11.29
CA VAL C 960 -17.30 -0.62 11.20
C VAL C 960 -16.45 0.56 11.67
N LYS C 961 -15.75 0.38 12.79
CA LYS C 961 -14.92 1.46 13.33
C LYS C 961 -13.84 1.89 12.34
N GLN C 962 -13.37 0.98 11.48
CA GLN C 962 -12.32 1.33 10.55
C GLN C 962 -12.71 2.44 9.59
N LEU C 963 -14.01 2.70 9.42
CA LEU C 963 -14.43 3.78 8.53
C LEU C 963 -14.07 5.15 9.10
N SER C 964 -13.84 5.26 10.41
CA SER C 964 -13.52 6.53 11.03
C SER C 964 -12.05 6.89 10.92
N SER C 965 -11.23 6.02 10.33
CA SER C 965 -9.80 6.26 10.25
C SER C 965 -9.44 7.04 9.00
N ASN C 966 -8.38 7.83 9.09
CA ASN C 966 -7.93 8.64 7.97
C ASN C 966 -7.06 7.86 6.99
N PHE C 967 -6.25 6.93 7.50
CA PHE C 967 -5.30 6.15 6.70
C PHE C 967 -4.29 7.04 5.99
N GLY C 968 -4.15 8.29 6.42
CA GLY C 968 -3.26 9.24 5.81
C GLY C 968 -3.94 10.35 5.05
N ALA C 969 -5.20 10.16 4.67
CA ALA C 969 -5.92 11.20 3.97
C ALA C 969 -6.24 12.36 4.90
N ILE C 970 -6.74 13.45 4.32
CA ILE C 970 -7.07 14.63 5.11
C ILE C 970 -8.35 14.45 5.91
N SER C 971 -9.21 13.50 5.54
CA SER C 971 -10.46 13.31 6.24
C SER C 971 -10.90 11.87 6.13
N SER C 972 -11.59 11.40 7.17
CA SER C 972 -12.18 10.07 7.15
C SER C 972 -13.50 10.02 6.40
N VAL C 973 -14.09 11.17 6.08
CA VAL C 973 -15.35 11.23 5.36
C VAL C 973 -15.04 11.44 3.88
N LEU C 974 -15.61 10.60 3.03
CA LEU C 974 -15.28 10.64 1.62
C LEU C 974 -15.87 11.87 0.94
N ASN C 975 -17.08 12.29 1.35
CA ASN C 975 -17.71 13.44 0.73
C ASN C 975 -16.97 14.74 1.03
N ASP C 976 -16.27 14.81 2.17
CA ASP C 976 -15.58 16.04 2.50
C ASP C 976 -14.36 16.27 1.62
N ILE C 977 -13.75 15.20 1.11
CA ILE C 977 -12.67 15.37 0.15
C ILE C 977 -13.22 15.89 -1.17
N LEU C 978 -14.30 15.28 -1.65
CA LEU C 978 -14.91 15.69 -2.92
C LEU C 978 -15.50 17.09 -2.82
N SER C 979 -16.09 17.42 -1.68
CA SER C 979 -16.72 18.72 -1.48
C SER C 979 -15.73 19.84 -1.24
N ARG C 980 -14.44 19.55 -1.12
CA ARG C 980 -13.43 20.56 -0.85
C ARG C 980 -12.27 20.58 -1.82
N LEU C 981 -12.05 19.51 -2.57
CA LEU C 981 -10.97 19.44 -3.53
C LEU C 981 -11.52 19.17 -4.92
N ASP C 982 -10.92 19.78 -5.93
CA ASP C 982 -11.20 19.47 -7.31
C ASP C 982 -10.43 18.23 -7.74
N PRO C 983 -10.90 17.53 -8.78
CA PRO C 983 -10.58 16.09 -8.95
C PRO C 983 -9.08 15.76 -8.98
N PRO C 984 -8.21 16.54 -9.63
CA PRO C 984 -6.82 16.06 -9.76
C PRO C 984 -6.11 15.87 -8.43
N GLU C 985 -6.50 16.62 -7.40
CA GLU C 985 -6.04 16.50 -6.02
C GLU C 985 -6.82 15.46 -5.21
N ALA C 986 -8.15 15.49 -5.28
CA ALA C 986 -8.94 14.46 -4.61
C ALA C 986 -8.55 13.04 -4.98
N GLU C 987 -8.10 12.79 -6.21
CA GLU C 987 -7.81 11.42 -6.63
C GLU C 987 -6.72 10.77 -5.77
N VAL C 988 -5.70 11.53 -5.37
CA VAL C 988 -4.68 10.96 -4.50
C VAL C 988 -5.23 10.74 -3.08
N GLN C 989 -6.01 11.69 -2.57
CA GLN C 989 -6.54 11.56 -1.21
C GLN C 989 -7.50 10.38 -1.10
N ILE C 990 -8.28 10.13 -2.15
CA ILE C 990 -9.21 9.01 -2.13
C ILE C 990 -8.48 7.68 -2.17
N ASP C 991 -7.40 7.59 -2.97
CA ASP C 991 -6.63 6.36 -3.07
C ASP C 991 -6.15 5.89 -1.70
N ARG C 992 -5.82 6.82 -0.80
CA ARG C 992 -5.42 6.41 0.54
C ARG C 992 -6.57 5.75 1.30
N LEU C 993 -7.79 6.26 1.14
CA LEU C 993 -8.93 5.65 1.82
C LEU C 993 -9.28 4.30 1.22
N ILE C 994 -9.18 4.16 -0.11
CA ILE C 994 -9.51 2.89 -0.74
C ILE C 994 -8.52 1.80 -0.31
N THR C 995 -7.23 2.12 -0.31
CA THR C 995 -6.24 1.14 0.11
C THR C 995 -6.45 0.70 1.55
N GLY C 996 -6.69 1.67 2.45
CA GLY C 996 -6.91 1.33 3.84
C GLY C 996 -8.18 0.53 4.06
N ARG C 997 -9.26 0.92 3.39
CA ARG C 997 -10.54 0.23 3.60
C ARG C 997 -10.56 -1.13 2.92
N LEU C 998 -9.87 -1.28 1.78
CA LEU C 998 -9.81 -2.57 1.12
C LEU C 998 -9.00 -3.56 1.93
N GLN C 999 -7.89 -3.11 2.52
CA GLN C 999 -7.11 -3.98 3.39
C GLN C 999 -7.91 -4.42 4.61
N SER C 1000 -8.77 -3.53 5.13
CA SER C 1000 -9.59 -3.88 6.28
C SER C 1000 -10.55 -5.03 5.97
N LEU C 1001 -11.16 -5.02 4.78
CA LEU C 1001 -12.05 -6.13 4.41
C LEU C 1001 -11.30 -7.44 4.29
N GLN C 1002 -10.10 -7.41 3.70
CA GLN C 1002 -9.34 -8.64 3.56
C GLN C 1002 -8.99 -9.22 4.92
N THR C 1003 -8.70 -8.36 5.89
CA THR C 1003 -8.41 -8.84 7.24
C THR C 1003 -9.64 -9.51 7.84
N TYR C 1004 -10.80 -8.86 7.71
CA TYR C 1004 -12.04 -9.43 8.24
C TYR C 1004 -12.36 -10.77 7.59
N VAL C 1005 -12.31 -10.83 6.26
CA VAL C 1005 -12.68 -12.06 5.57
C VAL C 1005 -11.74 -13.20 5.95
N THR C 1006 -10.45 -12.91 6.03
CA THR C 1006 -9.49 -13.94 6.45
C THR C 1006 -9.82 -14.44 7.85
N GLN C 1007 -10.19 -13.54 8.76
CA GLN C 1007 -10.53 -13.96 10.12
C GLN C 1007 -11.75 -14.88 10.11
N GLN C 1008 -12.73 -14.59 9.25
CA GLN C 1008 -13.92 -15.42 9.18
C GLN C 1008 -13.62 -16.79 8.56
N LEU C 1009 -12.72 -16.83 7.57
CA LEU C 1009 -12.42 -18.12 6.94
C LEU C 1009 -11.75 -19.07 7.92
N ILE C 1010 -10.85 -18.55 8.75
CA ILE C 1010 -10.22 -19.39 9.77
C ILE C 1010 -11.22 -19.76 10.85
N ARG C 1011 -12.01 -18.79 11.32
CA ARG C 1011 -13.00 -19.05 12.34
C ARG C 1011 -14.07 -20.02 11.85
N ALA C 1012 -14.50 -19.88 10.59
CA ALA C 1012 -15.50 -20.79 10.05
C ALA C 1012 -15.00 -22.22 10.01
N ALA C 1013 -13.70 -22.42 9.75
CA ALA C 1013 -13.13 -23.75 9.76
C ALA C 1013 -13.18 -24.36 11.16
N GLU C 1014 -12.99 -23.52 12.18
CA GLU C 1014 -13.07 -24.01 13.56
C GLU C 1014 -14.48 -24.50 13.89
N ILE C 1015 -15.49 -23.75 13.45
CA ILE C 1015 -16.87 -24.16 13.69
C ILE C 1015 -17.20 -25.46 12.98
N ARG C 1016 -16.71 -25.63 11.75
CA ARG C 1016 -17.02 -26.84 10.99
C ARG C 1016 -16.52 -28.09 11.71
N ALA C 1017 -15.33 -28.02 12.30
CA ALA C 1017 -14.81 -29.15 13.05
C ALA C 1017 -15.72 -29.50 14.21
N SER C 1018 -16.25 -28.49 14.90
CA SER C 1018 -17.23 -28.76 15.95
C SER C 1018 -18.52 -29.31 15.37
N ALA C 1019 -18.95 -28.78 14.23
CA ALA C 1019 -20.15 -29.29 13.58
C ALA C 1019 -19.98 -30.74 13.14
N ASN C 1020 -18.79 -31.09 12.66
CA ASN C 1020 -18.51 -32.47 12.33
C ASN C 1020 -18.46 -33.35 13.57
N LEU C 1021 -17.91 -32.83 14.66
CA LEU C 1021 -17.91 -33.56 15.92
C LEU C 1021 -19.33 -33.75 16.45
N ALA C 1022 -20.15 -32.70 16.38
CA ALA C 1022 -21.53 -32.80 16.84
C ALA C 1022 -22.30 -33.83 16.03
N ALA C 1023 -22.06 -33.90 14.73
CA ALA C 1023 -22.71 -34.89 13.89
C ALA C 1023 -22.27 -36.30 14.26
N THR C 1024 -20.99 -36.47 14.59
CA THR C 1024 -20.50 -37.77 15.03
C THR C 1024 -21.16 -38.22 16.32
N LYS C 1025 -21.26 -37.32 17.30
CA LYS C 1025 -21.92 -37.67 18.55
C LYS C 1025 -23.38 -38.02 18.33
N MET C 1026 -24.07 -37.25 17.49
CA MET C 1026 -25.47 -37.54 17.23
C MET C 1026 -25.64 -38.97 16.72
N SER C 1027 -24.78 -39.38 15.78
CA SER C 1027 -24.88 -40.72 15.21
C SER C 1027 -24.50 -41.80 16.23
N GLU C 1028 -23.39 -41.61 16.95
CA GLU C 1028 -22.85 -42.68 17.78
C GLU C 1028 -23.23 -42.57 19.25
N CYS C 1029 -24.17 -41.69 19.60
CA CYS C 1029 -24.46 -41.51 21.01
C CYS C 1029 -25.96 -41.47 21.22
N VAL C 1030 -26.67 -40.85 20.28
CA VAL C 1030 -28.12 -40.83 20.29
C VAL C 1030 -28.69 -42.03 19.56
N LEU C 1031 -28.24 -42.27 18.33
CA LEU C 1031 -28.79 -43.34 17.51
C LEU C 1031 -28.27 -44.72 17.91
N GLY C 1032 -27.22 -44.79 18.70
CA GLY C 1032 -26.69 -46.07 19.14
C GLY C 1032 -26.17 -46.03 20.58
N GLN C 1033 -25.12 -46.80 20.85
CA GLN C 1033 -24.51 -46.81 22.18
C GLN C 1033 -23.02 -47.01 22.01
N SER C 1034 -22.23 -46.17 22.67
CA SER C 1034 -20.79 -46.14 22.44
C SER C 1034 -20.04 -46.99 23.46
N LYS C 1035 -19.03 -47.71 22.97
CA LYS C 1035 -18.00 -48.29 23.81
C LYS C 1035 -16.77 -47.40 23.90
N ARG C 1036 -16.78 -46.25 23.23
CA ARG C 1036 -15.66 -45.32 23.31
C ARG C 1036 -15.65 -44.64 24.66
N VAL C 1037 -14.50 -44.66 25.33
CA VAL C 1037 -14.40 -44.16 26.69
C VAL C 1037 -14.39 -42.63 26.67
N ASP C 1038 -15.21 -42.03 27.54
CA ASP C 1038 -15.32 -40.59 27.74
C ASP C 1038 -15.74 -39.84 26.49
N PHE C 1039 -16.15 -40.55 25.43
CA PHE C 1039 -16.69 -39.89 24.26
C PHE C 1039 -18.12 -39.42 24.49
N CYS C 1040 -18.89 -40.16 25.28
CA CYS C 1040 -20.29 -39.85 25.53
C CYS C 1040 -20.55 -39.62 27.01
N GLY C 1041 -19.70 -38.83 27.65
CA GLY C 1041 -19.87 -38.63 29.07
C GLY C 1041 -19.04 -39.60 29.88
N LYS C 1042 -18.68 -39.17 31.09
CA LYS C 1042 -17.77 -39.91 31.93
C LYS C 1042 -18.51 -41.03 32.67
N GLY C 1043 -18.12 -42.27 32.39
CA GLY C 1043 -18.82 -43.43 32.87
C GLY C 1043 -19.13 -44.39 31.74
N TYR C 1044 -19.85 -45.44 32.08
CA TYR C 1044 -20.28 -46.42 31.08
C TYR C 1044 -21.56 -45.90 30.41
N HIS C 1045 -21.48 -45.60 29.12
CA HIS C 1045 -22.56 -44.91 28.44
C HIS C 1045 -23.80 -45.78 28.32
N LEU C 1046 -24.96 -45.17 28.61
CA LEU C 1046 -26.25 -45.80 28.33
C LEU C 1046 -26.97 -45.14 27.17
N MET C 1047 -27.30 -43.86 27.27
CA MET C 1047 -28.02 -43.18 26.20
C MET C 1047 -27.75 -41.69 26.28
N SER C 1048 -28.08 -40.99 25.19
CA SER C 1048 -28.01 -39.53 25.16
C SER C 1048 -29.27 -38.99 24.52
N PHE C 1049 -29.60 -37.74 24.86
CA PHE C 1049 -30.78 -37.06 24.32
C PHE C 1049 -30.34 -35.72 23.76
N PRO C 1050 -30.61 -35.41 22.51
CA PRO C 1050 -30.24 -34.10 21.97
C PRO C 1050 -31.21 -33.03 22.42
N GLN C 1051 -30.67 -31.82 22.56
CA GLN C 1051 -31.48 -30.63 22.75
C GLN C 1051 -30.90 -29.51 21.90
N SER C 1052 -31.78 -28.70 21.32
CA SER C 1052 -31.29 -27.61 20.50
C SER C 1052 -30.90 -26.42 21.37
N ALA C 1053 -30.08 -25.54 20.80
CA ALA C 1053 -29.67 -24.31 21.44
C ALA C 1053 -29.41 -23.29 20.35
N PRO C 1054 -29.29 -22.00 20.70
CA PRO C 1054 -28.96 -21.01 19.66
C PRO C 1054 -27.57 -21.21 19.09
N HIS C 1055 -27.52 -21.65 17.82
CA HIS C 1055 -26.26 -21.88 17.11
C HIS C 1055 -25.45 -23.01 17.76
N GLY C 1056 -26.13 -24.07 18.17
CA GLY C 1056 -25.43 -25.19 18.76
C GLY C 1056 -26.39 -26.28 19.16
N VAL C 1057 -25.81 -27.33 19.75
CA VAL C 1057 -26.56 -28.50 20.19
C VAL C 1057 -26.11 -28.85 21.60
N VAL C 1058 -27.04 -29.32 22.42
CA VAL C 1058 -26.76 -29.74 23.79
C VAL C 1058 -27.15 -31.21 23.95
N PHE C 1059 -26.21 -32.00 24.47
CA PHE C 1059 -26.43 -33.42 24.70
C PHE C 1059 -26.56 -33.70 26.19
N LEU C 1060 -27.56 -34.48 26.56
CA LEU C 1060 -27.72 -34.99 27.92
C LEU C 1060 -27.29 -36.45 27.91
N HIS C 1061 -26.14 -36.74 28.51
CA HIS C 1061 -25.56 -38.08 28.47
C HIS C 1061 -25.91 -38.82 29.76
N VAL C 1062 -26.56 -39.98 29.61
CA VAL C 1062 -26.96 -40.81 30.75
C VAL C 1062 -25.93 -41.92 30.88
N THR C 1063 -25.24 -41.96 32.02
CA THR C 1063 -24.13 -42.89 32.21
C THR C 1063 -24.31 -43.69 33.50
N TYR C 1064 -23.71 -44.88 33.50
CA TYR C 1064 -23.71 -45.77 34.65
C TYR C 1064 -22.37 -45.63 35.36
N VAL C 1065 -22.41 -45.28 36.65
CA VAL C 1065 -21.21 -45.10 37.45
C VAL C 1065 -21.26 -46.04 38.65
N PRO C 1066 -20.30 -46.94 38.81
CA PRO C 1066 -20.24 -47.75 40.03
C PRO C 1066 -20.10 -46.87 41.28
N ALA C 1067 -20.75 -47.29 42.37
CA ALA C 1067 -20.87 -46.42 43.53
C ALA C 1067 -20.15 -46.94 44.77
N GLN C 1068 -20.48 -48.13 45.25
CA GLN C 1068 -19.96 -48.63 46.52
C GLN C 1068 -19.21 -49.93 46.29
N GLU C 1069 -18.09 -50.12 46.97
CA GLU C 1069 -17.26 -51.28 46.73
C GLU C 1069 -16.80 -51.91 48.04
N LYS C 1070 -16.48 -53.19 47.96
CA LYS C 1070 -15.95 -53.95 49.09
C LYS C 1070 -14.64 -54.62 48.70
N ASN C 1071 -13.80 -54.85 49.71
CA ASN C 1071 -12.54 -55.58 49.50
C ASN C 1071 -12.77 -57.07 49.58
N PHE C 1072 -12.54 -57.77 48.46
CA PHE C 1072 -12.64 -59.21 48.41
C PHE C 1072 -11.27 -59.81 48.10
N THR C 1073 -11.04 -61.02 48.59
CA THR C 1073 -9.88 -61.78 48.18
C THR C 1073 -10.22 -62.52 46.89
N THR C 1074 -9.26 -62.61 45.98
CA THR C 1074 -9.51 -63.18 44.66
C THR C 1074 -8.48 -64.25 44.34
N ALA C 1075 -8.70 -64.91 43.20
CA ALA C 1075 -7.81 -65.95 42.70
C ALA C 1075 -8.03 -66.10 41.21
N PRO C 1076 -6.99 -66.36 40.41
CA PRO C 1076 -7.18 -66.47 38.97
C PRO C 1076 -7.82 -67.77 38.52
N ALA C 1077 -7.72 -68.84 39.31
CA ALA C 1077 -8.25 -70.13 38.91
C ALA C 1077 -8.40 -70.99 40.16
N ILE C 1078 -9.04 -72.14 39.99
CA ILE C 1078 -9.36 -73.02 41.11
C ILE C 1078 -9.03 -74.47 40.75
N CYS C 1079 -8.27 -75.13 41.60
CA CYS C 1079 -8.07 -76.56 41.52
C CYS C 1079 -9.18 -77.29 42.26
N HIS C 1080 -9.85 -78.23 41.59
CA HIS C 1080 -10.77 -79.13 42.27
C HIS C 1080 -10.33 -80.58 42.20
N ASP C 1081 -10.14 -81.13 41.01
CA ASP C 1081 -9.77 -82.53 40.82
C ASP C 1081 -8.42 -82.64 40.12
N GLY C 1082 -7.52 -81.70 40.40
CA GLY C 1082 -6.28 -81.60 39.69
C GLY C 1082 -6.33 -80.69 38.48
N LYS C 1083 -7.52 -80.36 38.00
CA LYS C 1083 -7.70 -79.52 36.83
C LYS C 1083 -7.98 -78.08 37.25
N ALA C 1084 -7.51 -77.13 36.43
CA ALA C 1084 -7.69 -75.72 36.70
C ALA C 1084 -9.02 -75.25 36.12
N HIS C 1085 -9.85 -74.64 36.95
CA HIS C 1085 -11.14 -74.11 36.52
C HIS C 1085 -11.08 -72.59 36.46
N PHE C 1086 -11.51 -72.03 35.33
CA PHE C 1086 -11.52 -70.59 35.14
C PHE C 1086 -12.96 -70.11 34.98
N PRO C 1087 -13.27 -68.89 35.38
CA PRO C 1087 -14.64 -68.38 35.21
C PRO C 1087 -14.98 -68.22 33.74
N ARG C 1088 -16.26 -68.41 33.43
CA ARG C 1088 -16.75 -68.08 32.10
C ARG C 1088 -16.92 -66.58 31.95
N GLU C 1089 -17.73 -65.98 32.82
CA GLU C 1089 -17.90 -64.54 32.90
C GLU C 1089 -17.72 -64.11 34.35
N GLY C 1090 -16.87 -63.14 34.59
CA GLY C 1090 -16.66 -62.63 35.92
C GLY C 1090 -15.41 -63.15 36.58
N VAL C 1091 -15.28 -62.82 37.86
CA VAL C 1091 -14.09 -63.10 38.65
C VAL C 1091 -14.45 -64.02 39.80
N PHE C 1092 -13.43 -64.70 40.35
CA PHE C 1092 -13.59 -65.44 41.59
C PHE C 1092 -13.31 -64.52 42.76
N VAL C 1093 -14.17 -64.57 43.77
CA VAL C 1093 -14.00 -63.76 44.97
C VAL C 1093 -14.26 -64.63 46.19
N SER C 1094 -13.73 -64.19 47.32
CA SER C 1094 -13.98 -64.82 48.60
C SER C 1094 -14.31 -63.75 49.63
N ASN C 1095 -15.35 -63.99 50.42
CA ASN C 1095 -15.68 -63.12 51.53
C ASN C 1095 -14.90 -63.48 52.79
N GLY C 1096 -13.81 -64.22 52.65
CA GLY C 1096 -12.96 -64.62 53.74
C GLY C 1096 -12.93 -66.11 54.00
N THR C 1097 -14.04 -66.81 53.75
CA THR C 1097 -14.11 -68.24 54.06
C THR C 1097 -14.59 -69.07 52.88
N HIS C 1098 -15.45 -68.51 52.04
CA HIS C 1098 -16.07 -69.24 50.94
C HIS C 1098 -15.70 -68.60 49.62
N TRP C 1099 -15.64 -69.40 48.57
CA TRP C 1099 -15.31 -68.93 47.23
C TRP C 1099 -16.56 -68.91 46.36
N PHE C 1100 -16.73 -67.81 45.63
CA PHE C 1100 -17.85 -67.61 44.73
C PHE C 1100 -17.35 -67.06 43.41
N VAL C 1101 -18.21 -67.14 42.40
CA VAL C 1101 -17.99 -66.49 41.12
C VAL C 1101 -19.04 -65.40 40.99
N THR C 1102 -18.62 -64.22 40.54
CA THR C 1102 -19.50 -63.07 40.48
C THR C 1102 -19.17 -62.24 39.25
N GLN C 1103 -20.06 -61.32 38.92
CA GLN C 1103 -19.89 -60.49 37.74
C GLN C 1103 -18.73 -59.52 37.95
N ARG C 1104 -18.51 -58.67 36.94
CA ARG C 1104 -17.51 -57.63 37.05
C ARG C 1104 -18.00 -56.42 37.82
N ASN C 1105 -19.05 -55.76 37.33
CA ASN C 1105 -19.40 -54.42 37.78
C ASN C 1105 -20.54 -54.39 38.78
N PHE C 1106 -20.86 -55.53 39.39
CA PHE C 1106 -21.92 -55.57 40.39
C PHE C 1106 -21.72 -56.83 41.22
N TYR C 1107 -21.41 -56.65 42.50
CA TYR C 1107 -21.17 -57.80 43.36
C TYR C 1107 -22.43 -58.65 43.50
N GLU C 1108 -22.39 -59.85 42.95
CA GLU C 1108 -23.53 -60.77 42.98
C GLU C 1108 -22.99 -62.18 43.07
N PRO C 1109 -22.80 -62.69 44.28
CA PRO C 1109 -22.11 -63.98 44.43
C PRO C 1109 -22.92 -65.14 43.88
N GLN C 1110 -22.21 -66.13 43.38
CA GLN C 1110 -22.82 -67.35 42.87
C GLN C 1110 -21.98 -68.54 43.30
N ILE C 1111 -22.64 -69.68 43.49
CA ILE C 1111 -21.91 -70.90 43.85
C ILE C 1111 -21.19 -71.42 42.62
N ILE C 1112 -19.93 -71.83 42.81
CA ILE C 1112 -19.11 -72.27 41.69
C ILE C 1112 -19.57 -73.65 41.23
N THR C 1113 -20.06 -73.73 40.01
CA THR C 1113 -20.57 -74.97 39.46
C THR C 1113 -19.86 -75.29 38.16
N THR C 1114 -20.23 -76.42 37.56
CA THR C 1114 -19.71 -76.78 36.24
C THR C 1114 -20.28 -75.88 35.15
N ASP C 1115 -21.36 -75.16 35.44
CA ASP C 1115 -21.97 -74.26 34.47
C ASP C 1115 -21.38 -72.85 34.52
N ASN C 1116 -20.66 -72.50 35.57
CA ASN C 1116 -20.02 -71.20 35.68
C ASN C 1116 -18.61 -71.18 35.12
N THR C 1117 -17.95 -72.33 35.05
CA THR C 1117 -16.52 -72.41 34.81
C THR C 1117 -16.21 -73.34 33.64
N PHE C 1118 -14.97 -73.26 33.16
CA PHE C 1118 -14.45 -74.16 32.16
C PHE C 1118 -13.08 -74.65 32.60
N VAL C 1119 -12.68 -75.80 32.08
CA VAL C 1119 -11.46 -76.48 32.51
C VAL C 1119 -10.38 -76.31 31.45
N SER C 1120 -9.13 -76.23 31.92
CA SER C 1120 -7.97 -76.17 31.04
C SER C 1120 -6.73 -76.59 31.82
N GLY C 1121 -6.05 -77.62 31.33
CA GLY C 1121 -4.77 -77.99 31.91
C GLY C 1121 -4.91 -78.61 33.30
N ASN C 1122 -3.88 -78.41 34.11
CA ASN C 1122 -3.83 -78.93 35.46
C ASN C 1122 -3.24 -77.87 36.38
N CYS C 1123 -3.02 -78.25 37.64
CA CYS C 1123 -2.73 -77.31 38.71
C CYS C 1123 -1.33 -76.68 38.63
N ASP C 1124 -0.43 -77.23 37.83
CA ASP C 1124 0.99 -76.98 38.01
C ASP C 1124 1.52 -75.76 37.27
N VAL C 1125 0.73 -75.10 36.43
CA VAL C 1125 1.25 -74.08 35.55
C VAL C 1125 0.74 -72.67 35.88
N VAL C 1126 -0.47 -72.54 36.39
CA VAL C 1126 -1.02 -71.21 36.66
C VAL C 1126 -0.51 -70.71 38.00
N ILE C 1127 -0.18 -69.42 38.05
CA ILE C 1127 0.40 -68.80 39.23
C ILE C 1127 -0.72 -68.22 40.08
N GLY C 1128 -0.88 -68.73 41.29
CA GLY C 1128 -1.86 -68.22 42.22
C GLY C 1128 -3.13 -69.02 42.35
N ILE C 1129 -3.17 -70.25 41.81
CA ILE C 1129 -4.39 -71.04 41.90
C ILE C 1129 -4.63 -71.48 43.34
N VAL C 1130 -5.90 -71.61 43.70
CA VAL C 1130 -6.31 -71.94 45.06
C VAL C 1130 -7.08 -73.25 45.04
N ASN C 1131 -7.36 -73.75 46.24
CA ASN C 1131 -8.04 -75.02 46.43
C ASN C 1131 -9.49 -74.79 46.83
N ASN C 1132 -10.42 -75.44 46.14
CA ASN C 1132 -11.82 -75.41 46.49
C ASN C 1132 -12.52 -76.58 45.80
N THR C 1133 -13.84 -76.58 45.84
CA THR C 1133 -14.64 -77.57 45.14
C THR C 1133 -15.59 -76.87 44.19
N VAL C 1134 -15.74 -77.41 42.99
CA VAL C 1134 -16.69 -76.91 42.01
C VAL C 1134 -17.89 -77.83 42.05
N TYR C 1135 -19.01 -77.32 42.55
CA TYR C 1135 -20.19 -78.14 42.79
C TYR C 1135 -20.76 -78.62 41.46
N ASP C 1136 -21.04 -79.91 41.36
CA ASP C 1136 -21.57 -80.46 40.12
C ASP C 1136 -23.06 -80.66 40.27
N PRO C 1137 -23.90 -79.89 39.56
CA PRO C 1137 -25.35 -80.02 39.73
C PRO C 1137 -25.92 -81.35 39.27
N LEU C 1138 -25.22 -82.07 38.40
CA LEU C 1138 -25.76 -83.33 37.87
C LEU C 1138 -25.69 -84.46 38.89
N GLN C 1139 -24.69 -84.45 39.77
CA GLN C 1139 -24.50 -85.55 40.71
C GLN C 1139 -25.75 -85.83 41.55
N PRO C 1140 -26.35 -84.87 42.25
CA PRO C 1140 -27.55 -85.21 43.05
C PRO C 1140 -28.73 -85.66 42.22
N GLU C 1141 -28.77 -85.32 40.92
CA GLU C 1141 -29.90 -85.70 40.08
C GLU C 1141 -29.86 -87.16 39.68
N LEU C 1142 -28.67 -87.74 39.52
CA LEU C 1142 -28.56 -89.15 39.19
C LEU C 1142 -28.56 -90.04 40.43
N ASP C 1143 -28.10 -89.50 41.56
CA ASP C 1143 -28.11 -90.28 42.80
C ASP C 1143 -29.54 -90.48 43.29
N SER C 1144 -30.40 -89.49 43.11
CA SER C 1144 -31.79 -89.57 43.51
C SER C 1144 -32.65 -90.17 42.39
N GLU D 1 7.41 59.94 -51.15
CA GLU D 1 6.48 58.93 -51.63
C GLU D 1 6.98 57.53 -51.27
N VAL D 2 6.05 56.57 -51.22
CA VAL D 2 6.41 55.17 -50.96
C VAL D 2 7.28 54.67 -52.11
N GLN D 3 8.56 54.43 -51.83
CA GLN D 3 9.48 53.92 -52.84
C GLN D 3 10.78 53.50 -52.16
N LEU D 4 11.41 52.48 -52.72
CA LEU D 4 12.69 51.99 -52.26
C LEU D 4 13.74 52.31 -53.32
N GLN D 5 14.78 53.05 -52.93
CA GLN D 5 15.86 53.40 -53.85
C GLN D 5 17.02 52.43 -53.68
N GLN D 6 17.73 52.23 -54.78
CA GLN D 6 18.81 51.26 -54.86
C GLN D 6 20.18 51.92 -54.82
N SER D 7 21.17 51.14 -54.40
CA SER D 7 22.51 51.71 -54.14
C SER D 7 23.16 52.22 -55.42
N GLY D 8 23.20 51.41 -56.47
CA GLY D 8 23.86 51.82 -57.70
C GLY D 8 24.50 50.67 -58.46
N ALA D 9 25.77 50.80 -58.87
CA ALA D 9 26.45 49.70 -59.55
C ALA D 9 27.89 49.62 -59.10
N GLU D 10 28.40 48.39 -59.09
CA GLU D 10 29.75 48.03 -58.68
C GLU D 10 30.40 47.18 -59.77
N LEU D 11 31.68 47.47 -60.07
CA LEU D 11 32.56 46.57 -60.79
C LEU D 11 33.67 46.17 -59.82
N VAL D 12 33.82 44.87 -59.60
CA VAL D 12 34.60 44.37 -58.48
C VAL D 12 35.35 43.12 -58.93
N LYS D 13 36.64 43.06 -58.62
CA LYS D 13 37.40 41.86 -58.88
C LYS D 13 36.99 40.77 -57.88
N PRO D 14 37.02 39.51 -58.29
CA PRO D 14 36.59 38.44 -57.39
C PRO D 14 37.42 38.41 -56.11
N GLY D 15 36.76 38.09 -55.00
CA GLY D 15 37.40 38.10 -53.71
C GLY D 15 37.03 39.28 -52.84
N ALA D 16 36.91 40.46 -53.46
CA ALA D 16 36.54 41.66 -52.75
C ALA D 16 35.03 41.71 -52.56
N SER D 17 34.60 41.91 -51.31
CA SER D 17 33.19 41.88 -50.95
C SER D 17 32.51 43.20 -51.33
N VAL D 18 31.17 43.20 -51.23
CA VAL D 18 30.35 44.37 -51.47
C VAL D 18 29.42 44.59 -50.29
N LYS D 19 29.30 45.86 -49.88
CA LYS D 19 28.20 46.31 -49.04
C LYS D 19 27.14 46.96 -49.91
N MET D 20 25.89 46.51 -49.75
CA MET D 20 24.76 46.98 -50.53
C MET D 20 23.68 47.52 -49.60
N SER D 21 22.93 48.50 -50.10
CA SER D 21 22.08 49.34 -49.27
C SER D 21 20.78 49.60 -49.99
N CYS D 22 19.75 49.92 -49.21
CA CYS D 22 18.38 50.01 -49.72
C CYS D 22 17.72 51.22 -49.08
N LYS D 23 17.52 52.28 -49.85
CA LYS D 23 16.99 53.54 -49.35
C LYS D 23 15.47 53.47 -49.36
N ALA D 24 14.88 53.28 -48.18
CA ALA D 24 13.44 53.32 -48.03
C ALA D 24 12.95 54.77 -47.98
N SER D 25 11.72 54.99 -48.42
CA SER D 25 11.16 56.34 -48.39
C SER D 25 9.64 56.28 -48.43
N GLY D 26 9.02 57.23 -47.74
CA GLY D 26 7.62 57.54 -47.90
C GLY D 26 6.63 56.65 -47.17
N TYR D 27 7.10 55.78 -46.28
CA TYR D 27 6.20 54.88 -45.56
C TYR D 27 6.66 54.75 -44.12
N THR D 28 5.83 54.10 -43.31
CA THR D 28 6.13 53.87 -41.90
C THR D 28 7.20 52.80 -41.79
N PHE D 29 8.45 53.22 -41.58
CA PHE D 29 9.56 52.28 -41.51
C PHE D 29 9.43 51.30 -40.35
N THR D 30 8.68 51.65 -39.32
CA THR D 30 8.60 50.85 -38.11
C THR D 30 7.48 49.80 -38.17
N SER D 31 6.62 49.85 -39.19
CA SER D 31 5.48 48.96 -39.27
C SER D 31 5.48 48.06 -40.48
N TYR D 32 6.48 48.17 -41.35
CA TYR D 32 6.60 47.31 -42.52
C TYR D 32 7.95 46.59 -42.49
N TRP D 33 7.95 45.31 -42.83
CA TRP D 33 9.21 44.59 -42.90
C TRP D 33 9.96 44.97 -44.18
N ILE D 34 11.23 44.56 -44.24
CA ILE D 34 12.05 44.73 -45.43
C ILE D 34 12.53 43.35 -45.88
N THR D 35 12.53 43.14 -47.19
CA THR D 35 12.91 41.85 -47.77
C THR D 35 13.85 42.09 -48.95
N TRP D 36 14.88 41.25 -49.04
CA TRP D 36 15.89 41.33 -50.09
C TRP D 36 15.77 40.13 -51.02
N VAL D 37 15.91 40.38 -52.32
CA VAL D 37 15.84 39.31 -53.32
C VAL D 37 16.94 39.54 -54.36
N LYS D 38 17.35 38.45 -55.01
CA LYS D 38 18.35 38.50 -56.05
C LYS D 38 17.95 37.54 -57.16
N GLN D 39 18.29 37.90 -58.39
CA GLN D 39 18.09 37.05 -59.55
C GLN D 39 19.26 37.24 -60.50
N ARG D 40 19.28 36.44 -61.55
CA ARG D 40 20.35 36.52 -62.53
C ARG D 40 19.77 36.67 -63.92
N PRO D 41 20.50 37.31 -64.84
CA PRO D 41 20.01 37.47 -66.21
C PRO D 41 19.62 36.15 -66.85
N GLY D 42 18.33 35.99 -67.15
CA GLY D 42 17.82 34.74 -67.67
C GLY D 42 17.39 33.73 -66.63
N GLN D 43 17.44 34.09 -65.34
CA GLN D 43 17.03 33.20 -64.26
C GLN D 43 16.08 33.93 -63.33
N GLY D 44 15.29 33.16 -62.59
CA GLY D 44 14.27 33.71 -61.73
C GLY D 44 14.82 34.26 -60.43
N LEU D 45 13.91 34.76 -59.60
CA LEU D 45 14.28 35.41 -58.35
C LEU D 45 14.55 34.38 -57.27
N GLU D 46 15.46 34.71 -56.36
CA GLU D 46 15.69 33.93 -55.15
C GLU D 46 15.66 34.82 -53.92
N TRP D 47 14.93 34.39 -52.89
CA TRP D 47 14.89 35.09 -51.62
C TRP D 47 16.16 34.80 -50.83
N ILE D 48 16.71 35.82 -50.19
CA ILE D 48 17.88 35.66 -49.32
C ILE D 48 17.50 35.81 -47.85
N GLY D 49 16.84 36.90 -47.48
CA GLY D 49 16.46 37.07 -46.09
C GLY D 49 15.69 38.35 -45.86
N ASP D 50 15.10 38.43 -44.67
CA ASP D 50 14.21 39.52 -44.27
C ASP D 50 14.70 40.13 -42.95
N ILE D 51 14.27 41.36 -42.69
CA ILE D 51 14.54 42.07 -41.44
C ILE D 51 13.29 42.80 -41.01
N TYR D 52 13.04 42.82 -39.69
CA TYR D 52 11.97 43.64 -39.14
C TYR D 52 12.59 44.97 -38.69
N PRO D 53 12.35 46.06 -39.41
CA PRO D 53 12.94 47.34 -38.99
C PRO D 53 12.44 47.83 -37.64
N GLY D 54 11.19 47.49 -37.27
CA GLY D 54 10.66 47.97 -36.00
C GLY D 54 11.43 47.47 -34.81
N SER D 55 11.82 46.20 -34.82
CA SER D 55 12.59 45.61 -33.74
C SER D 55 13.43 44.46 -34.30
N GLY D 56 14.61 44.27 -33.74
CA GLY D 56 15.57 43.33 -34.27
C GLY D 56 15.08 41.89 -34.40
N SER D 57 15.11 41.37 -35.63
CA SER D 57 14.76 40.00 -35.94
C SER D 57 15.21 39.72 -37.36
N THR D 58 15.45 38.44 -37.66
CA THR D 58 15.96 38.10 -38.98
C THR D 58 15.70 36.64 -39.30
N LYS D 59 15.48 36.38 -40.59
CA LYS D 59 15.29 35.02 -41.12
C LYS D 59 16.10 34.93 -42.40
N TYR D 60 16.82 33.83 -42.57
CA TYR D 60 17.76 33.69 -43.68
C TYR D 60 17.48 32.42 -44.47
N ASN D 61 17.77 32.47 -45.76
CA ASN D 61 17.76 31.27 -46.58
C ASN D 61 19.01 30.44 -46.28
N GLU D 62 18.87 29.12 -46.39
CA GLU D 62 19.99 28.26 -46.03
C GLU D 62 21.10 28.32 -47.06
N LYS D 63 20.76 28.47 -48.35
CA LYS D 63 21.76 28.52 -49.40
C LYS D 63 22.62 29.77 -49.31
N PHE D 64 22.22 30.76 -48.50
CA PHE D 64 22.98 31.96 -48.21
C PHE D 64 23.08 32.15 -46.71
N ARG D 65 23.40 31.05 -46.01
CA ARG D 65 23.44 31.09 -44.54
C ARG D 65 24.61 31.93 -44.03
N SER D 66 25.71 31.99 -44.77
CA SER D 66 26.88 32.73 -44.35
C SER D 66 27.25 33.88 -45.29
N GLU D 67 26.87 33.80 -46.57
CA GLU D 67 27.30 34.80 -47.53
C GLU D 67 26.59 36.13 -47.31
N ALA D 68 25.32 36.10 -46.93
CA ALA D 68 24.52 37.31 -46.78
C ALA D 68 24.31 37.61 -45.30
N THR D 69 24.51 38.88 -44.92
CA THR D 69 24.19 39.37 -43.59
C THR D 69 23.43 40.68 -43.73
N LEU D 70 22.32 40.79 -43.00
CA LEU D 70 21.35 41.85 -43.19
C LEU D 70 21.27 42.75 -41.96
N THR D 71 21.16 44.05 -42.20
CA THR D 71 21.11 45.04 -41.13
C THR D 71 20.29 46.22 -41.61
N VAL D 72 19.88 47.06 -40.66
CA VAL D 72 18.93 48.14 -40.92
C VAL D 72 19.31 49.34 -40.08
N ASP D 73 18.94 50.53 -40.57
CA ASP D 73 19.11 51.79 -39.85
C ASP D 73 17.78 52.55 -39.94
N THR D 74 17.03 52.54 -38.84
CA THR D 74 15.73 53.23 -38.82
C THR D 74 15.91 54.74 -38.90
N SER D 75 16.94 55.28 -38.25
CA SER D 75 17.12 56.73 -38.24
C SER D 75 17.33 57.27 -39.64
N SER D 76 18.15 56.60 -40.45
CA SER D 76 18.31 56.97 -41.85
C SER D 76 17.17 56.44 -42.73
N THR D 77 16.32 55.58 -42.19
CA THR D 77 15.26 54.92 -42.95
C THR D 77 15.86 54.20 -44.16
N THR D 78 16.74 53.25 -43.88
CA THR D 78 17.47 52.53 -44.90
C THR D 78 17.82 51.15 -44.37
N ALA D 79 17.94 50.19 -45.28
CA ALA D 79 18.36 48.84 -44.96
C ALA D 79 19.60 48.49 -45.77
N TYR D 80 20.37 47.52 -45.26
CA TYR D 80 21.63 47.15 -45.86
C TYR D 80 21.72 45.64 -45.98
N MET D 81 22.28 45.17 -47.10
CA MET D 81 22.65 43.79 -47.31
C MET D 81 24.14 43.73 -47.63
N GLN D 82 24.87 42.87 -46.93
CA GLN D 82 26.30 42.69 -47.16
C GLN D 82 26.56 41.30 -47.72
N LEU D 83 27.37 41.23 -48.77
CA LEU D 83 27.82 39.98 -49.38
C LEU D 83 29.32 39.84 -49.14
N SER D 84 29.74 38.65 -48.72
CA SER D 84 31.14 38.36 -48.49
C SER D 84 31.63 37.29 -49.46
N SER D 85 32.91 37.38 -49.80
CA SER D 85 33.59 36.41 -50.68
C SER D 85 32.83 36.24 -52.00
N LEU D 86 32.76 37.34 -52.74
CA LEU D 86 32.05 37.33 -54.02
C LEU D 86 32.74 36.43 -55.03
N THR D 87 31.93 35.82 -55.89
CA THR D 87 32.40 34.93 -56.94
C THR D 87 31.76 35.33 -58.25
N SER D 88 32.24 34.74 -59.35
CA SER D 88 31.64 34.99 -60.65
C SER D 88 30.21 34.47 -60.73
N GLU D 89 29.85 33.52 -59.87
CA GLU D 89 28.46 33.07 -59.78
C GLU D 89 27.60 34.01 -58.97
N ASP D 90 28.18 35.01 -58.32
CA ASP D 90 27.43 36.07 -57.67
C ASP D 90 27.09 37.21 -58.61
N SER D 91 27.45 37.11 -59.89
CA SER D 91 27.06 38.10 -60.89
C SER D 91 25.56 37.99 -61.10
N ALA D 92 24.80 38.89 -60.49
CA ALA D 92 23.36 38.73 -60.36
C ALA D 92 22.70 40.10 -60.34
N VAL D 93 21.38 40.09 -60.53
CA VAL D 93 20.55 41.28 -60.43
C VAL D 93 19.82 41.23 -59.10
N TYR D 94 19.97 42.29 -58.30
CA TYR D 94 19.41 42.34 -56.95
C TYR D 94 18.30 43.36 -56.87
N TYR D 95 17.20 42.98 -56.24
CA TYR D 95 16.08 43.86 -55.94
C TYR D 95 15.87 43.93 -54.44
N CYS D 96 15.87 45.14 -53.89
CA CYS D 96 15.30 45.34 -52.57
C CYS D 96 13.78 45.39 -52.68
N ALA D 97 13.10 45.01 -51.60
CA ALA D 97 11.66 45.01 -51.63
C ALA D 97 11.09 45.27 -50.25
N ARG D 98 9.87 45.81 -50.23
CA ARG D 98 9.08 45.95 -49.01
C ARG D 98 8.18 44.73 -48.83
N TRP D 99 8.13 44.23 -47.59
CA TRP D 99 7.27 43.11 -47.24
C TRP D 99 6.33 43.55 -46.12
N ASP D 100 5.03 43.30 -46.31
CA ASP D 100 4.03 43.61 -45.29
C ASP D 100 3.65 42.31 -44.58
N PHE D 101 4.49 41.92 -43.62
CA PHE D 101 4.23 40.69 -42.88
C PHE D 101 2.91 40.75 -42.15
N TYR D 102 2.66 41.86 -41.44
CA TYR D 102 1.42 42.01 -40.69
C TYR D 102 0.24 42.32 -41.60
N GLY D 103 0.49 42.71 -42.84
CA GLY D 103 -0.58 42.97 -43.79
C GLY D 103 -0.97 41.74 -44.59
N SER D 104 -0.92 41.84 -45.91
CA SER D 104 -1.29 40.76 -46.79
C SER D 104 -0.12 39.86 -47.18
N ARG D 105 1.07 40.09 -46.60
CA ARG D 105 2.27 39.31 -46.90
C ARG D 105 2.60 39.37 -48.40
N THR D 106 2.88 40.59 -48.87
CA THR D 106 3.12 40.81 -50.28
C THR D 106 4.38 41.65 -50.48
N PHE D 107 4.92 41.57 -51.69
CA PHE D 107 6.07 42.39 -52.09
C PHE D 107 5.57 43.61 -52.86
N ASP D 108 5.01 44.56 -52.10
CA ASP D 108 4.24 45.65 -52.71
C ASP D 108 5.12 46.76 -53.26
N TYR D 109 6.38 46.86 -52.84
CA TYR D 109 7.26 47.90 -53.34
C TYR D 109 8.65 47.31 -53.59
N TRP D 110 9.26 47.72 -54.70
CA TRP D 110 10.51 47.14 -55.17
C TRP D 110 11.47 48.24 -55.56
N GLY D 111 12.72 47.85 -55.82
CA GLY D 111 13.72 48.74 -56.38
C GLY D 111 13.54 48.90 -57.88
N GLN D 112 14.54 49.55 -58.49
CA GLN D 112 14.53 49.82 -59.91
C GLN D 112 15.43 48.87 -60.71
N GLY D 113 16.03 47.89 -60.05
CA GLY D 113 16.85 46.91 -60.75
C GLY D 113 18.33 47.19 -60.65
N THR D 114 19.02 46.48 -59.75
CA THR D 114 20.46 46.65 -59.55
C THR D 114 21.19 45.45 -60.13
N THR D 115 22.09 45.71 -61.07
CA THR D 115 22.86 44.68 -61.73
C THR D 115 24.26 44.67 -61.11
N LEU D 116 24.65 43.52 -60.57
CA LEU D 116 26.00 43.34 -60.03
C LEU D 116 26.80 42.51 -61.01
N THR D 117 27.78 43.14 -61.66
CA THR D 117 28.66 42.48 -62.60
C THR D 117 29.96 42.11 -61.89
N VAL D 118 30.27 40.82 -61.87
CA VAL D 118 31.54 40.32 -61.36
C VAL D 118 32.37 39.85 -62.56
N SER D 119 33.57 40.40 -62.69
CA SER D 119 34.47 40.06 -63.79
C SER D 119 35.85 39.76 -63.25
N SER D 120 36.43 38.65 -63.70
CA SER D 120 37.82 38.34 -63.34
C SER D 120 38.79 39.32 -63.98
N ALA D 121 38.51 39.75 -65.21
CA ALA D 121 39.37 40.71 -65.90
C ALA D 121 38.59 41.46 -66.97
N GLU E 1 6.70 79.01 -3.72
CA GLU E 1 6.08 78.57 -2.48
C GLU E 1 5.15 77.39 -2.73
N VAL E 2 4.88 76.61 -1.68
CA VAL E 2 3.94 75.50 -1.77
C VAL E 2 2.55 76.05 -2.07
N GLN E 3 2.05 75.79 -3.28
CA GLN E 3 0.73 76.23 -3.68
C GLN E 3 0.36 75.55 -4.99
N LEU E 4 -0.94 75.31 -5.16
CA LEU E 4 -1.50 74.74 -6.37
C LEU E 4 -2.33 75.81 -7.06
N GLN E 5 -1.99 76.13 -8.31
CA GLN E 5 -2.73 77.11 -9.08
C GLN E 5 -3.74 76.42 -9.98
N GLN E 6 -4.84 77.12 -10.23
CA GLN E 6 -5.98 76.59 -10.97
C GLN E 6 -6.03 77.14 -12.39
N SER E 7 -6.70 76.38 -13.26
CA SER E 7 -6.68 76.69 -14.68
C SER E 7 -7.36 78.02 -15.00
N GLY E 8 -8.58 78.22 -14.50
CA GLY E 8 -9.32 79.43 -14.80
C GLY E 8 -10.82 79.23 -14.87
N ALA E 9 -11.49 79.72 -15.92
CA ALA E 9 -12.91 79.50 -16.07
C ALA E 9 -13.25 79.25 -17.53
N GLU E 10 -14.29 78.43 -17.72
CA GLU E 10 -14.82 78.00 -19.02
C GLU E 10 -16.32 78.25 -19.06
N LEU E 11 -16.80 78.76 -20.19
CA LEU E 11 -18.21 78.73 -20.56
C LEU E 11 -18.32 77.85 -21.80
N VAL E 12 -19.13 76.81 -21.71
CA VAL E 12 -19.10 75.72 -22.68
C VAL E 12 -20.52 75.24 -22.93
N LYS E 13 -20.87 75.08 -24.19
CA LYS E 13 -22.15 74.49 -24.54
C LYS E 13 -22.12 73.00 -24.22
N PRO E 14 -23.25 72.42 -23.84
CA PRO E 14 -23.26 71.00 -23.49
C PRO E 14 -22.82 70.13 -24.66
N GLY E 15 -22.08 69.06 -24.34
CA GLY E 15 -21.55 68.18 -25.36
C GLY E 15 -20.06 68.36 -25.57
N ALA E 16 -19.59 69.60 -25.53
CA ALA E 16 -18.17 69.89 -25.69
C ALA E 16 -17.43 69.66 -24.39
N SER E 17 -16.36 68.87 -24.44
CA SER E 17 -15.62 68.49 -23.26
C SER E 17 -14.68 69.61 -22.81
N VAL E 18 -14.09 69.42 -21.63
CA VAL E 18 -13.12 70.35 -21.06
C VAL E 18 -11.87 69.57 -20.65
N LYS E 19 -10.71 70.14 -20.96
CA LYS E 19 -9.45 69.76 -20.33
C LYS E 19 -9.12 70.75 -19.22
N MET E 20 -8.85 70.23 -18.03
CA MET E 20 -8.57 71.01 -16.85
C MET E 20 -7.20 70.64 -16.29
N SER E 21 -6.54 71.61 -15.67
CA SER E 21 -5.13 71.52 -15.35
C SER E 21 -4.89 72.11 -13.97
N CYS E 22 -3.78 71.70 -13.35
CA CYS E 22 -3.49 72.01 -11.95
C CYS E 22 -2.01 72.34 -11.84
N LYS E 23 -1.69 73.61 -11.65
CA LYS E 23 -0.31 74.08 -11.62
C LYS E 23 0.23 73.91 -10.21
N ALA E 24 1.05 72.88 -10.01
CA ALA E 24 1.74 72.68 -8.73
C ALA E 24 2.95 73.61 -8.65
N SER E 25 3.31 73.98 -7.41
CA SER E 25 4.47 74.84 -7.23
C SER E 25 4.99 74.71 -5.81
N GLY E 26 6.32 74.82 -5.68
CA GLY E 26 6.98 75.03 -4.40
C GLY E 26 7.21 73.80 -3.55
N TYR E 27 6.97 72.61 -4.06
CA TYR E 27 7.15 71.40 -3.27
C TYR E 27 7.77 70.30 -4.13
N THR E 28 8.14 69.21 -3.48
CA THR E 28 8.75 68.07 -4.16
C THR E 28 7.65 67.33 -4.94
N PHE E 29 7.59 67.57 -6.24
CA PHE E 29 6.54 66.97 -7.07
C PHE E 29 6.64 65.45 -7.11
N THR E 30 7.81 64.88 -6.84
CA THR E 30 8.04 63.45 -6.96
C THR E 30 7.71 62.69 -5.68
N SER E 31 7.47 63.38 -4.58
CA SER E 31 7.26 62.73 -3.28
C SER E 31 5.88 62.97 -2.68
N TYR E 32 5.03 63.76 -3.34
CA TYR E 32 3.67 64.01 -2.88
C TYR E 32 2.69 63.60 -3.96
N TRP E 33 1.60 62.97 -3.55
CA TRP E 33 0.57 62.63 -4.52
C TRP E 33 -0.26 63.87 -4.88
N ILE E 34 -1.07 63.73 -5.92
CA ILE E 34 -2.01 64.76 -6.33
C ILE E 34 -3.41 64.17 -6.31
N THR E 35 -4.37 64.96 -5.84
CA THR E 35 -5.75 64.53 -5.70
C THR E 35 -6.68 65.60 -6.23
N TRP E 36 -7.71 65.18 -6.95
CA TRP E 36 -8.69 66.07 -7.55
C TRP E 36 -10.05 65.89 -6.87
N VAL E 37 -10.74 67.02 -6.63
CA VAL E 37 -12.05 66.99 -5.99
C VAL E 37 -12.96 67.99 -6.72
N LYS E 38 -14.27 67.73 -6.62
CA LYS E 38 -15.27 68.59 -7.21
C LYS E 38 -16.44 68.69 -6.26
N GLN E 39 -17.09 69.85 -6.27
CA GLN E 39 -18.31 70.08 -5.50
C GLN E 39 -19.22 70.99 -6.31
N ARG E 40 -20.43 71.19 -5.80
CA ARG E 40 -21.39 72.03 -6.48
C ARG E 40 -21.92 73.10 -5.54
N PRO E 41 -22.33 74.25 -6.06
CA PRO E 41 -22.87 75.31 -5.19
C PRO E 41 -24.02 74.82 -4.32
N GLY E 42 -23.81 74.83 -3.00
CA GLY E 42 -24.79 74.29 -2.07
C GLY E 42 -24.66 72.81 -1.79
N GLN E 43 -23.64 72.14 -2.34
CA GLN E 43 -23.44 70.71 -2.11
C GLN E 43 -21.98 70.47 -1.72
N GLY E 44 -21.75 69.35 -1.04
CA GLY E 44 -20.44 69.02 -0.52
C GLY E 44 -19.48 68.52 -1.58
N LEU E 45 -18.28 68.19 -1.13
CA LEU E 45 -17.21 67.78 -2.02
C LEU E 45 -17.35 66.31 -2.39
N GLU E 46 -16.91 65.96 -3.59
CA GLU E 46 -16.80 64.57 -4.02
C GLU E 46 -15.42 64.30 -4.60
N TRP E 47 -14.81 63.20 -4.16
CA TRP E 47 -13.52 62.79 -4.71
C TRP E 47 -13.73 62.10 -6.06
N ILE E 48 -12.86 62.40 -7.00
CA ILE E 48 -12.88 61.76 -8.32
C ILE E 48 -11.73 60.77 -8.49
N GLY E 49 -10.50 61.21 -8.25
CA GLY E 49 -9.38 60.30 -8.40
C GLY E 49 -8.06 60.96 -8.07
N ASP E 50 -7.04 60.11 -7.93
CA ASP E 50 -5.70 60.51 -7.51
C ASP E 50 -4.66 60.02 -8.52
N ILE E 51 -3.49 60.65 -8.48
CA ILE E 51 -2.35 60.26 -9.30
C ILE E 51 -1.09 60.35 -8.46
N TYR E 52 -0.18 59.41 -8.67
CA TYR E 52 1.15 59.49 -8.07
C TYR E 52 2.09 60.13 -9.08
N PRO E 53 2.49 61.39 -8.88
CA PRO E 53 3.40 62.02 -9.85
C PRO E 53 4.76 61.35 -9.95
N GLY E 54 5.24 60.74 -8.85
CA GLY E 54 6.55 60.13 -8.88
C GLY E 54 6.65 58.97 -9.86
N SER E 55 5.62 58.15 -9.92
CA SER E 55 5.58 57.03 -10.85
C SER E 55 4.12 56.71 -11.16
N GLY E 56 3.87 56.27 -12.39
CA GLY E 56 2.52 56.07 -12.88
C GLY E 56 1.66 55.13 -12.06
N SER E 57 0.54 55.66 -11.56
CA SER E 57 -0.46 54.90 -10.83
C SER E 57 -1.71 55.76 -10.71
N THR E 58 -2.86 55.12 -10.54
CA THR E 58 -4.10 55.87 -10.48
C THR E 58 -5.19 55.06 -9.81
N LYS E 59 -6.09 55.78 -9.14
CA LYS E 59 -7.26 55.22 -8.48
C LYS E 59 -8.43 56.15 -8.78
N TYR E 60 -9.57 55.56 -9.13
CA TYR E 60 -10.72 56.34 -9.60
C TYR E 60 -11.97 56.00 -8.79
N ASN E 61 -12.84 56.99 -8.65
CA ASN E 61 -14.16 56.75 -8.10
C ASN E 61 -15.03 56.06 -9.14
N GLU E 62 -15.95 55.21 -8.68
CA GLU E 62 -16.75 54.45 -9.63
C GLU E 62 -17.78 55.32 -10.33
N LYS E 63 -18.33 56.32 -9.62
CA LYS E 63 -19.34 57.19 -10.21
C LYS E 63 -18.76 58.07 -11.32
N PHE E 64 -17.43 58.13 -11.43
CA PHE E 64 -16.72 58.82 -12.50
C PHE E 64 -15.71 57.88 -13.14
N ARG E 65 -16.16 56.65 -13.40
CA ARG E 65 -15.25 55.62 -13.93
C ARG E 65 -14.82 55.93 -15.36
N SER E 66 -15.67 56.60 -16.14
CA SER E 66 -15.36 56.90 -17.52
C SER E 66 -15.29 58.39 -17.82
N GLU E 67 -15.98 59.22 -17.04
CA GLU E 67 -16.05 60.65 -17.35
C GLU E 67 -14.73 61.35 -17.07
N ALA E 68 -14.01 60.95 -16.03
CA ALA E 68 -12.78 61.61 -15.62
C ALA E 68 -11.58 60.74 -15.97
N THR E 69 -10.57 61.37 -16.57
CA THR E 69 -9.29 60.73 -16.83
C THR E 69 -8.17 61.67 -16.39
N LEU E 70 -7.22 61.12 -15.64
CA LEU E 70 -6.23 61.93 -14.93
C LEU E 70 -4.83 61.65 -15.46
N THR E 71 -4.04 62.72 -15.58
CA THR E 71 -2.69 62.62 -16.11
C THR E 71 -1.84 63.72 -15.47
N VAL E 72 -0.53 63.59 -15.61
CA VAL E 72 0.41 64.44 -14.89
C VAL E 72 1.61 64.71 -15.80
N ASP E 73 2.26 65.86 -15.57
CA ASP E 73 3.51 66.21 -16.25
C ASP E 73 4.49 66.70 -15.19
N THR E 74 5.45 65.83 -14.84
CA THR E 74 6.44 66.19 -13.83
C THR E 74 7.36 67.31 -14.31
N SER E 75 7.72 67.30 -15.58
CA SER E 75 8.65 68.31 -16.11
C SER E 75 8.08 69.71 -15.95
N SER E 76 6.81 69.90 -16.29
CA SER E 76 6.13 71.17 -16.06
C SER E 76 5.68 71.34 -14.62
N THR E 77 5.75 70.29 -13.81
CA THR E 77 5.24 70.29 -12.44
C THR E 77 3.77 70.72 -12.42
N THR E 78 2.96 69.92 -13.10
CA THR E 78 1.54 70.22 -13.27
C THR E 78 0.79 68.92 -13.45
N ALA E 79 -0.48 68.91 -13.04
CA ALA E 79 -1.37 67.78 -13.22
C ALA E 79 -2.59 68.23 -14.02
N TYR E 80 -3.24 67.26 -14.66
CA TYR E 80 -4.36 67.53 -15.55
C TYR E 80 -5.50 66.57 -15.23
N MET E 81 -6.73 67.11 -15.27
CA MET E 81 -7.96 66.33 -15.23
C MET E 81 -8.76 66.63 -16.48
N GLN E 82 -9.20 65.59 -17.18
CA GLN E 82 -10.03 65.74 -18.37
C GLN E 82 -11.43 65.21 -18.10
N LEU E 83 -12.44 65.99 -18.49
CA LEU E 83 -13.84 65.60 -18.41
C LEU E 83 -14.38 65.45 -19.83
N SER E 84 -15.11 64.36 -20.08
CA SER E 84 -15.70 64.11 -21.38
C SER E 84 -17.22 64.10 -21.26
N SER E 85 -17.89 64.52 -22.35
CA SER E 85 -19.34 64.53 -22.46
C SER E 85 -19.98 65.30 -21.30
N LEU E 86 -19.65 66.59 -21.24
CA LEU E 86 -20.16 67.44 -20.17
C LEU E 86 -21.68 67.59 -20.27
N THR E 87 -22.31 67.72 -19.10
CA THR E 87 -23.75 67.91 -18.99
C THR E 87 -24.03 69.08 -18.06
N SER E 88 -25.30 69.49 -18.02
CA SER E 88 -25.69 70.55 -17.10
C SER E 88 -25.53 70.13 -15.64
N GLU E 89 -25.52 68.82 -15.36
CA GLU E 89 -25.24 68.34 -14.02
C GLU E 89 -23.74 68.34 -13.71
N ASP E 90 -22.90 68.61 -14.69
CA ASP E 90 -21.47 68.82 -14.45
C ASP E 90 -21.14 70.26 -14.10
N SER E 91 -22.13 71.13 -13.99
CA SER E 91 -21.91 72.50 -13.53
C SER E 91 -21.54 72.45 -12.06
N ALA E 92 -20.25 72.57 -11.77
CA ALA E 92 -19.72 72.26 -10.46
C ALA E 92 -18.51 73.13 -10.17
N VAL E 93 -18.12 73.16 -8.90
CA VAL E 93 -16.92 73.84 -8.45
C VAL E 93 -15.84 72.79 -8.20
N TYR E 94 -14.69 72.96 -8.84
CA TYR E 94 -13.61 71.97 -8.78
C TYR E 94 -12.42 72.54 -8.02
N TYR E 95 -11.87 71.73 -7.13
CA TYR E 95 -10.64 72.04 -6.41
C TYR E 95 -9.59 70.99 -6.71
N CYS E 96 -8.42 71.43 -7.17
CA CYS E 96 -7.25 70.57 -7.13
C CYS E 96 -6.70 70.56 -5.71
N ALA E 97 -6.02 69.47 -5.35
CA ALA E 97 -5.48 69.38 -4.01
C ALA E 97 -4.23 68.51 -4.00
N ARG E 98 -3.37 68.77 -3.02
CA ARG E 98 -2.21 67.94 -2.73
C ARG E 98 -2.58 66.89 -1.68
N TRP E 99 -2.15 65.66 -1.92
CA TRP E 99 -2.36 64.56 -0.99
C TRP E 99 -1.00 63.97 -0.60
N ASP E 100 -0.78 63.83 0.71
CA ASP E 100 0.45 63.24 1.22
C ASP E 100 0.15 61.80 1.65
N PHE E 101 0.14 60.91 0.65
CA PHE E 101 -0.15 59.51 0.92
C PHE E 101 0.88 58.91 1.89
N TYR E 102 2.16 59.14 1.63
CA TYR E 102 3.20 58.62 2.49
C TYR E 102 3.32 59.38 3.80
N GLY E 103 2.71 60.56 3.89
CA GLY E 103 2.74 61.34 5.11
C GLY E 103 1.56 61.03 6.01
N SER E 104 0.80 62.06 6.37
CA SER E 104 -0.35 61.91 7.26
C SER E 104 -1.65 61.66 6.51
N ARG E 105 -1.61 61.50 5.18
CA ARG E 105 -2.80 61.28 4.37
C ARG E 105 -3.80 62.42 4.53
N THR E 106 -3.38 63.62 4.15
CA THR E 106 -4.18 64.82 4.34
C THR E 106 -4.22 65.64 3.05
N PHE E 107 -5.23 66.49 2.97
CA PHE E 107 -5.37 67.44 1.86
C PHE E 107 -4.81 68.79 2.29
N ASP E 108 -3.48 68.86 2.34
CA ASP E 108 -2.81 69.99 2.98
C ASP E 108 -2.72 71.23 2.10
N TYR E 109 -2.89 71.09 0.79
CA TYR E 109 -2.83 72.24 -0.10
C TYR E 109 -3.93 72.13 -1.14
N TRP E 110 -4.58 73.26 -1.44
CA TRP E 110 -5.75 73.29 -2.30
C TRP E 110 -5.61 74.41 -3.32
N GLY E 111 -6.53 74.43 -4.28
CA GLY E 111 -6.65 75.53 -5.21
C GLY E 111 -7.39 76.70 -4.61
N GLN E 112 -7.71 77.67 -5.47
CA GLN E 112 -8.40 78.89 -5.06
C GLN E 112 -9.88 78.88 -5.40
N GLY E 113 -10.39 77.77 -5.95
CA GLY E 113 -11.81 77.66 -6.24
C GLY E 113 -12.14 77.91 -7.70
N THR E 114 -12.34 76.82 -8.46
CA THR E 114 -12.66 76.91 -9.88
C THR E 114 -14.12 76.56 -10.09
N THR E 115 -14.87 77.49 -10.66
CA THR E 115 -16.29 77.30 -10.93
C THR E 115 -16.47 76.97 -12.40
N LEU E 116 -17.07 75.81 -12.69
CA LEU E 116 -17.38 75.42 -14.05
C LEU E 116 -18.87 75.62 -14.27
N THR E 117 -19.22 76.60 -15.10
CA THR E 117 -20.60 76.88 -15.45
C THR E 117 -20.92 76.22 -16.79
N VAL E 118 -21.91 75.34 -16.79
CA VAL E 118 -22.44 74.73 -18.00
C VAL E 118 -23.82 75.34 -18.26
N SER E 119 -24.00 75.90 -19.45
CA SER E 119 -25.26 76.54 -19.82
C SER E 119 -25.68 76.06 -21.20
N SER E 120 -26.95 75.66 -21.34
CA SER E 120 -27.47 75.30 -22.65
C SER E 120 -27.57 76.52 -23.56
N ALA E 121 -27.91 77.67 -23.01
CA ALA E 121 -28.03 78.90 -23.79
C ALA E 121 -27.87 80.13 -22.88
N GLU F 1 49.79 57.73 -21.75
CA GLU F 1 50.48 56.49 -21.44
C GLU F 1 49.84 55.79 -20.25
N VAL F 2 50.05 54.48 -20.15
CA VAL F 2 49.56 53.71 -19.01
C VAL F 2 50.25 54.20 -17.74
N GLN F 3 49.49 54.86 -16.87
CA GLN F 3 50.02 55.36 -15.61
C GLN F 3 48.87 55.82 -14.73
N LEU F 4 49.06 55.67 -13.42
CA LEU F 4 48.10 56.12 -12.41
C LEU F 4 48.71 57.29 -11.66
N GLN F 5 48.03 58.43 -11.68
CA GLN F 5 48.51 59.62 -10.97
C GLN F 5 47.83 59.71 -9.61
N GLN F 6 48.55 60.29 -8.66
CA GLN F 6 48.13 60.37 -7.27
C GLN F 6 47.64 61.78 -6.92
N SER F 7 46.82 61.84 -5.88
CA SER F 7 46.12 63.09 -5.54
C SER F 7 47.10 64.18 -5.10
N GLY F 8 47.99 63.87 -4.16
CA GLY F 8 48.92 64.86 -3.63
C GLY F 8 49.26 64.67 -2.17
N ALA F 9 49.19 65.71 -1.35
CA ALA F 9 49.45 65.57 0.08
C ALA F 9 48.48 66.41 0.88
N GLU F 10 48.16 65.92 2.07
CA GLU F 10 47.25 66.52 3.04
C GLU F 10 47.94 66.61 4.40
N LEU F 11 47.76 67.74 5.07
CA LEU F 11 48.01 67.89 6.50
C LEU F 11 46.66 68.18 7.15
N VAL F 12 46.28 67.33 8.11
CA VAL F 12 44.91 67.29 8.60
C VAL F 12 44.92 67.03 10.10
N LYS F 13 44.15 67.82 10.83
CA LYS F 13 43.99 67.57 12.25
C LYS F 13 43.12 66.32 12.45
N PRO F 14 43.37 65.55 13.51
CA PRO F 14 42.60 64.32 13.71
C PRO F 14 41.11 64.61 13.83
N GLY F 15 40.31 63.70 13.30
CA GLY F 15 38.87 63.87 13.28
C GLY F 15 38.32 64.25 11.92
N ALA F 16 39.05 65.10 11.20
CA ALA F 16 38.64 65.53 9.88
C ALA F 16 39.04 64.49 8.84
N SER F 17 38.07 64.06 8.02
CA SER F 17 38.27 63.00 7.06
C SER F 17 39.00 63.51 5.82
N VAL F 18 39.40 62.58 4.96
CA VAL F 18 40.05 62.87 3.69
C VAL F 18 39.32 62.13 2.58
N LYS F 19 39.10 62.82 1.46
CA LYS F 19 38.79 62.21 0.18
C LYS F 19 40.04 62.11 -0.66
N MET F 20 40.32 60.91 -1.15
CA MET F 20 41.51 60.61 -1.93
C MET F 20 41.11 60.05 -3.29
N SER F 21 41.94 60.31 -4.29
CA SER F 21 41.57 60.13 -5.69
C SER F 21 42.76 59.56 -6.45
N CYS F 22 42.45 58.90 -7.57
CA CYS F 22 43.44 58.14 -8.31
C CYS F 22 43.20 58.39 -9.80
N LYS F 23 44.10 59.14 -10.43
CA LYS F 23 43.95 59.54 -11.82
C LYS F 23 44.52 58.44 -12.71
N ALA F 24 43.63 57.65 -13.32
CA ALA F 24 44.05 56.66 -14.30
C ALA F 24 44.31 57.31 -15.64
N SER F 25 45.21 56.70 -16.41
CA SER F 25 45.51 57.24 -17.74
C SER F 25 46.12 56.16 -18.62
N GLY F 26 45.80 56.24 -19.92
CA GLY F 26 46.50 55.52 -20.95
C GLY F 26 46.10 54.08 -21.16
N TYR F 27 45.03 53.60 -20.53
CA TYR F 27 44.63 52.21 -20.68
C TYR F 27 43.10 52.14 -20.76
N THR F 28 42.62 50.94 -21.08
CA THR F 28 41.18 50.69 -21.18
C THR F 28 40.58 50.66 -19.79
N PHE F 29 39.95 51.78 -19.38
CA PHE F 29 39.40 51.88 -18.05
C PHE F 29 38.28 50.87 -17.80
N THR F 30 37.63 50.37 -18.85
CA THR F 30 36.48 49.50 -18.72
C THR F 30 36.86 48.02 -18.64
N SER F 31 38.12 47.67 -18.88
CA SER F 31 38.54 46.29 -18.92
C SER F 31 39.58 45.92 -17.87
N TYR F 32 40.03 46.86 -17.05
CA TYR F 32 40.98 46.60 -15.99
C TYR F 32 40.37 47.04 -14.65
N TRP F 33 40.57 46.22 -13.62
CA TRP F 33 40.10 46.61 -12.31
C TRP F 33 41.03 47.66 -11.70
N ILE F 34 40.58 48.26 -10.61
CA ILE F 34 41.37 49.20 -9.83
C ILE F 34 41.48 48.68 -8.41
N THR F 35 42.67 48.80 -7.83
CA THR F 35 42.95 48.30 -6.49
C THR F 35 43.69 49.37 -5.69
N TRP F 36 43.32 49.52 -4.42
CA TRP F 36 43.92 50.49 -3.52
C TRP F 36 44.71 49.78 -2.44
N VAL F 37 45.87 50.31 -2.09
CA VAL F 37 46.72 49.75 -1.06
C VAL F 37 47.29 50.88 -0.21
N LYS F 38 47.63 50.55 1.03
CA LYS F 38 48.22 51.49 1.97
C LYS F 38 49.31 50.79 2.76
N GLN F 39 50.34 51.54 3.11
CA GLN F 39 51.42 51.05 3.97
C GLN F 39 51.87 52.19 4.86
N ARG F 40 52.76 51.88 5.80
CA ARG F 40 53.26 52.87 6.72
C ARG F 40 54.78 52.88 6.70
N PRO F 41 55.42 54.02 6.99
CA PRO F 41 56.87 54.08 7.00
C PRO F 41 57.49 53.04 7.92
N GLY F 42 58.24 52.10 7.34
CA GLY F 42 58.80 50.98 8.09
C GLY F 42 57.90 49.77 8.20
N GLN F 43 56.73 49.78 7.56
CA GLN F 43 55.80 48.66 7.61
C GLN F 43 55.36 48.31 6.18
N GLY F 44 54.92 47.06 6.01
CA GLY F 44 54.55 46.56 4.71
C GLY F 44 53.20 47.06 4.23
N LEU F 45 52.82 46.59 3.05
CA LEU F 45 51.59 47.03 2.40
C LEU F 45 50.40 46.27 2.95
N GLU F 46 49.24 46.95 2.98
CA GLU F 46 47.98 46.30 3.30
C GLU F 46 46.92 46.64 2.25
N TRP F 47 46.22 45.62 1.76
CA TRP F 47 45.13 45.82 0.83
C TRP F 47 43.88 46.31 1.57
N ILE F 48 43.19 47.26 0.97
CA ILE F 48 41.94 47.78 1.52
C ILE F 48 40.74 47.31 0.71
N GLY F 49 40.74 47.53 -0.60
CA GLY F 49 39.62 47.09 -1.41
C GLY F 49 39.81 47.39 -2.88
N ASP F 50 38.95 46.79 -3.68
CA ASP F 50 39.00 46.86 -5.14
C ASP F 50 37.66 47.32 -5.70
N ILE F 51 37.70 47.82 -6.93
CA ILE F 51 36.51 48.24 -7.67
C ILE F 51 36.65 47.79 -9.12
N TYR F 52 35.54 47.35 -9.71
CA TYR F 52 35.50 47.06 -11.13
C TYR F 52 34.98 48.31 -11.85
N PRO F 53 35.83 49.06 -12.54
CA PRO F 53 35.34 50.26 -13.24
C PRO F 53 34.33 49.96 -14.33
N GLY F 54 34.42 48.79 -14.98
CA GLY F 54 33.50 48.49 -16.06
C GLY F 54 32.06 48.42 -15.61
N SER F 55 31.81 47.81 -14.45
CA SER F 55 30.47 47.71 -13.90
C SER F 55 30.57 47.61 -12.39
N GLY F 56 29.58 48.18 -11.70
CA GLY F 56 29.63 48.30 -10.26
C GLY F 56 29.81 46.99 -9.49
N SER F 57 30.87 46.92 -8.70
CA SER F 57 31.16 45.79 -7.84
C SER F 57 32.28 46.21 -6.90
N THR F 58 32.35 45.55 -5.74
CA THR F 58 33.34 45.95 -4.76
C THR F 58 33.60 44.83 -3.76
N LYS F 59 34.85 44.77 -3.29
CA LYS F 59 35.28 43.82 -2.28
C LYS F 59 36.15 44.58 -1.29
N TYR F 60 35.94 44.35 0.00
CA TYR F 60 36.59 45.13 1.04
C TYR F 60 37.31 44.23 2.02
N ASN F 61 38.41 44.74 2.59
CA ASN F 61 39.04 44.08 3.71
C ASN F 61 38.22 44.30 4.98
N GLU F 62 38.25 43.32 5.88
CA GLU F 62 37.42 43.41 7.07
C GLU F 62 37.96 44.45 8.05
N LYS F 63 39.29 44.58 8.14
CA LYS F 63 39.89 45.53 9.07
C LYS F 63 39.60 46.98 8.67
N PHE F 64 39.10 47.20 7.45
CA PHE F 64 38.66 48.50 6.96
C PHE F 64 37.24 48.39 6.42
N ARG F 65 36.38 47.71 7.16
CA ARG F 65 35.02 47.45 6.70
C ARG F 65 34.18 48.73 6.65
N SER F 66 34.46 49.68 7.52
CA SER F 66 33.71 50.92 7.59
C SER F 66 34.53 52.16 7.30
N GLU F 67 35.85 52.11 7.53
CA GLU F 67 36.66 53.31 7.38
C GLU F 67 36.86 53.70 5.93
N ALA F 68 36.98 52.72 5.03
CA ALA F 68 37.24 52.96 3.62
C ALA F 68 35.99 52.71 2.80
N THR F 69 35.70 53.65 1.90
CA THR F 69 34.62 53.50 0.92
C THR F 69 35.15 53.89 -0.44
N LEU F 70 34.90 53.05 -1.45
CA LEU F 70 35.55 53.16 -2.75
C LEU F 70 34.53 53.46 -3.84
N THR F 71 34.91 54.33 -4.76
CA THR F 71 34.03 54.75 -5.84
C THR F 71 34.89 55.10 -7.05
N VAL F 72 34.24 55.21 -8.21
CA VAL F 72 34.94 55.35 -9.48
C VAL F 72 34.14 56.28 -10.38
N ASP F 73 34.85 56.95 -11.29
CA ASP F 73 34.23 57.77 -12.33
C ASP F 73 34.87 57.40 -13.67
N THR F 74 34.14 56.64 -14.49
CA THR F 74 34.67 56.22 -15.78
C THR F 74 34.83 57.41 -16.73
N SER F 75 33.89 58.36 -16.69
CA SER F 75 33.94 59.48 -17.61
C SER F 75 35.21 60.30 -17.42
N SER F 76 35.58 60.57 -16.17
CA SER F 76 36.85 61.23 -15.89
C SER F 76 38.04 60.28 -15.94
N THR F 77 37.79 58.97 -16.01
CA THR F 77 38.83 57.94 -15.95
C THR F 77 39.65 58.12 -14.68
N THR F 78 38.97 58.00 -13.54
CA THR F 78 39.57 58.22 -12.25
C THR F 78 38.82 57.40 -11.20
N ALA F 79 39.53 57.01 -10.15
CA ALA F 79 38.95 56.30 -9.02
C ALA F 79 39.20 57.09 -7.74
N TYR F 80 38.35 56.85 -6.75
CA TYR F 80 38.40 57.59 -5.49
C TYR F 80 38.33 56.63 -4.32
N MET F 81 39.12 56.93 -3.28
CA MET F 81 39.04 56.27 -1.99
C MET F 81 38.76 57.33 -0.93
N GLN F 82 37.77 57.08 -0.09
CA GLN F 82 37.43 57.99 1.00
C GLN F 82 37.72 57.33 2.34
N LEU F 83 38.38 58.07 3.23
CA LEU F 83 38.66 57.65 4.59
C LEU F 83 37.85 58.52 5.54
N SER F 84 37.21 57.90 6.52
CA SER F 84 36.44 58.63 7.52
C SER F 84 37.05 58.43 8.91
N SER F 85 36.89 59.45 9.75
CA SER F 85 37.35 59.42 11.13
C SER F 85 38.84 59.08 11.22
N LEU F 86 39.66 59.94 10.63
CA LEU F 86 41.10 59.71 10.60
C LEU F 86 41.69 59.78 12.02
N THR F 87 42.73 58.98 12.22
CA THR F 87 43.44 58.91 13.49
C THR F 87 44.94 59.02 13.23
N SER F 88 45.70 59.19 14.31
CA SER F 88 47.15 59.22 14.18
C SER F 88 47.71 57.89 13.69
N GLU F 89 46.98 56.80 13.88
CA GLU F 89 47.37 55.51 13.32
C GLU F 89 47.03 55.39 11.84
N ASP F 90 46.31 56.36 11.27
CA ASP F 90 46.08 56.43 9.84
C ASP F 90 47.18 57.19 9.11
N SER F 91 48.22 57.63 9.82
CA SER F 91 49.38 58.25 9.19
C SER F 91 50.13 57.18 8.42
N ALA F 92 49.93 57.16 7.10
CA ALA F 92 50.35 56.02 6.29
C ALA F 92 50.70 56.51 4.89
N VAL F 93 51.38 55.63 4.15
CA VAL F 93 51.69 55.87 2.75
C VAL F 93 50.73 55.05 1.90
N TYR F 94 50.04 55.70 0.98
CA TYR F 94 49.01 55.07 0.16
C TYR F 94 49.46 54.99 -1.29
N TYR F 95 49.25 53.83 -1.90
CA TYR F 95 49.47 53.61 -3.32
C TYR F 95 48.17 53.19 -3.99
N CYS F 96 47.78 53.91 -5.04
CA CYS F 96 46.79 53.39 -5.95
C CYS F 96 47.47 52.39 -6.88
N ALA F 97 46.69 51.43 -7.38
CA ALA F 97 47.27 50.43 -8.27
C ALA F 97 46.22 49.93 -9.26
N ARG F 98 46.72 49.45 -10.40
CA ARG F 98 45.90 48.75 -11.38
C ARG F 98 45.96 47.25 -11.13
N TRP F 99 44.80 46.61 -11.19
CA TRP F 99 44.69 45.16 -11.05
C TRP F 99 44.04 44.58 -12.30
N ASP F 100 44.68 43.55 -12.86
CA ASP F 100 44.15 42.86 -14.04
C ASP F 100 43.52 41.56 -13.57
N PHE F 101 42.28 41.65 -13.09
CA PHE F 101 41.59 40.48 -12.60
C PHE F 101 41.41 39.45 -13.70
N TYR F 102 40.95 39.89 -14.87
CA TYR F 102 40.74 38.98 -15.99
C TYR F 102 42.05 38.57 -16.65
N GLY F 103 43.13 39.27 -16.37
CA GLY F 103 44.43 38.92 -16.91
C GLY F 103 45.19 37.97 -16.01
N SER F 104 46.41 38.36 -15.63
CA SER F 104 47.27 37.53 -14.79
C SER F 104 47.10 37.81 -13.31
N ARG F 105 46.15 38.65 -12.92
CA ARG F 105 45.91 39.02 -11.52
C ARG F 105 47.16 39.60 -10.88
N THR F 106 47.60 40.73 -11.42
CA THR F 106 48.84 41.36 -10.98
C THR F 106 48.62 42.84 -10.73
N PHE F 107 49.53 43.43 -9.96
CA PHE F 107 49.54 44.87 -9.70
C PHE F 107 50.55 45.52 -10.64
N ASP F 108 50.15 45.63 -11.91
CA ASP F 108 51.10 45.99 -12.96
C ASP F 108 51.39 47.49 -13.04
N TYR F 109 50.54 48.33 -12.48
CA TYR F 109 50.75 49.78 -12.50
C TYR F 109 50.42 50.36 -11.15
N TRP F 110 51.25 51.31 -10.70
CA TRP F 110 51.15 51.87 -9.36
C TRP F 110 51.25 53.38 -9.43
N GLY F 111 50.99 54.02 -8.28
CA GLY F 111 51.21 55.44 -8.14
C GLY F 111 52.68 55.76 -7.87
N GLN F 112 52.93 57.02 -7.53
CA GLN F 112 54.27 57.50 -7.27
C GLN F 112 54.58 57.63 -5.77
N GLY F 113 53.66 57.24 -4.90
CA GLY F 113 53.90 57.27 -3.48
C GLY F 113 53.28 58.47 -2.79
N THR F 114 52.13 58.26 -2.15
CA THR F 114 51.42 59.33 -1.45
C THR F 114 51.56 59.13 0.06
N THR F 115 52.13 60.12 0.72
CA THR F 115 52.34 60.09 2.16
C THR F 115 51.24 60.91 2.83
N LEU F 116 50.48 60.27 3.73
CA LEU F 116 49.47 60.97 4.50
C LEU F 116 50.00 61.15 5.92
N THR F 117 50.28 62.40 6.27
CA THR F 117 50.77 62.76 7.60
C THR F 117 49.59 63.24 8.44
N VAL F 118 49.33 62.56 9.56
CA VAL F 118 48.34 62.99 10.53
C VAL F 118 49.09 63.49 11.76
N SER F 119 48.80 64.72 12.17
CA SER F 119 49.46 65.33 13.31
C SER F 119 48.41 65.97 14.21
N SER F 120 48.51 65.71 15.51
CA SER F 120 47.63 66.36 16.47
C SER F 120 47.94 67.85 16.58
N ALA F 121 49.21 68.22 16.49
CA ALA F 121 49.62 69.62 16.56
C ALA F 121 50.98 69.82 15.89
N ASP G 1 10.19 22.31 -46.84
CA ASP G 1 10.40 23.11 -48.04
C ASP G 1 9.33 22.81 -49.09
N ILE G 2 8.85 23.86 -49.75
CA ILE G 2 7.80 23.74 -50.76
C ILE G 2 8.41 24.00 -52.13
N VAL G 3 8.04 23.17 -53.10
CA VAL G 3 8.51 23.29 -54.48
C VAL G 3 7.32 23.66 -55.34
N LEU G 4 7.47 24.72 -56.13
CA LEU G 4 6.39 25.24 -56.97
C LEU G 4 6.76 25.00 -58.43
N THR G 5 5.96 24.18 -59.11
CA THR G 5 6.21 23.81 -60.50
C THR G 5 5.09 24.34 -61.38
N GLN G 6 5.46 24.90 -62.53
CA GLN G 6 4.52 25.43 -63.50
C GLN G 6 4.51 24.53 -64.72
N SER G 7 3.34 24.01 -65.08
CA SER G 7 3.26 23.00 -66.14
C SER G 7 3.42 23.59 -67.55
N PRO G 8 2.76 24.71 -67.92
CA PRO G 8 2.84 25.14 -69.32
C PRO G 8 4.19 25.77 -69.66
N ALA G 9 5.17 24.94 -70.01
CA ALA G 9 6.53 25.42 -70.24
C ALA G 9 6.56 26.53 -71.28
N ILE G 10 6.13 26.23 -72.51
CA ILE G 10 5.99 27.23 -73.56
C ILE G 10 4.60 27.09 -74.16
N LEU G 11 3.88 28.20 -74.28
CA LEU G 11 2.70 28.30 -75.12
C LEU G 11 2.97 29.27 -76.27
N SER G 12 2.85 28.78 -77.51
CA SER G 12 2.69 29.69 -78.64
C SER G 12 1.29 30.30 -78.62
N VAL G 13 1.21 31.62 -78.77
CA VAL G 13 -0.03 32.34 -78.55
C VAL G 13 -0.23 33.35 -79.67
N SER G 14 -1.49 33.63 -79.99
CA SER G 14 -1.89 34.68 -80.91
C SER G 14 -2.83 35.64 -80.19
N PRO G 15 -2.81 36.92 -80.53
CA PRO G 15 -3.60 37.90 -79.77
C PRO G 15 -5.08 37.57 -79.78
N GLY G 16 -5.72 37.81 -78.63
CA GLY G 16 -7.16 37.66 -78.46
C GLY G 16 -7.66 36.33 -77.95
N GLU G 17 -7.13 35.23 -78.49
CA GLU G 17 -7.64 33.90 -78.14
C GLU G 17 -7.23 33.51 -76.73
N ARG G 18 -8.10 32.73 -76.08
CA ARG G 18 -7.95 32.41 -74.67
C ARG G 18 -6.73 31.56 -74.39
N VAL G 19 -5.99 31.91 -73.33
CA VAL G 19 -4.86 31.11 -72.85
C VAL G 19 -4.95 31.06 -71.32
N SER G 20 -4.57 29.91 -70.75
CA SER G 20 -4.62 29.72 -69.31
C SER G 20 -3.34 29.05 -68.81
N PHE G 21 -2.82 29.54 -67.69
CA PHE G 21 -1.74 28.92 -66.96
C PHE G 21 -2.24 28.16 -65.74
N SER G 22 -1.38 27.30 -65.18
CA SER G 22 -1.64 26.61 -63.94
C SER G 22 -0.36 26.47 -63.13
N CYS G 23 -0.51 26.39 -61.81
CA CYS G 23 0.59 26.18 -60.89
C CYS G 23 0.30 24.95 -60.05
N ARG G 24 1.29 24.06 -59.95
CA ARG G 24 1.19 22.84 -59.15
C ARG G 24 2.32 22.82 -58.15
N ALA G 25 1.98 22.83 -56.85
CA ALA G 25 2.97 22.81 -55.80
C ALA G 25 3.22 21.36 -55.36
N SER G 26 3.93 21.19 -54.25
CA SER G 26 4.23 19.88 -53.71
C SER G 26 3.30 19.46 -52.57
N GLN G 27 2.54 20.41 -52.01
CA GLN G 27 1.80 20.20 -50.78
C GLN G 27 0.95 21.44 -50.53
N ASN G 28 0.07 21.33 -49.54
CA ASN G 28 -0.90 22.38 -49.28
C ASN G 28 -0.21 23.65 -48.76
N ILE G 29 -0.63 24.79 -49.29
CA ILE G 29 -0.18 26.08 -48.81
C ILE G 29 -1.27 26.84 -48.07
N GLY G 30 -2.54 26.59 -48.38
CA GLY G 30 -3.62 27.41 -47.88
C GLY G 30 -4.18 28.29 -48.97
N THR G 31 -4.13 29.61 -48.77
CA THR G 31 -4.54 30.53 -49.83
C THR G 31 -3.59 31.73 -49.93
N ILE G 32 -2.38 31.63 -49.39
CA ILE G 32 -1.42 32.73 -49.40
C ILE G 32 -0.51 32.49 -50.60
N ILE G 33 -0.91 33.01 -51.75
CA ILE G 33 -0.17 32.87 -53.00
C ILE G 33 -0.22 34.22 -53.72
N HIS G 34 0.86 34.52 -54.44
CA HIS G 34 0.95 35.74 -55.23
C HIS G 34 1.47 35.38 -56.62
N TRP G 35 1.31 36.32 -57.55
CA TRP G 35 1.88 36.18 -58.88
C TRP G 35 2.58 37.47 -59.28
N TYR G 36 3.70 37.35 -59.97
CA TYR G 36 4.46 38.48 -60.49
C TYR G 36 4.81 38.24 -61.94
N GLN G 37 4.85 39.33 -62.71
CA GLN G 37 5.19 39.29 -64.12
C GLN G 37 6.44 40.12 -64.37
N GLN G 38 7.25 39.67 -65.32
CA GLN G 38 8.53 40.28 -65.63
C GLN G 38 8.53 40.69 -67.10
N ARG G 39 8.38 41.98 -67.36
CA ARG G 39 8.61 42.48 -68.70
C ARG G 39 10.08 42.29 -69.05
N THR G 40 10.39 42.37 -70.34
CA THR G 40 11.73 41.99 -70.79
C THR G 40 12.83 42.83 -70.14
N ASN G 41 12.49 44.02 -69.63
CA ASN G 41 13.47 44.79 -68.87
C ASN G 41 13.82 44.10 -67.55
N GLY G 42 12.83 43.53 -66.88
CA GLY G 42 13.05 42.80 -65.64
C GLY G 42 12.35 43.38 -64.42
N SER G 43 11.54 44.41 -64.55
CA SER G 43 10.85 44.99 -63.40
C SER G 43 9.56 44.21 -63.13
N PRO G 44 9.37 43.66 -61.94
CA PRO G 44 8.13 42.97 -61.61
C PRO G 44 7.04 43.92 -61.09
N ARG G 45 5.79 43.46 -61.23
CA ARG G 45 4.64 44.14 -60.67
C ARG G 45 3.60 43.11 -60.23
N LEU G 46 2.79 43.50 -59.25
CA LEU G 46 1.80 42.60 -58.68
C LEU G 46 0.63 42.42 -59.64
N LEU G 47 0.19 41.18 -59.79
CA LEU G 47 -1.01 40.88 -60.55
C LEU G 47 -2.06 40.21 -59.69
N ILE G 48 -1.68 39.19 -58.92
CA ILE G 48 -2.58 38.38 -58.13
C ILE G 48 -2.20 38.57 -56.68
N LYS G 49 -3.07 39.20 -55.90
CA LYS G 49 -2.76 39.42 -54.48
C LYS G 49 -2.86 38.11 -53.70
N TYR G 50 -4.04 37.50 -53.69
CA TYR G 50 -4.25 36.16 -53.15
C TYR G 50 -4.69 35.25 -54.29
N ALA G 51 -4.47 33.94 -54.09
CA ALA G 51 -4.45 33.00 -55.21
C ALA G 51 -5.68 33.11 -56.10
N SER G 52 -6.87 33.28 -55.50
CA SER G 52 -8.09 33.29 -56.29
C SER G 52 -8.47 34.67 -56.81
N GLU G 53 -8.34 35.70 -55.99
CA GLU G 53 -8.88 37.02 -56.29
C GLU G 53 -7.81 37.93 -56.89
N SER G 54 -8.20 38.70 -57.89
CA SER G 54 -7.32 39.69 -58.49
C SER G 54 -7.16 40.90 -57.58
N VAL G 55 -5.96 41.46 -57.55
CA VAL G 55 -5.71 42.65 -56.74
C VAL G 55 -6.55 43.80 -57.27
N SER G 56 -6.88 44.74 -56.38
CA SER G 56 -7.71 45.88 -56.75
C SER G 56 -7.03 46.77 -57.79
N GLY G 57 -5.71 46.68 -57.92
CA GLY G 57 -4.96 47.47 -58.87
C GLY G 57 -4.80 46.88 -60.25
N ILE G 58 -5.46 45.76 -60.54
CA ILE G 58 -5.33 45.10 -61.84
C ILE G 58 -6.69 45.06 -62.51
N PRO G 59 -6.76 45.15 -63.84
CA PRO G 59 -8.05 44.97 -64.52
C PRO G 59 -8.60 43.57 -64.32
N SER G 60 -9.93 43.47 -64.36
CA SER G 60 -10.62 42.20 -64.17
C SER G 60 -10.36 41.21 -65.28
N ARG G 61 -9.54 41.55 -66.28
CA ARG G 61 -9.16 40.58 -67.31
C ARG G 61 -8.44 39.38 -66.71
N PHE G 62 -7.81 39.56 -65.55
CA PHE G 62 -7.04 38.52 -64.90
C PHE G 62 -7.88 37.92 -63.76
N SER G 63 -7.92 36.59 -63.69
CA SER G 63 -8.56 35.93 -62.57
C SER G 63 -7.82 34.65 -62.22
N GLY G 64 -7.91 34.27 -60.95
CA GLY G 64 -7.27 33.08 -60.45
C GLY G 64 -8.29 32.08 -59.93
N SER G 65 -7.86 30.83 -59.74
CA SER G 65 -8.78 29.81 -59.27
C SER G 65 -7.98 28.65 -58.68
N GLY G 66 -8.66 27.86 -57.87
CA GLY G 66 -8.02 26.75 -57.16
C GLY G 66 -7.42 27.19 -55.84
N SER G 67 -7.21 26.21 -54.97
CA SER G 67 -6.66 26.47 -53.65
C SER G 67 -5.91 25.23 -53.16
N GLY G 68 -4.98 25.45 -52.25
CA GLY G 68 -4.23 24.37 -51.65
C GLY G 68 -3.08 23.87 -52.50
N THR G 69 -3.38 23.11 -53.54
CA THR G 69 -2.33 22.50 -54.34
C THR G 69 -2.46 22.79 -55.83
N ASP G 70 -3.69 22.84 -56.36
CA ASP G 70 -3.91 23.13 -57.77
C ASP G 70 -4.32 24.59 -57.92
N PHE G 71 -3.51 25.36 -58.66
CA PHE G 71 -3.76 26.77 -58.90
C PHE G 71 -3.72 27.03 -60.39
N THR G 72 -4.51 28.00 -60.85
CA THR G 72 -4.62 28.29 -62.27
C THR G 72 -4.78 29.79 -62.48
N LEU G 73 -4.30 30.24 -63.64
CA LEU G 73 -4.48 31.62 -64.10
C LEU G 73 -5.10 31.56 -65.48
N SER G 74 -6.08 32.44 -65.72
CA SER G 74 -6.72 32.55 -67.02
C SER G 74 -6.53 33.95 -67.58
N ILE G 75 -6.33 34.03 -68.89
CA ILE G 75 -6.32 35.29 -69.63
C ILE G 75 -7.64 35.42 -70.36
N ASN G 76 -8.39 36.50 -70.07
CA ASN G 76 -9.64 36.72 -70.78
C ASN G 76 -9.40 37.00 -72.25
N SER G 77 -8.43 37.87 -72.55
CA SER G 77 -8.08 38.19 -73.94
C SER G 77 -6.62 38.63 -73.97
N VAL G 78 -5.81 37.89 -74.72
CA VAL G 78 -4.38 38.13 -74.76
C VAL G 78 -4.05 39.06 -75.92
N GLU G 79 -3.02 39.88 -75.73
CA GLU G 79 -2.54 40.77 -76.78
C GLU G 79 -1.05 40.99 -76.57
N SER G 80 -0.41 41.54 -77.61
CA SER G 80 1.03 41.80 -77.54
C SER G 80 1.37 42.79 -76.43
N GLU G 81 0.43 43.64 -76.02
CA GLU G 81 0.66 44.51 -74.87
C GLU G 81 0.88 43.72 -73.59
N ASP G 82 0.31 42.51 -73.51
CA ASP G 82 0.41 41.67 -72.32
C ASP G 82 1.46 40.57 -72.46
N ILE G 83 2.51 40.81 -73.24
CA ILE G 83 3.57 39.82 -73.39
C ILE G 83 4.38 39.80 -72.09
N ALA G 84 4.25 38.72 -71.33
CA ALA G 84 4.88 38.65 -70.01
C ALA G 84 4.99 37.20 -69.58
N ASP G 85 5.81 36.98 -68.56
CA ASP G 85 6.02 35.67 -67.95
C ASP G 85 5.54 35.70 -66.51
N TYR G 86 4.89 34.63 -66.08
CA TYR G 86 4.21 34.58 -64.79
C TYR G 86 4.89 33.58 -63.87
N TYR G 87 5.13 33.99 -62.63
CA TYR G 87 5.84 33.20 -61.64
C TYR G 87 4.87 32.86 -60.52
N CYS G 88 4.72 31.57 -60.24
CA CYS G 88 3.98 31.15 -59.06
C CYS G 88 4.85 31.39 -57.83
N GLN G 89 4.24 31.88 -56.74
CA GLN G 89 5.00 32.15 -55.53
C GLN G 89 4.12 31.98 -54.31
N GLN G 90 4.72 31.54 -53.21
CA GLN G 90 4.03 31.30 -51.96
C GLN G 90 4.76 31.99 -50.82
N SER G 91 4.00 32.39 -49.79
CA SER G 91 4.60 33.06 -48.64
C SER G 91 3.96 32.60 -47.33
N SER G 92 3.47 31.36 -47.27
CA SER G 92 2.78 30.90 -46.07
C SER G 92 3.76 30.51 -44.98
N SER G 93 4.81 29.77 -45.33
CA SER G 93 5.81 29.33 -44.37
C SER G 93 7.21 29.53 -44.93
N TRP G 94 8.13 29.93 -44.07
CA TRP G 94 9.52 30.03 -44.48
C TRP G 94 10.06 28.67 -44.92
N PRO G 95 10.92 28.61 -45.94
CA PRO G 95 11.43 29.78 -46.68
C PRO G 95 10.50 30.23 -47.80
N LEU G 96 10.53 31.52 -48.14
CA LEU G 96 9.80 32.01 -49.29
C LEU G 96 10.43 31.44 -50.56
N THR G 97 9.58 31.01 -51.49
CA THR G 97 10.03 30.36 -52.72
C THR G 97 9.54 31.14 -53.93
N PHE G 98 9.87 30.63 -55.12
CA PHE G 98 9.46 31.24 -56.37
C PHE G 98 9.23 30.13 -57.40
N GLY G 99 8.64 30.51 -58.52
CA GLY G 99 8.29 29.57 -59.56
C GLY G 99 9.43 29.30 -60.53
N ALA G 100 9.10 28.55 -61.58
CA ALA G 100 10.08 28.14 -62.59
C ALA G 100 10.07 29.02 -63.83
N GLY G 101 8.91 29.56 -64.22
CA GLY G 101 8.83 30.44 -65.37
C GLY G 101 8.10 29.86 -66.56
N THR G 102 7.10 30.60 -67.06
CA THR G 102 6.33 30.22 -68.23
C THR G 102 6.39 31.35 -69.25
N LYS G 103 6.62 31.01 -70.51
CA LYS G 103 6.88 31.99 -71.55
C LYS G 103 5.67 32.16 -72.46
N LEU G 104 5.46 33.38 -72.92
CA LEU G 104 4.53 33.69 -74.00
C LEU G 104 5.33 34.11 -75.24
N GLU G 105 4.95 33.58 -76.39
CA GLU G 105 5.57 34.00 -77.64
C GLU G 105 4.57 33.85 -78.79
N LEU G 106 4.67 34.75 -79.76
CA LEU G 106 3.84 34.69 -80.96
C LEU G 106 4.06 33.39 -81.72
N ASP H 1 -17.31 49.89 0.83
CA ASP H 1 -17.56 51.33 0.83
C ASP H 1 -18.02 51.78 2.21
N ILE H 2 -17.54 52.95 2.64
CA ILE H 2 -17.85 53.51 3.94
C ILE H 2 -18.74 54.72 3.76
N VAL H 3 -19.78 54.83 4.57
CA VAL H 3 -20.72 55.94 4.55
C VAL H 3 -20.56 56.72 5.84
N LEU H 4 -20.37 58.04 5.71
CA LEU H 4 -20.13 58.91 6.86
C LEU H 4 -21.34 59.82 7.02
N THR H 5 -22.02 59.69 8.15
CA THR H 5 -23.23 60.45 8.44
C THR H 5 -22.99 61.36 9.64
N GLN H 6 -23.45 62.60 9.53
CA GLN H 6 -23.33 63.59 10.59
C GLN H 6 -24.72 63.86 11.17
N SER H 7 -24.87 63.65 12.48
CA SER H 7 -26.18 63.73 13.10
C SER H 7 -26.71 65.15 13.26
N PRO H 8 -25.92 66.14 13.76
CA PRO H 8 -26.51 67.46 14.01
C PRO H 8 -26.78 68.24 12.74
N ALA H 9 -27.94 68.01 12.12
CA ALA H 9 -28.26 68.61 10.83
C ALA H 9 -28.14 70.13 10.89
N ILE H 10 -28.95 70.78 11.73
CA ILE H 10 -28.86 72.22 11.96
C ILE H 10 -28.81 72.43 13.47
N LEU H 11 -27.85 73.23 13.94
CA LEU H 11 -27.86 73.81 15.27
C LEU H 11 -28.00 75.33 15.17
N SER H 12 -29.06 75.87 15.76
CA SER H 12 -29.07 77.29 16.08
C SER H 12 -28.12 77.57 17.23
N VAL H 13 -27.26 78.59 17.07
CA VAL H 13 -26.17 78.84 17.99
C VAL H 13 -26.08 80.32 18.31
N SER H 14 -25.62 80.63 19.52
CA SER H 14 -25.31 81.99 19.95
C SER H 14 -23.86 82.05 20.39
N PRO H 15 -23.19 83.18 20.20
CA PRO H 15 -21.75 83.24 20.49
C PRO H 15 -21.43 82.88 21.93
N GLY H 16 -20.33 82.18 22.11
CA GLY H 16 -19.78 81.83 23.41
C GLY H 16 -20.22 80.50 24.00
N GLU H 17 -21.50 80.18 23.93
CA GLU H 17 -22.01 78.99 24.57
C GLU H 17 -21.57 77.72 23.83
N ARG H 18 -21.39 76.64 24.61
CA ARG H 18 -20.78 75.42 24.10
C ARG H 18 -21.66 74.74 23.06
N VAL H 19 -21.04 74.28 21.98
CA VAL H 19 -21.71 73.48 20.96
C VAL H 19 -20.77 72.33 20.57
N SER H 20 -21.35 71.16 20.28
CA SER H 20 -20.57 69.98 19.92
C SER H 20 -21.20 69.27 18.73
N PHE H 21 -20.36 68.83 17.80
CA PHE H 21 -20.75 67.97 16.70
C PHE H 21 -20.33 66.52 16.96
N SER H 22 -20.90 65.61 16.17
CA SER H 22 -20.52 64.21 16.17
C SER H 22 -20.59 63.64 14.76
N CYS H 23 -19.77 62.62 14.52
CA CYS H 23 -19.75 61.90 13.24
C CYS H 23 -19.97 60.42 13.51
N ARG H 24 -20.91 59.82 12.77
CA ARG H 24 -21.21 58.40 12.88
C ARG H 24 -21.03 57.75 11.52
N ALA H 25 -20.10 56.81 11.43
CA ALA H 25 -19.83 56.10 10.19
C ALA H 25 -20.65 54.82 10.13
N SER H 26 -20.35 53.95 9.16
CA SER H 26 -21.03 52.68 9.01
C SER H 26 -20.26 51.50 9.59
N GLN H 27 -19.00 51.69 9.92
CA GLN H 27 -18.10 50.60 10.28
C GLN H 27 -16.77 51.19 10.71
N ASN H 28 -15.91 50.33 11.24
CA ASN H 28 -14.66 50.79 11.83
C ASN H 28 -13.72 51.35 10.76
N ILE H 29 -13.09 52.48 11.07
CA ILE H 29 -12.07 53.05 10.22
C ILE H 29 -10.68 52.94 10.84
N GLY H 30 -10.58 52.89 12.16
CA GLY H 30 -9.30 53.01 12.83
C GLY H 30 -9.16 54.36 13.50
N THR H 31 -8.14 55.12 13.10
CA THR H 31 -8.00 56.48 13.61
C THR H 31 -7.58 57.46 12.51
N ILE H 32 -7.77 57.09 11.25
CA ILE H 32 -7.36 57.94 10.12
C ILE H 32 -8.60 58.72 9.70
N ILE H 33 -8.80 59.88 10.33
CA ILE H 33 -9.95 60.74 10.05
C ILE H 33 -9.44 62.18 10.03
N HIS H 34 -10.08 63.01 9.20
CA HIS H 34 -9.76 64.42 9.10
C HIS H 34 -11.06 65.22 9.11
N TRP H 35 -10.92 66.52 9.35
CA TRP H 35 -12.06 67.43 9.27
C TRP H 35 -11.66 68.66 8.47
N TYR H 36 -12.60 69.17 7.67
CA TYR H 36 -12.40 70.38 6.89
C TYR H 36 -13.59 71.30 7.07
N GLN H 37 -13.33 72.60 7.02
CA GLN H 37 -14.35 73.63 7.17
C GLN H 37 -14.40 74.48 5.91
N GLN H 38 -15.60 74.93 5.56
CA GLN H 38 -15.84 75.67 4.33
C GLN H 38 -16.47 77.00 4.70
N ARG H 39 -15.68 78.07 4.65
CA ARG H 39 -16.25 79.40 4.74
C ARG H 39 -17.13 79.64 3.52
N THR H 40 -18.00 80.66 3.62
CA THR H 40 -19.03 80.83 2.62
C THR H 40 -18.45 81.03 1.22
N ASN H 41 -17.19 81.45 1.10
CA ASN H 41 -16.54 81.51 -0.20
C ASN H 41 -16.33 80.12 -0.79
N GLY H 42 -15.95 79.15 0.05
CA GLY H 42 -15.77 77.78 -0.39
C GLY H 42 -14.36 77.23 -0.24
N SER H 43 -13.41 77.98 0.32
CA SER H 43 -12.05 77.49 0.49
C SER H 43 -11.94 76.65 1.76
N PRO H 44 -11.51 75.40 1.68
CA PRO H 44 -11.33 74.58 2.88
C PRO H 44 -9.97 74.78 3.52
N ARG H 45 -9.90 74.46 4.80
CA ARG H 45 -8.65 74.41 5.56
C ARG H 45 -8.72 73.31 6.59
N LEU H 46 -7.54 72.80 6.97
CA LEU H 46 -7.44 71.70 7.90
C LEU H 46 -7.73 72.17 9.32
N LEU H 47 -8.53 71.38 10.04
CA LEU H 47 -8.75 71.62 11.45
C LEU H 47 -8.29 70.45 12.31
N ILE H 48 -8.68 69.24 11.93
CA ILE H 48 -8.42 68.03 12.70
C ILE H 48 -7.53 67.14 11.85
N LYS H 49 -6.29 66.94 12.27
CA LYS H 49 -5.37 66.09 11.50
C LYS H 49 -5.76 64.63 11.63
N TYR H 50 -5.74 64.10 12.85
CA TYR H 50 -6.26 62.78 13.16
C TYR H 50 -7.42 62.93 14.13
N ALA H 51 -8.30 61.92 14.14
CA ALA H 51 -9.65 62.07 14.68
C ALA H 51 -9.67 62.69 16.07
N SER H 52 -8.75 62.28 16.94
CA SER H 52 -8.78 62.75 18.32
C SER H 52 -8.00 64.04 18.53
N GLU H 53 -6.81 64.16 17.93
CA GLU H 53 -5.89 65.25 18.24
C GLU H 53 -6.03 66.39 17.25
N SER H 54 -5.96 67.62 17.76
CA SER H 54 -5.97 68.79 16.91
C SER H 54 -4.63 68.99 16.22
N VAL H 55 -4.67 69.45 14.98
CA VAL H 55 -3.44 69.70 14.23
C VAL H 55 -2.65 70.81 14.93
N SER H 56 -1.32 70.77 14.76
CA SER H 56 -0.47 71.77 15.39
C SER H 56 -0.74 73.18 14.90
N GLY H 57 -1.37 73.33 13.74
CA GLY H 57 -1.69 74.62 13.17
C GLY H 57 -3.01 75.22 13.58
N ILE H 58 -3.72 74.61 14.52
CA ILE H 58 -5.03 75.10 14.94
C ILE H 58 -4.97 75.45 16.42
N PRO H 59 -5.70 76.46 16.88
CA PRO H 59 -5.77 76.73 18.33
C PRO H 59 -6.41 75.57 19.07
N SER H 60 -6.01 75.42 20.34
CA SER H 60 -6.52 74.35 21.19
C SER H 60 -8.01 74.48 21.51
N ARG H 61 -8.68 75.51 20.99
CA ARG H 61 -10.12 75.62 21.16
C ARG H 61 -10.85 74.42 20.57
N PHE H 62 -10.24 73.77 19.60
CA PHE H 62 -10.86 72.63 18.90
C PHE H 62 -10.26 71.34 19.46
N SER H 63 -11.12 70.37 19.75
CA SER H 63 -10.64 69.06 20.15
C SER H 63 -11.59 67.99 19.63
N GLY H 64 -11.03 66.81 19.39
CA GLY H 64 -11.79 65.67 18.89
C GLY H 64 -11.80 64.54 19.89
N SER H 65 -12.69 63.57 19.71
CA SER H 65 -12.77 62.44 20.63
C SER H 65 -13.50 61.30 19.96
N GLY H 66 -13.30 60.10 20.51
CA GLY H 66 -13.87 58.90 19.93
C GLY H 66 -12.97 58.28 18.87
N SER H 67 -13.19 57.00 18.63
CA SER H 67 -12.39 56.28 17.64
C SER H 67 -13.23 55.13 17.08
N GLY H 68 -12.85 54.71 15.87
CA GLY H 68 -13.51 53.59 15.23
C GLY H 68 -14.81 53.95 14.53
N THR H 69 -15.87 54.16 15.29
CA THR H 69 -17.18 54.40 14.72
C THR H 69 -17.84 55.67 15.23
N ASP H 70 -17.69 55.99 16.52
CA ASP H 70 -18.27 57.19 17.10
C ASP H 70 -17.21 58.26 17.21
N PHE H 71 -17.43 59.38 16.53
CA PHE H 71 -16.51 60.50 16.53
C PHE H 71 -17.27 61.77 16.90
N THR H 72 -16.57 62.69 17.56
CA THR H 72 -17.21 63.91 18.05
C THR H 72 -16.25 65.08 17.93
N LEU H 73 -16.82 66.27 17.76
CA LEU H 73 -16.09 67.52 17.76
C LEU H 73 -16.75 68.44 18.78
N SER H 74 -15.93 69.13 19.57
CA SER H 74 -16.43 70.10 20.55
C SER H 74 -15.87 71.48 20.24
N ILE H 75 -16.70 72.50 20.46
CA ILE H 75 -16.28 73.89 20.39
C ILE H 75 -16.15 74.40 21.83
N ASN H 76 -14.96 74.87 22.20
CA ASN H 76 -14.78 75.44 23.52
C ASN H 76 -15.58 76.72 23.70
N SER H 77 -15.53 77.61 22.71
CA SER H 77 -16.28 78.85 22.75
C SER H 77 -16.54 79.29 21.31
N VAL H 78 -17.81 79.40 20.96
CA VAL H 78 -18.21 79.71 19.58
C VAL H 78 -18.39 81.21 19.45
N GLU H 79 -18.09 81.73 18.25
CA GLU H 79 -18.29 83.13 17.95
C GLU H 79 -18.56 83.26 16.46
N SER H 80 -19.07 84.44 16.06
CA SER H 80 -19.37 84.69 14.66
C SER H 80 -18.13 84.60 13.78
N GLU H 81 -16.94 84.80 14.35
CA GLU H 81 -15.71 84.60 13.59
C GLU H 81 -15.56 83.14 13.16
N ASP H 82 -16.13 82.21 13.92
CA ASP H 82 -16.01 80.78 13.63
C ASP H 82 -17.25 80.21 12.94
N ILE H 83 -17.95 81.02 12.16
CA ILE H 83 -19.12 80.55 11.44
C ILE H 83 -18.63 79.66 10.29
N ALA H 84 -18.86 78.36 10.41
CA ALA H 84 -18.33 77.41 9.44
C ALA H 84 -19.11 76.11 9.51
N ASP H 85 -18.93 75.29 8.48
CA ASP H 85 -19.54 73.97 8.38
C ASP H 85 -18.45 72.90 8.36
N TYR H 86 -18.70 71.81 9.07
CA TYR H 86 -17.68 70.79 9.30
C TYR H 86 -18.05 69.50 8.60
N TYR H 87 -17.09 68.91 7.90
CA TYR H 87 -17.29 67.70 7.10
C TYR H 87 -16.47 66.58 7.73
N CYS H 88 -17.14 65.48 8.06
CA CYS H 88 -16.42 64.28 8.47
C CYS H 88 -15.81 63.63 7.23
N GLN H 89 -14.58 63.12 7.36
CA GLN H 89 -13.93 62.50 6.21
C GLN H 89 -12.96 61.44 6.68
N GLN H 90 -12.82 60.38 5.87
CA GLN H 90 -11.95 59.26 6.19
C GLN H 90 -11.04 58.97 5.00
N SER H 91 -9.85 58.44 5.29
CA SER H 91 -8.88 58.11 4.25
C SER H 91 -8.16 56.81 4.52
N SER H 92 -8.80 55.88 5.22
CA SER H 92 -8.12 54.63 5.59
C SER H 92 -8.09 53.65 4.43
N SER H 93 -9.21 53.49 3.72
CA SER H 93 -9.29 52.56 2.59
C SER H 93 -10.01 53.23 1.43
N TRP H 94 -9.55 52.96 0.23
CA TRP H 94 -10.24 53.45 -0.96
C TRP H 94 -11.65 52.86 -1.02
N PRO H 95 -12.64 53.63 -1.49
CA PRO H 95 -12.48 55.01 -1.98
C PRO H 95 -12.52 56.05 -0.87
N LEU H 96 -11.84 57.19 -1.08
CA LEU H 96 -11.95 58.29 -0.14
C LEU H 96 -13.35 58.88 -0.20
N THR H 97 -13.92 59.18 0.95
CA THR H 97 -15.29 59.66 1.07
C THR H 97 -15.32 61.03 1.74
N PHE H 98 -16.53 61.56 1.91
CA PHE H 98 -16.73 62.84 2.54
C PHE H 98 -18.04 62.81 3.31
N GLY H 99 -18.26 63.83 4.13
CA GLY H 99 -19.43 63.90 4.99
C GLY H 99 -20.63 64.51 4.28
N ALA H 100 -21.69 64.73 5.08
CA ALA H 100 -22.95 65.26 4.57
C ALA H 100 -23.10 66.76 4.78
N GLY H 101 -22.54 67.31 5.85
CA GLY H 101 -22.62 68.74 6.11
C GLY H 101 -23.48 69.15 7.28
N THR H 102 -22.92 69.93 8.19
CA THR H 102 -23.61 70.45 9.36
C THR H 102 -23.47 71.96 9.37
N LYS H 103 -24.58 72.66 9.61
CA LYS H 103 -24.64 74.11 9.49
C LYS H 103 -24.64 74.77 10.86
N LEU H 104 -23.99 75.94 10.94
CA LEU H 104 -24.11 76.86 12.06
C LEU H 104 -24.88 78.09 11.61
N GLU H 105 -25.82 78.54 12.44
CA GLU H 105 -26.53 79.77 12.17
C GLU H 105 -26.98 80.42 13.49
N LEU H 106 -26.98 81.75 13.50
CA LEU H 106 -27.46 82.51 14.66
C LEU H 106 -28.91 82.18 14.96
N ASP I 1 41.19 32.47 5.45
CA ASP I 1 42.27 33.45 5.36
C ASP I 1 43.62 32.75 5.24
N ILE I 2 44.49 33.29 4.40
CA ILE I 2 45.82 32.73 4.15
C ILE I 2 46.86 33.65 4.76
N VAL I 3 47.83 33.06 5.44
CA VAL I 3 48.93 33.79 6.06
C VAL I 3 50.22 33.43 5.32
N LEU I 4 50.95 34.44 4.89
CA LEU I 4 52.18 34.25 4.12
C LEU I 4 53.36 34.69 4.97
N THR I 5 54.25 33.74 5.28
CA THR I 5 55.40 33.98 6.13
C THR I 5 56.68 33.78 5.33
N GLN I 6 57.63 34.68 5.51
CA GLN I 6 58.92 34.63 4.84
C GLN I 6 59.99 34.31 5.87
N SER I 7 60.72 33.21 5.64
CA SER I 7 61.66 32.73 6.66
C SER I 7 62.94 33.57 6.76
N PRO I 8 63.62 33.96 5.66
CA PRO I 8 64.91 34.65 5.83
C PRO I 8 64.74 36.09 6.29
N ALA I 9 64.64 36.29 7.61
CA ALA I 9 64.36 37.61 8.15
C ALA I 9 65.39 38.64 7.68
N ILE I 10 66.66 38.43 8.02
CA ILE I 10 67.74 39.26 7.54
C ILE I 10 68.83 38.35 6.97
N LEU I 11 69.29 38.64 5.76
CA LEU I 11 70.53 38.08 5.23
C LEU I 11 71.55 39.20 5.03
N SER I 12 72.69 39.09 5.70
CA SER I 12 73.86 39.85 5.29
C SER I 12 74.42 39.29 3.98
N VAL I 13 74.68 40.18 3.02
CA VAL I 13 75.01 39.76 1.66
C VAL I 13 76.18 40.58 1.15
N SER I 14 76.98 39.96 0.27
CA SER I 14 78.05 40.63 -0.45
C SER I 14 77.80 40.45 -1.94
N PRO I 15 78.21 41.42 -2.76
CA PRO I 15 77.88 41.36 -4.18
C PRO I 15 78.42 40.11 -4.85
N GLY I 16 77.63 39.56 -5.77
CA GLY I 16 78.02 38.42 -6.59
C GLY I 16 77.64 37.05 -6.08
N GLU I 17 77.86 36.79 -4.80
CA GLU I 17 77.65 35.46 -4.25
C GLU I 17 76.16 35.14 -4.14
N ARG I 18 75.85 33.85 -4.31
CA ARG I 18 74.46 33.40 -4.43
C ARG I 18 73.68 33.61 -3.14
N VAL I 19 72.46 34.10 -3.27
CA VAL I 19 71.52 34.22 -2.16
C VAL I 19 70.15 33.75 -2.64
N SER I 20 69.40 33.11 -1.74
CA SER I 20 68.06 32.61 -2.08
C SER I 20 67.07 32.91 -0.97
N PHE I 21 65.88 33.34 -1.35
CA PHE I 21 64.74 33.50 -0.45
C PHE I 21 63.76 32.33 -0.58
N SER I 22 62.87 32.23 0.39
CA SER I 22 61.77 31.26 0.36
C SER I 22 60.53 31.87 1.00
N CYS I 23 59.36 31.39 0.55
CA CYS I 23 58.06 31.80 1.09
C CYS I 23 57.32 30.56 1.55
N ARG I 24 56.80 30.61 2.77
CA ARG I 24 56.01 29.52 3.35
C ARG I 24 54.65 30.06 3.74
N ALA I 25 53.60 29.52 3.14
CA ALA I 25 52.24 29.94 3.44
C ALA I 25 51.65 29.03 4.51
N SER I 26 50.33 29.13 4.72
CA SER I 26 49.63 28.32 5.71
C SER I 26 48.91 27.13 5.08
N GLN I 27 48.76 27.12 3.76
CA GLN I 27 47.89 26.17 3.08
C GLN I 27 48.07 26.35 1.58
N ASN I 28 47.48 25.43 0.81
CA ASN I 28 47.69 25.44 -0.63
C ASN I 28 47.04 26.64 -1.29
N ILE I 29 47.77 27.25 -2.23
CA ILE I 29 47.23 28.33 -3.03
C ILE I 29 47.02 27.92 -4.49
N GLY I 30 47.77 26.95 -4.97
CA GLY I 30 47.79 26.63 -6.39
C GLY I 30 49.07 27.11 -7.03
N THR I 31 48.96 27.99 -8.02
CA THR I 31 50.15 28.58 -8.63
C THR I 31 49.97 30.07 -8.89
N ILE I 32 48.99 30.72 -8.24
CA ILE I 32 48.72 32.14 -8.46
C ILE I 32 49.44 32.90 -7.36
N ILE I 33 50.70 33.24 -7.62
CA ILE I 33 51.56 33.95 -6.68
C ILE I 33 52.33 35.01 -7.47
N HIS I 34 52.60 36.14 -6.81
CA HIS I 34 53.38 37.21 -7.40
C HIS I 34 54.43 37.66 -6.39
N TRP I 35 55.42 38.41 -6.88
CA TRP I 35 56.41 39.02 -6.02
C TRP I 35 56.60 40.49 -6.42
N TYR I 36 56.80 41.35 -5.42
CA TYR I 36 57.06 42.76 -5.63
C TYR I 36 58.25 43.19 -4.79
N GLN I 37 59.01 44.15 -5.33
CA GLN I 37 60.18 44.68 -4.66
C GLN I 37 60.00 46.17 -4.42
N GLN I 38 60.53 46.65 -3.30
CA GLN I 38 60.37 48.03 -2.86
C GLN I 38 61.75 48.66 -2.72
N ARG I 39 62.14 49.50 -3.67
CA ARG I 39 63.32 50.32 -3.48
C ARG I 39 63.05 51.28 -2.33
N THR I 40 64.14 51.86 -1.80
CA THR I 40 64.01 52.64 -0.57
C THR I 40 63.05 53.81 -0.71
N ASN I 41 62.79 54.27 -1.93
CA ASN I 41 61.76 55.29 -2.13
C ASN I 41 60.37 54.75 -1.83
N GLY I 42 60.09 53.51 -2.22
CA GLY I 42 58.82 52.87 -1.95
C GLY I 42 58.01 52.49 -3.17
N SER I 43 58.50 52.67 -4.38
CA SER I 43 57.75 52.31 -5.57
C SER I 43 57.93 50.83 -5.89
N PRO I 44 56.87 50.03 -5.97
CA PRO I 44 57.00 48.62 -6.32
C PRO I 44 57.01 48.41 -7.83
N ARG I 45 57.58 47.26 -8.21
CA ARG I 45 57.55 46.78 -9.60
C ARG I 45 57.46 45.26 -9.61
N LEU I 46 56.91 44.73 -10.69
CA LEU I 46 56.70 43.30 -10.83
C LEU I 46 58.02 42.59 -11.11
N LEU I 47 58.24 41.48 -10.42
CA LEU I 47 59.38 40.61 -10.71
C LEU I 47 58.94 39.23 -11.13
N ILE I 48 58.03 38.62 -10.38
CA ILE I 48 57.59 37.25 -10.59
C ILE I 48 56.11 37.31 -10.94
N LYS I 49 55.77 36.94 -12.18
CA LYS I 49 54.36 36.97 -12.59
C LYS I 49 53.59 35.83 -11.94
N TYR I 50 53.99 34.59 -12.22
CA TYR I 50 53.48 33.41 -11.53
C TYR I 50 54.64 32.75 -10.79
N ALA I 51 54.28 31.97 -9.76
CA ALA I 51 55.24 31.61 -8.71
C ALA I 51 56.54 31.04 -9.27
N SER I 52 56.45 30.20 -10.30
CA SER I 52 57.65 29.53 -10.81
C SER I 52 58.36 30.34 -11.89
N GLU I 53 57.63 30.93 -12.82
CA GLU I 53 58.22 31.54 -14.01
C GLU I 53 58.41 33.03 -13.83
N SER I 54 59.54 33.52 -14.34
CA SER I 54 59.83 34.95 -14.33
C SER I 54 59.00 35.66 -15.40
N VAL I 55 58.55 36.87 -15.08
CA VAL I 55 57.79 37.67 -16.05
C VAL I 55 58.68 38.01 -17.23
N SER I 56 58.04 38.20 -18.40
CA SER I 56 58.79 38.50 -19.61
C SER I 56 59.55 39.82 -19.53
N GLY I 57 59.16 40.70 -18.62
CA GLY I 57 59.80 41.98 -18.44
C GLY I 57 60.98 42.01 -17.49
N ILE I 58 61.42 40.86 -16.99
CA ILE I 58 62.51 40.82 -16.02
C ILE I 58 63.65 40.00 -16.61
N PRO I 59 64.90 40.33 -16.32
CA PRO I 59 66.02 39.48 -16.77
C PRO I 59 65.94 38.09 -16.15
N SER I 60 66.49 37.11 -16.88
CA SER I 60 66.48 35.72 -16.43
C SER I 60 67.35 35.49 -15.20
N ARG I 61 67.98 36.53 -14.64
CA ARG I 61 68.71 36.39 -13.38
C ARG I 61 67.79 35.92 -12.26
N PHE I 62 66.50 36.20 -12.36
CA PHE I 62 65.53 35.86 -11.34
C PHE I 62 64.78 34.61 -11.75
N SER I 63 64.62 33.66 -10.83
CA SER I 63 63.80 32.49 -11.10
C SER I 63 63.11 32.05 -9.81
N GLY I 64 61.94 31.44 -9.98
CA GLY I 64 61.14 30.96 -8.88
C GLY I 64 61.00 29.45 -8.92
N SER I 65 60.57 28.83 -7.83
CA SER I 65 60.42 27.39 -7.78
C SER I 65 59.50 27.03 -6.63
N GLY I 66 58.94 25.82 -6.71
CA GLY I 66 57.98 25.34 -5.74
C GLY I 66 56.56 25.73 -6.10
N SER I 67 55.61 25.00 -5.53
CA SER I 67 54.20 25.26 -5.79
C SER I 67 53.39 24.81 -4.58
N GLY I 68 52.20 25.40 -4.45
CA GLY I 68 51.29 25.03 -3.38
C GLY I 68 51.59 25.69 -2.06
N THR I 69 52.61 25.21 -1.36
CA THR I 69 52.92 25.70 -0.03
C THR I 69 54.35 26.17 0.13
N ASP I 70 55.31 25.49 -0.48
CA ASP I 70 56.72 25.87 -0.41
C ASP I 70 57.12 26.62 -1.67
N PHE I 71 57.54 27.87 -1.50
CA PHE I 71 57.95 28.71 -2.61
C PHE I 71 59.33 29.27 -2.31
N THR I 72 60.10 29.49 -3.37
CA THR I 72 61.48 29.95 -3.21
C THR I 72 61.84 30.92 -4.33
N LEU I 73 62.76 31.83 -4.02
CA LEU I 73 63.34 32.74 -4.98
C LEU I 73 64.85 32.61 -4.90
N SER I 74 65.51 32.59 -6.06
CA SER I 74 66.96 32.53 -6.12
C SER I 74 67.50 33.75 -6.86
N ILE I 75 68.64 34.25 -6.38
CA ILE I 75 69.39 35.30 -7.08
C ILE I 75 70.59 34.64 -7.76
N ASN I 76 70.68 34.78 -9.08
CA ASN I 76 71.83 34.24 -9.80
C ASN I 76 73.11 34.95 -9.39
N SER I 77 73.08 36.28 -9.34
CA SER I 77 74.24 37.07 -8.94
C SER I 77 73.74 38.38 -8.36
N VAL I 78 74.06 38.63 -7.09
CA VAL I 78 73.57 39.79 -6.37
C VAL I 78 74.58 40.92 -6.50
N GLU I 79 74.07 42.15 -6.53
CA GLU I 79 74.91 43.34 -6.56
C GLU I 79 74.17 44.48 -5.88
N SER I 80 74.91 45.54 -5.55
CA SER I 80 74.31 46.69 -4.90
C SER I 80 73.23 47.35 -5.74
N GLU I 81 73.26 47.17 -7.06
CA GLU I 81 72.19 47.65 -7.91
C GLU I 81 70.87 46.95 -7.59
N ASP I 82 70.92 45.72 -7.09
CA ASP I 82 69.74 44.93 -6.79
C ASP I 82 69.39 44.95 -5.30
N ILE I 83 69.71 46.02 -4.59
CA ILE I 83 69.38 46.13 -3.17
C ILE I 83 67.88 46.36 -3.06
N ALA I 84 67.14 45.35 -2.60
CA ALA I 84 65.69 45.43 -2.56
C ALA I 84 65.15 44.41 -1.57
N ASP I 85 63.87 44.59 -1.22
CA ASP I 85 63.15 43.70 -0.33
C ASP I 85 62.00 43.05 -1.09
N TYR I 86 61.79 41.76 -0.84
CA TYR I 86 60.86 40.96 -1.62
C TYR I 86 59.68 40.54 -0.75
N TYR I 87 58.48 40.68 -1.29
CA TYR I 87 57.24 40.40 -0.58
C TYR I 87 56.55 39.22 -1.27
N CYS I 88 56.26 38.18 -0.51
CA CYS I 88 55.43 37.10 -1.03
C CYS I 88 53.98 37.58 -1.05
N GLN I 89 53.25 37.22 -2.11
CA GLN I 89 51.86 37.65 -2.21
C GLN I 89 51.06 36.63 -3.02
N GLN I 90 49.79 36.49 -2.65
CA GLN I 90 48.88 35.54 -3.29
C GLN I 90 47.60 36.26 -3.70
N SER I 91 46.97 35.76 -4.77
CA SER I 91 45.72 36.34 -5.26
C SER I 91 44.73 35.28 -5.71
N SER I 92 44.78 34.09 -5.13
CA SER I 92 43.91 33.01 -5.58
C SER I 92 42.50 33.16 -5.03
N SER I 93 42.37 33.47 -3.75
CA SER I 93 41.06 33.63 -3.11
C SER I 93 41.07 34.87 -2.23
N TRP I 94 39.95 35.58 -2.21
CA TRP I 94 39.80 36.71 -1.32
C TRP I 94 39.90 36.25 0.13
N PRO I 95 40.51 37.06 1.02
CA PRO I 95 41.08 38.38 0.71
C PRO I 95 42.50 38.31 0.16
N LEU I 96 42.89 39.29 -0.66
CA LEU I 96 44.26 39.39 -1.10
C LEU I 96 45.16 39.75 0.08
N THR I 97 46.30 39.09 0.17
CA THR I 97 47.22 39.24 1.29
C THR I 97 48.58 39.72 0.80
N PHE I 98 49.51 39.89 1.74
CA PHE I 98 50.86 40.32 1.43
C PHE I 98 51.82 39.65 2.42
N GLY I 99 53.11 39.77 2.13
CA GLY I 99 54.14 39.12 2.92
C GLY I 99 54.56 39.95 4.11
N ALA I 100 55.61 39.47 4.78
CA ALA I 100 56.14 40.11 5.98
C ALA I 100 57.35 40.99 5.72
N GLY I 101 58.18 40.66 4.74
CA GLY I 101 59.34 41.46 4.41
C GLY I 101 60.68 40.86 4.75
N THR I 102 61.57 40.79 3.75
CA THR I 102 62.91 40.27 3.92
C THR I 102 63.90 41.32 3.44
N LYS I 103 64.96 41.56 4.23
CA LYS I 103 65.88 42.64 3.99
C LYS I 103 67.20 42.13 3.40
N LEU I 104 67.79 42.93 2.52
CA LEU I 104 69.16 42.76 2.07
C LEU I 104 70.01 43.88 2.64
N GLU I 105 71.20 43.53 3.14
CA GLU I 105 72.13 44.55 3.60
C GLU I 105 73.56 44.03 3.46
N LEU I 106 74.48 44.93 3.16
CA LEU I 106 75.91 44.61 3.06
C LEU I 106 76.42 44.07 4.39
#